data_7Y4F
#
_entry.id   7Y4F
#
_cell.length_a   95.800
_cell.length_b   148.857
_cell.length_c   137.125
_cell.angle_alpha   90.000
_cell.angle_beta   104.020
_cell.angle_gamma   90.000
#
_symmetry.space_group_name_H-M   'P 1 21 1'
#
loop_
_entity.id
_entity.type
_entity.pdbx_description
1 polymer 'Dipeptidyl peptidase IV'
2 water water
#
_entity_poly.entity_id   1
_entity_poly.type   'polypeptide(L)'
_entity_poly.pdbx_seq_one_letter_code
;MRKVSLALLLCLLCLAGMAQGQKALDLKDITSGRFRPENIQGVIPMPDGEHYTQMSADGTQIIKYSFRTGEKVEVIFDVN
QARECDFKNFDSYQFSPDGDKLLIATRTTPIYRHSYTAVHYIYPLKRNDKGVTTNNIIERLSDGGPQQVPVFSPDGTMIA
FVRDNNIFLVKLLYGNSESQVTEDGKQNSVLNGIPDWVYEEEFGFNRALEFSADNTMIAFIRFDESEVPSYSFPMFAGEA
PQITPLKDYPGEYTYKYPKAGYPNSKVEVRTYDIKSHVTRTMKLPIDADGYIPRIRFTKDASKLAVMTLNRHQDRFDLYF
ADPRSTLCKLVLRDESPYYIKENVFDNIKFYPETFSLLSERDGFSHLYWYSMGGNLIKKVTNGKYEVKDFLGYDEADGSF
YYTSNEESPLRKAVYKIDKKGKKLKLSQREGTNTPLFSQSMKYYMNKFSNLDTPMLVTLNDNTGKTLKTLINNDQLKQTL
SGYAIPQKEFFTFQTTDGVTLNGWMMKPANFSTSKKYPVLMYQYSGPGSQQVLDTWGISWETYMASLGYIVVCVDGRGTG
GRGEAFEKCTYLKIGVKEAKDQVETALYLGKQPYVDKDRIGIWGWSYGGYMTLMSMSEGTPVFKAGVAVAAPTDWRFYDT
IYTERFMRTPKENAEGYKESSAFTRADKLHGNLLLVHGMADDNVHFQNCAEYAEHLVQLGKQFDMQVYTNRNHGIYGGNT
RQHLYTRLTNFFLNNL
;
_entity_poly.pdbx_strand_id   A,B,C,D
#
# COMPACT_ATOMS: atom_id res chain seq x y z
N LYS A 23 -26.67 43.58 -10.37
CA LYS A 23 -26.36 42.66 -9.28
C LYS A 23 -26.54 41.21 -9.74
N ALA A 24 -25.99 40.88 -10.92
CA ALA A 24 -26.39 39.67 -11.64
C ALA A 24 -25.77 38.40 -11.06
N LEU A 25 -26.58 37.34 -10.99
CA LEU A 25 -26.10 36.02 -10.61
C LEU A 25 -25.06 35.51 -11.60
N ASP A 26 -24.02 34.88 -11.09
CA ASP A 26 -22.94 34.36 -11.92
C ASP A 26 -22.91 32.84 -11.88
N LEU A 27 -22.93 32.21 -13.06
CA LEU A 27 -22.99 30.75 -13.12
C LEU A 27 -21.82 30.11 -12.36
N LYS A 28 -20.62 30.69 -12.44
CA LYS A 28 -19.48 30.13 -11.72
C LYS A 28 -19.72 30.08 -10.21
N ASP A 29 -20.37 31.10 -9.65
CA ASP A 29 -20.67 31.08 -8.21
C ASP A 29 -21.59 29.91 -7.87
N ILE A 30 -22.54 29.62 -8.75
CA ILE A 30 -23.42 28.48 -8.53
C ILE A 30 -22.64 27.18 -8.63
N THR A 31 -21.90 26.98 -9.73
CA THR A 31 -21.19 25.70 -9.86
C THR A 31 -20.04 25.56 -8.87
N SER A 32 -19.48 26.65 -8.35
CA SER A 32 -18.43 26.52 -7.35
C SER A 32 -18.99 26.36 -5.94
N GLY A 33 -20.32 26.39 -5.79
CA GLY A 33 -20.89 26.25 -4.47
C GLY A 33 -20.68 27.42 -3.56
N ARG A 34 -20.46 28.62 -4.10
CA ARG A 34 -20.28 29.82 -3.25
C ARG A 34 -21.45 30.00 -2.28
N PHE A 35 -22.65 29.66 -2.70
CA PHE A 35 -23.84 29.94 -1.91
C PHE A 35 -24.29 28.77 -1.05
N ARG A 36 -23.41 27.81 -0.80
CA ARG A 36 -23.70 26.73 0.14
C ARG A 36 -23.91 27.29 1.55
N PRO A 37 -25.04 27.01 2.20
CA PRO A 37 -25.24 27.54 3.56
C PRO A 37 -24.37 26.83 4.58
N GLU A 38 -24.07 27.57 5.66
CA GLU A 38 -23.27 27.02 6.74
C GLU A 38 -24.05 25.93 7.47
N ASN A 39 -23.36 24.86 7.87
CA ASN A 39 -24.01 23.71 8.50
C ASN A 39 -23.08 23.14 9.57
N ILE A 40 -23.46 21.98 10.12
CA ILE A 40 -22.65 21.29 11.13
C ILE A 40 -22.41 19.87 10.63
N GLN A 41 -21.13 19.46 10.58
CA GLN A 41 -20.67 18.21 10.03
C GLN A 41 -20.40 17.19 11.13
N GLY A 42 -20.76 15.95 10.86
CA GLY A 42 -20.41 14.82 11.70
C GLY A 42 -21.02 14.83 13.08
N VAL A 43 -22.30 15.18 13.19
CA VAL A 43 -22.96 15.24 14.49
C VAL A 43 -23.31 13.83 14.95
N ILE A 44 -22.85 13.46 16.14
CA ILE A 44 -23.08 12.13 16.70
C ILE A 44 -23.56 12.29 18.14
N PRO A 45 -24.72 11.74 18.51
CA PRO A 45 -25.16 11.81 19.91
C PRO A 45 -24.37 10.85 20.78
N MET A 46 -23.99 11.33 21.95
CA MET A 46 -23.17 10.49 22.81
C MET A 46 -24.04 9.69 23.76
N PRO A 47 -23.52 8.58 24.30
CA PRO A 47 -24.36 7.65 25.06
C PRO A 47 -25.06 8.26 26.27
N ASP A 48 -24.59 9.38 26.83
CA ASP A 48 -25.24 9.92 28.01
C ASP A 48 -26.61 10.51 27.70
N GLY A 49 -26.91 10.77 26.43
CA GLY A 49 -28.17 11.40 26.07
C GLY A 49 -28.20 12.90 26.28
N GLU A 50 -27.09 13.50 26.73
CA GLU A 50 -27.02 14.92 27.04
C GLU A 50 -26.09 15.70 26.14
N HIS A 51 -25.20 15.04 25.42
CA HIS A 51 -24.20 15.72 24.62
C HIS A 51 -24.15 15.11 23.23
N TYR A 52 -23.57 15.88 22.32
CA TYR A 52 -23.20 15.40 21.00
C TYR A 52 -21.79 15.88 20.70
N THR A 53 -21.16 15.20 19.75
CA THR A 53 -19.92 15.69 19.20
C THR A 53 -20.13 16.09 17.74
N GLN A 54 -19.20 16.90 17.25
CA GLN A 54 -19.22 17.33 15.87
C GLN A 54 -17.78 17.57 15.42
N MET A 55 -17.58 17.56 14.11
CA MET A 55 -16.31 17.97 13.54
C MET A 55 -16.24 19.49 13.50
N SER A 56 -15.06 20.03 13.77
CA SER A 56 -14.82 21.44 13.51
C SER A 56 -14.94 21.70 12.01
N ALA A 57 -15.15 22.97 11.66
CA ALA A 57 -15.43 23.29 10.26
C ALA A 57 -14.21 23.05 9.37
N ASP A 58 -13.00 23.15 9.91
CA ASP A 58 -11.80 22.93 9.11
C ASP A 58 -11.33 21.48 9.13
N GLY A 59 -12.06 20.60 9.82
CA GLY A 59 -11.68 19.20 9.85
C GLY A 59 -10.45 18.87 10.68
N THR A 60 -10.11 19.71 11.66
CA THR A 60 -8.97 19.45 12.52
C THR A 60 -9.35 19.05 13.94
N GLN A 61 -10.59 19.28 14.36
CA GLN A 61 -10.98 18.99 15.73
C GLN A 61 -12.33 18.28 15.78
N ILE A 62 -12.51 17.51 16.85
CA ILE A 62 -13.79 16.95 17.24
C ILE A 62 -14.13 17.57 18.59
N ILE A 63 -15.34 18.11 18.72
CA ILE A 63 -15.72 18.92 19.89
C ILE A 63 -17.03 18.42 20.47
N LYS A 64 -17.09 18.36 21.80
CA LYS A 64 -18.30 17.96 22.51
C LYS A 64 -19.13 19.20 22.86
N TYR A 65 -20.45 19.11 22.62
CA TYR A 65 -21.38 20.17 22.93
C TYR A 65 -22.53 19.62 23.76
N SER A 66 -23.25 20.53 24.42
CA SER A 66 -24.42 20.17 25.20
C SER A 66 -25.68 20.28 24.35
N PHE A 67 -26.48 19.21 24.34
CA PHE A 67 -27.77 19.26 23.66
C PHE A 67 -28.70 20.28 24.32
N ARG A 68 -28.56 20.47 25.63
CA ARG A 68 -29.50 21.29 26.37
C ARG A 68 -29.23 22.77 26.19
N THR A 69 -27.98 23.15 26.00
CA THR A 69 -27.59 24.55 26.04
C THR A 69 -26.81 25.02 24.82
N GLY A 70 -26.24 24.11 24.03
CA GLY A 70 -25.31 24.51 23.01
C GLY A 70 -23.94 24.89 23.50
N GLU A 71 -23.68 24.77 24.81
CA GLU A 71 -22.37 25.12 25.33
C GLU A 71 -21.31 24.18 24.77
N LYS A 72 -20.18 24.77 24.36
CA LYS A 72 -18.98 23.99 24.06
C LYS A 72 -18.42 23.42 25.35
N VAL A 73 -18.37 22.10 25.47
CA VAL A 73 -17.90 21.49 26.70
C VAL A 73 -16.39 21.32 26.66
N GLU A 74 -15.87 20.62 25.66
CA GLU A 74 -14.42 20.45 25.53
C GLU A 74 -14.09 19.95 24.13
N VAL A 75 -12.89 20.29 23.67
CA VAL A 75 -12.32 19.63 22.51
C VAL A 75 -11.90 18.23 22.91
N ILE A 76 -12.31 17.25 22.12
CA ILE A 76 -12.06 15.84 22.39
C ILE A 76 -10.86 15.34 21.61
N PHE A 77 -10.69 15.82 20.38
CA PHE A 77 -9.57 15.43 19.53
C PHE A 77 -9.12 16.65 18.75
N ASP A 78 -7.81 16.81 18.61
CA ASP A 78 -7.25 17.96 17.91
C ASP A 78 -6.00 17.51 17.17
N VAL A 79 -6.05 17.63 15.84
CA VAL A 79 -4.94 17.26 14.99
C VAL A 79 -3.62 17.85 15.48
N ASN A 80 -3.69 19.05 16.05
CA ASN A 80 -2.50 19.78 16.48
C ASN A 80 -2.11 19.49 17.93
N GLN A 81 -2.87 18.66 18.66
CA GLN A 81 -2.54 18.27 20.02
C GLN A 81 -2.20 16.79 20.17
N ALA A 82 -2.77 15.94 19.32
CA ALA A 82 -2.50 14.51 19.39
C ALA A 82 -1.02 14.23 19.13
N ARG A 83 -0.51 13.19 19.78
CA ARG A 83 0.87 12.78 19.56
C ARG A 83 0.94 11.75 18.45
N GLU A 84 2.01 11.83 17.64
CA GLU A 84 2.30 10.89 16.55
C GLU A 84 1.18 10.87 15.51
N CYS A 85 0.58 12.03 15.31
CA CYS A 85 -0.51 12.21 14.37
C CYS A 85 0.10 12.78 13.09
N ASP A 86 0.06 12.01 12.02
CA ASP A 86 0.72 12.41 10.78
C ASP A 86 -0.21 13.08 9.77
N PHE A 87 -1.50 13.16 10.04
CA PHE A 87 -2.40 13.82 9.10
C PHE A 87 -2.77 15.21 9.61
N LYS A 88 -3.12 16.09 8.67
CA LYS A 88 -3.45 17.47 8.96
C LYS A 88 -4.94 17.72 9.01
N ASN A 89 -5.73 16.91 8.33
CA ASN A 89 -7.18 16.97 8.38
C ASN A 89 -7.70 15.54 8.34
N PHE A 90 -8.98 15.38 8.67
CA PHE A 90 -9.62 14.09 8.54
C PHE A 90 -11.00 14.31 7.94
N ASP A 91 -11.60 13.21 7.49
CA ASP A 91 -12.83 13.24 6.70
C ASP A 91 -14.08 12.99 7.53
N SER A 92 -14.02 12.06 8.47
CA SER A 92 -15.20 11.66 9.25
C SER A 92 -14.70 10.89 10.46
N TYR A 93 -15.64 10.50 11.33
CA TYR A 93 -15.24 9.79 12.53
C TYR A 93 -16.45 9.06 13.08
N GLN A 94 -16.18 8.07 13.93
CA GLN A 94 -17.20 7.38 14.69
C GLN A 94 -16.77 7.34 16.15
N PHE A 95 -17.76 7.25 17.03
CA PHE A 95 -17.57 7.12 18.46
C PHE A 95 -17.74 5.67 18.85
N SER A 96 -16.78 5.14 19.60
CA SER A 96 -16.99 3.84 20.17
C SER A 96 -18.18 3.91 21.12
N PRO A 97 -19.04 2.90 21.13
CA PRO A 97 -20.17 2.89 22.09
C PRO A 97 -19.74 3.00 23.54
N ASP A 98 -18.54 2.52 23.91
CA ASP A 98 -18.08 2.67 25.29
C ASP A 98 -17.53 4.08 25.58
N GLY A 99 -17.49 4.95 24.58
CA GLY A 99 -17.04 6.32 24.74
C GLY A 99 -15.57 6.47 25.02
N ASP A 100 -14.79 5.39 24.97
CA ASP A 100 -13.37 5.43 25.31
C ASP A 100 -12.46 5.61 24.09
N LYS A 101 -12.99 5.49 22.88
CA LYS A 101 -12.18 5.69 21.68
C LYS A 101 -13.01 6.36 20.60
N LEU A 102 -12.30 7.08 19.73
CA LEU A 102 -12.76 7.48 18.41
C LEU A 102 -12.11 6.58 17.37
N LEU A 103 -12.83 6.38 16.27
CA LEU A 103 -12.26 5.85 15.03
C LEU A 103 -12.36 6.96 14.00
N ILE A 104 -11.21 7.41 13.50
CA ILE A 104 -11.11 8.59 12.65
C ILE A 104 -10.71 8.14 11.25
N ALA A 105 -11.43 8.62 10.23
CA ALA A 105 -11.17 8.25 8.84
C ALA A 105 -10.41 9.34 8.09
N THR A 106 -9.40 8.92 7.34
CA THR A 106 -8.62 9.81 6.49
C THR A 106 -8.50 9.21 5.10
N ARG A 107 -8.16 10.06 4.13
CA ARG A 107 -7.87 9.65 2.77
C ARG A 107 -9.05 8.89 2.17
N THR A 108 -10.24 9.40 2.40
CA THR A 108 -11.45 8.73 1.93
C THR A 108 -11.46 8.73 0.41
N THR A 109 -11.55 7.53 -0.15
CA THR A 109 -11.45 7.30 -1.59
C THR A 109 -12.72 6.63 -2.08
N PRO A 110 -13.66 7.36 -2.70
CA PRO A 110 -14.92 6.72 -3.11
C PRO A 110 -14.72 5.62 -4.14
N ILE A 111 -15.58 4.62 -4.08
CA ILE A 111 -15.62 3.57 -5.08
C ILE A 111 -16.88 3.75 -5.93
N TYR A 112 -18.05 3.42 -5.40
CA TYR A 112 -19.30 3.77 -6.06
C TYR A 112 -20.00 4.86 -5.23
N ARG A 113 -21.34 4.88 -5.27
CA ARG A 113 -22.08 5.92 -4.56
C ARG A 113 -21.82 5.89 -3.05
N HIS A 114 -21.84 4.72 -2.43
CA HIS A 114 -21.71 4.63 -0.97
C HIS A 114 -20.44 3.94 -0.50
N SER A 115 -19.80 3.13 -1.34
CA SER A 115 -18.59 2.44 -0.95
C SER A 115 -17.37 3.36 -1.08
N TYR A 116 -16.37 3.10 -0.23
CA TYR A 116 -15.15 3.89 -0.22
C TYR A 116 -14.11 3.13 0.60
N THR A 117 -12.84 3.42 0.34
CA THR A 117 -11.79 3.06 1.29
C THR A 117 -11.34 4.30 2.06
N ALA A 118 -10.71 4.05 3.20
CA ALA A 118 -10.14 5.10 4.04
C ALA A 118 -9.09 4.46 4.95
N VAL A 119 -8.15 5.29 5.38
CA VAL A 119 -7.16 4.88 6.38
C VAL A 119 -7.68 5.38 7.71
N HIS A 120 -8.01 4.46 8.60
CA HIS A 120 -8.64 4.77 9.88
C HIS A 120 -7.62 4.71 11.02
N TYR A 121 -7.87 5.51 12.04
CA TYR A 121 -7.02 5.60 13.21
C TYR A 121 -7.88 5.48 14.45
N ILE A 122 -7.41 4.69 15.41
CA ILE A 122 -8.03 4.61 16.74
C ILE A 122 -7.41 5.71 17.59
N TYR A 123 -8.25 6.55 18.18
CA TYR A 123 -7.75 7.60 19.07
C TYR A 123 -8.27 7.36 20.48
N PRO A 124 -7.42 6.95 21.42
CA PRO A 124 -7.88 6.77 22.80
C PRO A 124 -8.31 8.08 23.42
N LEU A 125 -9.36 8.02 24.25
CA LEU A 125 -9.89 9.21 24.89
C LEU A 125 -9.55 9.30 26.38
N LYS A 126 -8.50 8.61 26.82
CA LYS A 126 -8.09 8.73 28.21
C LYS A 126 -7.68 10.17 28.53
N ARG A 127 -7.87 10.56 29.77
CA ARG A 127 -7.47 11.88 30.24
C ARG A 127 -6.09 11.81 30.86
N ASN A 128 -5.30 12.85 30.62
CA ASN A 128 -3.93 12.90 31.13
C ASN A 128 -3.93 13.60 32.48
N ASP A 129 -2.73 13.89 32.98
CA ASP A 129 -2.60 14.54 34.29
C ASP A 129 -3.32 15.89 34.32
N LYS A 130 -3.44 16.56 33.17
CA LYS A 130 -4.14 17.82 33.09
C LYS A 130 -5.63 17.65 32.75
N GLY A 131 -6.16 16.43 32.81
CA GLY A 131 -7.58 16.19 32.67
C GLY A 131 -8.13 16.23 31.26
N VAL A 132 -7.31 16.58 30.25
CA VAL A 132 -7.82 16.70 28.88
C VAL A 132 -7.57 15.40 28.12
N THR A 133 -8.31 15.24 27.01
CA THR A 133 -8.24 14.03 26.19
C THR A 133 -7.46 14.24 24.90
N THR A 134 -6.85 15.40 24.71
CA THR A 134 -6.35 15.83 23.40
C THR A 134 -4.87 15.51 23.14
N ASN A 135 -4.14 14.90 24.09
CA ASN A 135 -2.70 14.72 23.95
C ASN A 135 -2.30 13.24 24.01
N ASN A 136 -3.17 12.36 23.53
CA ASN A 136 -2.85 10.94 23.51
C ASN A 136 -2.18 10.57 22.20
N ILE A 137 -1.53 9.41 22.18
CA ILE A 137 -0.86 8.89 21.00
C ILE A 137 -1.90 8.20 20.12
N ILE A 138 -2.01 8.62 18.88
CA ILE A 138 -2.99 8.04 17.97
C ILE A 138 -2.44 6.73 17.41
N GLU A 139 -3.35 5.80 17.10
CA GLU A 139 -2.98 4.47 16.63
C GLU A 139 -3.64 4.17 15.30
N ARG A 140 -2.95 3.39 14.47
CA ARG A 140 -3.55 2.92 13.22
C ARG A 140 -4.55 1.80 13.50
N LEU A 141 -5.67 1.81 12.78
CA LEU A 141 -6.58 0.67 12.87
C LEU A 141 -5.89 -0.61 12.38
N SER A 142 -5.13 -0.51 11.30
CA SER A 142 -4.51 -1.68 10.69
C SER A 142 -3.14 -1.31 10.15
N ASP A 143 -2.20 -2.24 10.25
CA ASP A 143 -0.90 -2.06 9.63
C ASP A 143 -0.90 -2.41 8.15
N GLY A 144 -2.02 -2.88 7.61
CA GLY A 144 -2.16 -3.18 6.19
C GLY A 144 -2.78 -2.03 5.42
N GLY A 145 -3.42 -2.36 4.30
CA GLY A 145 -3.94 -1.35 3.42
C GLY A 145 -5.24 -0.75 3.91
N PRO A 146 -5.73 0.25 3.16
CA PRO A 146 -6.95 0.97 3.53
C PRO A 146 -8.14 0.04 3.78
N GLN A 147 -9.05 0.49 4.62
CA GLN A 147 -10.13 -0.35 5.13
C GLN A 147 -11.49 0.15 4.64
N GLN A 148 -12.46 -0.76 4.60
CA GLN A 148 -13.83 -0.41 4.26
C GLN A 148 -14.78 -0.75 5.41
N VAL A 149 -15.81 0.08 5.55
CA VAL A 149 -16.94 -0.05 6.49
C VAL A 149 -16.55 -0.58 7.87
N PRO A 150 -15.54 -0.01 8.56
CA PRO A 150 -15.24 -0.47 9.93
C PRO A 150 -16.42 -0.21 10.87
N VAL A 151 -16.69 -1.19 11.73
CA VAL A 151 -17.80 -1.08 12.68
C VAL A 151 -17.32 -1.59 14.04
N PHE A 152 -17.66 -0.85 15.09
CA PHE A 152 -17.38 -1.25 16.47
C PHE A 152 -18.32 -2.37 16.93
N SER A 153 -17.80 -3.26 17.78
CA SER A 153 -18.65 -4.17 18.55
C SER A 153 -19.45 -3.38 19.60
N PRO A 154 -20.60 -3.92 20.03
CA PRO A 154 -21.39 -3.22 21.06
C PRO A 154 -20.60 -2.82 22.29
N ASP A 155 -19.68 -3.66 22.77
CA ASP A 155 -18.88 -3.24 23.93
C ASP A 155 -17.68 -2.36 23.55
N GLY A 156 -17.48 -2.08 22.26
CA GLY A 156 -16.38 -1.21 21.85
C GLY A 156 -15.00 -1.82 21.91
N THR A 157 -14.88 -3.11 22.21
CA THR A 157 -13.55 -3.71 22.30
C THR A 157 -13.05 -4.27 20.98
N MET A 158 -13.89 -4.27 19.93
CA MET A 158 -13.52 -4.87 18.65
C MET A 158 -14.00 -4.01 17.50
N ILE A 159 -13.23 -4.03 16.41
CA ILE A 159 -13.63 -3.42 15.14
C ILE A 159 -13.50 -4.46 14.05
N ALA A 160 -14.56 -4.66 13.28
CA ALA A 160 -14.48 -5.48 12.08
C ALA A 160 -14.51 -4.56 10.87
N PHE A 161 -13.74 -4.91 9.83
CA PHE A 161 -13.72 -4.11 8.61
C PHE A 161 -13.53 -5.04 7.41
N VAL A 162 -13.67 -4.45 6.22
CA VAL A 162 -13.53 -5.18 4.97
C VAL A 162 -12.37 -4.58 4.20
N ARG A 163 -11.55 -5.46 3.60
CA ARG A 163 -10.49 -5.05 2.69
C ARG A 163 -10.27 -6.15 1.68
N ASP A 164 -10.12 -5.79 0.39
CA ASP A 164 -9.95 -6.78 -0.67
C ASP A 164 -11.02 -7.87 -0.57
N ASN A 165 -12.25 -7.45 -0.29
CA ASN A 165 -13.42 -8.31 -0.27
C ASN A 165 -13.40 -9.34 0.87
N ASN A 166 -12.51 -9.20 1.84
CA ASN A 166 -12.43 -10.08 3.00
C ASN A 166 -12.68 -9.30 4.28
N ILE A 167 -13.23 -10.00 5.29
CA ILE A 167 -13.47 -9.41 6.60
C ILE A 167 -12.25 -9.60 7.50
N PHE A 168 -11.88 -8.55 8.22
CA PHE A 168 -10.81 -8.59 9.22
C PHE A 168 -11.36 -8.13 10.57
N LEU A 169 -10.73 -8.61 11.65
CA LEU A 169 -11.16 -8.31 13.01
C LEU A 169 -9.99 -7.76 13.82
N VAL A 170 -10.20 -6.62 14.47
CA VAL A 170 -9.18 -5.99 15.28
C VAL A 170 -9.65 -6.00 16.73
N LYS A 171 -8.83 -6.54 17.62
CA LYS A 171 -9.17 -6.68 19.05
C LYS A 171 -8.43 -5.59 19.81
N LEU A 172 -9.17 -4.54 20.16
CA LEU A 172 -8.54 -3.40 20.83
C LEU A 172 -8.03 -3.74 22.22
N LEU A 173 -8.51 -4.82 22.84
CA LEU A 173 -8.03 -5.18 24.17
C LEU A 173 -6.65 -5.81 24.13
N TYR A 174 -6.27 -6.36 22.99
CA TYR A 174 -5.09 -7.21 22.91
C TYR A 174 -4.12 -6.67 21.87
N GLY A 175 -3.67 -5.43 22.06
CA GLY A 175 -2.68 -4.84 21.17
C GLY A 175 -3.17 -4.57 19.77
N ASN A 176 -4.46 -4.27 19.60
CA ASN A 176 -5.04 -4.07 18.27
C ASN A 176 -4.70 -5.25 17.35
N SER A 177 -4.75 -6.44 17.93
CA SER A 177 -4.44 -7.67 17.21
C SER A 177 -5.43 -7.88 16.07
N GLU A 178 -4.91 -8.10 14.86
CA GLU A 178 -5.74 -8.22 13.67
C GLU A 178 -5.79 -9.67 13.19
N SER A 179 -6.97 -10.16 12.88
CA SER A 179 -7.11 -11.49 12.32
C SER A 179 -7.97 -11.42 11.08
N GLN A 180 -7.89 -12.45 10.26
CA GLN A 180 -8.60 -12.50 8.99
C GLN A 180 -9.75 -13.48 9.14
N VAL A 181 -10.97 -12.99 8.98
CA VAL A 181 -12.18 -13.78 9.23
C VAL A 181 -12.55 -14.60 8.00
N THR A 182 -12.40 -14.06 6.80
CA THR A 182 -12.71 -14.76 5.57
C THR A 182 -11.48 -14.79 4.67
N GLU A 183 -11.37 -15.84 3.86
CA GLU A 183 -10.23 -16.00 2.96
C GLU A 183 -10.60 -16.13 1.50
N ASP A 184 -11.89 -16.16 1.16
CA ASP A 184 -12.31 -16.44 -0.19
C ASP A 184 -12.76 -15.20 -0.95
N GLY A 185 -12.60 -14.01 -0.38
CA GLY A 185 -12.96 -12.81 -1.10
C GLY A 185 -12.08 -12.63 -2.33
N LYS A 186 -12.70 -12.20 -3.42
CA LYS A 186 -11.95 -12.07 -4.68
C LYS A 186 -12.66 -11.07 -5.57
N GLN A 187 -11.91 -10.11 -6.09
CA GLN A 187 -12.50 -9.04 -6.88
C GLN A 187 -13.28 -9.64 -8.05
N ASN A 188 -14.49 -9.10 -8.27
CA ASN A 188 -15.40 -9.53 -9.34
C ASN A 188 -15.90 -10.95 -9.18
N SER A 189 -15.76 -11.54 -7.99
CA SER A 189 -16.16 -12.92 -7.78
C SER A 189 -16.90 -13.11 -6.44
N VAL A 190 -16.24 -12.84 -5.31
CA VAL A 190 -16.82 -13.07 -3.99
C VAL A 190 -16.56 -11.85 -3.12
N LEU A 191 -17.63 -11.30 -2.52
CA LEU A 191 -17.53 -10.19 -1.59
C LEU A 191 -18.07 -10.63 -0.24
N ASN A 192 -17.31 -10.39 0.82
CA ASN A 192 -17.75 -10.67 2.18
C ASN A 192 -17.97 -9.37 2.92
N GLY A 193 -19.20 -9.15 3.39
CA GLY A 193 -19.49 -8.03 4.28
C GLY A 193 -19.83 -6.73 3.58
N ILE A 194 -19.70 -6.66 2.26
CA ILE A 194 -20.09 -5.47 1.49
C ILE A 194 -20.85 -5.92 0.26
N PRO A 195 -21.79 -5.11 -0.20
CA PRO A 195 -22.65 -5.53 -1.31
C PRO A 195 -21.98 -5.33 -2.67
N ASP A 196 -22.51 -6.05 -3.68
CA ASP A 196 -22.07 -5.85 -5.04
C ASP A 196 -22.60 -4.51 -5.57
N TRP A 197 -22.34 -4.22 -6.84
CA TRP A 197 -22.67 -2.89 -7.35
C TRP A 197 -24.17 -2.62 -7.24
N VAL A 198 -24.99 -3.57 -7.70
CA VAL A 198 -26.42 -3.27 -7.83
C VAL A 198 -27.10 -3.27 -6.46
N TYR A 199 -26.65 -4.09 -5.51
CA TYR A 199 -27.22 -4.05 -4.16
C TYR A 199 -26.87 -2.73 -3.49
N GLU A 200 -25.62 -2.29 -3.64
CA GLU A 200 -25.21 -1.03 -3.02
C GLU A 200 -26.01 0.12 -3.59
N GLU A 201 -26.11 0.20 -4.92
CA GLU A 201 -26.82 1.31 -5.55
C GLU A 201 -28.32 1.25 -5.25
N GLU A 202 -28.93 0.07 -5.40
CA GLU A 202 -30.40 0.02 -5.45
C GLU A 202 -31.06 -0.40 -4.14
N PHE A 203 -30.33 -0.99 -3.20
CA PHE A 203 -30.85 -1.13 -1.84
C PHE A 203 -30.22 -0.12 -0.90
N GLY A 204 -29.37 0.77 -1.43
CA GLY A 204 -28.96 1.95 -0.70
C GLY A 204 -28.17 1.70 0.57
N PHE A 205 -27.08 0.94 0.49
CA PHE A 205 -26.28 0.68 1.69
C PHE A 205 -24.88 0.23 1.25
N ASN A 206 -23.97 0.15 2.24
CA ASN A 206 -22.61 -0.23 1.92
C ASN A 206 -22.02 -1.29 2.86
N ARG A 207 -22.81 -1.83 3.81
CA ARG A 207 -22.26 -2.73 4.82
C ARG A 207 -23.25 -3.84 5.12
N ALA A 208 -22.75 -5.07 5.17
CA ALA A 208 -23.53 -6.24 5.56
C ALA A 208 -22.66 -7.01 6.55
N LEU A 209 -22.47 -6.42 7.72
CA LEU A 209 -21.45 -6.89 8.66
C LEU A 209 -21.85 -6.45 10.05
N GLU A 210 -22.00 -7.41 10.97
CA GLU A 210 -22.65 -7.13 12.26
C GLU A 210 -22.03 -7.94 13.38
N PHE A 211 -22.00 -7.34 14.59
CA PHE A 211 -21.66 -8.03 15.83
C PHE A 211 -22.93 -8.32 16.64
N SER A 212 -22.96 -9.48 17.32
CA SER A 212 -24.11 -9.81 18.14
C SER A 212 -24.12 -8.99 19.42
N ALA A 213 -25.31 -8.94 20.06
CA ALA A 213 -25.50 -8.11 21.24
C ALA A 213 -24.51 -8.44 22.35
N ASP A 214 -24.05 -9.68 22.45
CA ASP A 214 -23.13 -10.03 23.52
C ASP A 214 -21.67 -10.11 23.03
N ASN A 215 -21.38 -9.55 21.86
CA ASN A 215 -20.02 -9.43 21.35
C ASN A 215 -19.35 -10.78 21.08
N THR A 216 -20.11 -11.85 20.88
CA THR A 216 -19.49 -13.16 20.65
C THR A 216 -19.49 -13.60 19.20
N MET A 217 -20.35 -13.02 18.34
CA MET A 217 -20.49 -13.49 16.97
C MET A 217 -20.41 -12.31 16.01
N ILE A 218 -19.84 -12.57 14.82
CA ILE A 218 -19.91 -11.68 13.66
C ILE A 218 -20.85 -12.32 12.66
N ALA A 219 -21.76 -11.52 12.09
CA ALA A 219 -22.57 -11.97 10.97
C ALA A 219 -22.27 -11.14 9.73
N PHE A 220 -22.36 -11.76 8.57
CA PHE A 220 -22.15 -11.03 7.33
C PHE A 220 -22.92 -11.68 6.19
N ILE A 221 -23.19 -10.90 5.15
CA ILE A 221 -23.65 -11.46 3.88
C ILE A 221 -22.45 -11.71 2.97
N ARG A 222 -22.39 -12.90 2.39
CA ARG A 222 -21.42 -13.25 1.36
C ARG A 222 -22.11 -13.17 -0.01
N PHE A 223 -21.57 -12.34 -0.90
CA PHE A 223 -22.10 -12.17 -2.25
C PHE A 223 -21.21 -12.93 -3.22
N ASP A 224 -21.79 -13.88 -3.95
CA ASP A 224 -21.08 -14.60 -5.00
C ASP A 224 -21.58 -14.04 -6.33
N GLU A 225 -20.83 -13.08 -6.89
CA GLU A 225 -21.17 -12.49 -8.18
C GLU A 225 -20.39 -13.12 -9.33
N SER A 226 -19.80 -14.31 -9.11
CA SER A 226 -19.00 -14.95 -10.15
C SER A 226 -19.80 -15.19 -11.42
N GLU A 227 -21.11 -15.41 -11.31
CA GLU A 227 -21.88 -15.71 -12.50
C GLU A 227 -22.76 -14.54 -12.92
N VAL A 228 -22.60 -13.39 -12.28
CA VAL A 228 -23.24 -12.15 -12.73
C VAL A 228 -22.46 -11.72 -13.96
N PRO A 229 -23.10 -11.22 -15.02
CA PRO A 229 -22.35 -10.80 -16.22
C PRO A 229 -21.38 -9.67 -15.92
N SER A 230 -20.25 -9.70 -16.63
CA SER A 230 -19.30 -8.61 -16.61
C SER A 230 -19.75 -7.48 -17.53
N TYR A 231 -19.35 -6.28 -17.17
CA TYR A 231 -19.52 -5.12 -18.03
C TYR A 231 -18.21 -4.37 -18.05
N SER A 232 -17.84 -3.86 -19.24
CA SER A 232 -16.61 -3.09 -19.34
C SER A 232 -16.84 -1.88 -20.24
N PHE A 233 -16.22 -0.76 -19.88
CA PHE A 233 -16.21 0.41 -20.76
C PHE A 233 -14.81 0.98 -20.87
N PRO A 234 -14.49 1.66 -21.97
CA PRO A 234 -13.14 2.19 -22.14
C PRO A 234 -12.81 3.26 -21.11
N MET A 235 -11.51 3.38 -20.81
CA MET A 235 -10.95 4.54 -20.11
C MET A 235 -9.81 5.12 -20.95
N PHE A 236 -9.74 6.44 -21.00
CA PHE A 236 -8.68 7.17 -21.68
C PHE A 236 -7.82 7.87 -20.63
N ALA A 237 -6.81 8.60 -21.08
CA ALA A 237 -6.00 9.35 -20.12
C ALA A 237 -6.82 10.48 -19.51
N GLY A 238 -7.45 11.30 -20.36
CA GLY A 238 -8.24 12.43 -19.90
C GLY A 238 -7.43 13.38 -19.02
N GLU A 239 -8.15 14.13 -18.21
CA GLU A 239 -7.56 15.06 -17.24
C GLU A 239 -8.50 15.15 -16.05
N ALA A 240 -7.92 15.55 -14.91
CA ALA A 240 -8.68 15.83 -13.70
C ALA A 240 -9.61 14.69 -13.31
N PRO A 241 -9.08 13.49 -13.03
CA PRO A 241 -7.65 13.15 -13.01
C PRO A 241 -7.12 12.66 -14.37
N GLN A 242 -5.82 12.85 -14.62
CA GLN A 242 -5.19 12.22 -15.77
C GLN A 242 -4.82 10.80 -15.41
N ILE A 243 -5.25 9.83 -16.22
CA ILE A 243 -4.91 8.43 -15.97
C ILE A 243 -3.66 8.16 -16.80
N THR A 244 -2.51 8.48 -16.21
CA THR A 244 -1.25 8.59 -16.95
C THR A 244 -0.86 7.35 -17.74
N PRO A 245 -0.99 6.11 -17.23
CA PRO A 245 -0.62 4.94 -18.04
C PRO A 245 -1.43 4.79 -19.32
N LEU A 246 -2.53 5.53 -19.49
CA LEU A 246 -3.37 5.41 -20.68
C LEU A 246 -3.07 6.51 -21.70
N LYS A 247 -1.93 7.20 -21.56
CA LYS A 247 -1.59 8.33 -22.41
C LYS A 247 -1.49 7.97 -23.89
N ASP A 248 -1.05 6.75 -24.20
CA ASP A 248 -0.91 6.31 -25.58
C ASP A 248 -1.95 5.28 -25.96
N TYR A 249 -2.22 4.33 -25.06
CA TYR A 249 -3.17 3.24 -25.33
C TYR A 249 -4.27 3.28 -24.28
N PRO A 250 -5.52 3.37 -24.68
CA PRO A 250 -6.61 3.39 -23.69
C PRO A 250 -6.66 2.10 -22.90
N GLY A 251 -7.40 2.17 -21.79
CA GLY A 251 -7.58 1.03 -20.92
C GLY A 251 -9.06 0.72 -20.79
N GLU A 252 -9.47 0.16 -19.67
CA GLU A 252 -10.87 -0.17 -19.49
C GLU A 252 -11.14 -0.34 -18.00
N TYR A 253 -12.42 -0.29 -17.66
CA TYR A 253 -12.92 -0.57 -16.32
C TYR A 253 -13.92 -1.71 -16.44
N THR A 254 -13.77 -2.73 -15.59
CA THR A 254 -14.60 -3.93 -15.65
C THR A 254 -15.14 -4.22 -14.27
N TYR A 255 -16.42 -4.60 -14.21
CA TYR A 255 -17.10 -4.91 -12.96
C TYR A 255 -18.34 -5.73 -13.31
N LYS A 256 -18.99 -6.27 -12.27
CA LYS A 256 -20.20 -7.07 -12.46
C LYS A 256 -21.44 -6.19 -12.38
N TYR A 257 -22.32 -6.31 -13.38
CA TYR A 257 -23.50 -5.45 -13.52
C TYR A 257 -24.56 -6.29 -14.22
N PRO A 258 -25.56 -6.78 -13.49
CA PRO A 258 -26.64 -7.53 -14.14
C PRO A 258 -27.67 -6.55 -14.68
N LYS A 259 -27.93 -6.62 -15.98
CA LYS A 259 -29.02 -5.87 -16.57
C LYS A 259 -30.35 -6.59 -16.32
N ALA A 260 -31.45 -5.89 -16.62
CA ALA A 260 -32.78 -6.39 -16.26
C ALA A 260 -33.00 -7.81 -16.78
N GLY A 261 -33.43 -8.70 -15.88
CA GLY A 261 -33.63 -10.10 -16.21
C GLY A 261 -32.41 -11.01 -16.12
N TYR A 262 -31.18 -10.46 -15.95
CA TYR A 262 -29.99 -11.29 -15.87
C TYR A 262 -29.74 -11.71 -14.42
N PRO A 263 -28.84 -12.68 -14.19
CA PRO A 263 -28.72 -13.24 -12.84
C PRO A 263 -28.04 -12.30 -11.84
N ASN A 264 -28.61 -12.26 -10.63
CA ASN A 264 -28.08 -11.49 -9.51
C ASN A 264 -27.07 -12.32 -8.72
N SER A 265 -26.37 -11.68 -7.79
CA SER A 265 -25.45 -12.42 -6.92
C SER A 265 -26.18 -13.54 -6.21
N LYS A 266 -25.47 -14.64 -5.96
CA LYS A 266 -25.94 -15.64 -5.01
C LYS A 266 -25.49 -15.20 -3.63
N VAL A 267 -26.41 -15.14 -2.68
CA VAL A 267 -26.16 -14.54 -1.39
C VAL A 267 -26.47 -15.54 -0.28
N GLU A 268 -25.64 -15.52 0.77
CA GLU A 268 -25.98 -16.27 1.97
C GLU A 268 -25.49 -15.49 3.16
N VAL A 269 -26.09 -15.79 4.31
CA VAL A 269 -25.72 -15.18 5.58
C VAL A 269 -24.81 -16.17 6.29
N ARG A 270 -23.63 -15.70 6.67
CA ARG A 270 -22.69 -16.52 7.42
C ARG A 270 -22.41 -15.87 8.77
N THR A 271 -22.03 -16.69 9.74
CA THR A 271 -21.65 -16.20 11.04
C THR A 271 -20.29 -16.77 11.40
N TYR A 272 -19.57 -16.02 12.22
CA TYR A 272 -18.23 -16.38 12.64
C TYR A 272 -18.21 -16.31 14.15
N ASP A 273 -17.87 -17.44 14.78
CA ASP A 273 -17.77 -17.55 16.23
C ASP A 273 -16.41 -16.99 16.64
N ILE A 274 -16.41 -15.87 17.36
CA ILE A 274 -15.15 -15.19 17.62
C ILE A 274 -14.22 -16.04 18.51
N LYS A 275 -14.79 -16.81 19.44
CA LYS A 275 -13.96 -17.63 20.32
C LYS A 275 -13.45 -18.88 19.61
N SER A 276 -14.31 -19.58 18.87
CA SER A 276 -13.92 -20.86 18.27
C SER A 276 -13.45 -20.75 16.83
N HIS A 277 -13.63 -19.61 16.16
CA HIS A 277 -13.28 -19.41 14.75
C HIS A 277 -14.09 -20.27 13.80
N VAL A 278 -15.22 -20.80 14.24
CA VAL A 278 -16.09 -21.60 13.39
C VAL A 278 -16.98 -20.69 12.55
N THR A 279 -17.04 -20.96 11.26
CA THR A 279 -17.95 -20.27 10.35
C THR A 279 -19.13 -21.18 10.03
N ARG A 280 -20.34 -20.63 10.12
CA ARG A 280 -21.56 -21.35 9.82
C ARG A 280 -22.37 -20.55 8.81
N THR A 281 -23.20 -21.27 8.04
CA THR A 281 -24.11 -20.68 7.06
C THR A 281 -25.53 -20.82 7.58
N MET A 282 -26.28 -19.72 7.56
CA MET A 282 -27.65 -19.75 8.05
C MET A 282 -28.54 -20.51 7.08
N LYS A 283 -29.41 -21.39 7.62
CA LYS A 283 -30.28 -22.21 6.80
C LYS A 283 -31.53 -21.42 6.44
N LEU A 284 -31.35 -20.44 5.57
CA LEU A 284 -32.36 -19.42 5.35
C LEU A 284 -33.24 -19.82 4.18
N PRO A 285 -34.55 -20.03 4.38
CA PRO A 285 -35.42 -20.26 3.22
C PRO A 285 -35.54 -18.95 2.43
N ILE A 286 -35.09 -19.00 1.19
CA ILE A 286 -35.16 -17.84 0.31
C ILE A 286 -35.31 -18.40 -1.10
N ASP A 287 -36.06 -17.68 -1.94
CA ASP A 287 -36.15 -18.08 -3.33
C ASP A 287 -34.75 -18.14 -3.92
N ALA A 288 -34.56 -19.01 -4.91
CA ALA A 288 -33.25 -19.13 -5.53
C ALA A 288 -32.84 -17.81 -6.19
N ASP A 289 -33.81 -17.01 -6.62
CA ASP A 289 -33.55 -15.71 -7.23
C ASP A 289 -33.94 -14.56 -6.33
N GLY A 290 -33.93 -14.76 -5.01
CA GLY A 290 -34.36 -13.74 -4.08
C GLY A 290 -33.22 -12.84 -3.65
N TYR A 291 -33.58 -11.87 -2.80
CA TYR A 291 -32.65 -10.87 -2.30
C TYR A 291 -32.54 -10.89 -0.79
N ILE A 292 -31.36 -10.51 -0.30
CA ILE A 292 -31.16 -10.22 1.13
C ILE A 292 -30.70 -8.79 1.29
N PRO A 293 -31.61 -7.81 1.34
CA PRO A 293 -31.18 -6.41 1.34
C PRO A 293 -30.56 -5.94 2.64
N ARG A 294 -30.71 -6.66 3.74
CA ARG A 294 -29.99 -6.27 4.95
C ARG A 294 -29.98 -7.42 5.95
N ILE A 295 -28.98 -7.39 6.83
CA ILE A 295 -28.94 -8.12 8.08
C ILE A 295 -28.77 -7.11 9.21
N ARG A 296 -29.25 -7.48 10.40
CA ARG A 296 -29.19 -6.58 11.54
C ARG A 296 -29.34 -7.43 12.80
N PHE A 297 -28.31 -7.45 13.64
CA PHE A 297 -28.47 -8.15 14.92
C PHE A 297 -29.47 -7.39 15.79
N THR A 298 -30.34 -8.15 16.46
CA THR A 298 -31.31 -7.54 17.36
C THR A 298 -30.66 -7.24 18.71
N LYS A 299 -31.47 -6.94 19.72
CA LYS A 299 -30.96 -6.81 21.08
C LYS A 299 -30.72 -8.17 21.73
N ASP A 300 -31.27 -9.23 21.14
CA ASP A 300 -31.11 -10.60 21.62
C ASP A 300 -29.92 -11.23 20.91
N ALA A 301 -28.88 -11.54 21.68
CA ALA A 301 -27.66 -12.08 21.07
C ALA A 301 -27.92 -13.35 20.25
N SER A 302 -29.00 -14.07 20.50
CA SER A 302 -29.28 -15.28 19.72
C SER A 302 -30.19 -15.05 18.51
N LYS A 303 -30.58 -13.80 18.21
CA LYS A 303 -31.48 -13.53 17.10
C LYS A 303 -30.83 -12.53 16.15
N LEU A 304 -30.49 -13.00 14.96
CA LEU A 304 -30.02 -12.15 13.87
C LEU A 304 -31.18 -11.91 12.91
N ALA A 305 -31.56 -10.64 12.71
CA ALA A 305 -32.59 -10.32 11.74
C ALA A 305 -32.03 -10.40 10.32
N VAL A 306 -32.74 -11.13 9.46
CA VAL A 306 -32.40 -11.22 8.03
C VAL A 306 -33.62 -10.79 7.23
N MET A 307 -33.46 -9.73 6.45
CA MET A 307 -34.55 -9.22 5.63
C MET A 307 -34.43 -9.79 4.22
N THR A 308 -35.50 -10.37 3.71
CA THR A 308 -35.48 -11.00 2.39
C THR A 308 -36.60 -10.48 1.53
N LEU A 309 -36.33 -10.45 0.22
CA LEU A 309 -37.33 -10.16 -0.80
C LEU A 309 -37.38 -11.29 -1.81
N ASN A 310 -38.54 -11.49 -2.41
CA ASN A 310 -38.58 -12.28 -3.63
C ASN A 310 -38.09 -11.42 -4.81
N ARG A 311 -37.89 -12.05 -5.97
CA ARG A 311 -37.38 -11.28 -7.11
C ARG A 311 -38.38 -10.20 -7.55
N HIS A 312 -39.68 -10.47 -7.42
CA HIS A 312 -40.67 -9.45 -7.71
C HIS A 312 -40.61 -8.28 -6.73
N GLN A 313 -39.88 -8.43 -5.62
CA GLN A 313 -39.71 -7.40 -4.60
C GLN A 313 -41.04 -6.96 -3.98
N ASP A 314 -42.04 -7.84 -3.96
CA ASP A 314 -43.33 -7.49 -3.36
C ASP A 314 -43.70 -8.35 -2.16
N ARG A 315 -42.80 -9.25 -1.74
CA ARG A 315 -42.99 -10.08 -0.54
C ARG A 315 -41.79 -9.85 0.35
N PHE A 316 -41.97 -9.09 1.43
CA PHE A 316 -40.92 -8.83 2.40
C PHE A 316 -41.07 -9.84 3.54
N ASP A 317 -40.08 -10.71 3.69
CA ASP A 317 -40.09 -11.75 4.74
C ASP A 317 -38.94 -11.45 5.70
N LEU A 318 -39.27 -11.24 6.97
CA LEU A 318 -38.28 -11.01 8.01
C LEU A 318 -38.04 -12.31 8.77
N TYR A 319 -36.79 -12.78 8.79
CA TYR A 319 -36.44 -13.96 9.55
C TYR A 319 -35.59 -13.58 10.75
N PHE A 320 -35.69 -14.39 11.80
CA PHE A 320 -34.71 -14.39 12.90
C PHE A 320 -33.86 -15.65 12.75
N ALA A 321 -32.57 -15.46 12.56
CA ALA A 321 -31.64 -16.57 12.48
C ALA A 321 -30.91 -16.71 13.80
N ASP A 322 -30.68 -17.96 14.22
CA ASP A 322 -29.85 -18.26 15.37
C ASP A 322 -28.42 -18.43 14.86
N PRO A 323 -27.49 -17.55 15.24
CA PRO A 323 -26.16 -17.59 14.60
C PRO A 323 -25.34 -18.82 14.96
N ARG A 324 -25.73 -19.56 16.00
CA ARG A 324 -25.04 -20.80 16.33
C ARG A 324 -25.74 -22.05 15.80
N SER A 325 -27.06 -22.13 15.90
CA SER A 325 -27.77 -23.31 15.41
C SER A 325 -28.02 -23.28 13.90
N THR A 326 -27.96 -22.09 13.29
CA THR A 326 -28.21 -21.83 11.87
C THR A 326 -29.68 -21.89 11.51
N LEU A 327 -30.56 -22.19 12.46
CA LEU A 327 -31.99 -22.27 12.19
C LEU A 327 -32.59 -20.88 12.06
N CYS A 328 -33.51 -20.73 11.13
CA CYS A 328 -34.17 -19.45 10.89
C CYS A 328 -35.67 -19.63 11.08
N LYS A 329 -36.33 -18.65 11.67
CA LYS A 329 -37.78 -18.65 11.77
C LYS A 329 -38.35 -17.39 11.14
N LEU A 330 -39.39 -17.57 10.33
CA LEU A 330 -40.11 -16.46 9.75
C LEU A 330 -40.87 -15.71 10.84
N VAL A 331 -40.53 -14.44 11.00
CA VAL A 331 -41.16 -13.60 12.02
C VAL A 331 -42.36 -12.87 11.44
N LEU A 332 -42.25 -12.43 10.21
CA LEU A 332 -43.15 -11.43 9.66
C LEU A 332 -43.09 -11.51 8.15
N ARG A 333 -44.26 -11.43 7.51
CA ARG A 333 -44.36 -11.31 6.06
C ARG A 333 -45.22 -10.09 5.78
N ASP A 334 -44.68 -9.17 4.98
CA ASP A 334 -45.43 -8.01 4.53
C ASP A 334 -45.43 -8.02 3.01
N GLU A 335 -46.62 -8.07 2.40
CA GLU A 335 -46.72 -8.15 0.95
C GLU A 335 -47.30 -6.85 0.39
N SER A 336 -46.81 -6.47 -0.78
CA SER A 336 -47.38 -5.33 -1.48
C SER A 336 -48.05 -5.80 -2.77
N PRO A 337 -49.17 -5.18 -3.17
CA PRO A 337 -49.69 -5.42 -4.52
C PRO A 337 -48.78 -4.87 -5.61
N TYR A 338 -47.74 -4.14 -5.24
CA TYR A 338 -46.84 -3.56 -6.24
C TYR A 338 -45.40 -3.98 -5.93
N TYR A 339 -44.77 -3.31 -4.96
CA TYR A 339 -43.41 -3.62 -4.56
C TYR A 339 -43.16 -2.94 -3.23
N ILE A 340 -42.25 -3.54 -2.45
CA ILE A 340 -41.76 -2.98 -1.19
C ILE A 340 -40.64 -2.00 -1.50
N LYS A 341 -40.62 -0.87 -0.80
CA LYS A 341 -39.63 0.17 -1.06
C LYS A 341 -38.46 0.10 -0.07
N GLU A 342 -37.31 0.59 -0.54
CA GLU A 342 -36.08 0.55 0.24
C GLU A 342 -36.23 1.24 1.60
N ASN A 343 -37.09 2.25 1.70
CA ASN A 343 -37.20 3.03 2.93
C ASN A 343 -37.57 2.18 4.15
N VAL A 344 -38.16 1.01 3.93
CA VAL A 344 -38.57 0.22 5.09
C VAL A 344 -37.35 -0.37 5.81
N PHE A 345 -36.28 -0.72 5.07
CA PHE A 345 -35.23 -1.56 5.62
C PHE A 345 -34.54 -0.91 6.82
N ASP A 346 -34.19 0.36 6.71
CA ASP A 346 -33.42 0.99 7.77
C ASP A 346 -34.30 1.68 8.81
N ASN A 347 -35.61 1.55 8.68
CA ASN A 347 -36.52 2.00 9.71
C ASN A 347 -37.02 0.86 10.58
N ILE A 348 -36.47 -0.34 10.40
CA ILE A 348 -36.68 -1.43 11.34
C ILE A 348 -35.62 -1.28 12.44
N LYS A 349 -36.07 -0.91 13.64
CA LYS A 349 -35.20 -0.69 14.79
C LYS A 349 -35.62 -1.64 15.90
N PHE A 350 -34.65 -2.28 16.55
CA PHE A 350 -34.91 -3.33 17.51
C PHE A 350 -34.74 -2.85 18.94
N TYR A 351 -35.68 -3.24 19.79
CA TYR A 351 -35.64 -2.90 21.19
C TYR A 351 -35.70 -4.20 21.99
N PRO A 352 -35.50 -4.18 23.31
CA PRO A 352 -35.83 -5.40 24.06
C PRO A 352 -37.34 -5.60 23.99
N GLU A 353 -37.74 -6.73 23.45
CA GLU A 353 -39.14 -7.19 23.33
C GLU A 353 -39.95 -6.53 22.21
N THR A 354 -39.47 -5.50 21.47
CA THR A 354 -40.26 -4.90 20.41
C THR A 354 -39.39 -4.46 19.23
N PHE A 355 -40.04 -4.18 18.09
CA PHE A 355 -39.34 -3.61 16.94
C PHE A 355 -40.35 -2.89 16.05
N SER A 356 -39.84 -1.93 15.29
CA SER A 356 -40.61 -1.04 14.45
C SER A 356 -40.64 -1.51 13.01
N LEU A 357 -41.70 -1.14 12.29
CA LEU A 357 -41.76 -1.40 10.86
C LEU A 357 -42.57 -0.30 10.19
N LEU A 358 -42.05 0.26 9.08
CA LEU A 358 -42.89 1.04 8.18
C LEU A 358 -43.47 0.13 7.11
N SER A 359 -44.74 0.36 6.80
CA SER A 359 -45.47 -0.51 5.88
C SER A 359 -46.44 0.35 5.11
N GLU A 360 -46.51 0.15 3.79
CA GLU A 360 -47.52 0.80 2.98
C GLU A 360 -48.76 -0.06 2.77
N ARG A 361 -48.97 -1.05 3.63
CA ARG A 361 -50.10 -2.01 3.46
C ARG A 361 -51.45 -1.30 3.29
N ASP A 362 -51.63 -0.13 3.87
CA ASP A 362 -52.94 0.58 3.76
C ASP A 362 -52.92 1.68 2.70
N GLY A 363 -51.92 1.71 1.84
CA GLY A 363 -51.81 2.73 0.78
C GLY A 363 -50.95 3.90 1.19
N PHE A 364 -50.48 3.91 2.43
CA PHE A 364 -49.65 4.99 2.94
C PHE A 364 -48.59 4.43 3.88
N SER A 365 -47.38 4.98 3.79
CA SER A 365 -46.30 4.57 4.68
C SER A 365 -46.63 4.93 6.13
N HIS A 366 -46.87 3.93 6.97
CA HIS A 366 -47.23 4.16 8.36
C HIS A 366 -46.38 3.29 9.27
N LEU A 367 -46.31 3.70 10.53
CA LEU A 367 -45.46 3.07 11.53
C LEU A 367 -46.24 1.99 12.28
N TYR A 368 -45.67 0.79 12.32
CA TYR A 368 -46.25 -0.38 12.97
C TYR A 368 -45.29 -0.90 14.03
N TRP A 369 -45.84 -1.44 15.11
CA TRP A 369 -45.08 -1.78 16.32
C TRP A 369 -45.30 -3.26 16.61
N TYR A 370 -44.22 -4.04 16.55
CA TYR A 370 -44.30 -5.48 16.72
C TYR A 370 -43.57 -5.92 17.98
N SER A 371 -44.05 -7.02 18.56
CA SER A 371 -43.30 -7.69 19.61
C SER A 371 -42.18 -8.51 18.99
N MET A 372 -41.15 -8.79 19.81
CA MET A 372 -40.03 -9.62 19.34
C MET A 372 -40.45 -11.05 19.02
N GLY A 373 -41.63 -11.49 19.47
CA GLY A 373 -42.19 -12.72 18.94
C GLY A 373 -42.82 -12.59 17.56
N GLY A 374 -42.91 -11.38 17.02
CA GLY A 374 -43.45 -11.18 15.69
C GLY A 374 -44.93 -10.85 15.64
N ASN A 375 -45.58 -10.64 16.77
CA ASN A 375 -46.98 -10.26 16.80
C ASN A 375 -47.13 -8.76 16.65
N LEU A 376 -48.09 -8.35 15.82
CA LEU A 376 -48.38 -6.93 15.71
C LEU A 376 -48.98 -6.42 17.02
N ILE A 377 -48.33 -5.42 17.62
CA ILE A 377 -48.87 -4.80 18.82
C ILE A 377 -49.85 -3.70 18.46
N LYS A 378 -49.47 -2.79 17.57
CA LYS A 378 -50.39 -1.74 17.17
C LYS A 378 -49.86 -1.04 15.92
N LYS A 379 -50.77 -0.37 15.23
CA LYS A 379 -50.44 0.58 14.19
C LYS A 379 -50.35 1.97 14.82
N VAL A 380 -49.16 2.56 14.83
CA VAL A 380 -48.94 3.75 15.64
C VAL A 380 -49.51 5.01 14.98
N THR A 381 -49.31 5.16 13.68
CA THR A 381 -49.71 6.34 12.94
C THR A 381 -50.86 5.97 12.01
N ASN A 382 -51.63 6.97 11.61
CA ASN A 382 -52.60 6.74 10.54
C ASN A 382 -53.09 8.07 9.99
N GLY A 383 -53.60 8.00 8.77
CA GLY A 383 -54.03 9.17 8.03
C GLY A 383 -53.48 9.16 6.62
N LYS A 384 -53.96 10.11 5.82
CA LYS A 384 -53.61 10.21 4.41
C LYS A 384 -52.36 11.07 4.25
N TYR A 385 -51.27 10.54 4.80
CA TYR A 385 -49.96 11.16 4.72
C TYR A 385 -48.94 10.04 4.89
N GLU A 386 -47.66 10.37 4.68
CA GLU A 386 -46.57 9.41 4.68
C GLU A 386 -45.64 9.67 5.85
N VAL A 387 -45.40 8.63 6.64
CA VAL A 387 -44.29 8.63 7.59
C VAL A 387 -43.00 8.41 6.82
N LYS A 388 -42.01 9.27 7.05
CA LYS A 388 -40.75 9.20 6.31
C LYS A 388 -39.63 8.53 7.09
N ASP A 389 -39.31 9.04 8.29
CA ASP A 389 -38.32 8.44 9.16
C ASP A 389 -38.98 8.06 10.48
N PHE A 390 -38.68 6.84 10.96
CA PHE A 390 -38.94 6.50 12.34
C PHE A 390 -37.70 6.88 13.13
N LEU A 391 -37.83 7.86 14.02
CA LEU A 391 -36.67 8.39 14.73
C LEU A 391 -36.34 7.59 15.97
N GLY A 392 -37.33 7.05 16.67
CA GLY A 392 -37.01 6.21 17.81
C GLY A 392 -38.16 6.12 18.76
N TYR A 393 -38.04 5.15 19.67
CA TYR A 393 -39.01 4.90 20.72
C TYR A 393 -38.37 5.29 22.05
N ASP A 394 -39.09 6.03 22.86
CA ASP A 394 -38.58 6.42 24.18
C ASP A 394 -39.04 5.37 25.18
N GLU A 395 -38.14 4.45 25.51
CA GLU A 395 -38.45 3.37 26.44
C GLU A 395 -38.84 3.87 27.82
N ALA A 396 -38.55 5.13 28.15
CA ALA A 396 -38.91 5.65 29.47
C ALA A 396 -40.39 5.98 29.57
N ASP A 397 -41.00 6.53 28.51
CA ASP A 397 -42.39 6.92 28.60
C ASP A 397 -43.29 6.32 27.54
N GLY A 398 -42.77 5.46 26.66
CA GLY A 398 -43.61 4.84 25.65
C GLY A 398 -43.99 5.72 24.47
N SER A 399 -43.24 6.79 24.21
CA SER A 399 -43.52 7.74 23.14
C SER A 399 -42.76 7.38 21.85
N PHE A 400 -43.36 7.72 20.71
CA PHE A 400 -42.80 7.44 19.39
C PHE A 400 -42.49 8.76 18.69
N TYR A 401 -41.32 8.86 18.09
CA TYR A 401 -40.91 10.04 17.35
C TYR A 401 -40.69 9.66 15.89
N TYR A 402 -41.17 10.52 14.98
CA TYR A 402 -41.08 10.24 13.56
C TYR A 402 -41.18 11.55 12.78
N THR A 403 -40.89 11.48 11.48
CA THR A 403 -41.12 12.59 10.56
C THR A 403 -42.21 12.19 9.58
N SER A 404 -42.93 13.19 9.08
CA SER A 404 -44.00 12.92 8.13
C SER A 404 -44.29 14.17 7.33
N ASN A 405 -45.00 13.98 6.21
CA ASN A 405 -45.48 15.09 5.41
C ASN A 405 -46.95 15.38 5.63
N GLU A 406 -47.45 15.14 6.85
CA GLU A 406 -48.86 15.37 7.14
C GLU A 406 -49.27 16.79 6.79
N GLU A 407 -48.40 17.78 7.03
CA GLU A 407 -48.75 19.16 6.68
C GLU A 407 -49.05 19.30 5.20
N SER A 408 -48.25 18.65 4.35
CA SER A 408 -48.30 18.80 2.90
C SER A 408 -47.23 17.91 2.27
N PRO A 409 -47.47 17.38 1.06
CA PRO A 409 -46.42 16.63 0.36
C PRO A 409 -45.14 17.44 0.18
N LEU A 410 -45.24 18.77 0.25
CA LEU A 410 -44.07 19.61 0.08
C LEU A 410 -43.23 19.72 1.33
N ARG A 411 -43.74 19.31 2.48
CA ARG A 411 -43.12 19.65 3.74
C ARG A 411 -42.77 18.38 4.54
N LYS A 412 -41.95 18.58 5.57
CA LYS A 412 -41.56 17.53 6.48
C LYS A 412 -41.46 18.13 7.87
N ALA A 413 -42.12 17.50 8.85
CA ALA A 413 -42.12 17.99 10.21
C ALA A 413 -41.85 16.84 11.17
N VAL A 414 -41.40 17.19 12.37
CA VAL A 414 -41.13 16.20 13.42
C VAL A 414 -42.38 16.07 14.30
N TYR A 415 -42.78 14.82 14.56
CA TYR A 415 -43.98 14.52 15.32
C TYR A 415 -43.65 13.59 16.47
N LYS A 416 -44.53 13.59 17.47
CA LYS A 416 -44.45 12.71 18.63
C LYS A 416 -45.83 12.15 18.91
N ILE A 417 -45.90 10.84 19.15
CA ILE A 417 -47.14 10.18 19.57
C ILE A 417 -46.85 9.47 20.88
N ASP A 418 -47.63 9.78 21.92
CA ASP A 418 -47.36 9.20 23.23
C ASP A 418 -48.02 7.83 23.38
N LYS A 419 -47.85 7.24 24.57
CA LYS A 419 -48.36 5.91 24.83
C LYS A 419 -49.88 5.85 24.71
N LYS A 420 -50.55 6.97 24.98
CA LYS A 420 -52.00 7.06 24.87
C LYS A 420 -52.48 7.25 23.44
N GLY A 421 -51.59 7.59 22.52
CA GLY A 421 -52.01 7.88 21.16
C GLY A 421 -52.26 9.33 20.84
N LYS A 422 -51.92 10.25 21.74
CA LYS A 422 -52.01 11.66 21.39
C LYS A 422 -50.81 12.07 20.54
N LYS A 423 -51.08 12.78 19.46
CA LYS A 423 -50.08 13.22 18.51
C LYS A 423 -49.75 14.68 18.74
N LEU A 424 -48.48 15.02 18.73
CA LEU A 424 -48.04 16.41 18.79
C LEU A 424 -47.04 16.68 17.68
N LYS A 425 -47.23 17.79 16.96
CA LYS A 425 -46.22 18.26 16.01
C LYS A 425 -45.18 19.05 16.77
N LEU A 426 -43.92 18.60 16.70
CA LEU A 426 -42.84 19.25 17.42
C LEU A 426 -42.29 20.46 16.68
N SER A 427 -42.27 20.44 15.35
CA SER A 427 -41.57 21.47 14.60
C SER A 427 -42.24 22.82 14.76
N GLN A 428 -41.43 23.86 14.97
CA GLN A 428 -41.95 25.20 15.16
C GLN A 428 -42.26 25.89 13.84
N ARG A 429 -41.50 25.61 12.77
CA ARG A 429 -41.64 26.30 11.50
C ARG A 429 -42.04 25.32 10.39
N GLU A 430 -42.73 25.87 9.38
CA GLU A 430 -43.24 25.09 8.26
C GLU A 430 -42.22 25.10 7.12
N GLY A 431 -41.81 23.91 6.68
CA GLY A 431 -40.84 23.77 5.62
C GLY A 431 -40.29 22.36 5.61
N THR A 432 -38.98 22.23 5.75
CA THR A 432 -38.32 20.94 5.82
C THR A 432 -37.55 20.91 7.13
N ASN A 433 -37.94 20.00 8.03
CA ASN A 433 -37.35 19.85 9.35
C ASN A 433 -36.66 18.49 9.42
N THR A 434 -35.35 18.48 9.57
CA THR A 434 -34.58 17.24 9.64
C THR A 434 -33.96 17.13 11.03
N PRO A 435 -34.43 16.19 11.88
CA PRO A 435 -33.92 16.16 13.25
C PRO A 435 -32.83 15.12 13.48
N LEU A 436 -32.03 15.33 14.51
CA LEU A 436 -31.06 14.35 14.98
C LEU A 436 -31.17 14.31 16.50
N PHE A 437 -31.68 13.18 17.04
CA PHE A 437 -32.05 13.10 18.44
C PHE A 437 -30.88 12.65 19.32
N SER A 438 -30.88 13.14 20.56
CA SER A 438 -29.97 12.62 21.57
C SER A 438 -30.28 11.15 21.84
N GLN A 439 -29.34 10.48 22.50
CA GLN A 439 -29.48 9.05 22.74
C GLN A 439 -30.67 8.75 23.65
N SER A 440 -31.06 9.70 24.50
CA SER A 440 -32.19 9.55 25.41
C SER A 440 -33.52 9.99 24.79
N MET A 441 -33.50 10.52 23.57
CA MET A 441 -34.67 11.14 22.92
C MET A 441 -35.18 12.37 23.66
N LYS A 442 -34.38 12.96 24.55
CA LYS A 442 -34.88 14.10 25.31
C LYS A 442 -34.60 15.42 24.62
N TYR A 443 -33.59 15.48 23.75
CA TYR A 443 -33.29 16.65 22.94
C TYR A 443 -33.07 16.20 21.50
N TYR A 444 -33.09 17.17 20.60
CA TYR A 444 -32.65 16.90 19.23
C TYR A 444 -32.11 18.17 18.59
N MET A 445 -31.21 17.99 17.63
CA MET A 445 -30.76 19.08 16.81
C MET A 445 -31.65 19.13 15.58
N ASN A 446 -32.11 20.31 15.22
CA ASN A 446 -33.03 20.48 14.10
C ASN A 446 -32.37 21.30 13.00
N LYS A 447 -32.40 20.79 11.78
CA LYS A 447 -31.94 21.54 10.61
C LYS A 447 -33.17 21.91 9.77
N PHE A 448 -33.45 23.21 9.66
CA PHE A 448 -34.67 23.67 9.01
C PHE A 448 -34.34 24.49 7.76
N SER A 449 -35.11 24.22 6.70
CA SER A 449 -35.03 24.99 5.48
C SER A 449 -36.42 25.14 4.88
N ASN A 450 -36.65 26.25 4.20
CA ASN A 450 -37.81 26.40 3.31
C ASN A 450 -37.40 27.30 2.15
N LEU A 451 -38.36 27.64 1.29
CA LEU A 451 -38.05 28.39 0.07
C LEU A 451 -37.28 29.67 0.36
N ASP A 452 -37.57 30.32 1.49
CA ASP A 452 -36.97 31.62 1.81
C ASP A 452 -35.93 31.53 2.92
N THR A 453 -35.61 30.33 3.40
CA THR A 453 -34.74 30.16 4.56
C THR A 453 -33.67 29.12 4.24
N PRO A 454 -32.44 29.53 3.95
CA PRO A 454 -31.34 28.57 3.97
C PRO A 454 -31.18 28.04 5.39
N MET A 455 -30.44 26.95 5.52
CA MET A 455 -30.19 26.28 6.79
C MET A 455 -30.35 27.11 8.07
N LEU A 456 -31.31 26.74 8.91
CA LEU A 456 -31.44 27.28 10.26
C LEU A 456 -31.30 26.10 11.22
N VAL A 457 -30.22 26.08 11.99
CA VAL A 457 -29.87 24.95 12.84
C VAL A 457 -30.17 25.32 14.29
N THR A 458 -31.01 24.53 14.96
CA THR A 458 -31.40 24.79 16.34
C THR A 458 -31.20 23.53 17.18
N LEU A 459 -31.10 23.77 18.49
CA LEU A 459 -31.28 22.73 19.49
C LEU A 459 -32.67 22.85 20.09
N ASN A 460 -33.30 21.70 20.35
CA ASN A 460 -34.69 21.64 20.78
C ASN A 460 -34.88 20.55 21.82
N ASP A 461 -35.86 20.73 22.70
CA ASP A 461 -36.23 19.65 23.60
C ASP A 461 -37.34 18.83 22.94
N ASN A 462 -37.75 17.74 23.60
CA ASN A 462 -38.63 16.79 22.96
C ASN A 462 -40.09 17.23 22.94
N THR A 463 -40.39 18.46 23.33
CA THR A 463 -41.65 19.08 22.97
C THR A 463 -41.53 19.93 21.73
N GLY A 464 -40.31 20.08 21.19
CA GLY A 464 -40.07 20.90 20.02
C GLY A 464 -39.62 22.30 20.31
N LYS A 465 -39.73 22.74 21.57
CA LYS A 465 -39.33 24.08 21.98
C LYS A 465 -37.88 24.37 21.58
N THR A 466 -37.65 25.52 20.96
CA THR A 466 -36.30 25.92 20.57
C THR A 466 -35.50 26.31 21.80
N LEU A 467 -34.37 25.63 22.02
CA LEU A 467 -33.52 25.93 23.16
C LEU A 467 -32.37 26.86 22.81
N LYS A 468 -31.92 26.85 21.57
CA LYS A 468 -30.77 27.62 21.13
C LYS A 468 -30.72 27.60 19.61
N THR A 469 -30.37 28.72 19.00
CA THR A 469 -30.10 28.78 17.57
C THR A 469 -28.59 28.75 17.36
N LEU A 470 -28.10 27.65 16.78
CA LEU A 470 -26.66 27.48 16.55
C LEU A 470 -26.20 28.18 15.28
N ILE A 471 -27.01 28.03 14.22
CA ILE A 471 -26.63 28.64 12.90
C ILE A 471 -27.90 29.20 12.25
N ASN A 472 -27.85 30.44 11.79
CA ASN A 472 -28.98 31.03 11.07
C ASN A 472 -28.63 31.57 9.70
N ASN A 473 -27.35 31.51 9.31
CA ASN A 473 -26.91 31.88 7.97
C ASN A 473 -27.27 33.31 7.61
N ASP A 474 -27.18 34.22 8.60
CA ASP A 474 -27.41 35.64 8.31
C ASP A 474 -26.42 36.15 7.27
N GLN A 475 -25.17 35.69 7.34
CA GLN A 475 -24.14 36.15 6.41
C GLN A 475 -24.50 35.79 4.97
N LEU A 476 -24.94 34.55 4.73
CA LEU A 476 -25.38 34.17 3.41
C LEU A 476 -26.59 35.00 2.98
N LYS A 477 -27.54 35.22 3.89
CA LYS A 477 -28.67 36.09 3.60
C LYS A 477 -28.18 37.47 3.17
N GLN A 478 -27.23 38.03 3.90
CA GLN A 478 -26.65 39.31 3.56
C GLN A 478 -26.04 39.28 2.16
N THR A 479 -25.18 38.28 1.91
CA THR A 479 -24.56 38.15 0.60
C THR A 479 -25.60 38.13 -0.51
N LEU A 480 -26.67 37.35 -0.31
CA LEU A 480 -27.66 37.19 -1.37
C LEU A 480 -28.46 38.47 -1.58
N SER A 481 -28.62 39.29 -0.55
CA SER A 481 -29.41 40.52 -0.67
C SER A 481 -28.84 41.44 -1.73
N GLY A 482 -27.56 41.35 -2.02
CA GLY A 482 -26.92 42.17 -3.02
C GLY A 482 -27.04 41.66 -4.45
N TYR A 483 -27.78 40.58 -4.68
CA TYR A 483 -27.94 39.99 -6.01
C TYR A 483 -29.42 39.94 -6.37
N ALA A 484 -29.68 40.02 -7.68
CA ALA A 484 -31.04 39.89 -8.20
C ALA A 484 -31.35 38.40 -8.34
N ILE A 485 -32.02 37.84 -7.34
CA ILE A 485 -32.26 36.40 -7.24
C ILE A 485 -33.71 36.13 -7.62
N PRO A 486 -33.98 35.42 -8.71
CA PRO A 486 -35.36 34.99 -8.96
C PRO A 486 -35.89 34.12 -7.84
N GLN A 487 -37.19 34.22 -7.59
CA GLN A 487 -37.82 33.58 -6.44
C GLN A 487 -38.78 32.47 -6.88
N LYS A 488 -38.71 31.35 -6.19
CA LYS A 488 -39.66 30.26 -6.41
C LYS A 488 -40.98 30.55 -5.71
N GLU A 489 -42.07 30.09 -6.32
CA GLU A 489 -43.33 30.02 -5.59
C GLU A 489 -44.10 28.80 -6.06
N PHE A 490 -44.87 28.21 -5.14
CA PHE A 490 -45.60 27.00 -5.42
C PHE A 490 -46.92 27.33 -6.11
N PHE A 491 -47.37 26.40 -6.93
CA PHE A 491 -48.67 26.50 -7.57
C PHE A 491 -49.18 25.10 -7.78
N THR A 492 -50.46 24.99 -8.11
CA THR A 492 -51.05 23.73 -8.50
C THR A 492 -51.85 23.98 -9.76
N PHE A 493 -52.11 22.91 -10.49
CA PHE A 493 -52.97 22.97 -11.65
C PHE A 493 -53.57 21.59 -11.81
N GLN A 494 -54.65 21.52 -12.58
CA GLN A 494 -55.37 20.27 -12.80
C GLN A 494 -55.19 19.83 -14.24
N THR A 495 -54.81 18.57 -14.44
CA THR A 495 -54.67 18.04 -15.78
C THR A 495 -56.03 17.84 -16.42
N THR A 496 -56.02 17.58 -17.73
CA THR A 496 -57.27 17.33 -18.43
C THR A 496 -57.98 16.09 -17.91
N ASP A 497 -57.26 15.17 -17.27
CA ASP A 497 -57.85 14.00 -16.63
C ASP A 497 -58.28 14.26 -15.19
N GLY A 498 -58.16 15.49 -14.70
CA GLY A 498 -58.63 15.82 -13.37
C GLY A 498 -57.64 15.61 -12.24
N VAL A 499 -56.37 15.37 -12.53
CA VAL A 499 -55.35 15.18 -11.50
C VAL A 499 -54.78 16.53 -11.13
N THR A 500 -54.73 16.83 -9.82
CA THR A 500 -54.08 18.04 -9.33
C THR A 500 -52.60 17.76 -9.08
N LEU A 501 -51.72 18.53 -9.71
CA LEU A 501 -50.29 18.37 -9.58
C LEU A 501 -49.67 19.58 -8.90
N ASN A 502 -48.63 19.33 -8.10
CA ASN A 502 -47.86 20.41 -7.46
C ASN A 502 -46.68 20.81 -8.33
N GLY A 503 -46.38 22.11 -8.35
CA GLY A 503 -45.21 22.57 -9.07
C GLY A 503 -44.64 23.79 -8.38
N TRP A 504 -43.46 24.20 -8.82
CA TRP A 504 -42.99 25.54 -8.50
C TRP A 504 -42.67 26.29 -9.78
N MET A 505 -42.66 27.62 -9.67
CA MET A 505 -42.41 28.49 -10.80
C MET A 505 -41.48 29.59 -10.34
N MET A 506 -40.42 29.82 -11.10
CA MET A 506 -39.42 30.84 -10.81
C MET A 506 -39.44 31.84 -11.95
N LYS A 507 -39.76 33.10 -11.65
CA LYS A 507 -39.86 34.10 -12.69
C LYS A 507 -38.67 35.05 -12.64
N PRO A 508 -38.24 35.61 -13.78
CA PRO A 508 -37.15 36.59 -13.74
C PRO A 508 -37.55 37.77 -12.85
N ALA A 509 -36.55 38.34 -12.17
CA ALA A 509 -36.83 39.47 -11.28
C ALA A 509 -37.39 40.67 -12.05
N ASN A 510 -37.35 40.63 -13.38
CA ASN A 510 -37.92 41.64 -14.26
C ASN A 510 -39.41 41.48 -14.47
N PHE A 511 -40.03 40.43 -13.93
CA PHE A 511 -41.25 39.89 -14.50
C PHE A 511 -42.35 40.93 -14.63
N SER A 512 -43.11 40.83 -15.73
CA SER A 512 -44.26 41.67 -15.97
C SER A 512 -45.29 40.85 -16.75
N THR A 513 -46.55 40.93 -16.32
CA THR A 513 -47.62 40.28 -17.09
C THR A 513 -47.80 40.90 -18.47
N SER A 514 -47.17 42.05 -18.73
CA SER A 514 -47.22 42.66 -20.05
C SER A 514 -46.52 41.80 -21.11
N LYS A 515 -45.45 41.11 -20.72
CA LYS A 515 -44.56 40.46 -21.67
C LYS A 515 -44.83 38.96 -21.74
N LYS A 516 -44.36 38.37 -22.84
CA LYS A 516 -44.41 36.93 -23.01
C LYS A 516 -42.99 36.36 -22.85
N TYR A 517 -42.90 35.24 -22.14
CA TYR A 517 -41.59 34.72 -21.76
C TYR A 517 -41.39 33.30 -22.30
N PRO A 518 -40.14 32.94 -22.63
CA PRO A 518 -39.84 31.53 -22.84
C PRO A 518 -39.82 30.80 -21.51
N VAL A 519 -40.02 29.48 -21.57
CA VAL A 519 -40.12 28.65 -20.37
C VAL A 519 -39.13 27.50 -20.45
N LEU A 520 -38.41 27.25 -19.35
CA LEU A 520 -37.61 26.05 -19.15
C LEU A 520 -38.28 25.19 -18.10
N MET A 521 -38.67 23.98 -18.48
CA MET A 521 -39.22 23.00 -17.54
C MET A 521 -38.10 22.07 -17.07
N TYR A 522 -37.94 21.97 -15.76
CA TYR A 522 -37.05 21.00 -15.14
C TYR A 522 -37.89 19.92 -14.45
N GLN A 523 -37.46 18.67 -14.53
CA GLN A 523 -38.11 17.63 -13.75
C GLN A 523 -37.13 16.47 -13.55
N TYR A 524 -37.48 15.59 -12.61
CA TYR A 524 -36.80 14.31 -12.43
C TYR A 524 -37.73 13.16 -12.72
N SER A 525 -38.87 13.08 -12.01
CA SER A 525 -40.06 12.31 -12.37
C SER A 525 -39.98 10.83 -11.99
N GLY A 526 -38.86 10.34 -11.47
CA GLY A 526 -38.68 8.94 -11.17
C GLY A 526 -39.56 8.45 -10.02
N PRO A 527 -39.84 7.14 -9.99
CA PRO A 527 -40.82 6.60 -9.02
C PRO A 527 -40.50 6.95 -7.59
N GLY A 528 -41.46 7.57 -6.91
CA GLY A 528 -41.32 7.94 -5.52
C GLY A 528 -40.48 9.18 -5.24
N SER A 529 -39.83 9.77 -6.24
CA SER A 529 -39.03 10.97 -6.05
C SER A 529 -39.92 12.21 -5.93
N GLN A 530 -39.33 13.28 -5.37
CA GLN A 530 -39.97 14.59 -5.37
C GLN A 530 -38.92 15.67 -5.61
N GLN A 531 -39.20 16.58 -6.56
CA GLN A 531 -38.41 17.79 -6.70
C GLN A 531 -39.12 19.04 -6.21
N VAL A 532 -40.43 18.99 -6.03
CA VAL A 532 -41.21 20.16 -5.65
C VAL A 532 -41.36 20.09 -4.14
N LEU A 533 -40.45 20.75 -3.43
CA LEU A 533 -40.35 20.65 -1.98
C LEU A 533 -40.07 22.03 -1.39
N ASP A 534 -40.63 22.24 -0.20
CA ASP A 534 -40.44 23.49 0.56
C ASP A 534 -39.09 23.44 1.25
N THR A 535 -38.03 23.67 0.47
CA THR A 535 -36.65 23.68 0.94
C THR A 535 -35.84 24.59 0.02
N TRP A 536 -34.72 25.10 0.54
CA TRP A 536 -34.01 26.20 -0.11
C TRP A 536 -32.93 25.70 -1.07
N GLY A 537 -32.80 26.37 -2.20
CA GLY A 537 -31.65 26.11 -3.05
C GLY A 537 -31.43 27.15 -4.13
N ILE A 538 -30.19 27.27 -4.59
CA ILE A 538 -29.87 28.09 -5.75
C ILE A 538 -29.14 27.19 -6.74
N SER A 539 -29.66 27.10 -7.96
CA SER A 539 -29.28 26.06 -8.90
C SER A 539 -29.11 26.68 -10.28
N TRP A 540 -28.72 25.86 -11.25
CA TRP A 540 -28.69 26.33 -12.64
C TRP A 540 -30.07 26.83 -13.07
N GLU A 541 -31.14 26.25 -12.53
CA GLU A 541 -32.48 26.76 -12.83
C GLU A 541 -32.62 28.22 -12.39
N THR A 542 -32.10 28.55 -11.20
CA THR A 542 -32.09 29.94 -10.75
C THR A 542 -31.39 30.85 -11.75
N TYR A 543 -30.26 30.36 -12.30
CA TYR A 543 -29.49 31.16 -13.24
C TYR A 543 -30.28 31.42 -14.52
N MET A 544 -30.89 30.37 -15.07
CA MET A 544 -31.69 30.55 -16.28
C MET A 544 -32.82 31.54 -16.06
N ALA A 545 -33.52 31.45 -14.93
CA ALA A 545 -34.53 32.45 -14.61
C ALA A 545 -33.94 33.86 -14.63
N SER A 546 -32.73 34.00 -14.05
CA SER A 546 -32.04 35.29 -14.02
C SER A 546 -31.64 35.77 -15.39
N LEU A 547 -31.62 34.89 -16.39
CA LEU A 547 -31.41 35.30 -17.79
C LEU A 547 -32.71 35.64 -18.49
N GLY A 548 -33.85 35.56 -17.82
CA GLY A 548 -35.11 35.92 -18.42
C GLY A 548 -36.02 34.78 -18.81
N TYR A 549 -35.72 33.55 -18.38
CA TYR A 549 -36.65 32.44 -18.56
C TYR A 549 -37.57 32.33 -17.37
N ILE A 550 -38.82 31.96 -17.62
CA ILE A 550 -39.65 31.41 -16.56
C ILE A 550 -39.28 29.95 -16.41
N VAL A 551 -38.94 29.52 -15.20
CA VAL A 551 -38.55 28.14 -14.94
C VAL A 551 -39.62 27.47 -14.09
N VAL A 552 -40.06 26.28 -14.51
CA VAL A 552 -41.13 25.55 -13.86
C VAL A 552 -40.67 24.12 -13.61
N CYS A 553 -41.11 23.57 -12.48
CA CYS A 553 -40.92 22.17 -12.17
C CYS A 553 -42.23 21.60 -11.63
N VAL A 554 -42.73 20.52 -12.22
CA VAL A 554 -43.94 19.84 -11.74
C VAL A 554 -43.60 18.38 -11.46
N ASP A 555 -44.04 17.88 -10.31
CA ASP A 555 -43.97 16.46 -9.97
C ASP A 555 -45.25 15.81 -10.50
N GLY A 556 -45.11 15.01 -11.56
CA GLY A 556 -46.27 14.35 -12.14
C GLY A 556 -46.62 13.07 -11.41
N ARG A 557 -47.62 12.36 -11.94
CA ARG A 557 -47.97 11.05 -11.40
C ARG A 557 -46.74 10.16 -11.37
N GLY A 558 -46.68 9.29 -10.36
CA GLY A 558 -45.53 8.44 -10.14
C GLY A 558 -44.52 8.99 -9.15
N THR A 559 -44.57 10.29 -8.85
CA THR A 559 -43.71 10.87 -7.84
C THR A 559 -44.21 10.47 -6.44
N GLY A 560 -43.36 10.72 -5.43
CA GLY A 560 -43.64 10.28 -4.08
C GLY A 560 -44.36 11.32 -3.24
N GLY A 561 -44.58 10.97 -1.97
CA GLY A 561 -45.15 11.89 -1.01
C GLY A 561 -46.67 11.92 -0.99
N ARG A 562 -47.34 11.29 -1.94
CA ARG A 562 -48.80 11.37 -2.05
C ARG A 562 -49.46 10.01 -1.92
N GLY A 563 -48.75 9.01 -1.39
CA GLY A 563 -49.32 7.70 -1.16
C GLY A 563 -49.05 6.73 -2.30
N GLU A 564 -49.37 5.46 -2.03
CA GLU A 564 -49.02 4.37 -2.93
C GLU A 564 -49.78 4.45 -4.25
N ALA A 565 -51.08 4.79 -4.22
CA ALA A 565 -51.84 4.86 -5.45
C ALA A 565 -51.24 5.86 -6.43
N PHE A 566 -50.80 7.02 -5.93
CA PHE A 566 -50.26 8.06 -6.79
C PHE A 566 -48.88 7.69 -7.33
N GLU A 567 -48.04 7.05 -6.50
CA GLU A 567 -46.70 6.67 -6.96
C GLU A 567 -46.76 5.48 -7.89
N LYS A 568 -47.54 4.45 -7.54
CA LYS A 568 -47.42 3.18 -8.19
C LYS A 568 -48.46 2.96 -9.26
N CYS A 569 -49.18 4.01 -9.67
CA CYS A 569 -50.04 3.86 -10.84
C CYS A 569 -49.22 3.64 -12.12
N THR A 570 -47.90 3.79 -12.07
CA THR A 570 -47.04 3.54 -13.23
C THR A 570 -46.58 2.09 -13.36
N TYR A 571 -46.98 1.22 -12.42
CA TYR A 571 -46.36 -0.09 -12.26
C TYR A 571 -46.52 -0.93 -13.52
N LEU A 572 -45.43 -1.54 -13.97
CA LEU A 572 -45.28 -2.36 -15.17
C LEU A 572 -45.31 -1.55 -16.46
N LYS A 573 -45.45 -0.22 -16.40
CA LYS A 573 -45.41 0.58 -17.62
C LYS A 573 -44.97 2.00 -17.26
N ILE A 574 -43.74 2.13 -16.75
CA ILE A 574 -43.25 3.43 -16.27
C ILE A 574 -42.97 4.35 -17.45
N GLY A 575 -42.78 5.65 -17.15
CA GLY A 575 -42.49 6.67 -18.15
C GLY A 575 -43.71 7.23 -18.85
N VAL A 576 -44.67 6.35 -19.16
CA VAL A 576 -45.77 6.72 -20.04
C VAL A 576 -46.65 7.80 -19.39
N LYS A 577 -47.13 7.56 -18.17
CA LYS A 577 -47.99 8.54 -17.52
C LYS A 577 -47.20 9.79 -17.12
N GLU A 578 -45.95 9.62 -16.68
CA GLU A 578 -45.13 10.78 -16.33
C GLU A 578 -44.97 11.71 -17.53
N ALA A 579 -44.74 11.15 -18.73
CA ALA A 579 -44.56 12.00 -19.91
C ALA A 579 -45.84 12.75 -20.27
N LYS A 580 -46.99 12.10 -20.05
CA LYS A 580 -48.29 12.76 -20.31
C LYS A 580 -48.41 13.98 -19.40
N ASP A 581 -47.97 13.88 -18.14
CA ASP A 581 -48.13 14.96 -17.20
C ASP A 581 -47.17 16.09 -17.48
N GLN A 582 -45.97 15.80 -18.00
CA GLN A 582 -45.12 16.89 -18.45
C GLN A 582 -45.75 17.60 -19.64
N VAL A 583 -46.34 16.84 -20.58
CA VAL A 583 -47.05 17.45 -21.69
C VAL A 583 -48.21 18.31 -21.18
N GLU A 584 -48.99 17.79 -20.22
CA GLU A 584 -50.07 18.56 -19.63
C GLU A 584 -49.54 19.82 -18.98
N THR A 585 -48.38 19.73 -18.36
CA THR A 585 -47.78 20.90 -17.74
C THR A 585 -47.44 21.96 -18.80
N ALA A 586 -46.80 21.53 -19.91
CA ALA A 586 -46.53 22.46 -21.00
C ALA A 586 -47.82 23.08 -21.54
N LEU A 587 -48.89 22.29 -21.66
CA LEU A 587 -50.14 22.83 -22.19
C LEU A 587 -50.75 23.85 -21.23
N TYR A 588 -50.72 23.56 -19.92
CA TYR A 588 -51.18 24.53 -18.94
C TYR A 588 -50.36 25.81 -19.03
N LEU A 589 -49.03 25.68 -19.09
CA LEU A 589 -48.20 26.88 -19.20
C LEU A 589 -48.50 27.64 -20.49
N GLY A 590 -48.72 26.92 -21.60
CA GLY A 590 -48.98 27.57 -22.87
C GLY A 590 -50.25 28.40 -22.87
N LYS A 591 -51.19 28.10 -21.97
CA LYS A 591 -52.41 28.87 -21.82
C LYS A 591 -52.21 30.17 -21.06
N GLN A 592 -51.12 30.32 -20.34
CA GLN A 592 -50.95 31.52 -19.53
C GLN A 592 -50.57 32.70 -20.42
N PRO A 593 -51.15 33.88 -20.17
CA PRO A 593 -50.95 35.01 -21.09
C PRO A 593 -49.51 35.47 -21.18
N TYR A 594 -48.70 35.22 -20.15
CA TYR A 594 -47.32 35.69 -20.09
C TYR A 594 -46.32 34.65 -20.56
N VAL A 595 -46.78 33.55 -21.17
CA VAL A 595 -45.91 32.48 -21.63
C VAL A 595 -45.99 32.41 -23.15
N ASP A 596 -44.83 32.38 -23.81
CA ASP A 596 -44.78 32.10 -25.23
C ASP A 596 -44.79 30.59 -25.41
N LYS A 597 -45.94 30.05 -25.81
CA LYS A 597 -46.09 28.61 -26.00
C LYS A 597 -45.21 28.04 -27.11
N ASP A 598 -44.65 28.87 -27.98
CA ASP A 598 -43.75 28.36 -29.00
C ASP A 598 -42.32 28.25 -28.50
N ARG A 599 -42.06 28.67 -27.26
CA ARG A 599 -40.72 28.65 -26.69
C ARG A 599 -40.74 27.97 -25.31
N ILE A 600 -41.15 26.71 -25.27
CA ILE A 600 -41.10 25.91 -24.05
C ILE A 600 -40.09 24.79 -24.22
N GLY A 601 -39.12 24.71 -23.30
CA GLY A 601 -38.13 23.66 -23.29
C GLY A 601 -38.21 22.84 -22.01
N ILE A 602 -37.56 21.68 -22.05
CA ILE A 602 -37.60 20.74 -20.94
C ILE A 602 -36.24 20.08 -20.80
N TRP A 603 -35.87 19.72 -19.58
CA TRP A 603 -34.57 19.08 -19.34
C TRP A 603 -34.61 18.29 -18.04
N GLY A 604 -33.67 17.35 -17.93
CA GLY A 604 -33.51 16.58 -16.72
C GLY A 604 -32.28 15.70 -16.83
N TRP A 605 -31.96 15.06 -15.71
CA TRP A 605 -30.75 14.26 -15.54
C TRP A 605 -31.16 12.91 -14.99
N SER A 606 -30.55 11.83 -15.51
CA SER A 606 -30.87 10.47 -15.12
C SER A 606 -32.30 10.13 -15.54
N TYR A 607 -33.17 9.70 -14.61
CA TYR A 607 -34.57 9.53 -14.96
C TYR A 607 -35.15 10.79 -15.58
N GLY A 608 -34.72 11.97 -15.11
CA GLY A 608 -35.17 13.20 -15.72
C GLY A 608 -34.68 13.37 -17.15
N GLY A 609 -33.54 12.78 -17.48
CA GLY A 609 -33.12 12.76 -18.87
C GLY A 609 -33.97 11.81 -19.70
N TYR A 610 -34.25 10.62 -19.16
CA TYR A 610 -35.17 9.73 -19.83
C TYR A 610 -36.53 10.39 -20.06
N MET A 611 -36.99 11.19 -19.08
CA MET A 611 -38.30 11.81 -19.18
C MET A 611 -38.32 12.95 -20.19
N THR A 612 -37.19 13.64 -20.36
CA THR A 612 -37.05 14.60 -21.45
C THR A 612 -37.32 13.92 -22.79
N LEU A 613 -36.66 12.78 -23.02
CA LEU A 613 -36.90 12.01 -24.24
C LEU A 613 -38.36 11.58 -24.36
N MET A 614 -38.92 11.01 -23.29
CA MET A 614 -40.30 10.52 -23.39
C MET A 614 -41.28 11.67 -23.63
N SER A 615 -41.03 12.82 -23.00
CA SER A 615 -41.94 13.95 -23.11
C SER A 615 -41.87 14.60 -24.48
N MET A 616 -40.66 14.71 -25.05
CA MET A 616 -40.50 15.30 -26.37
C MET A 616 -40.97 14.38 -27.48
N SER A 617 -41.19 13.10 -27.19
CA SER A 617 -41.71 12.17 -28.20
C SER A 617 -43.07 11.60 -27.80
N GLU A 618 -43.80 12.30 -26.93
CA GLU A 618 -45.11 11.84 -26.47
C GLU A 618 -46.17 11.90 -27.57
N GLY A 619 -45.97 12.70 -28.60
CA GLY A 619 -46.91 12.83 -29.69
C GLY A 619 -47.56 14.19 -29.81
N THR A 620 -47.60 14.95 -28.72
CA THR A 620 -48.12 16.32 -28.75
C THR A 620 -46.96 17.27 -28.86
N PRO A 621 -46.85 18.07 -29.94
CA PRO A 621 -45.59 18.77 -30.26
C PRO A 621 -45.45 20.08 -29.49
N VAL A 622 -45.27 19.98 -28.17
CA VAL A 622 -45.30 21.15 -27.31
C VAL A 622 -43.93 21.69 -26.93
N PHE A 623 -42.86 20.92 -27.15
CA PHE A 623 -41.53 21.35 -26.75
C PHE A 623 -40.72 21.80 -27.95
N LYS A 624 -40.08 22.97 -27.82
CA LYS A 624 -39.20 23.52 -28.85
C LYS A 624 -37.77 22.97 -28.74
N ALA A 625 -37.32 22.64 -27.53
CA ALA A 625 -35.96 22.17 -27.30
C ALA A 625 -35.92 21.40 -25.98
N GLY A 626 -34.88 20.59 -25.82
CA GLY A 626 -34.73 19.82 -24.60
C GLY A 626 -33.31 19.28 -24.48
N VAL A 627 -32.92 18.98 -23.25
CA VAL A 627 -31.61 18.40 -22.95
C VAL A 627 -31.79 17.19 -22.05
N ALA A 628 -31.28 16.04 -22.47
CA ALA A 628 -31.33 14.80 -21.70
C ALA A 628 -29.91 14.47 -21.26
N VAL A 629 -29.66 14.50 -19.94
CA VAL A 629 -28.34 14.21 -19.40
C VAL A 629 -28.36 12.83 -18.77
N ALA A 630 -27.39 11.99 -19.17
CA ALA A 630 -27.19 10.65 -18.60
C ALA A 630 -28.50 9.86 -18.56
N ALA A 631 -29.21 9.82 -19.71
CA ALA A 631 -30.57 9.30 -19.75
C ALA A 631 -30.58 7.80 -20.07
N PRO A 632 -31.30 6.99 -19.27
CA PRO A 632 -31.69 5.65 -19.73
C PRO A 632 -32.59 5.79 -20.95
N THR A 633 -32.52 4.82 -21.87
CA THR A 633 -33.27 4.96 -23.11
C THR A 633 -34.11 3.73 -23.39
N ASP A 634 -33.61 2.57 -22.99
CA ASP A 634 -34.39 1.34 -22.93
C ASP A 634 -34.11 0.66 -21.59
N TRP A 635 -35.17 0.24 -20.90
CA TRP A 635 -35.00 -0.34 -19.56
C TRP A 635 -34.28 -1.68 -19.60
N ARG A 636 -34.22 -2.34 -20.76
CA ARG A 636 -33.41 -3.55 -20.78
C ARG A 636 -31.93 -3.25 -20.63
N PHE A 637 -31.49 -1.99 -20.76
CA PHE A 637 -30.09 -1.64 -20.54
C PHE A 637 -29.77 -1.40 -19.07
N TYR A 638 -30.77 -1.22 -18.23
CA TYR A 638 -30.51 -0.81 -16.86
C TYR A 638 -30.52 -2.04 -15.95
N ASP A 639 -30.22 -1.82 -14.67
CA ASP A 639 -29.83 -2.91 -13.78
C ASP A 639 -31.07 -3.68 -13.27
N THR A 640 -30.81 -4.82 -12.63
CA THR A 640 -31.88 -5.68 -12.17
C THR A 640 -32.76 -5.00 -11.13
N ILE A 641 -32.17 -4.62 -9.99
CA ILE A 641 -33.01 -4.36 -8.82
C ILE A 641 -33.93 -3.17 -9.04
N TYR A 642 -33.40 -2.09 -9.63
CA TYR A 642 -34.23 -0.92 -9.86
C TYR A 642 -35.26 -1.20 -10.94
N THR A 643 -34.80 -1.63 -12.12
CA THR A 643 -35.71 -1.80 -13.25
C THR A 643 -36.81 -2.78 -12.93
N GLU A 644 -36.45 -3.95 -12.39
CA GLU A 644 -37.44 -4.99 -12.15
C GLU A 644 -38.39 -4.63 -11.00
N ARG A 645 -37.95 -3.78 -10.06
CA ARG A 645 -38.87 -3.32 -9.03
C ARG A 645 -40.13 -2.71 -9.64
N PHE A 646 -39.98 -1.94 -10.71
CA PHE A 646 -41.11 -1.27 -11.32
C PHE A 646 -41.65 -1.98 -12.55
N MET A 647 -40.88 -2.90 -13.14
CA MET A 647 -41.21 -3.45 -14.44
C MET A 647 -41.16 -4.97 -14.52
N ARG A 648 -40.72 -5.66 -13.46
CA ARG A 648 -40.40 -7.09 -13.56
C ARG A 648 -39.39 -7.31 -14.69
N THR A 649 -39.25 -8.57 -15.19
CA THR A 649 -38.19 -8.81 -16.17
C THR A 649 -38.67 -8.59 -17.61
N PRO A 650 -37.73 -8.42 -18.55
CA PRO A 650 -38.15 -8.25 -19.95
C PRO A 650 -39.02 -9.39 -20.47
N LYS A 651 -38.71 -10.65 -20.15
CA LYS A 651 -39.50 -11.74 -20.71
C LYS A 651 -40.89 -11.85 -20.07
N GLU A 652 -41.03 -11.39 -18.82
CA GLU A 652 -42.34 -11.41 -18.17
C GLU A 652 -43.24 -10.28 -18.64
N ASN A 653 -42.66 -9.16 -19.08
CA ASN A 653 -43.39 -7.92 -19.31
C ASN A 653 -42.91 -7.29 -20.61
N ALA A 654 -42.92 -8.09 -21.68
CA ALA A 654 -42.40 -7.61 -22.96
C ALA A 654 -43.17 -6.39 -23.45
N GLU A 655 -44.49 -6.36 -23.24
CA GLU A 655 -45.24 -5.23 -23.76
C GLU A 655 -45.06 -3.99 -22.91
N GLY A 656 -44.80 -4.16 -21.60
CA GLY A 656 -44.44 -3.00 -20.79
C GLY A 656 -43.10 -2.40 -21.16
N TYR A 657 -42.09 -3.25 -21.38
CA TYR A 657 -40.77 -2.73 -21.76
C TYR A 657 -40.85 -1.99 -23.10
N LYS A 658 -41.67 -2.50 -24.02
CA LYS A 658 -41.83 -1.83 -25.31
C LYS A 658 -42.48 -0.45 -25.14
N GLU A 659 -43.58 -0.37 -24.38
CA GLU A 659 -44.29 0.90 -24.26
C GLU A 659 -43.51 1.91 -23.43
N SER A 660 -42.67 1.44 -22.51
CA SER A 660 -41.83 2.33 -21.70
C SER A 660 -40.52 2.73 -22.39
N SER A 661 -40.18 2.10 -23.50
CA SER A 661 -38.89 2.41 -24.16
C SER A 661 -38.95 3.73 -24.90
N ALA A 662 -37.89 4.54 -24.73
CA ALA A 662 -37.76 5.75 -25.55
C ALA A 662 -37.59 5.44 -27.02
N PHE A 663 -37.13 4.23 -27.38
CA PHE A 663 -36.95 3.87 -28.78
C PHE A 663 -38.30 3.77 -29.50
N THR A 664 -39.28 3.15 -28.82
CA THR A 664 -40.57 2.87 -29.44
C THR A 664 -41.22 4.13 -29.98
N ARG A 665 -41.11 5.23 -29.25
CA ARG A 665 -41.78 6.47 -29.62
C ARG A 665 -40.84 7.49 -30.28
N ALA A 666 -39.61 7.09 -30.60
CA ALA A 666 -38.61 8.07 -31.09
C ALA A 666 -39.04 8.72 -32.40
N ASP A 667 -39.81 8.01 -33.23
CA ASP A 667 -40.27 8.62 -34.47
C ASP A 667 -41.12 9.87 -34.25
N LYS A 668 -41.67 10.05 -33.04
CA LYS A 668 -42.44 11.23 -32.69
C LYS A 668 -41.63 12.33 -32.00
N LEU A 669 -40.31 12.17 -31.90
CA LEU A 669 -39.48 13.19 -31.28
C LEU A 669 -39.70 14.55 -31.97
N HIS A 670 -40.03 15.56 -31.18
CA HIS A 670 -40.30 16.88 -31.72
C HIS A 670 -39.58 17.92 -30.87
N GLY A 671 -38.85 18.81 -31.53
CA GLY A 671 -38.04 19.81 -30.89
C GLY A 671 -36.55 19.48 -31.02
N ASN A 672 -35.72 20.46 -30.68
CA ASN A 672 -34.26 20.31 -30.81
C ASN A 672 -33.72 19.68 -29.54
N LEU A 673 -33.04 18.54 -29.68
CA LEU A 673 -32.58 17.75 -28.54
C LEU A 673 -31.06 17.77 -28.44
N LEU A 674 -30.57 17.89 -27.20
CA LEU A 674 -29.15 17.70 -26.88
C LEU A 674 -29.02 16.50 -25.95
N LEU A 675 -28.25 15.50 -26.37
CA LEU A 675 -27.91 14.35 -25.55
C LEU A 675 -26.56 14.57 -24.90
N VAL A 676 -26.50 14.43 -23.58
CA VAL A 676 -25.27 14.54 -22.81
C VAL A 676 -25.05 13.25 -22.03
N HIS A 677 -23.81 12.77 -22.02
CA HIS A 677 -23.52 11.54 -21.28
C HIS A 677 -22.04 11.49 -20.92
N GLY A 678 -21.75 10.99 -19.72
CA GLY A 678 -20.38 10.59 -19.39
C GLY A 678 -20.10 9.20 -19.94
N MET A 679 -18.95 9.03 -20.60
CA MET A 679 -18.67 7.75 -21.24
C MET A 679 -18.27 6.66 -20.25
N ALA A 680 -17.77 7.05 -19.06
CA ALA A 680 -17.47 6.10 -17.99
C ALA A 680 -18.61 6.00 -16.96
N ASP A 681 -19.84 6.20 -17.40
CA ASP A 681 -20.99 6.08 -16.50
C ASP A 681 -21.16 4.62 -16.11
N ASP A 682 -20.92 4.30 -14.84
CA ASP A 682 -21.11 2.95 -14.31
C ASP A 682 -22.54 2.67 -13.88
N ASN A 683 -23.42 3.67 -13.98
CA ASN A 683 -24.79 3.58 -13.48
C ASN A 683 -25.74 3.45 -14.67
N VAL A 684 -25.96 4.54 -15.40
CA VAL A 684 -26.64 4.53 -16.69
C VAL A 684 -25.55 4.44 -17.75
N HIS A 685 -25.34 3.25 -18.29
CA HIS A 685 -24.25 2.99 -19.22
C HIS A 685 -24.34 3.90 -20.44
N PHE A 686 -23.16 4.36 -20.90
CA PHE A 686 -23.07 5.11 -22.14
C PHE A 686 -23.76 4.38 -23.28
N GLN A 687 -23.82 3.04 -23.22
CA GLN A 687 -24.58 2.25 -24.18
C GLN A 687 -25.99 2.81 -24.42
N ASN A 688 -26.66 3.28 -23.37
CA ASN A 688 -27.98 3.87 -23.52
C ASN A 688 -27.95 4.96 -24.58
N CYS A 689 -26.99 5.88 -24.46
CA CYS A 689 -26.89 7.02 -25.37
C CYS A 689 -26.45 6.55 -26.76
N ALA A 690 -25.46 5.66 -26.84
CA ALA A 690 -24.95 5.25 -28.15
C ALA A 690 -26.02 4.51 -28.97
N GLU A 691 -26.82 3.66 -28.32
CA GLU A 691 -27.83 2.90 -29.05
C GLU A 691 -28.99 3.79 -29.46
N TYR A 692 -29.38 4.72 -28.58
CA TYR A 692 -30.48 5.63 -28.89
C TYR A 692 -30.08 6.65 -29.96
N ALA A 693 -28.86 7.19 -29.87
CA ALA A 693 -28.37 8.07 -30.94
C ALA A 693 -28.47 7.39 -32.30
N GLU A 694 -28.07 6.12 -32.37
CA GLU A 694 -28.07 5.44 -33.66
C GLU A 694 -29.51 5.22 -34.16
N HIS A 695 -30.43 4.91 -33.26
CA HIS A 695 -31.82 4.79 -33.68
C HIS A 695 -32.32 6.11 -34.26
N LEU A 696 -31.97 7.24 -33.62
CA LEU A 696 -32.34 8.55 -34.14
C LEU A 696 -31.70 8.81 -35.51
N VAL A 697 -30.44 8.40 -35.69
CA VAL A 697 -29.77 8.59 -36.99
C VAL A 697 -30.57 7.89 -38.09
N GLN A 698 -30.99 6.65 -37.85
CA GLN A 698 -31.67 5.90 -38.91
C GLN A 698 -33.09 6.41 -39.14
N LEU A 699 -33.73 7.01 -38.12
CA LEU A 699 -35.01 7.69 -38.32
C LEU A 699 -34.85 9.02 -39.06
N GLY A 700 -33.64 9.54 -39.14
CA GLY A 700 -33.42 10.85 -39.74
C GLY A 700 -33.63 12.03 -38.83
N LYS A 701 -33.69 11.80 -37.51
CA LYS A 701 -33.86 12.91 -36.56
C LYS A 701 -32.51 13.60 -36.34
N GLN A 702 -32.54 14.93 -36.35
CA GLN A 702 -31.36 15.73 -36.05
C GLN A 702 -31.32 16.05 -34.56
N PHE A 703 -30.12 16.07 -33.99
CA PHE A 703 -29.93 16.32 -32.57
C PHE A 703 -28.46 16.66 -32.36
N ASP A 704 -28.16 17.24 -31.20
CA ASP A 704 -26.80 17.56 -30.78
C ASP A 704 -26.32 16.54 -29.75
N MET A 705 -25.00 16.45 -29.59
CA MET A 705 -24.43 15.58 -28.55
C MET A 705 -23.30 16.30 -27.83
N GLN A 706 -23.10 15.90 -26.57
CA GLN A 706 -21.90 16.28 -25.81
C GLN A 706 -21.54 15.08 -24.94
N VAL A 707 -20.45 14.38 -25.27
CA VAL A 707 -20.04 13.23 -24.49
C VAL A 707 -18.74 13.56 -23.77
N TYR A 708 -18.68 13.18 -22.49
CA TYR A 708 -17.60 13.57 -21.61
C TYR A 708 -16.70 12.38 -21.33
N THR A 709 -15.42 12.50 -21.64
CA THR A 709 -14.55 11.33 -21.52
C THR A 709 -14.17 11.09 -20.07
N ASN A 710 -14.18 9.82 -19.70
CA ASN A 710 -13.87 9.32 -18.37
C ASN A 710 -14.85 9.80 -17.30
N ARG A 711 -15.99 10.37 -17.66
CA ARG A 711 -16.89 10.88 -16.65
C ARG A 711 -18.01 9.89 -16.34
N ASN A 712 -18.47 9.92 -15.09
CA ASN A 712 -19.47 8.96 -14.63
C ASN A 712 -20.85 9.61 -14.58
N HIS A 713 -21.75 9.05 -13.76
CA HIS A 713 -23.12 9.55 -13.73
C HIS A 713 -23.20 10.98 -13.20
N GLY A 714 -22.22 11.43 -12.41
CA GLY A 714 -22.24 12.79 -11.92
C GLY A 714 -21.61 13.82 -12.82
N ILE A 715 -20.97 13.39 -13.93
CA ILE A 715 -20.28 14.26 -14.89
C ILE A 715 -19.60 15.45 -14.22
N TYR A 716 -18.45 15.21 -13.58
CA TYR A 716 -17.75 16.28 -12.89
C TYR A 716 -16.26 16.02 -12.94
N GLY A 717 -15.48 17.05 -12.64
CA GLY A 717 -14.04 16.92 -12.55
C GLY A 717 -13.33 18.08 -13.21
N GLY A 718 -12.56 18.85 -12.43
CA GLY A 718 -11.94 20.04 -13.00
C GLY A 718 -13.01 21.00 -13.46
N ASN A 719 -12.86 21.50 -14.69
CA ASN A 719 -13.78 22.47 -15.31
C ASN A 719 -15.07 21.81 -15.85
N THR A 720 -15.28 20.51 -15.63
CA THR A 720 -16.34 19.79 -16.33
C THR A 720 -17.72 20.39 -16.04
N ARG A 721 -18.06 20.60 -14.76
CA ARG A 721 -19.41 21.08 -14.43
C ARG A 721 -19.66 22.48 -14.98
N GLN A 722 -18.68 23.37 -14.89
CA GLN A 722 -18.84 24.69 -15.47
C GLN A 722 -18.98 24.61 -16.99
N HIS A 723 -18.21 23.72 -17.63
CA HIS A 723 -18.36 23.54 -19.06
C HIS A 723 -19.73 22.98 -19.40
N LEU A 724 -20.17 21.96 -18.66
CA LEU A 724 -21.44 21.32 -18.96
C LEU A 724 -22.61 22.29 -18.80
N TYR A 725 -22.64 23.06 -17.71
CA TYR A 725 -23.78 23.95 -17.57
C TYR A 725 -23.68 25.19 -18.45
N THR A 726 -22.47 25.58 -18.89
CA THR A 726 -22.37 26.57 -19.96
C THR A 726 -22.96 26.03 -21.26
N ARG A 727 -22.65 24.78 -21.57
CA ARG A 727 -23.21 24.13 -22.76
C ARG A 727 -24.74 24.06 -22.70
N LEU A 728 -25.29 23.68 -21.54
CA LEU A 728 -26.74 23.64 -21.40
C LEU A 728 -27.34 25.04 -21.56
N THR A 729 -26.74 26.04 -20.90
CA THR A 729 -27.22 27.42 -21.02
C THR A 729 -27.29 27.85 -22.48
N ASN A 730 -26.16 27.73 -23.21
CA ASN A 730 -26.11 28.20 -24.59
C ASN A 730 -27.04 27.42 -25.49
N PHE A 731 -27.22 26.12 -25.23
CA PHE A 731 -28.10 25.33 -26.08
C PHE A 731 -29.53 25.85 -26.00
N PHE A 732 -30.00 26.18 -24.80
CA PHE A 732 -31.34 26.72 -24.68
C PHE A 732 -31.40 28.16 -25.20
N LEU A 733 -30.37 28.97 -24.94
CA LEU A 733 -30.34 30.32 -25.50
C LEU A 733 -30.44 30.30 -27.03
N ASN A 734 -29.76 29.35 -27.68
CA ASN A 734 -29.75 29.32 -29.13
C ASN A 734 -30.96 28.61 -29.72
N ASN A 735 -31.56 27.69 -28.99
CA ASN A 735 -32.73 26.99 -29.51
C ASN A 735 -34.01 27.49 -28.87
N LEU A 736 -33.91 28.39 -27.91
CA LEU A 736 -35.02 29.03 -27.21
C LEU A 736 -36.00 28.01 -26.61
N LYS B 23 27.96 36.82 26.55
CA LYS B 23 27.18 37.27 27.69
C LYS B 23 26.19 36.18 28.14
N ALA B 24 25.24 35.83 27.27
CA ALA B 24 24.28 34.77 27.58
C ALA B 24 24.97 33.40 27.57
N LEU B 25 24.45 32.46 28.38
CA LEU B 25 25.04 31.13 28.46
C LEU B 25 24.45 30.23 27.39
N ASP B 26 25.31 29.40 26.80
CA ASP B 26 24.91 28.29 25.95
C ASP B 26 23.82 27.47 26.62
N LEU B 27 22.68 27.31 25.95
CA LEU B 27 21.64 26.43 26.44
C LEU B 27 21.74 25.11 25.67
N LYS B 28 21.77 24.00 26.40
CA LYS B 28 22.03 22.74 25.69
C LYS B 28 20.83 22.31 24.84
N ASP B 29 19.61 22.71 25.22
CA ASP B 29 18.47 22.50 24.34
C ASP B 29 18.70 23.16 22.99
N ILE B 30 19.40 24.29 23.02
CA ILE B 30 19.61 25.05 21.76
C ILE B 30 20.66 24.33 20.89
N THR B 31 21.53 23.51 21.49
CA THR B 31 22.47 22.70 20.72
C THR B 31 21.73 21.62 19.92
N SER B 32 20.44 21.80 19.68
CA SER B 32 19.70 20.89 18.80
C SER B 32 19.21 21.65 17.56
N GLY B 33 20.15 21.96 16.67
CA GLY B 33 19.82 22.53 15.39
C GLY B 33 19.64 24.03 15.37
N ARG B 34 19.49 24.68 16.52
CA ARG B 34 19.31 26.13 16.49
C ARG B 34 20.47 26.82 15.79
N PHE B 35 21.70 26.37 16.04
CA PHE B 35 22.88 27.01 15.46
C PHE B 35 23.31 26.38 14.14
N ARG B 36 22.40 25.69 13.47
CA ARG B 36 22.72 25.11 12.17
C ARG B 36 22.92 26.22 11.16
N PRO B 37 24.07 26.31 10.49
CA PRO B 37 24.27 27.37 9.50
C PRO B 37 23.38 27.18 8.28
N GLU B 38 23.03 28.30 7.66
CA GLU B 38 22.26 28.24 6.43
C GLU B 38 23.09 27.61 5.32
N ASN B 39 22.42 26.85 4.47
CA ASN B 39 23.10 26.13 3.39
C ASN B 39 22.17 26.03 2.19
N ILE B 40 22.64 25.35 1.16
CA ILE B 40 21.86 25.10 -0.06
C ILE B 40 21.66 23.61 -0.21
N GLN B 41 20.41 23.19 -0.36
CA GLN B 41 20.03 21.80 -0.44
C GLN B 41 19.78 21.37 -1.87
N GLY B 42 20.22 20.17 -2.23
CA GLY B 42 19.84 19.56 -3.49
C GLY B 42 20.44 20.18 -4.74
N VAL B 43 21.69 20.66 -4.66
CA VAL B 43 22.33 21.28 -5.81
C VAL B 43 22.69 20.21 -6.84
N ILE B 44 22.26 20.42 -8.08
CA ILE B 44 22.54 19.49 -9.17
C ILE B 44 23.01 20.27 -10.38
N PRO B 45 24.20 19.98 -10.93
CA PRO B 45 24.65 20.71 -12.12
C PRO B 45 23.88 20.26 -13.35
N MET B 46 23.53 21.22 -14.19
CA MET B 46 22.77 20.87 -15.38
C MET B 46 23.71 20.53 -16.53
N PRO B 47 23.19 19.81 -17.55
CA PRO B 47 24.06 19.34 -18.64
C PRO B 47 24.78 20.44 -19.41
N ASP B 48 24.25 21.66 -19.44
CA ASP B 48 24.89 22.70 -20.24
C ASP B 48 26.22 23.15 -19.64
N GLY B 49 26.48 22.83 -18.37
CA GLY B 49 27.70 23.27 -17.73
C GLY B 49 27.68 24.73 -17.33
N GLU B 50 26.54 25.39 -17.45
CA GLU B 50 26.39 26.79 -17.07
C GLU B 50 25.40 27.01 -15.94
N HIS B 51 24.53 26.04 -15.66
CA HIS B 51 23.49 26.23 -14.67
C HIS B 51 23.47 25.10 -13.66
N TYR B 52 22.84 25.37 -12.52
CA TYR B 52 22.53 24.34 -11.56
C TYR B 52 21.11 24.55 -11.07
N THR B 53 20.51 23.49 -10.57
CA THR B 53 19.24 23.59 -9.86
C THR B 53 19.47 23.27 -8.38
N GLN B 54 18.54 23.75 -7.56
CA GLN B 54 18.55 23.49 -6.13
C GLN B 54 17.12 23.43 -5.64
N MET B 55 16.96 22.87 -4.43
CA MET B 55 15.67 22.92 -3.74
C MET B 55 15.53 24.22 -2.96
N SER B 56 14.34 24.80 -2.96
CA SER B 56 14.08 25.92 -2.09
C SER B 56 14.16 25.47 -0.64
N ALA B 57 14.44 26.43 0.25
CA ALA B 57 14.60 26.09 1.67
C ALA B 57 13.36 25.39 2.21
N ASP B 58 12.17 25.83 1.77
CA ASP B 58 10.94 25.25 2.30
C ASP B 58 10.53 23.95 1.60
N GLY B 59 11.34 23.46 0.67
CA GLY B 59 11.03 22.19 0.05
C GLY B 59 9.82 22.20 -0.87
N THR B 60 9.41 23.36 -1.35
CA THR B 60 8.27 23.47 -2.25
C THR B 60 8.65 23.77 -3.69
N GLN B 61 9.91 24.13 -3.97
CA GLN B 61 10.29 24.52 -5.31
C GLN B 61 11.65 23.96 -5.69
N ILE B 62 11.84 23.79 -7.00
CA ILE B 62 13.13 23.50 -7.60
C ILE B 62 13.43 24.64 -8.56
N ILE B 63 14.59 25.28 -8.38
CA ILE B 63 14.88 26.57 -9.00
C ILE B 63 16.23 26.49 -9.71
N LYS B 64 16.30 27.11 -10.88
CA LYS B 64 17.48 27.05 -11.73
C LYS B 64 18.27 28.35 -11.58
N TYR B 65 19.59 28.22 -11.34
CA TYR B 65 20.48 29.35 -11.16
C TYR B 65 21.67 29.24 -12.09
N SER B 66 22.31 30.40 -12.32
CA SER B 66 23.52 30.50 -13.13
C SER B 66 24.75 30.23 -12.26
N PHE B 67 25.63 29.34 -12.74
CA PHE B 67 26.93 29.16 -12.09
C PHE B 67 27.77 30.44 -12.22
N ARG B 68 27.65 31.13 -13.35
CA ARG B 68 28.52 32.27 -13.63
C ARG B 68 28.16 33.49 -12.81
N THR B 69 26.88 33.72 -12.55
CA THR B 69 26.43 34.93 -11.90
C THR B 69 25.68 34.71 -10.60
N GLY B 70 25.22 33.49 -10.31
CA GLY B 70 24.39 33.28 -9.15
C GLY B 70 22.98 33.83 -9.27
N GLU B 71 22.57 34.26 -10.46
CA GLU B 71 21.25 34.84 -10.61
C GLU B 71 20.22 33.75 -10.88
N LYS B 72 19.03 33.93 -10.32
CA LYS B 72 17.95 32.97 -10.51
C LYS B 72 17.42 33.06 -11.93
N VAL B 73 17.40 31.95 -12.63
CA VAL B 73 16.91 31.95 -14.01
C VAL B 73 15.41 31.74 -14.03
N GLU B 74 14.94 30.66 -13.41
CA GLU B 74 13.52 30.38 -13.41
C GLU B 74 13.22 29.30 -12.39
N VAL B 75 12.00 29.35 -11.86
CA VAL B 75 11.42 28.20 -11.16
C VAL B 75 11.05 27.16 -12.20
N ILE B 76 11.46 25.92 -11.97
CA ILE B 76 11.14 24.85 -12.91
C ILE B 76 10.08 23.90 -12.37
N PHE B 77 9.95 23.77 -11.04
CA PHE B 77 8.87 23.00 -10.43
C PHE B 77 8.41 23.71 -9.17
N ASP B 78 7.11 23.68 -8.93
CA ASP B 78 6.50 24.35 -7.78
C ASP B 78 5.27 23.56 -7.36
N VAL B 79 5.23 23.10 -6.10
CA VAL B 79 4.11 22.29 -5.63
C VAL B 79 2.79 23.04 -5.69
N ASN B 80 2.82 24.37 -5.73
CA ASN B 80 1.60 25.15 -5.78
C ASN B 80 1.25 25.63 -7.18
N GLN B 81 2.03 25.23 -8.19
CA GLN B 81 1.68 25.46 -9.57
C GLN B 81 1.49 24.18 -10.37
N ALA B 82 2.14 23.09 -9.97
CA ALA B 82 1.96 21.82 -10.66
C ALA B 82 0.52 21.32 -10.53
N ARG B 83 0.02 20.69 -11.58
CA ARG B 83 -1.34 20.18 -11.59
C ARG B 83 -1.38 18.76 -11.05
N GLU B 84 -2.45 18.45 -10.31
CA GLU B 84 -2.73 17.11 -9.78
C GLU B 84 -1.62 16.64 -8.83
N CYS B 85 -1.06 17.59 -8.10
CA CYS B 85 0.04 17.35 -7.18
C CYS B 85 -0.54 17.24 -5.76
N ASP B 86 -0.49 16.04 -5.18
CA ASP B 86 -1.13 15.79 -3.89
C ASP B 86 -0.27 16.16 -2.69
N PHE B 87 1.02 16.40 -2.86
CA PHE B 87 1.90 16.66 -1.73
C PHE B 87 2.23 18.15 -1.62
N LYS B 88 2.51 18.58 -0.39
CA LYS B 88 2.85 19.98 -0.11
C LYS B 88 4.35 20.22 0.01
N ASN B 89 5.15 19.15 0.20
CA ASN B 89 6.59 19.25 0.25
C ASN B 89 7.17 17.98 -0.33
N PHE B 90 8.44 18.04 -0.70
CA PHE B 90 9.17 16.86 -1.16
C PHE B 90 10.55 16.84 -0.52
N ASP B 91 11.16 15.66 -0.54
CA ASP B 91 12.40 15.41 0.16
C ASP B 91 13.64 15.64 -0.71
N SER B 92 13.61 15.17 -1.95
CA SER B 92 14.78 15.20 -2.82
C SER B 92 14.32 15.07 -4.26
N TYR B 93 15.25 15.19 -5.19
CA TYR B 93 14.91 15.08 -6.60
C TYR B 93 16.16 14.72 -7.39
N GLN B 94 15.92 14.20 -8.59
CA GLN B 94 16.96 13.92 -9.58
C GLN B 94 16.54 14.51 -10.92
N PHE B 95 17.54 14.91 -11.69
CA PHE B 95 17.34 15.41 -13.04
C PHE B 95 17.57 14.28 -14.01
N SER B 96 16.65 14.11 -14.95
CA SER B 96 16.93 13.23 -16.06
C SER B 96 18.16 13.76 -16.80
N PRO B 97 19.04 12.87 -17.25
CA PRO B 97 20.17 13.33 -18.08
C PRO B 97 19.75 14.02 -19.37
N ASP B 98 18.53 13.80 -19.88
CA ASP B 98 18.04 14.49 -21.07
C ASP B 98 17.32 15.79 -20.73
N GLY B 99 17.35 16.19 -19.45
CA GLY B 99 16.85 17.49 -19.04
C GLY B 99 15.38 17.70 -19.26
N ASP B 100 14.63 16.64 -19.56
CA ASP B 100 13.20 16.79 -19.89
C ASP B 100 12.27 16.40 -18.77
N LYS B 101 12.79 15.92 -17.64
CA LYS B 101 11.92 15.60 -16.52
C LYS B 101 12.72 15.52 -15.25
N LEU B 102 12.02 15.76 -14.15
CA LEU B 102 12.52 15.53 -12.80
C LEU B 102 11.92 14.24 -12.28
N LEU B 103 12.63 13.63 -11.35
CA LEU B 103 12.11 12.55 -10.53
C LEU B 103 12.18 13.05 -9.10
N ILE B 104 11.02 13.18 -8.47
CA ILE B 104 10.87 13.85 -7.18
C ILE B 104 10.51 12.82 -6.13
N ALA B 105 11.24 12.81 -5.01
CA ALA B 105 11.02 11.84 -3.95
C ALA B 105 10.21 12.45 -2.80
N THR B 106 9.23 11.68 -2.32
CA THR B 106 8.41 12.08 -1.18
C THR B 106 8.31 10.90 -0.23
N ARG B 107 7.91 11.20 1.01
CA ARG B 107 7.66 10.19 2.03
C ARG B 107 8.89 9.30 2.23
N THR B 108 10.07 9.92 2.22
CA THR B 108 11.31 9.17 2.38
C THR B 108 11.33 8.47 3.75
N THR B 109 11.50 7.15 3.72
CA THR B 109 11.42 6.30 4.89
C THR B 109 12.72 5.52 5.03
N PRO B 110 13.62 5.94 5.91
CA PRO B 110 14.94 5.27 6.01
C PRO B 110 14.81 3.82 6.42
N ILE B 111 15.75 3.00 5.95
CA ILE B 111 15.82 1.61 6.37
C ILE B 111 17.06 1.47 7.24
N TYR B 112 18.23 1.44 6.63
CA TYR B 112 19.48 1.52 7.37
C TYR B 112 20.12 2.90 7.12
N ARG B 113 21.45 2.97 7.15
CA ARG B 113 22.12 4.27 7.04
C ARG B 113 21.88 4.91 5.67
N HIS B 114 21.98 4.12 4.60
CA HIS B 114 21.88 4.65 3.25
C HIS B 114 20.62 4.22 2.51
N SER B 115 19.96 3.14 2.94
CA SER B 115 18.78 2.62 2.24
C SER B 115 17.51 3.33 2.74
N TYR B 116 16.52 3.42 1.85
CA TYR B 116 15.24 4.04 2.17
C TYR B 116 14.23 3.70 1.09
N THR B 117 12.95 3.78 1.43
CA THR B 117 11.92 3.83 0.40
C THR B 117 11.42 5.26 0.24
N ALA B 118 10.83 5.54 -0.92
CA ALA B 118 10.20 6.82 -1.14
C ALA B 118 9.18 6.66 -2.26
N VAL B 119 8.18 7.53 -2.25
CA VAL B 119 7.17 7.56 -3.29
C VAL B 119 7.61 8.62 -4.29
N HIS B 120 7.99 8.20 -5.49
CA HIS B 120 8.59 9.10 -6.47
C HIS B 120 7.58 9.53 -7.54
N TYR B 121 7.77 10.75 -8.04
CA TYR B 121 6.92 11.32 -9.08
C TYR B 121 7.78 11.78 -10.25
N ILE B 122 7.32 11.46 -11.46
CA ILE B 122 7.93 11.99 -12.69
C ILE B 122 7.26 13.32 -13.00
N TYR B 123 8.04 14.38 -13.09
CA TYR B 123 7.47 15.68 -13.44
C TYR B 123 7.96 16.13 -14.81
N PRO B 124 7.09 16.17 -15.80
CA PRO B 124 7.51 16.60 -17.15
C PRO B 124 7.90 18.07 -17.16
N LEU B 125 8.97 18.38 -17.90
CA LEU B 125 9.47 19.75 -17.99
C LEU B 125 9.08 20.45 -19.30
N LYS B 126 8.03 19.97 -19.98
CA LYS B 126 7.55 20.65 -21.17
C LYS B 126 7.10 22.07 -20.85
N ARG B 127 7.24 22.97 -21.82
CA ARG B 127 6.89 24.37 -21.65
C ARG B 127 5.52 24.65 -22.24
N ASN B 128 4.71 25.43 -21.53
CA ASN B 128 3.36 25.69 -21.98
C ASN B 128 3.36 26.92 -22.90
N ASP B 129 2.17 27.46 -23.17
CA ASP B 129 2.04 28.63 -24.04
C ASP B 129 2.79 29.84 -23.51
N LYS B 130 2.97 29.93 -22.20
CA LYS B 130 3.72 31.02 -21.58
C LYS B 130 5.23 30.78 -21.58
N GLY B 131 5.67 29.60 -22.01
CA GLY B 131 7.08 29.27 -22.00
C GLY B 131 7.63 28.76 -20.69
N VAL B 132 6.76 28.49 -19.71
CA VAL B 132 7.19 28.05 -18.38
C VAL B 132 6.92 26.56 -18.22
N THR B 133 7.63 25.97 -17.26
CA THR B 133 7.58 24.53 -17.00
C THR B 133 6.78 24.16 -15.76
N THR B 134 6.15 25.11 -15.09
CA THR B 134 5.67 24.89 -13.72
C THR B 134 4.21 24.49 -13.65
N ASN B 135 3.52 24.31 -14.76
CA ASN B 135 2.08 24.05 -14.73
C ASN B 135 1.73 22.70 -15.35
N ASN B 136 2.65 21.74 -15.30
CA ASN B 136 2.38 20.44 -15.90
C ASN B 136 1.71 19.51 -14.91
N ILE B 137 1.09 18.45 -15.43
CA ILE B 137 0.47 17.42 -14.61
C ILE B 137 1.56 16.46 -14.14
N ILE B 138 1.68 16.29 -12.84
CA ILE B 138 2.71 15.44 -12.28
C ILE B 138 2.25 13.98 -12.36
N GLU B 139 3.20 13.06 -12.49
CA GLU B 139 2.90 11.64 -12.68
C GLU B 139 3.57 10.79 -11.60
N ARG B 140 2.89 9.71 -11.22
CA ARG B 140 3.52 8.74 -10.34
C ARG B 140 4.56 7.93 -11.08
N LEU B 141 5.68 7.61 -10.41
CA LEU B 141 6.65 6.72 -11.02
C LEU B 141 6.07 5.32 -11.20
N SER B 142 5.33 4.86 -10.21
CA SER B 142 4.79 3.51 -10.20
C SER B 142 3.42 3.55 -9.56
N ASP B 143 2.49 2.75 -10.08
CA ASP B 143 1.20 2.61 -9.41
C ASP B 143 1.25 1.61 -8.26
N GLY B 144 2.39 0.96 -8.03
CA GLY B 144 2.58 0.06 -6.90
C GLY B 144 3.14 0.76 -5.68
N GLY B 145 3.76 -0.02 -4.80
CA GLY B 145 4.27 0.49 -3.55
C GLY B 145 5.52 1.35 -3.71
N PRO B 146 5.97 1.93 -2.59
CA PRO B 146 7.15 2.80 -2.60
C PRO B 146 8.37 2.12 -3.20
N GLN B 147 9.27 2.94 -3.74
CA GLN B 147 10.40 2.49 -4.54
C GLN B 147 11.74 2.76 -3.86
N GLN B 148 12.76 1.99 -4.25
CA GLN B 148 14.11 2.20 -3.76
C GLN B 148 15.05 2.47 -4.94
N VAL B 149 16.06 3.31 -4.68
CA VAL B 149 17.17 3.67 -5.57
C VAL B 149 16.82 3.83 -7.05
N PRO B 150 15.78 4.58 -7.44
CA PRO B 150 15.49 4.75 -8.87
C PRO B 150 16.62 5.46 -9.58
N VAL B 151 16.88 5.05 -10.81
CA VAL B 151 17.98 5.61 -11.60
C VAL B 151 17.56 5.71 -13.06
N PHE B 152 17.88 6.85 -13.68
CA PHE B 152 17.60 7.11 -15.09
C PHE B 152 18.60 6.39 -15.98
N SER B 153 18.12 5.93 -17.14
CA SER B 153 19.03 5.51 -18.20
C SER B 153 19.79 6.72 -18.75
N PRO B 154 20.94 6.50 -19.38
CA PRO B 154 21.67 7.63 -20.00
C PRO B 154 20.83 8.51 -20.91
N ASP B 155 19.92 7.93 -21.70
CA ASP B 155 19.10 8.78 -22.58
C ASP B 155 17.86 9.33 -21.88
N GLY B 156 17.65 9.00 -20.61
CA GLY B 156 16.53 9.55 -19.88
C GLY B 156 15.17 8.95 -20.18
N THR B 157 15.08 7.97 -21.07
CA THR B 157 13.78 7.40 -21.42
C THR B 157 13.32 6.30 -20.46
N MET B 158 14.15 5.89 -19.50
CA MET B 158 13.82 4.75 -18.65
C MET B 158 14.26 5.04 -17.23
N ILE B 159 13.52 4.48 -16.28
CA ILE B 159 13.91 4.48 -14.86
C ILE B 159 13.84 3.06 -14.36
N ALA B 160 14.90 2.61 -13.69
CA ALA B 160 14.89 1.31 -13.03
C ALA B 160 14.90 1.56 -11.52
N PHE B 161 14.11 0.78 -10.79
CA PHE B 161 14.05 0.93 -9.34
C PHE B 161 13.92 -0.45 -8.71
N VAL B 162 14.06 -0.49 -7.38
CA VAL B 162 13.99 -1.71 -6.60
C VAL B 162 12.83 -1.59 -5.62
N ARG B 163 12.08 -2.69 -5.46
CA ARG B 163 10.98 -2.77 -4.51
C ARG B 163 10.80 -4.22 -4.11
N ASP B 164 10.69 -4.48 -2.79
CA ASP B 164 10.54 -5.86 -2.30
C ASP B 164 11.66 -6.75 -2.84
N ASN B 165 12.88 -6.21 -2.87
CA ASN B 165 14.09 -6.89 -3.32
C ASN B 165 14.09 -7.28 -4.78
N ASN B 166 13.17 -6.77 -5.60
CA ASN B 166 13.18 -7.04 -7.04
C ASN B 166 13.37 -5.76 -7.83
N ILE B 167 13.90 -5.90 -9.06
CA ILE B 167 14.12 -4.76 -9.94
C ILE B 167 12.91 -4.58 -10.86
N PHE B 168 12.49 -3.33 -11.01
CA PHE B 168 11.44 -2.97 -11.95
C PHE B 168 11.96 -1.92 -12.93
N LEU B 169 11.31 -1.84 -14.08
CA LEU B 169 11.72 -0.96 -15.18
C LEU B 169 10.50 -0.17 -15.67
N VAL B 170 10.66 1.15 -15.78
CA VAL B 170 9.59 2.04 -16.21
C VAL B 170 10.02 2.73 -17.50
N LYS B 171 9.18 2.63 -18.54
CA LYS B 171 9.51 3.13 -19.88
C LYS B 171 8.75 4.41 -20.10
N LEU B 172 9.44 5.53 -19.91
CA LEU B 172 8.77 6.83 -19.99
C LEU B 172 8.32 7.16 -21.40
N LEU B 173 8.92 6.53 -22.42
CA LEU B 173 8.44 6.73 -23.79
C LEU B 173 7.08 6.09 -24.03
N TYR B 174 6.68 5.10 -23.22
CA TYR B 174 5.54 4.24 -23.56
C TYR B 174 4.55 4.22 -22.40
N GLY B 175 4.05 5.40 -22.05
CA GLY B 175 3.04 5.49 -21.00
C GLY B 175 3.50 5.05 -19.64
N ASN B 176 4.79 5.25 -19.33
CA ASN B 176 5.38 4.82 -18.07
C ASN B 176 5.11 3.33 -17.80
N SER B 177 5.07 2.51 -18.85
CA SER B 177 4.75 1.11 -18.64
C SER B 177 5.83 0.46 -17.79
N GLU B 178 5.38 -0.30 -16.79
CA GLU B 178 6.26 -0.89 -15.79
C GLU B 178 6.35 -2.40 -16.02
N SER B 179 7.57 -2.93 -16.01
CA SER B 179 7.77 -4.36 -16.08
C SER B 179 8.65 -4.79 -14.92
N GLN B 180 8.61 -6.08 -14.63
CA GLN B 180 9.33 -6.66 -13.51
C GLN B 180 10.54 -7.41 -14.07
N VAL B 181 11.73 -6.99 -13.65
CA VAL B 181 12.97 -7.51 -14.21
C VAL B 181 13.42 -8.77 -13.49
N THR B 182 13.29 -8.83 -12.17
CA THR B 182 13.62 -10.01 -11.40
C THR B 182 12.38 -10.45 -10.63
N GLU B 183 12.29 -11.75 -10.34
CA GLU B 183 11.20 -12.26 -9.53
C GLU B 183 11.63 -13.15 -8.37
N ASP B 184 12.92 -13.37 -8.17
CA ASP B 184 13.36 -14.22 -7.07
C ASP B 184 13.75 -13.43 -5.83
N GLY B 185 13.56 -12.12 -5.82
CA GLY B 185 13.86 -11.36 -4.62
C GLY B 185 12.99 -11.82 -3.46
N LYS B 186 13.59 -11.89 -2.28
CA LYS B 186 12.88 -12.37 -1.10
C LYS B 186 13.56 -11.80 0.14
N GLN B 187 12.76 -11.24 1.05
CA GLN B 187 13.28 -10.61 2.25
C GLN B 187 14.12 -11.61 3.05
N ASN B 188 15.29 -11.15 3.49
CA ASN B 188 16.25 -11.94 4.27
C ASN B 188 16.82 -13.11 3.47
N SER B 189 16.66 -13.11 2.15
CA SER B 189 17.15 -14.22 1.35
C SER B 189 17.89 -13.80 0.07
N VAL B 190 17.22 -13.06 -0.82
CA VAL B 190 17.80 -12.65 -2.09
C VAL B 190 17.47 -11.18 -2.32
N LEU B 191 18.49 -10.38 -2.59
CA LEU B 191 18.31 -8.97 -2.94
C LEU B 191 18.85 -8.73 -4.34
N ASN B 192 18.05 -8.05 -5.16
CA ASN B 192 18.42 -7.70 -6.54
C ASN B 192 18.60 -6.20 -6.62
N GLY B 193 19.82 -5.76 -6.92
CA GLY B 193 20.09 -4.36 -7.20
C GLY B 193 20.37 -3.48 -5.99
N ILE B 194 20.27 -4.03 -4.77
CA ILE B 194 20.61 -3.29 -3.55
C ILE B 194 21.44 -4.19 -2.66
N PRO B 195 22.33 -3.61 -1.86
CA PRO B 195 23.21 -4.43 -1.03
C PRO B 195 22.53 -4.91 0.25
N ASP B 196 23.09 -5.97 0.83
CA ASP B 196 22.65 -6.43 2.14
C ASP B 196 23.14 -5.44 3.20
N TRP B 197 22.87 -5.77 4.47
CA TRP B 197 23.19 -4.84 5.56
C TRP B 197 24.68 -4.52 5.58
N VAL B 198 25.52 -5.54 5.51
CA VAL B 198 26.93 -5.29 5.78
C VAL B 198 27.62 -4.62 4.59
N TYR B 199 27.24 -4.98 3.36
CA TYR B 199 27.77 -4.26 2.18
C TYR B 199 27.34 -2.80 2.22
N GLU B 200 26.07 -2.54 2.55
CA GLU B 200 25.58 -1.17 2.58
C GLU B 200 26.38 -0.33 3.56
N GLU B 201 26.50 -0.83 4.79
CA GLU B 201 27.17 -0.07 5.84
C GLU B 201 28.66 0.05 5.58
N GLU B 202 29.32 -1.04 5.19
CA GLU B 202 30.76 -1.06 5.23
C GLU B 202 31.45 -0.84 3.88
N PHE B 203 30.72 -0.90 2.76
CA PHE B 203 31.24 -0.39 1.51
C PHE B 203 30.56 0.91 1.12
N GLY B 204 29.66 1.42 1.97
CA GLY B 204 29.11 2.76 1.86
C GLY B 204 28.38 3.06 0.57
N PHE B 205 27.34 2.28 0.25
CA PHE B 205 26.55 2.52 -0.95
C PHE B 205 25.18 1.88 -0.77
N ASN B 206 24.24 2.26 -1.63
CA ASN B 206 22.90 1.70 -1.55
C ASN B 206 22.37 1.18 -2.87
N ARG B 207 23.17 1.20 -3.94
CA ARG B 207 22.66 0.77 -5.23
C ARG B 207 23.69 -0.04 -6.01
N ALA B 208 23.23 -1.15 -6.58
CA ALA B 208 24.02 -1.99 -7.48
C ALA B 208 23.15 -2.23 -8.71
N LEU B 209 22.99 -1.18 -9.52
CA LEU B 209 21.97 -1.18 -10.59
C LEU B 209 22.35 -0.13 -11.62
N GLU B 210 22.54 -0.56 -12.87
CA GLU B 210 23.18 0.28 -13.88
C GLU B 210 22.58 0.03 -15.26
N PHE B 211 22.45 1.09 -16.05
CA PHE B 211 22.10 1.01 -17.47
C PHE B 211 23.37 1.14 -18.31
N SER B 212 23.45 0.39 -19.39
CA SER B 212 24.59 0.50 -20.29
C SER B 212 24.55 1.82 -21.05
N ALA B 213 25.71 2.18 -21.61
CA ALA B 213 25.87 3.48 -22.25
C ALA B 213 24.93 3.66 -23.45
N ASP B 214 24.51 2.59 -24.11
CA ASP B 214 23.58 2.73 -25.23
C ASP B 214 22.14 2.38 -24.85
N ASN B 215 21.83 2.33 -23.54
CA ASN B 215 20.46 2.14 -23.03
C ASN B 215 19.86 0.79 -23.42
N THR B 216 20.66 -0.21 -23.73
CA THR B 216 20.10 -1.49 -24.15
C THR B 216 20.16 -2.58 -23.07
N MET B 217 20.98 -2.41 -22.03
CA MET B 217 21.20 -3.43 -21.01
C MET B 217 21.09 -2.83 -19.61
N ILE B 218 20.63 -3.66 -18.68
CA ILE B 218 20.63 -3.35 -17.26
C ILE B 218 21.59 -4.31 -16.59
N ALA B 219 22.43 -3.81 -15.69
CA ALA B 219 23.27 -4.68 -14.89
C ALA B 219 22.93 -4.51 -13.40
N PHE B 220 23.10 -5.58 -12.65
CA PHE B 220 22.87 -5.51 -11.21
C PHE B 220 23.67 -6.62 -10.51
N ILE B 221 23.88 -6.39 -9.20
CA ILE B 221 24.43 -7.42 -8.31
C ILE B 221 23.26 -8.09 -7.62
N ARG B 222 23.26 -9.41 -7.62
CA ARG B 222 22.31 -10.23 -6.89
C ARG B 222 23.01 -10.75 -5.64
N PHE B 223 22.41 -10.48 -4.48
CA PHE B 223 22.94 -10.85 -3.18
C PHE B 223 22.11 -12.01 -2.65
N ASP B 224 22.74 -13.16 -2.48
CA ASP B 224 22.09 -14.32 -1.89
C ASP B 224 22.58 -14.39 -0.44
N GLU B 225 21.78 -13.85 0.48
CA GLU B 225 22.11 -13.85 1.90
C GLU B 225 21.38 -14.97 2.65
N SER B 226 20.85 -15.96 1.94
CA SER B 226 20.08 -17.03 2.58
C SER B 226 20.92 -17.81 3.58
N GLU B 227 22.22 -17.99 3.34
CA GLU B 227 23.07 -18.71 4.29
C GLU B 227 23.84 -17.77 5.21
N VAL B 228 23.59 -16.47 5.13
CA VAL B 228 24.17 -15.53 6.11
C VAL B 228 23.45 -15.71 7.44
N PRO B 229 24.13 -15.68 8.58
CA PRO B 229 23.41 -15.88 9.85
C PRO B 229 22.37 -14.80 10.07
N SER B 230 21.25 -15.22 10.65
CA SER B 230 20.21 -14.29 11.07
C SER B 230 20.53 -13.71 12.44
N TYR B 231 20.09 -12.47 12.66
CA TYR B 231 20.20 -11.82 13.96
C TYR B 231 18.87 -11.18 14.29
N SER B 232 18.47 -11.25 15.57
CA SER B 232 17.22 -10.68 16.02
C SER B 232 17.43 -10.00 17.37
N PHE B 233 16.80 -8.85 17.57
CA PHE B 233 16.75 -8.23 18.88
C PHE B 233 15.31 -7.81 19.21
N PRO B 234 14.98 -7.67 20.49
CA PRO B 234 13.59 -7.35 20.87
C PRO B 234 13.20 -5.93 20.51
N MET B 235 11.90 -5.75 20.26
CA MET B 235 11.28 -4.44 20.15
C MET B 235 10.12 -4.37 21.13
N PHE B 236 10.03 -3.27 21.85
CA PHE B 236 8.93 -3.02 22.77
C PHE B 236 8.00 -1.98 22.13
N ALA B 237 6.95 -1.58 22.86
CA ALA B 237 6.10 -0.52 22.31
C ALA B 237 6.86 0.81 22.28
N GLY B 238 7.47 1.18 23.41
CA GLY B 238 8.23 2.41 23.42
C GLY B 238 7.35 3.62 23.17
N GLU B 239 8.03 4.71 22.78
CA GLU B 239 7.39 5.97 22.41
C GLU B 239 8.26 6.62 21.35
N ALA B 240 7.63 7.48 20.54
CA ALA B 240 8.31 8.29 19.54
C ALA B 240 9.28 7.50 18.66
N PRO B 241 8.79 6.54 17.87
CA PRO B 241 7.38 6.15 17.70
C PRO B 241 6.95 5.08 18.71
N GLN B 242 5.67 5.08 19.06
CA GLN B 242 5.11 3.96 19.80
C GLN B 242 4.77 2.86 18.80
N ILE B 243 5.25 1.65 19.06
CA ILE B 243 4.94 0.49 18.19
C ILE B 243 3.72 -0.15 18.81
N THR B 244 2.53 0.30 18.38
CA THR B 244 1.30 -0.01 19.09
C THR B 244 0.99 -1.50 19.23
N PRO B 245 1.19 -2.36 18.22
CA PRO B 245 0.87 -3.79 18.42
C PRO B 245 1.75 -4.49 19.46
N LEU B 246 2.79 -3.85 19.98
CA LEU B 246 3.67 -4.45 20.98
C LEU B 246 3.34 -3.98 22.38
N LYS B 247 2.16 -3.38 22.55
CA LYS B 247 1.77 -2.77 23.82
C LYS B 247 1.78 -3.77 24.96
N ASP B 248 1.38 -5.02 24.69
CA ASP B 248 1.31 -6.03 25.75
C ASP B 248 2.40 -7.09 25.64
N TYR B 249 2.66 -7.57 24.42
CA TYR B 249 3.68 -8.57 24.16
C TYR B 249 4.73 -7.98 23.24
N PRO B 250 6.01 -8.00 23.59
CA PRO B 250 7.02 -7.41 22.70
C PRO B 250 7.16 -8.22 21.43
N GLY B 251 7.83 -7.61 20.46
CA GLY B 251 8.13 -8.28 19.23
C GLY B 251 9.63 -8.32 19.01
N GLU B 252 10.04 -8.33 17.74
CA GLU B 252 11.44 -8.47 17.46
C GLU B 252 11.72 -7.92 16.07
N TYR B 253 12.98 -7.64 15.82
CA TYR B 253 13.48 -7.26 14.52
C TYR B 253 14.53 -8.26 14.09
N THR B 254 14.36 -8.83 12.90
CA THR B 254 15.21 -9.90 12.40
C THR B 254 15.80 -9.51 11.05
N TYR B 255 17.10 -9.74 10.88
CA TYR B 255 17.78 -9.42 9.62
C TYR B 255 19.07 -10.23 9.56
N LYS B 256 19.71 -10.21 8.39
CA LYS B 256 20.91 -10.99 8.18
C LYS B 256 22.13 -10.13 8.51
N TYR B 257 23.03 -10.67 9.32
CA TYR B 257 24.17 -9.92 9.85
C TYR B 257 25.25 -10.94 10.15
N PRO B 258 26.29 -11.01 9.31
CA PRO B 258 27.40 -11.92 9.60
C PRO B 258 28.42 -11.25 10.51
N LYS B 259 28.71 -11.88 11.65
CA LYS B 259 29.76 -11.36 12.53
C LYS B 259 31.12 -11.81 12.01
N ALA B 260 32.19 -11.25 12.57
CA ALA B 260 33.53 -11.52 12.06
C ALA B 260 33.77 -13.02 11.89
N GLY B 261 34.24 -13.41 10.70
CA GLY B 261 34.50 -14.81 10.41
C GLY B 261 33.34 -15.63 9.87
N TYR B 262 32.11 -15.12 9.94
CA TYR B 262 30.94 -15.85 9.47
C TYR B 262 30.72 -15.62 7.97
N PRO B 263 29.85 -16.41 7.33
CA PRO B 263 29.71 -16.31 5.87
C PRO B 263 29.03 -15.02 5.43
N ASN B 264 29.60 -14.41 4.39
CA ASN B 264 29.02 -13.26 3.71
C ASN B 264 28.05 -13.71 2.62
N SER B 265 27.34 -12.73 2.06
CA SER B 265 26.44 -13.00 0.94
C SER B 265 27.18 -13.63 -0.23
N LYS B 266 26.50 -14.53 -0.93
CA LYS B 266 26.98 -14.97 -2.24
C LYS B 266 26.51 -13.98 -3.30
N VAL B 267 27.43 -13.48 -4.12
CA VAL B 267 27.13 -12.36 -5.00
C VAL B 267 27.42 -12.75 -6.45
N GLU B 268 26.55 -12.30 -7.36
CA GLU B 268 26.69 -12.48 -8.79
C GLU B 268 26.37 -11.17 -9.48
N VAL B 269 27.00 -10.94 -10.62
CA VAL B 269 26.64 -9.82 -11.49
C VAL B 269 25.76 -10.38 -12.59
N ARG B 270 24.56 -9.82 -12.74
CA ARG B 270 23.67 -10.27 -13.79
C ARG B 270 23.34 -9.12 -14.71
N THR B 271 22.94 -9.45 -15.93
CA THR B 271 22.53 -8.45 -16.88
C THR B 271 21.20 -8.87 -17.48
N TYR B 272 20.43 -7.87 -17.86
CA TYR B 272 19.10 -8.06 -18.42
C TYR B 272 19.06 -7.34 -19.76
N ASP B 273 18.74 -8.08 -20.81
CA ASP B 273 18.64 -7.53 -22.16
C ASP B 273 17.24 -6.94 -22.31
N ILE B 274 17.16 -5.61 -22.38
CA ILE B 274 15.86 -4.95 -22.32
C ILE B 274 15.00 -5.37 -23.51
N LYS B 275 15.61 -5.52 -24.69
CA LYS B 275 14.78 -5.89 -25.84
C LYS B 275 14.35 -7.35 -25.82
N SER B 276 15.25 -8.27 -25.45
CA SER B 276 14.94 -9.70 -25.51
C SER B 276 14.46 -10.28 -24.18
N HIS B 277 14.59 -9.56 -23.06
CA HIS B 277 14.23 -10.03 -21.72
C HIS B 277 15.10 -11.18 -21.24
N VAL B 278 16.26 -11.38 -21.85
CA VAL B 278 17.17 -12.47 -21.49
C VAL B 278 18.05 -12.00 -20.33
N THR B 279 18.12 -12.81 -19.28
CA THR B 279 18.99 -12.56 -18.14
C THR B 279 20.22 -13.45 -18.26
N ARG B 280 21.40 -12.87 -18.06
CA ARG B 280 22.65 -13.61 -18.08
C ARG B 280 23.43 -13.34 -16.80
N THR B 281 24.34 -14.24 -16.47
CA THR B 281 25.25 -14.06 -15.34
C THR B 281 26.67 -13.90 -15.87
N MET B 282 27.39 -12.91 -15.35
CA MET B 282 28.75 -12.66 -15.78
C MET B 282 29.68 -13.74 -15.25
N LYS B 283 30.57 -14.23 -16.12
CA LYS B 283 31.49 -15.31 -15.74
C LYS B 283 32.72 -14.70 -15.06
N LEU B 284 32.50 -14.26 -13.83
CA LEU B 284 33.46 -13.40 -13.15
C LEU B 284 34.38 -14.26 -12.29
N PRO B 285 35.69 -14.25 -12.54
CA PRO B 285 36.60 -14.94 -11.61
C PRO B 285 36.65 -14.15 -10.32
N ILE B 286 36.27 -14.81 -9.24
CA ILE B 286 36.21 -14.17 -7.93
C ILE B 286 36.39 -15.29 -6.90
N ASP B 287 37.07 -14.98 -5.80
CA ASP B 287 37.22 -15.98 -4.76
C ASP B 287 35.84 -16.35 -4.21
N ALA B 288 35.71 -17.61 -3.79
CA ALA B 288 34.42 -18.07 -3.25
C ALA B 288 33.94 -17.21 -2.10
N ASP B 289 34.86 -16.61 -1.34
CA ASP B 289 34.53 -15.76 -0.20
C ASP B 289 34.87 -14.29 -0.47
N GLY B 290 34.89 -13.90 -1.74
CA GLY B 290 35.26 -12.54 -2.12
C GLY B 290 34.06 -11.61 -2.13
N TYR B 291 34.35 -10.34 -2.42
CA TYR B 291 33.36 -9.26 -2.43
C TYR B 291 33.27 -8.62 -3.80
N ILE B 292 32.08 -8.12 -4.12
CA ILE B 292 31.89 -7.22 -5.27
C ILE B 292 31.37 -5.88 -4.75
N PRO B 293 32.26 -4.96 -4.35
CA PRO B 293 31.79 -3.70 -3.72
C PRO B 293 31.05 -2.76 -4.67
N ARG B 294 31.23 -2.89 -5.99
CA ARG B 294 30.60 -1.88 -6.89
C ARG B 294 30.64 -2.23 -8.37
N ILE B 295 29.50 -2.16 -9.08
CA ILE B 295 29.51 -2.24 -10.53
C ILE B 295 29.30 -0.84 -11.10
N ARG B 296 29.78 -0.63 -12.32
CA ARG B 296 29.68 0.68 -12.95
C ARG B 296 29.83 0.49 -14.46
N PHE B 297 28.80 0.82 -15.22
CA PHE B 297 28.97 0.80 -16.67
C PHE B 297 29.93 1.89 -17.09
N THR B 298 30.81 1.57 -18.04
CA THR B 298 31.75 2.53 -18.58
C THR B 298 31.08 3.33 -19.68
N LYS B 299 31.86 4.11 -20.44
CA LYS B 299 31.33 4.80 -21.61
C LYS B 299 31.16 3.86 -22.80
N ASP B 300 31.71 2.67 -22.72
CA ASP B 300 31.63 1.65 -23.76
C ASP B 300 30.48 0.71 -23.40
N ALA B 301 29.44 0.69 -24.23
CA ALA B 301 28.25 -0.09 -23.92
C ALA B 301 28.57 -1.58 -23.74
N SER B 302 29.69 -2.04 -24.26
CA SER B 302 30.04 -3.44 -24.15
C SER B 302 30.98 -3.72 -22.98
N LYS B 303 31.30 -2.73 -22.15
CA LYS B 303 32.21 -2.91 -21.01
C LYS B 303 31.51 -2.49 -19.71
N LEU B 304 31.18 -3.47 -18.88
CA LEU B 304 30.70 -3.22 -17.52
C LEU B 304 31.86 -3.38 -16.56
N ALA B 305 32.17 -2.33 -15.80
CA ALA B 305 33.19 -2.45 -14.77
C ALA B 305 32.62 -3.17 -13.55
N VAL B 306 33.36 -4.17 -13.09
CA VAL B 306 33.07 -4.93 -11.87
C VAL B 306 34.29 -4.83 -10.98
N MET B 307 34.10 -4.24 -9.79
CA MET B 307 35.15 -4.15 -8.79
C MET B 307 35.04 -5.32 -7.84
N THR B 308 36.18 -5.97 -7.57
CA THR B 308 36.19 -7.13 -6.68
C THR B 308 37.32 -7.01 -5.66
N LEU B 309 37.10 -7.64 -4.51
CA LEU B 309 38.08 -7.76 -3.45
C LEU B 309 38.17 -9.21 -3.02
N ASN B 310 39.34 -9.61 -2.54
CA ASN B 310 39.43 -10.87 -1.84
C ASN B 310 38.90 -10.68 -0.41
N ARG B 311 38.75 -11.78 0.32
CA ARG B 311 38.25 -11.64 1.68
C ARG B 311 39.20 -10.83 2.56
N HIS B 312 40.51 -10.90 2.30
CA HIS B 312 41.41 -10.08 3.08
C HIS B 312 41.29 -8.60 2.74
N GLN B 313 40.55 -8.27 1.67
CA GLN B 313 40.36 -6.89 1.24
C GLN B 313 41.67 -6.21 0.89
N ASP B 314 42.66 -6.97 0.46
CA ASP B 314 43.93 -6.36 0.11
C ASP B 314 44.31 -6.58 -1.34
N ARG B 315 43.44 -7.19 -2.16
CA ARG B 315 43.65 -7.37 -3.59
C ARG B 315 42.43 -6.81 -4.31
N PHE B 316 42.58 -5.64 -4.92
CA PHE B 316 41.51 -5.00 -5.68
C PHE B 316 41.69 -5.36 -7.15
N ASP B 317 40.77 -6.17 -7.68
CA ASP B 317 40.81 -6.57 -9.10
C ASP B 317 39.65 -5.87 -9.80
N LEU B 318 39.96 -5.11 -10.84
CA LEU B 318 38.94 -4.47 -11.66
C LEU B 318 38.78 -5.26 -12.95
N TYR B 319 37.53 -5.68 -13.23
CA TYR B 319 37.22 -6.44 -14.42
C TYR B 319 36.30 -5.63 -15.33
N PHE B 320 36.44 -5.87 -16.64
CA PHE B 320 35.46 -5.41 -17.62
C PHE B 320 34.71 -6.65 -18.10
N ALA B 321 33.38 -6.64 -17.91
CA ALA B 321 32.51 -7.73 -18.32
C ALA B 321 31.77 -7.34 -19.59
N ASP B 322 31.65 -8.29 -20.53
CA ASP B 322 30.78 -8.09 -21.68
C ASP B 322 29.36 -8.51 -21.27
N PRO B 323 28.41 -7.57 -21.23
CA PRO B 323 27.10 -7.90 -20.68
C PRO B 323 26.31 -8.88 -21.53
N ARG B 324 26.69 -9.09 -22.79
CA ARG B 324 26.02 -10.05 -23.65
C ARG B 324 26.76 -11.38 -23.76
N SER B 325 28.09 -11.34 -23.84
CA SER B 325 28.85 -12.59 -23.96
C SER B 325 29.14 -13.24 -22.62
N THR B 326 29.04 -12.49 -21.52
CA THR B 326 29.33 -12.88 -20.13
C THR B 326 30.81 -13.01 -19.85
N LEU B 327 31.68 -12.84 -20.84
CA LEU B 327 33.12 -12.95 -20.61
C LEU B 327 33.64 -11.72 -19.90
N CYS B 328 34.61 -11.92 -19.00
CA CYS B 328 35.21 -10.88 -18.17
C CYS B 328 36.73 -10.86 -18.37
N LYS B 329 37.31 -9.66 -18.43
CA LYS B 329 38.76 -9.52 -18.55
C LYS B 329 39.28 -8.76 -17.34
N LEU B 330 40.36 -9.27 -16.74
CA LEU B 330 41.04 -8.54 -15.70
C LEU B 330 41.73 -7.31 -16.30
N VAL B 331 41.39 -6.14 -15.79
CA VAL B 331 41.88 -4.88 -16.31
C VAL B 331 43.07 -4.37 -15.52
N LEU B 332 43.04 -4.62 -14.22
CA LEU B 332 43.91 -3.94 -13.30
C LEU B 332 43.81 -4.66 -11.98
N ARG B 333 44.94 -4.79 -11.30
CA ARG B 333 45.01 -5.39 -9.97
C ARG B 333 45.86 -4.48 -9.11
N ASP B 334 45.31 -4.04 -7.99
CA ASP B 334 46.03 -3.18 -7.05
C ASP B 334 46.09 -3.92 -5.71
N GLU B 335 47.30 -4.23 -5.26
CA GLU B 335 47.52 -5.02 -4.06
C GLU B 335 48.11 -4.14 -2.96
N SER B 336 47.43 -4.08 -1.82
CA SER B 336 47.92 -3.34 -0.67
C SER B 336 48.63 -4.28 0.29
N PRO B 337 49.71 -3.84 0.95
CA PRO B 337 50.27 -4.66 2.05
C PRO B 337 49.35 -4.73 3.26
N TYR B 338 48.34 -3.86 3.35
CA TYR B 338 47.39 -3.86 4.46
C TYR B 338 45.97 -4.16 4.00
N TYR B 339 45.29 -3.15 3.48
CA TYR B 339 43.94 -3.32 2.97
C TYR B 339 43.63 -2.13 2.07
N ILE B 340 42.69 -2.36 1.14
CA ILE B 340 42.15 -1.33 0.24
C ILE B 340 41.01 -0.62 0.94
N LYS B 341 40.98 0.71 0.84
CA LYS B 341 39.92 1.48 1.49
C LYS B 341 38.78 1.77 0.52
N GLU B 342 37.60 2.03 1.12
CA GLU B 342 36.37 2.22 0.34
C GLU B 342 36.41 3.49 -0.50
N ASN B 343 37.17 4.51 -0.08
CA ASN B 343 37.28 5.73 -0.87
C ASN B 343 37.67 5.47 -2.32
N VAL B 344 38.33 4.34 -2.59
CA VAL B 344 38.79 4.05 -3.96
C VAL B 344 37.61 3.93 -4.92
N PHE B 345 36.51 3.33 -4.45
CA PHE B 345 35.48 2.78 -5.36
C PHE B 345 34.77 3.88 -6.13
N ASP B 346 34.33 4.94 -5.45
CA ASP B 346 33.55 5.97 -6.12
C ASP B 346 34.41 7.06 -6.75
N ASN B 347 35.73 6.89 -6.72
CA ASN B 347 36.63 7.80 -7.42
C ASN B 347 37.20 7.16 -8.68
N ILE B 348 36.69 5.99 -9.07
CA ILE B 348 36.96 5.43 -10.39
C ILE B 348 35.90 5.97 -11.33
N LYS B 349 36.31 6.85 -12.25
CA LYS B 349 35.41 7.52 -13.17
C LYS B 349 35.88 7.23 -14.59
N PHE B 350 34.92 6.97 -15.48
CA PHE B 350 35.23 6.47 -16.81
C PHE B 350 35.03 7.56 -17.86
N TYR B 351 35.94 7.60 -18.80
CA TYR B 351 35.94 8.54 -19.91
C TYR B 351 36.10 7.72 -21.18
N PRO B 352 36.02 8.35 -22.37
CA PRO B 352 36.00 7.52 -23.59
C PRO B 352 37.22 6.62 -23.73
N GLU B 353 38.42 7.09 -23.39
CA GLU B 353 39.61 6.27 -23.58
C GLU B 353 40.42 6.11 -22.31
N THR B 354 39.89 6.57 -21.17
CA THR B 354 40.68 6.61 -19.94
C THR B 354 39.76 6.37 -18.75
N PHE B 355 40.38 6.16 -17.58
CA PHE B 355 39.66 6.15 -16.32
C PHE B 355 40.65 6.46 -15.20
N SER B 356 40.10 6.89 -14.08
CA SER B 356 40.87 7.32 -12.93
C SER B 356 40.90 6.24 -11.86
N LEU B 357 41.98 6.24 -11.07
CA LEU B 357 42.10 5.37 -9.91
C LEU B 357 42.83 6.14 -8.81
N LEU B 358 42.27 6.10 -7.59
CA LEU B 358 43.01 6.53 -6.41
C LEU B 358 43.66 5.31 -5.80
N SER B 359 44.95 5.39 -5.51
CA SER B 359 45.69 4.25 -5.01
C SER B 359 46.65 4.72 -3.93
N GLU B 360 46.77 3.92 -2.87
CA GLU B 360 47.71 4.16 -1.78
C GLU B 360 49.01 3.39 -1.97
N ARG B 361 49.29 2.92 -3.18
CA ARG B 361 50.44 2.03 -3.39
C ARG B 361 51.74 2.60 -2.84
N ASP B 362 51.93 3.92 -2.89
CA ASP B 362 53.19 4.52 -2.45
C ASP B 362 53.12 5.07 -1.03
N GLY B 363 52.10 4.70 -0.26
CA GLY B 363 51.97 5.15 1.11
C GLY B 363 51.07 6.35 1.30
N PHE B 364 50.62 6.99 0.22
CA PHE B 364 49.67 8.09 0.29
C PHE B 364 48.65 7.93 -0.84
N SER B 365 47.42 8.34 -0.57
CA SER B 365 46.35 8.31 -1.57
C SER B 365 46.65 9.28 -2.70
N HIS B 366 46.90 8.76 -3.91
CA HIS B 366 47.21 9.60 -5.07
C HIS B 366 46.43 9.18 -6.30
N LEU B 367 46.32 10.12 -7.24
CA LEU B 367 45.50 9.97 -8.43
C LEU B 367 46.33 9.39 -9.56
N TYR B 368 45.89 8.25 -10.08
CA TYR B 368 46.50 7.59 -11.22
C TYR B 368 45.53 7.62 -12.39
N TRP B 369 46.08 7.62 -13.60
CA TRP B 369 45.34 7.79 -14.84
C TRP B 369 45.63 6.59 -15.72
N TYR B 370 44.59 5.84 -16.07
CA TYR B 370 44.74 4.61 -16.85
C TYR B 370 44.04 4.75 -18.20
N SER B 371 44.57 4.04 -19.18
CA SER B 371 43.86 3.87 -20.44
C SER B 371 42.77 2.84 -20.27
N MET B 372 41.79 2.91 -21.17
CA MET B 372 40.71 1.96 -21.17
C MET B 372 41.18 0.54 -21.47
N GLY B 373 42.42 0.38 -21.95
CA GLY B 373 43.03 -0.93 -21.96
C GLY B 373 43.59 -1.39 -20.64
N GLY B 374 43.62 -0.50 -19.64
CA GLY B 374 44.13 -0.84 -18.33
C GLY B 374 45.61 -0.61 -18.14
N ASN B 375 46.27 0.09 -19.06
CA ASN B 375 47.67 0.44 -18.91
C ASN B 375 47.79 1.77 -18.19
N LEU B 376 48.75 1.85 -17.28
CA LEU B 376 49.00 3.08 -16.54
C LEU B 376 49.55 4.14 -17.50
N ILE B 377 48.94 5.33 -17.48
CA ILE B 377 49.39 6.42 -18.33
C ILE B 377 50.34 7.30 -17.53
N LYS B 378 49.87 7.78 -16.39
CA LYS B 378 50.70 8.59 -15.52
C LYS B 378 50.13 8.59 -14.11
N LYS B 379 51.00 8.91 -13.16
CA LYS B 379 50.60 9.26 -11.81
C LYS B 379 50.45 10.78 -11.77
N VAL B 380 49.23 11.25 -11.50
CA VAL B 380 48.93 12.67 -11.71
C VAL B 380 49.41 13.51 -10.53
N THR B 381 49.20 13.02 -9.31
CA THR B 381 49.56 13.74 -8.10
C THR B 381 50.73 13.02 -7.45
N ASN B 382 51.46 13.74 -6.60
CA ASN B 382 52.48 13.11 -5.79
C ASN B 382 52.88 14.06 -4.67
N GLY B 383 53.46 13.50 -3.62
CA GLY B 383 53.83 14.25 -2.44
C GLY B 383 53.35 13.55 -1.18
N LYS B 384 53.69 14.14 -0.05
CA LYS B 384 53.35 13.56 1.24
C LYS B 384 52.05 14.18 1.77
N TYR B 385 50.98 13.91 1.03
CA TYR B 385 49.63 14.31 1.41
C TYR B 385 48.65 13.35 0.74
N GLU B 386 47.36 13.51 1.07
CA GLU B 386 46.33 12.60 0.61
C GLU B 386 45.37 13.31 -0.34
N VAL B 387 45.16 12.71 -1.51
CA VAL B 387 44.07 13.13 -2.39
C VAL B 387 42.80 12.49 -1.86
N LYS B 388 41.78 13.32 -1.62
CA LYS B 388 40.52 12.88 -1.03
C LYS B 388 39.48 12.55 -2.10
N ASP B 389 39.13 13.53 -2.93
CA ASP B 389 38.14 13.37 -3.98
C ASP B 389 38.78 13.65 -5.33
N PHE B 390 38.55 12.78 -6.30
CA PHE B 390 38.80 13.11 -7.70
C PHE B 390 37.54 13.78 -8.25
N LEU B 391 37.62 15.10 -8.51
CA LEU B 391 36.44 15.84 -8.95
C LEU B 391 36.16 15.65 -10.42
N GLY B 392 37.17 15.50 -11.27
CA GLY B 392 36.89 15.21 -12.66
C GLY B 392 38.02 15.63 -13.58
N TYR B 393 37.98 15.07 -14.78
CA TYR B 393 38.93 15.36 -15.84
C TYR B 393 38.23 16.23 -16.88
N ASP B 394 38.87 17.34 -17.26
CA ASP B 394 38.33 18.26 -18.25
C ASP B 394 38.83 17.78 -19.61
N GLU B 395 37.95 17.11 -20.37
CA GLU B 395 38.34 16.57 -21.67
C GLU B 395 38.68 17.67 -22.66
N ALA B 396 38.20 18.90 -22.44
CA ALA B 396 38.49 20.00 -23.35
C ALA B 396 39.96 20.37 -23.33
N ASP B 397 40.57 20.43 -22.14
CA ASP B 397 41.95 20.88 -22.03
C ASP B 397 42.89 19.91 -21.35
N GLY B 398 42.40 18.79 -20.82
CA GLY B 398 43.28 17.81 -20.22
C GLY B 398 43.68 18.07 -18.79
N SER B 399 42.92 18.87 -18.05
CA SER B 399 43.25 19.20 -16.67
C SER B 399 42.50 18.30 -15.70
N PHE B 400 43.11 18.07 -14.54
CA PHE B 400 42.54 17.24 -13.48
C PHE B 400 42.20 18.12 -12.28
N TYR B 401 41.04 17.87 -11.69
CA TYR B 401 40.56 18.59 -10.52
C TYR B 401 40.36 17.62 -9.36
N TYR B 402 40.79 18.02 -8.16
CA TYR B 402 40.78 17.11 -7.01
C TYR B 402 40.86 17.93 -5.74
N THR B 403 40.44 17.31 -4.64
CA THR B 403 40.66 17.86 -3.30
C THR B 403 41.80 17.11 -2.63
N SER B 404 42.50 17.83 -1.75
CA SER B 404 43.62 17.22 -1.03
C SER B 404 43.82 17.98 0.28
N ASN B 405 44.53 17.33 1.19
CA ASN B 405 44.95 17.97 2.43
C ASN B 405 46.42 18.41 2.38
N GLU B 406 46.91 18.79 1.19
CA GLU B 406 48.32 19.22 1.07
C GLU B 406 48.66 20.32 2.06
N GLU B 407 47.73 21.25 2.32
CA GLU B 407 48.03 22.32 3.28
C GLU B 407 48.36 21.78 4.66
N SER B 408 47.62 20.77 5.11
CA SER B 408 47.71 20.26 6.48
C SER B 408 46.72 19.11 6.63
N PRO B 409 47.01 18.11 7.46
CA PRO B 409 46.03 17.05 7.71
C PRO B 409 44.69 17.60 8.20
N LEU B 410 44.65 18.82 8.72
CA LEU B 410 43.44 19.41 9.26
C LEU B 410 42.56 20.07 8.20
N ARG B 411 43.07 20.26 6.98
CA ARG B 411 42.40 21.13 6.02
C ARG B 411 42.10 20.38 4.73
N LYS B 412 41.27 20.99 3.91
CA LYS B 412 40.91 20.44 2.61
C LYS B 412 40.81 21.59 1.63
N ALA B 413 41.48 21.47 0.48
CA ALA B 413 41.44 22.51 -0.55
C ALA B 413 41.25 21.87 -1.92
N VAL B 414 40.79 22.69 -2.84
CA VAL B 414 40.56 22.30 -4.23
C VAL B 414 41.80 22.66 -5.04
N TYR B 415 42.28 21.70 -5.83
CA TYR B 415 43.46 21.87 -6.67
C TYR B 415 43.14 21.47 -8.09
N LYS B 416 43.96 21.97 -9.02
CA LYS B 416 43.88 21.54 -10.40
C LYS B 416 45.29 21.33 -10.93
N ILE B 417 45.47 20.28 -11.72
CA ILE B 417 46.73 20.02 -12.40
C ILE B 417 46.44 19.95 -13.89
N ASP B 418 47.20 20.71 -14.69
CA ASP B 418 46.97 20.73 -16.14
C ASP B 418 47.70 19.57 -16.81
N LYS B 419 47.55 19.49 -18.14
CA LYS B 419 48.11 18.37 -18.88
C LYS B 419 49.64 18.35 -18.80
N LYS B 420 50.25 19.51 -18.59
CA LYS B 420 51.71 19.60 -18.42
C LYS B 420 52.15 19.20 -17.02
N GLY B 421 51.24 19.12 -16.07
CA GLY B 421 51.61 18.76 -14.72
C GLY B 421 51.82 19.93 -13.79
N LYS B 422 51.38 21.13 -14.16
CA LYS B 422 51.49 22.28 -13.29
C LYS B 422 50.28 22.36 -12.37
N LYS B 423 50.54 22.53 -11.08
CA LYS B 423 49.53 22.45 -10.04
C LYS B 423 49.15 23.85 -9.58
N LEU B 424 47.85 24.12 -9.49
CA LEU B 424 47.36 25.36 -8.91
C LEU B 424 46.37 25.02 -7.80
N LYS B 425 46.51 25.70 -6.67
CA LYS B 425 45.53 25.64 -5.61
C LYS B 425 44.40 26.62 -5.92
N LEU B 426 43.19 26.10 -6.11
CA LEU B 426 42.09 26.98 -6.49
C LEU B 426 41.49 27.71 -5.29
N SER B 427 41.42 27.06 -4.12
CA SER B 427 40.65 27.60 -3.00
C SER B 427 41.27 28.88 -2.49
N GLN B 428 40.41 29.85 -2.16
CA GLN B 428 40.87 31.15 -1.71
C GLN B 428 41.17 31.19 -0.22
N ARG B 429 40.43 30.43 0.60
CA ARG B 429 40.56 30.48 2.04
C ARG B 429 41.04 29.14 2.59
N GLU B 430 41.71 29.19 3.74
CA GLU B 430 42.22 27.99 4.38
C GLU B 430 41.23 27.48 5.40
N GLY B 431 40.94 26.19 5.33
CA GLY B 431 39.93 25.58 6.18
C GLY B 431 39.46 24.28 5.56
N THR B 432 38.16 24.15 5.33
CA THR B 432 37.56 23.01 4.64
C THR B 432 36.78 23.52 3.44
N ASN B 433 37.26 23.21 2.23
CA ASN B 433 36.63 23.61 0.98
C ASN B 433 36.02 22.38 0.31
N THR B 434 34.69 22.35 0.19
CA THR B 434 33.98 21.27 -0.47
C THR B 434 33.36 21.77 -1.78
N PRO B 435 33.87 21.37 -2.93
CA PRO B 435 33.35 21.90 -4.20
C PRO B 435 32.29 21.03 -4.85
N LEU B 436 31.46 21.65 -5.70
CA LEU B 436 30.53 20.95 -6.58
C LEU B 436 30.65 21.62 -7.94
N PHE B 437 31.23 20.90 -8.89
CA PHE B 437 31.60 21.45 -10.20
C PHE B 437 30.44 21.36 -11.18
N SER B 438 30.42 22.29 -12.13
CA SER B 438 29.48 22.21 -13.24
C SER B 438 29.86 21.05 -14.16
N GLN B 439 28.94 20.73 -15.09
CA GLN B 439 29.16 19.61 -16.00
C GLN B 439 30.38 19.84 -16.87
N SER B 440 30.64 21.08 -17.27
CA SER B 440 31.76 21.42 -18.14
C SER B 440 33.07 21.59 -17.39
N MET B 441 33.05 21.48 -16.05
CA MET B 441 34.17 21.84 -15.18
C MET B 441 34.52 23.32 -15.28
N LYS B 442 33.63 24.14 -15.84
CA LYS B 442 33.94 25.55 -16.03
C LYS B 442 33.77 26.36 -14.75
N TYR B 443 32.86 25.95 -13.88
CA TYR B 443 32.59 26.65 -12.63
C TYR B 443 32.40 25.64 -11.51
N TYR B 444 32.40 26.13 -10.28
CA TYR B 444 31.98 25.26 -9.19
C TYR B 444 31.40 26.09 -8.06
N MET B 445 30.52 25.44 -7.30
CA MET B 445 30.01 26.00 -6.06
C MET B 445 30.90 25.51 -4.93
N ASN B 446 31.36 26.43 -4.08
CA ASN B 446 32.28 26.10 -3.00
C ASN B 446 31.60 26.31 -1.67
N LYS B 447 31.66 25.30 -0.82
CA LYS B 447 31.17 25.39 0.56
C LYS B 447 32.40 25.41 1.45
N PHE B 448 32.61 26.52 2.16
CA PHE B 448 33.80 26.73 2.96
C PHE B 448 33.44 26.85 4.43
N SER B 449 34.26 26.22 5.27
CA SER B 449 34.13 26.36 6.71
C SER B 449 35.53 26.28 7.32
N ASN B 450 35.71 26.99 8.43
CA ASN B 450 36.84 26.74 9.33
C ASN B 450 36.38 27.03 10.75
N LEU B 451 37.33 27.01 11.70
CA LEU B 451 36.98 27.13 13.11
C LEU B 451 36.21 28.40 13.41
N ASP B 452 36.46 29.47 12.66
CA ASP B 452 35.81 30.75 12.87
C ASP B 452 34.71 31.05 11.86
N THR B 453 34.54 30.21 10.86
CA THR B 453 33.62 30.50 9.76
C THR B 453 32.59 29.39 9.63
N PRO B 454 31.35 29.61 10.07
CA PRO B 454 30.34 28.55 10.04
C PRO B 454 30.11 27.96 8.66
N MET B 455 29.76 28.79 7.67
CA MET B 455 29.54 28.26 6.33
C MET B 455 29.46 29.40 5.34
N LEU B 456 30.37 29.38 4.38
CA LEU B 456 30.48 30.40 3.35
C LEU B 456 30.34 29.71 2.00
N VAL B 457 29.25 29.98 1.30
CA VAL B 457 28.97 29.37 0.01
C VAL B 457 29.22 30.39 -1.09
N THR B 458 30.07 30.04 -2.03
CA THR B 458 30.40 30.90 -3.16
C THR B 458 30.26 30.13 -4.47
N LEU B 459 30.16 30.88 -5.56
CA LEU B 459 30.34 30.36 -6.90
C LEU B 459 31.71 30.80 -7.40
N ASN B 460 32.37 29.93 -8.17
CA ASN B 460 33.76 30.14 -8.54
C ASN B 460 34.01 29.64 -9.95
N ASP B 461 35.06 30.17 -10.59
CA ASP B 461 35.45 29.64 -11.88
C ASP B 461 36.60 28.63 -11.75
N ASN B 462 37.00 28.09 -12.90
CA ASN B 462 38.12 27.16 -13.07
C ASN B 462 39.36 27.55 -12.30
N THR B 463 39.59 28.84 -12.09
CA THR B 463 40.84 29.28 -11.48
C THR B 463 40.70 29.46 -9.97
N GLY B 464 39.50 29.31 -9.43
CA GLY B 464 39.24 29.53 -8.02
C GLY B 464 38.70 30.90 -7.71
N LYS B 465 38.75 31.83 -8.67
CA LYS B 465 38.23 33.17 -8.47
C LYS B 465 36.78 33.12 -7.98
N THR B 466 36.51 33.89 -6.92
CA THR B 466 35.15 34.03 -6.42
C THR B 466 34.34 34.90 -7.37
N LEU B 467 33.26 34.33 -7.93
CA LEU B 467 32.38 35.08 -8.80
C LEU B 467 31.23 35.69 -8.03
N LYS B 468 30.81 35.07 -6.94
CA LYS B 468 29.62 35.51 -6.22
C LYS B 468 29.58 34.79 -4.90
N THR B 469 29.20 35.51 -3.84
CA THR B 469 28.96 34.92 -2.54
C THR B 469 27.46 34.71 -2.40
N LEU B 470 27.05 33.45 -2.25
CA LEU B 470 25.62 33.16 -2.12
C LEU B 470 25.16 33.24 -0.67
N ILE B 471 25.95 32.69 0.25
CA ILE B 471 25.57 32.59 1.65
C ILE B 471 26.81 32.90 2.49
N ASN B 472 26.66 33.79 3.48
CA ASN B 472 27.76 34.06 4.39
C ASN B 472 27.40 33.83 5.85
N ASN B 473 26.13 33.55 6.15
CA ASN B 473 25.68 33.25 7.50
C ASN B 473 25.97 34.38 8.47
N ASP B 474 25.79 35.63 8.01
CA ASP B 474 25.94 36.77 8.91
C ASP B 474 24.89 36.73 10.01
N GLN B 475 23.68 36.24 9.71
CA GLN B 475 22.64 36.16 10.73
C GLN B 475 23.07 35.27 11.88
N LEU B 476 23.61 34.09 11.55
CA LEU B 476 24.07 33.17 12.60
C LEU B 476 25.22 33.77 13.40
N LYS B 477 26.15 34.44 12.73
CA LYS B 477 27.29 35.01 13.44
C LYS B 477 26.83 36.04 14.46
N GLN B 478 25.79 36.82 14.12
CA GLN B 478 25.26 37.82 15.04
C GLN B 478 24.56 37.16 16.22
N THR B 479 23.78 36.10 15.97
CA THR B 479 23.12 35.40 17.07
C THR B 479 24.14 34.87 18.07
N LEU B 480 25.26 34.35 17.58
CA LEU B 480 26.28 33.79 18.46
C LEU B 480 27.10 34.87 19.16
N SER B 481 27.14 36.08 18.63
CA SER B 481 27.87 37.15 19.30
C SER B 481 27.23 37.50 20.65
N GLY B 482 25.94 37.25 20.80
CA GLY B 482 25.25 37.46 22.06
C GLY B 482 25.45 36.38 23.11
N TYR B 483 26.23 35.34 22.79
CA TYR B 483 26.47 34.24 23.71
C TYR B 483 27.96 34.14 24.02
N ALA B 484 28.28 33.60 25.19
CA ALA B 484 29.66 33.34 25.59
C ALA B 484 30.04 31.96 25.06
N ILE B 485 30.64 31.92 23.88
CA ILE B 485 30.93 30.68 23.16
C ILE B 485 32.40 30.35 23.37
N PRO B 486 32.74 29.23 24.02
CA PRO B 486 34.14 28.80 24.09
C PRO B 486 34.69 28.55 22.69
N GLN B 487 35.98 28.84 22.52
CA GLN B 487 36.63 28.84 21.22
C GLN B 487 37.61 27.68 21.11
N LYS B 488 37.53 26.95 20.00
CA LYS B 488 38.49 25.90 19.71
C LYS B 488 39.79 26.52 19.21
N GLU B 489 40.92 25.93 19.60
CA GLU B 489 42.22 26.28 19.04
C GLU B 489 43.06 25.01 18.89
N PHE B 490 43.82 24.95 17.80
CA PHE B 490 44.64 23.78 17.52
C PHE B 490 45.92 23.83 18.33
N PHE B 491 46.44 22.65 18.62
CA PHE B 491 47.74 22.50 19.27
C PHE B 491 48.35 21.19 18.82
N THR B 492 49.61 21.01 19.18
CA THR B 492 50.37 19.83 18.85
C THR B 492 51.15 19.41 20.09
N PHE B 493 51.53 18.13 20.15
CA PHE B 493 52.39 17.68 21.24
C PHE B 493 53.06 16.37 20.81
N GLN B 494 54.17 16.05 21.45
CA GLN B 494 54.92 14.84 21.16
C GLN B 494 54.72 13.83 22.26
N THR B 495 54.40 12.58 21.87
CA THR B 495 54.28 11.53 22.86
C THR B 495 55.67 11.12 23.35
N THR B 496 55.70 10.32 24.42
CA THR B 496 56.97 9.91 24.99
C THR B 496 57.81 9.14 23.97
N ASP B 497 57.18 8.43 23.04
CA ASP B 497 57.92 7.72 22.01
C ASP B 497 58.12 8.57 20.75
N GLY B 498 57.91 9.88 20.84
CA GLY B 498 58.34 10.81 19.82
C GLY B 498 57.40 11.03 18.64
N VAL B 499 56.14 10.63 18.75
CA VAL B 499 55.17 10.87 17.69
C VAL B 499 54.45 12.19 17.96
N THR B 500 54.33 13.02 16.92
CA THR B 500 53.65 14.30 17.06
C THR B 500 52.17 14.13 16.71
N LEU B 501 51.29 14.55 17.62
CA LEU B 501 49.85 14.40 17.44
C LEU B 501 49.16 15.77 17.34
N ASN B 502 48.11 15.83 16.53
CA ASN B 502 47.27 17.02 16.41
C ASN B 502 46.08 16.94 17.36
N GLY B 503 45.77 18.07 18.00
CA GLY B 503 44.59 18.16 18.82
C GLY B 503 43.96 19.54 18.67
N TRP B 504 42.75 19.67 19.23
CA TRP B 504 42.19 20.99 19.51
C TRP B 504 41.86 21.07 21.00
N MET B 505 41.85 22.29 21.51
CA MET B 505 41.54 22.55 22.91
C MET B 505 40.51 23.66 22.97
N MET B 506 39.44 23.43 23.73
CA MET B 506 38.41 24.43 23.93
C MET B 506 38.40 24.80 25.41
N LYS B 507 38.65 26.06 25.70
CA LYS B 507 38.70 26.49 27.08
C LYS B 507 37.47 27.32 27.44
N PRO B 508 37.04 27.29 28.70
CA PRO B 508 35.89 28.12 29.09
C PRO B 508 36.21 29.59 28.88
N ALA B 509 35.17 30.37 28.57
CA ALA B 509 35.37 31.78 28.30
C ALA B 509 35.88 32.53 29.52
N ASN B 510 35.72 31.96 30.72
CA ASN B 510 36.27 32.55 31.94
C ASN B 510 37.78 32.43 32.02
N PHE B 511 38.41 31.66 31.14
CA PHE B 511 39.69 31.04 31.42
C PHE B 511 40.69 32.01 32.03
N SER B 512 41.36 31.56 33.10
CA SER B 512 42.46 32.28 33.72
C SER B 512 43.62 31.32 33.92
N THR B 513 44.84 31.79 33.63
CA THR B 513 46.03 30.96 33.71
C THR B 513 46.33 30.49 35.13
N SER B 514 45.83 31.21 36.14
CA SER B 514 46.14 30.86 37.52
C SER B 514 45.28 29.72 38.04
N LYS B 515 44.12 29.49 37.42
CA LYS B 515 43.20 28.47 37.89
C LYS B 515 43.58 27.10 37.35
N LYS B 516 43.12 26.07 38.05
CA LYS B 516 43.22 24.69 37.59
C LYS B 516 41.81 24.18 37.25
N TYR B 517 41.68 23.57 36.09
CA TYR B 517 40.40 23.15 35.54
C TYR B 517 40.31 21.64 35.38
N PRO B 518 39.12 21.07 35.50
CA PRO B 518 38.90 19.69 35.07
C PRO B 518 38.88 19.63 33.55
N VAL B 519 39.10 18.44 33.01
CA VAL B 519 39.29 18.23 31.59
C VAL B 519 38.35 17.14 31.11
N LEU B 520 37.66 17.40 30.00
CA LEU B 520 36.95 16.36 29.25
C LEU B 520 37.68 16.10 27.94
N MET B 521 38.11 14.86 27.75
CA MET B 521 38.68 14.45 26.48
C MET B 521 37.60 13.79 25.63
N TYR B 522 37.47 14.25 24.39
CA TYR B 522 36.62 13.62 23.41
C TYR B 522 37.49 13.05 22.31
N GLN B 523 37.09 11.88 21.78
CA GLN B 523 37.79 11.30 20.64
C GLN B 523 36.85 10.30 19.98
N TYR B 524 37.19 9.96 18.73
CA TYR B 524 36.58 8.84 18.02
C TYR B 524 37.57 7.74 17.75
N SER B 525 38.69 8.04 17.06
CA SER B 525 39.92 7.27 16.99
C SER B 525 39.88 6.10 16.01
N GLY B 526 38.78 5.88 15.30
CA GLY B 526 38.65 4.74 14.42
C GLY B 526 39.57 4.83 13.23
N PRO B 527 39.87 3.70 12.60
CA PRO B 527 40.88 3.68 11.52
C PRO B 527 40.52 4.62 10.37
N GLY B 528 41.46 5.52 10.06
CA GLY B 528 41.29 6.47 8.97
C GLY B 528 40.41 7.66 9.27
N SER B 529 39.82 7.75 10.46
CA SER B 529 38.93 8.85 10.77
C SER B 529 39.71 10.08 11.25
N GLN B 530 39.05 11.23 11.25
CA GLN B 530 39.62 12.45 11.84
C GLN B 530 38.55 13.26 12.54
N GLN B 531 38.80 13.63 13.79
CA GLN B 531 37.96 14.61 14.48
C GLN B 531 38.61 15.99 14.58
N VAL B 532 39.91 16.09 14.40
CA VAL B 532 40.63 17.34 14.57
C VAL B 532 40.75 17.95 13.18
N LEU B 533 39.79 18.81 12.84
CA LEU B 533 39.64 19.35 11.50
C LEU B 533 39.34 20.84 11.57
N ASP B 534 39.90 21.59 10.63
CA ASP B 534 39.68 23.03 10.54
C ASP B 534 38.31 23.27 9.91
N THR B 535 37.27 23.07 10.72
CA THR B 535 35.90 23.20 10.27
C THR B 535 35.02 23.59 11.45
N TRP B 536 33.88 24.23 11.17
CA TRP B 536 33.09 24.89 12.21
C TRP B 536 32.07 23.94 12.82
N GLY B 537 31.85 24.09 14.13
CA GLY B 537 30.79 23.37 14.80
C GLY B 537 30.58 23.78 16.24
N ILE B 538 29.36 23.61 16.72
CA ILE B 538 28.99 23.81 18.11
C ILE B 538 28.31 22.53 18.56
N SER B 539 28.79 21.93 19.64
CA SER B 539 28.36 20.58 20.00
C SER B 539 28.21 20.50 21.53
N TRP B 540 27.94 19.30 22.02
CA TRP B 540 27.90 19.12 23.47
C TRP B 540 29.24 19.45 24.10
N GLU B 541 30.34 19.19 23.39
CA GLU B 541 31.65 19.57 23.91
C GLU B 541 31.74 21.06 24.16
N THR B 542 31.17 21.87 23.27
CA THR B 542 31.12 23.31 23.47
C THR B 542 30.36 23.67 24.74
N TYR B 543 29.21 23.03 24.94
CA TYR B 543 28.42 23.28 26.14
C TYR B 543 29.19 22.90 27.41
N MET B 544 29.90 21.77 27.38
CA MET B 544 30.70 21.37 28.54
C MET B 544 31.79 22.39 28.83
N ALA B 545 32.47 22.88 27.80
CA ALA B 545 33.45 23.94 28.03
C ALA B 545 32.77 25.17 28.65
N SER B 546 31.55 25.47 28.20
CA SER B 546 30.80 26.60 28.73
C SER B 546 30.40 26.39 30.19
N LEU B 547 30.49 25.17 30.71
CA LEU B 547 30.25 24.89 32.12
C LEU B 547 31.50 24.96 32.96
N GLY B 548 32.66 25.23 32.37
CA GLY B 548 33.90 25.32 33.12
C GLY B 548 34.92 24.23 32.87
N TYR B 549 34.68 23.33 31.92
CA TYR B 549 35.64 22.29 31.60
C TYR B 549 36.55 22.74 30.47
N ILE B 550 37.80 22.29 30.51
CA ILE B 550 38.65 22.35 29.32
C ILE B 550 38.35 21.09 28.51
N VAL B 551 37.97 21.27 27.26
CA VAL B 551 37.62 20.14 26.40
C VAL B 551 38.72 19.99 25.36
N VAL B 552 39.19 18.75 25.17
CA VAL B 552 40.32 18.45 24.30
C VAL B 552 39.96 17.25 23.44
N CYS B 553 40.41 17.28 22.18
CA CYS B 553 40.29 16.17 21.25
C CYS B 553 41.63 15.96 20.56
N VAL B 554 42.19 14.75 20.65
CA VAL B 554 43.43 14.41 19.97
C VAL B 554 43.17 13.21 19.07
N ASP B 555 43.54 13.36 17.79
CA ASP B 555 43.55 12.24 16.85
C ASP B 555 44.86 11.49 17.03
N GLY B 556 44.77 10.25 17.55
CA GLY B 556 45.96 9.46 17.79
C GLY B 556 46.37 8.63 16.58
N ARG B 557 47.41 7.82 16.78
CA ARG B 557 47.82 6.87 15.75
C ARG B 557 46.62 6.02 15.32
N GLY B 558 46.59 5.69 14.03
CA GLY B 558 45.49 4.98 13.42
C GLY B 558 44.49 5.85 12.72
N THR B 559 44.44 7.14 13.06
CA THR B 559 43.55 8.05 12.38
C THR B 559 44.09 8.37 10.99
N GLY B 560 43.29 9.08 10.19
CA GLY B 560 43.60 9.33 8.80
C GLY B 560 44.21 10.70 8.56
N GLY B 561 44.43 10.98 7.27
CA GLY B 561 44.93 12.25 6.82
C GLY B 561 46.43 12.36 6.82
N ARG B 562 47.14 11.37 7.35
CA ARG B 562 48.60 11.44 7.50
C ARG B 562 49.29 10.30 6.78
N GLY B 563 48.60 9.63 5.86
CA GLY B 563 49.19 8.57 5.07
C GLY B 563 49.01 7.18 5.66
N GLU B 564 49.36 6.19 4.85
CA GLU B 564 49.09 4.80 5.18
C GLU B 564 49.86 4.36 6.43
N ALA B 565 51.15 4.69 6.52
CA ALA B 565 51.94 4.24 7.67
C ALA B 565 51.28 4.69 8.97
N PHE B 566 50.80 5.94 9.02
CA PHE B 566 50.23 6.45 10.27
C PHE B 566 48.88 5.78 10.58
N GLU B 567 48.08 5.48 9.55
CA GLU B 567 46.78 4.88 9.78
C GLU B 567 46.89 3.39 10.06
N LYS B 568 47.70 2.68 9.29
CA LYS B 568 47.63 1.22 9.30
C LYS B 568 48.72 0.58 10.15
N CYS B 569 49.37 1.36 11.01
CA CYS B 569 50.26 0.79 12.02
C CYS B 569 49.49 -0.07 13.03
N THR B 570 48.16 0.09 13.10
CA THR B 570 47.29 -0.68 13.98
C THR B 570 46.90 -2.03 13.38
N TYR B 571 47.30 -2.32 12.15
CA TYR B 571 46.79 -3.47 11.41
C TYR B 571 46.97 -4.77 12.19
N LEU B 572 45.90 -5.55 12.29
CA LEU B 572 45.81 -6.83 13.00
C LEU B 572 45.82 -6.69 14.52
N LYS B 573 45.91 -5.49 15.08
CA LYS B 573 45.82 -5.34 16.53
C LYS B 573 45.30 -3.93 16.83
N ILE B 574 44.06 -3.67 16.48
CA ILE B 574 43.51 -2.31 16.59
C ILE B 574 43.20 -2.01 18.04
N GLY B 575 42.92 -0.75 18.34
CA GLY B 575 42.64 -0.33 19.70
C GLY B 575 43.86 -0.04 20.56
N VAL B 576 44.87 -0.89 20.46
CA VAL B 576 45.98 -0.88 21.43
C VAL B 576 46.78 0.41 21.34
N LYS B 577 47.29 0.73 20.15
CA LYS B 577 48.08 1.95 19.99
C LYS B 577 47.23 3.19 20.25
N GLU B 578 45.97 3.18 19.80
CA GLU B 578 45.08 4.32 20.01
C GLU B 578 44.89 4.61 21.50
N ALA B 579 44.70 3.56 22.31
CA ALA B 579 44.48 3.78 23.73
C ALA B 579 45.75 4.32 24.39
N LYS B 580 46.91 3.81 24.00
CA LYS B 580 48.15 4.37 24.52
C LYS B 580 48.23 5.87 24.20
N ASP B 581 47.84 6.27 22.98
CA ASP B 581 47.95 7.67 22.61
C ASP B 581 46.94 8.54 23.37
N GLN B 582 45.75 8.00 23.69
CA GLN B 582 44.84 8.75 24.56
C GLN B 582 45.42 8.89 25.97
N VAL B 583 46.06 7.84 26.49
CA VAL B 583 46.74 7.95 27.78
C VAL B 583 47.87 8.98 27.69
N GLU B 584 48.68 8.93 26.63
CA GLU B 584 49.70 9.96 26.43
C GLU B 584 49.10 11.36 26.47
N THR B 585 47.93 11.54 25.82
CA THR B 585 47.29 12.85 25.80
C THR B 585 46.90 13.31 27.21
N ALA B 586 46.32 12.43 28.02
CA ALA B 586 45.99 12.80 29.39
C ALA B 586 47.25 13.10 30.20
N LEU B 587 48.32 12.33 29.99
CA LEU B 587 49.57 12.61 30.71
C LEU B 587 50.15 13.96 30.31
N TYR B 588 50.12 14.29 29.01
CA TYR B 588 50.58 15.61 28.60
C TYR B 588 49.71 16.70 29.21
N LEU B 589 48.38 16.53 29.15
CA LEU B 589 47.47 17.51 29.71
C LEU B 589 47.69 17.67 31.21
N GLY B 590 47.89 16.56 31.92
CA GLY B 590 48.11 16.62 33.36
C GLY B 590 49.36 17.40 33.76
N LYS B 591 50.34 17.50 32.86
CA LYS B 591 51.56 18.26 33.10
C LYS B 591 51.37 19.75 32.92
N GLN B 592 50.19 20.20 32.50
CA GLN B 592 49.96 21.62 32.35
C GLN B 592 49.53 22.23 33.67
N PRO B 593 49.97 23.46 33.96
CA PRO B 593 49.66 24.05 35.27
C PRO B 593 48.18 24.36 35.46
N TYR B 594 47.42 24.58 34.39
CA TYR B 594 46.02 24.94 34.47
C TYR B 594 45.09 23.72 34.41
N VAL B 595 45.62 22.50 34.53
CA VAL B 595 44.86 21.26 34.45
C VAL B 595 44.96 20.53 35.78
N ASP B 596 43.82 20.16 36.36
CA ASP B 596 43.81 19.28 37.53
C ASP B 596 43.99 17.85 37.04
N LYS B 597 45.20 17.32 37.25
CA LYS B 597 45.56 15.95 36.88
C LYS B 597 44.57 14.90 37.41
N ASP B 598 43.89 15.21 38.49
CA ASP B 598 42.99 14.25 39.12
C ASP B 598 41.56 14.33 38.61
N ARG B 599 41.27 15.22 37.66
CA ARG B 599 39.92 15.42 37.15
C ARG B 599 39.92 15.43 35.61
N ILE B 600 40.39 14.33 35.02
CA ILE B 600 40.39 14.17 33.57
C ILE B 600 39.42 13.05 33.20
N GLY B 601 38.45 13.38 32.34
CA GLY B 601 37.50 12.42 31.82
C GLY B 601 37.69 12.20 30.33
N ILE B 602 37.02 11.16 29.83
CA ILE B 602 37.11 10.78 28.42
C ILE B 602 35.78 10.17 27.99
N TRP B 603 35.40 10.40 26.74
CA TRP B 603 34.13 9.88 26.25
C TRP B 603 34.20 9.75 24.74
N GLY B 604 33.26 8.97 24.21
CA GLY B 604 33.18 8.74 22.78
C GLY B 604 31.98 7.86 22.49
N TRP B 605 31.69 7.74 21.19
CA TRP B 605 30.51 7.07 20.67
C TRP B 605 30.95 6.14 19.56
N SER B 606 30.42 4.91 19.55
CA SER B 606 30.80 3.90 18.57
C SER B 606 32.26 3.51 18.80
N TYR B 607 33.13 3.64 17.80
CA TYR B 607 34.54 3.36 18.04
C TYR B 607 35.04 4.20 19.20
N GLY B 608 34.55 5.43 19.31
CA GLY B 608 34.98 6.30 20.39
C GLY B 608 34.57 5.78 21.75
N GLY B 609 33.45 5.05 21.83
CA GLY B 609 33.08 4.41 23.08
C GLY B 609 33.98 3.23 23.40
N TYR B 610 34.27 2.41 22.38
CA TYR B 610 35.26 1.36 22.52
C TYR B 610 36.59 1.92 23.02
N MET B 611 37.00 3.08 22.49
CA MET B 611 38.26 3.68 22.89
C MET B 611 38.20 4.22 24.32
N THR B 612 37.03 4.71 24.74
CA THR B 612 36.85 5.05 26.15
C THR B 612 37.20 3.86 27.04
N LEU B 613 36.61 2.70 26.75
CA LEU B 613 36.90 1.49 27.52
C LEU B 613 38.38 1.13 27.43
N MET B 614 38.92 1.02 26.21
CA MET B 614 40.32 0.65 26.04
C MET B 614 41.24 1.62 26.77
N SER B 615 40.90 2.91 26.75
CA SER B 615 41.76 3.91 27.36
C SER B 615 41.69 3.88 28.88
N MET B 616 40.49 3.69 29.43
CA MET B 616 40.32 3.66 30.88
C MET B 616 40.85 2.37 31.50
N SER B 617 41.09 1.34 30.69
CA SER B 617 41.65 0.09 31.18
C SER B 617 43.04 -0.16 30.60
N GLU B 618 43.73 0.90 30.18
CA GLU B 618 45.03 0.73 29.54
C GLU B 618 46.10 0.26 30.53
N GLY B 619 45.94 0.54 31.82
CA GLY B 619 46.92 0.18 32.83
C GLY B 619 47.49 1.38 33.57
N THR B 620 47.55 2.53 32.91
CA THR B 620 47.96 3.79 33.55
C THR B 620 46.72 4.51 34.06
N PRO B 621 46.59 4.73 35.38
CA PRO B 621 45.29 5.19 35.91
C PRO B 621 45.10 6.70 35.85
N VAL B 622 44.98 7.24 34.63
CA VAL B 622 44.90 8.69 34.46
C VAL B 622 43.47 9.24 34.42
N PHE B 623 42.46 8.40 34.21
CA PHE B 623 41.11 8.90 34.00
C PHE B 623 40.28 8.79 35.27
N LYS B 624 39.63 9.89 35.63
CA LYS B 624 38.71 9.91 36.75
C LYS B 624 37.34 9.35 36.39
N ALA B 625 36.90 9.55 35.14
CA ALA B 625 35.54 9.18 34.72
C ALA B 625 35.51 9.07 33.20
N GLY B 626 34.50 8.36 32.70
CA GLY B 626 34.37 8.18 31.27
C GLY B 626 32.98 7.75 30.90
N VAL B 627 32.64 7.95 29.62
CA VAL B 627 31.32 7.55 29.12
C VAL B 627 31.51 6.87 27.78
N ALA B 628 31.07 5.62 27.67
CA ALA B 628 31.17 4.86 26.43
C ALA B 628 29.76 4.70 25.87
N VAL B 629 29.51 5.29 24.70
CA VAL B 629 28.19 5.25 24.08
C VAL B 629 28.25 4.30 22.89
N ALA B 630 27.37 3.29 22.91
CA ALA B 630 27.22 2.33 21.81
C ALA B 630 28.58 1.74 21.41
N ALA B 631 29.29 1.22 22.39
CA ALA B 631 30.69 0.80 22.22
C ALA B 631 30.77 -0.65 21.77
N PRO B 632 31.50 -0.95 20.69
CA PRO B 632 31.98 -2.32 20.50
C PRO B 632 32.86 -2.70 21.67
N THR B 633 32.80 -3.96 22.07
CA THR B 633 33.56 -4.39 23.23
C THR B 633 34.46 -5.57 22.95
N ASP B 634 34.06 -6.46 22.04
CA ASP B 634 34.91 -7.49 21.49
C ASP B 634 34.64 -7.59 20.00
N TRP B 635 35.70 -7.60 19.19
CA TRP B 635 35.51 -7.48 17.75
C TRP B 635 34.83 -8.69 17.15
N ARG B 636 34.82 -9.83 17.84
CA ARG B 636 34.08 -10.97 17.30
C ARG B 636 32.56 -10.71 17.28
N PHE B 637 32.07 -9.72 18.03
CA PHE B 637 30.65 -9.34 17.95
C PHE B 637 30.33 -8.47 16.74
N TYR B 638 31.33 -7.88 16.08
CA TYR B 638 31.03 -6.92 15.03
C TYR B 638 31.05 -7.61 13.68
N ASP B 639 30.76 -6.85 12.61
CA ASP B 639 30.42 -7.47 11.33
C ASP B 639 31.67 -7.85 10.54
N THR B 640 31.46 -8.61 9.47
CA THR B 640 32.56 -9.15 8.66
C THR B 640 33.41 -8.04 8.04
N ILE B 641 32.78 -7.16 7.25
CA ILE B 641 33.56 -6.34 6.31
C ILE B 641 34.44 -5.36 7.08
N TYR B 642 33.89 -4.69 8.09
CA TYR B 642 34.68 -3.69 8.80
C TYR B 642 35.73 -4.36 9.68
N THR B 643 35.30 -5.28 10.54
CA THR B 643 36.23 -5.91 11.46
C THR B 643 37.37 -6.60 10.72
N GLU B 644 37.04 -7.44 9.74
CA GLU B 644 38.08 -8.20 9.05
C GLU B 644 38.99 -7.31 8.21
N ARG B 645 38.53 -6.15 7.78
CA ARG B 645 39.41 -5.25 7.06
C ARG B 645 40.65 -4.93 7.88
N PHE B 646 40.47 -4.75 9.20
CA PHE B 646 41.57 -4.39 10.08
C PHE B 646 42.15 -5.56 10.85
N MET B 647 41.43 -6.68 10.95
CA MET B 647 41.79 -7.73 11.87
C MET B 647 41.80 -9.13 11.26
N ARG B 648 41.41 -9.29 10.00
CA ARG B 648 41.14 -10.61 9.43
C ARG B 648 40.16 -11.36 10.34
N THR B 649 40.11 -12.71 10.25
CA THR B 649 39.07 -13.43 10.98
C THR B 649 39.54 -13.84 12.37
N PRO B 650 38.62 -14.10 13.29
CA PRO B 650 39.01 -14.59 14.63
C PRO B 650 39.91 -15.82 14.58
N LYS B 651 39.65 -16.78 13.69
CA LYS B 651 40.47 -17.99 13.66
C LYS B 651 41.85 -17.74 13.07
N GLU B 652 41.99 -16.72 12.21
CA GLU B 652 43.29 -16.39 11.64
C GLU B 652 44.17 -15.55 12.55
N ASN B 653 43.55 -14.78 13.44
CA ASN B 653 44.23 -13.74 14.20
C ASN B 653 43.74 -13.79 15.64
N ALA B 654 43.81 -14.99 16.24
CA ALA B 654 43.34 -15.17 17.61
C ALA B 654 44.06 -14.24 18.59
N GLU B 655 45.38 -14.08 18.44
CA GLU B 655 46.12 -13.22 19.37
C GLU B 655 45.76 -11.76 19.18
N GLY B 656 45.51 -11.33 17.94
CA GLY B 656 45.08 -9.95 17.73
C GLY B 656 43.74 -9.67 18.38
N TYR B 657 42.76 -10.55 18.13
CA TYR B 657 41.43 -10.33 18.71
C TYR B 657 41.49 -10.27 20.23
N LYS B 658 42.32 -11.13 20.83
CA LYS B 658 42.46 -11.10 22.29
C LYS B 658 43.05 -9.77 22.76
N GLU B 659 44.11 -9.32 22.10
CA GLU B 659 44.77 -8.09 22.55
C GLU B 659 43.93 -6.84 22.27
N SER B 660 43.06 -6.89 21.26
CA SER B 660 42.20 -5.76 20.93
C SER B 660 40.87 -5.77 21.70
N SER B 661 40.54 -6.85 22.39
CA SER B 661 39.27 -6.92 23.11
C SER B 661 39.26 -6.03 24.35
N ALA B 662 38.14 -5.35 24.59
CA ALA B 662 38.02 -4.65 25.87
C ALA B 662 37.92 -5.62 27.03
N PHE B 663 37.52 -6.87 26.78
CA PHE B 663 37.41 -7.84 27.88
C PHE B 663 38.78 -8.17 28.46
N THR B 664 39.78 -8.33 27.60
CA THR B 664 41.09 -8.82 28.05
C THR B 664 41.70 -7.92 29.12
N ARG B 665 41.52 -6.61 28.98
CA ARG B 665 42.11 -5.64 29.89
C ARG B 665 41.13 -5.09 30.90
N ALA B 666 39.90 -5.66 30.98
CA ALA B 666 38.88 -5.04 31.82
C ALA B 666 39.27 -5.04 33.30
N ASP B 667 40.09 -6.00 33.74
CA ASP B 667 40.50 -5.97 35.15
C ASP B 667 41.28 -4.71 35.52
N LYS B 668 41.85 -4.01 34.54
CA LYS B 668 42.58 -2.78 34.81
C LYS B 668 41.71 -1.53 34.66
N LEU B 669 40.39 -1.68 34.49
CA LEU B 669 39.52 -0.52 34.35
C LEU B 669 39.65 0.39 35.56
N HIS B 670 39.93 1.67 35.30
CA HIS B 670 40.15 2.65 36.37
C HIS B 670 39.36 3.91 36.07
N GLY B 671 38.57 4.35 37.03
CA GLY B 671 37.71 5.50 36.89
C GLY B 671 36.24 5.10 36.85
N ASN B 672 35.38 6.10 37.00
CA ASN B 672 33.94 5.87 37.05
C ASN B 672 33.39 5.86 35.63
N LEU B 673 32.91 4.70 35.19
CA LEU B 673 32.42 4.47 33.83
C LEU B 673 30.89 4.50 33.77
N LEU B 674 30.36 5.13 32.73
CA LEU B 674 28.95 5.00 32.35
C LEU B 674 28.86 4.35 30.98
N LEU B 675 28.12 3.24 30.89
CA LEU B 675 27.87 2.57 29.62
C LEU B 675 26.50 2.98 29.10
N VAL B 676 26.45 3.46 27.86
CA VAL B 676 25.18 3.84 27.21
C VAL B 676 25.01 3.04 25.93
N HIS B 677 23.79 2.53 25.72
CA HIS B 677 23.53 1.77 24.50
C HIS B 677 22.05 1.81 24.15
N GLY B 678 21.77 1.86 22.85
CA GLY B 678 20.41 1.63 22.37
C GLY B 678 20.18 0.14 22.18
N MET B 679 19.09 -0.38 22.77
CA MET B 679 18.87 -1.82 22.71
C MET B 679 18.46 -2.30 21.33
N ALA B 680 18.00 -1.41 20.45
CA ALA B 680 17.68 -1.80 19.08
C ALA B 680 18.81 -1.46 18.10
N ASP B 681 20.06 -1.41 18.59
CA ASP B 681 21.19 -1.06 17.74
C ASP B 681 21.44 -2.20 16.75
N ASP B 682 21.22 -1.92 15.45
CA ASP B 682 21.43 -2.86 14.37
C ASP B 682 22.87 -2.85 13.88
N ASN B 683 23.71 -1.97 14.44
CA ASN B 683 25.08 -1.77 13.99
C ASN B 683 26.04 -2.37 15.02
N VAL B 684 26.21 -1.72 16.16
CA VAL B 684 26.93 -2.29 17.29
C VAL B 684 25.88 -2.92 18.19
N HIS B 685 25.74 -4.24 18.12
CA HIS B 685 24.65 -4.92 18.81
C HIS B 685 24.69 -4.64 20.30
N PHE B 686 23.50 -4.49 20.90
CA PHE B 686 23.39 -4.34 22.34
C PHE B 686 24.11 -5.47 23.07
N GLN B 687 24.19 -6.65 22.46
CA GLN B 687 25.01 -7.76 22.93
C GLN B 687 26.38 -7.31 23.42
N ASN B 688 27.06 -6.41 22.68
CA ASN B 688 28.35 -5.87 23.11
C ASN B 688 28.30 -5.36 24.54
N CYS B 689 27.25 -4.57 24.84
CA CYS B 689 27.11 -3.95 26.14
C CYS B 689 26.72 -5.00 27.19
N ALA B 690 25.75 -5.85 26.87
CA ALA B 690 25.31 -6.88 27.81
C ALA B 690 26.45 -7.81 28.20
N GLU B 691 27.27 -8.24 27.23
CA GLU B 691 28.34 -9.19 27.55
C GLU B 691 29.45 -8.52 28.34
N TYR B 692 29.77 -7.26 28.00
CA TYR B 692 30.85 -6.57 28.70
C TYR B 692 30.43 -6.18 30.11
N ALA B 693 29.18 -5.71 30.27
CA ALA B 693 28.68 -5.42 31.61
C ALA B 693 28.79 -6.64 32.52
N GLU B 694 28.46 -7.82 32.00
CA GLU B 694 28.52 -9.01 32.84
C GLU B 694 29.94 -9.36 33.22
N HIS B 695 30.87 -9.19 32.28
CA HIS B 695 32.27 -9.43 32.61
C HIS B 695 32.71 -8.50 33.72
N LEU B 696 32.34 -7.22 33.63
CA LEU B 696 32.65 -6.28 34.70
C LEU B 696 32.02 -6.71 36.02
N VAL B 697 30.78 -7.21 35.99
CA VAL B 697 30.12 -7.65 37.21
C VAL B 697 30.95 -8.74 37.90
N GLN B 698 31.41 -9.72 37.12
CA GLN B 698 32.15 -10.82 37.72
C GLN B 698 33.55 -10.39 38.17
N LEU B 699 34.12 -9.36 37.53
CA LEU B 699 35.36 -8.77 38.01
C LEU B 699 35.17 -7.91 39.25
N GLY B 700 33.93 -7.59 39.63
CA GLY B 700 33.69 -6.71 40.74
C GLY B 700 33.81 -5.23 40.46
N LYS B 701 33.88 -4.83 39.18
CA LYS B 701 33.99 -3.42 38.83
C LYS B 701 32.62 -2.75 38.94
N GLN B 702 32.57 -1.62 39.63
CA GLN B 702 31.35 -0.83 39.71
C GLN B 702 31.29 0.12 38.54
N PHE B 703 30.09 0.34 38.00
CA PHE B 703 29.90 1.20 36.84
C PHE B 703 28.43 1.57 36.76
N ASP B 704 28.11 2.48 35.86
CA ASP B 704 26.76 2.98 35.69
C ASP B 704 26.26 2.61 34.29
N MET B 705 24.92 2.56 34.14
CA MET B 705 24.33 2.18 32.86
C MET B 705 23.17 3.11 32.49
N GLN B 706 22.98 3.31 31.19
CA GLN B 706 21.76 3.93 30.65
C GLN B 706 21.45 3.21 29.34
N VAL B 707 20.42 2.36 29.34
CA VAL B 707 20.01 1.65 28.13
C VAL B 707 18.71 2.25 27.62
N TYR B 708 18.65 2.46 26.31
CA TYR B 708 17.55 3.21 25.69
C TYR B 708 16.69 2.26 24.86
N THR B 709 15.42 2.18 25.25
CA THR B 709 14.47 1.27 24.63
C THR B 709 14.22 1.62 23.18
N ASN B 710 14.26 0.60 22.32
CA ASN B 710 13.95 0.70 20.90
C ASN B 710 14.90 1.61 20.12
N ARG B 711 16.05 2.00 20.68
CA ARG B 711 16.91 2.96 20.02
C ARG B 711 18.05 2.27 19.30
N ASN B 712 18.47 2.87 18.17
CA ASN B 712 19.51 2.29 17.33
C ASN B 712 20.85 2.97 17.59
N HIS B 713 21.77 2.87 16.63
CA HIS B 713 23.12 3.39 16.84
C HIS B 713 23.14 4.91 17.01
N GLY B 714 22.12 5.62 16.51
CA GLY B 714 22.06 7.07 16.70
C GLY B 714 21.38 7.54 17.96
N ILE B 715 20.74 6.62 18.70
CA ILE B 715 20.04 6.91 19.96
C ILE B 715 19.33 8.25 19.91
N TYR B 716 18.19 8.31 19.20
CA TYR B 716 17.45 9.55 19.07
C TYR B 716 15.97 9.23 18.97
N GLY B 717 15.15 10.27 19.15
CA GLY B 717 13.70 10.14 18.99
C GLY B 717 12.93 10.78 20.12
N GLY B 718 12.05 11.72 19.78
CA GLY B 718 11.38 12.47 20.83
C GLY B 718 12.41 13.23 21.67
N ASN B 719 12.28 13.11 22.98
CA ASN B 719 13.16 13.77 23.94
C ASN B 719 14.50 13.04 24.14
N THR B 720 14.76 11.98 23.37
CA THR B 720 15.87 11.07 23.69
C THR B 720 17.21 11.79 23.73
N ARG B 721 17.53 12.59 22.70
CA ARG B 721 18.85 13.21 22.64
C ARG B 721 19.06 14.20 23.79
N GLN B 722 18.03 14.98 24.12
CA GLN B 722 18.18 15.93 25.22
C GLN B 722 18.34 15.18 26.53
N HIS B 723 17.61 14.08 26.69
CA HIS B 723 17.78 13.23 27.86
C HIS B 723 19.19 12.67 27.94
N LEU B 724 19.68 12.11 26.84
CA LEU B 724 21.02 11.51 26.79
C LEU B 724 22.11 12.51 27.14
N TYR B 725 22.07 13.70 26.53
CA TYR B 725 23.14 14.65 26.78
C TYR B 725 23.01 15.30 28.16
N THR B 726 21.80 15.34 28.72
CA THR B 726 21.67 15.74 30.11
C THR B 726 22.28 14.68 31.03
N ARG B 727 22.03 13.41 30.74
CA ARG B 727 22.64 12.31 31.48
C ARG B 727 24.15 12.37 31.42
N LEU B 728 24.71 12.59 30.22
CA LEU B 728 26.16 12.71 30.09
C LEU B 728 26.68 13.92 30.86
N THR B 729 26.00 15.06 30.74
CA THR B 729 26.42 16.25 31.47
C THR B 729 26.48 15.98 32.97
N ASN B 730 25.36 15.48 33.52
CA ASN B 730 25.29 15.25 34.96
C ASN B 730 26.31 14.21 35.40
N PHE B 731 26.49 13.15 34.62
CA PHE B 731 27.46 12.13 35.01
C PHE B 731 28.85 12.72 35.19
N PHE B 732 29.28 13.59 34.26
CA PHE B 732 30.60 14.18 34.40
C PHE B 732 30.64 15.20 35.52
N LEU B 733 29.56 15.98 35.69
CA LEU B 733 29.49 16.91 36.81
C LEU B 733 29.63 16.18 38.13
N ASN B 734 28.91 15.05 38.29
CA ASN B 734 28.96 14.34 39.56
C ASN B 734 30.26 13.58 39.77
N ASN B 735 30.88 13.11 38.69
CA ASN B 735 32.01 12.20 38.86
C ASN B 735 33.36 12.82 38.56
N LEU B 736 33.41 14.06 38.09
CA LEU B 736 34.70 14.68 37.75
C LEU B 736 35.15 15.72 38.78
N LYS C 23 -35.62 21.25 -60.22
CA LYS C 23 -34.81 22.45 -60.37
C LYS C 23 -33.86 22.63 -59.17
N ALA C 24 -34.36 22.49 -57.94
CA ALA C 24 -33.50 22.64 -56.77
C ALA C 24 -32.74 21.35 -56.49
N LEU C 25 -31.42 21.47 -56.31
CA LEU C 25 -30.60 20.34 -55.92
C LEU C 25 -31.03 19.81 -54.55
N ASP C 26 -31.13 18.48 -54.44
CA ASP C 26 -31.66 17.80 -53.26
C ASP C 26 -30.55 16.93 -52.68
N LEU C 27 -30.19 17.19 -51.41
CA LEU C 27 -29.06 16.48 -50.79
C LEU C 27 -29.28 14.97 -50.81
N LYS C 28 -30.53 14.53 -50.64
CA LYS C 28 -30.82 13.09 -50.64
C LYS C 28 -30.49 12.47 -51.99
N ASP C 29 -30.72 13.19 -53.10
CA ASP C 29 -30.27 12.72 -54.40
C ASP C 29 -28.76 12.57 -54.46
N ILE C 30 -28.04 13.48 -53.80
CA ILE C 30 -26.57 13.41 -53.83
C ILE C 30 -26.09 12.21 -53.03
N THR C 31 -26.63 12.05 -51.82
CA THR C 31 -26.24 10.99 -50.90
C THR C 31 -26.67 9.62 -51.39
N SER C 32 -27.81 9.53 -52.06
CA SER C 32 -28.27 8.25 -52.61
C SER C 32 -27.56 7.87 -53.90
N GLY C 33 -26.75 8.76 -54.47
CA GLY C 33 -26.07 8.43 -55.70
C GLY C 33 -26.91 8.56 -56.94
N ARG C 34 -27.95 9.39 -56.91
CA ARG C 34 -28.80 9.56 -58.09
C ARG C 34 -28.00 10.07 -59.28
N PHE C 35 -26.95 10.86 -59.03
CA PHE C 35 -26.18 11.47 -60.09
C PHE C 35 -24.86 10.77 -60.35
N ARG C 36 -24.68 9.57 -59.85
CA ARG C 36 -23.47 8.82 -60.15
C ARG C 36 -23.46 8.48 -61.63
N PRO C 37 -22.40 8.83 -62.37
CA PRO C 37 -22.39 8.56 -63.81
C PRO C 37 -22.40 7.07 -64.09
N GLU C 38 -23.05 6.70 -65.20
CA GLU C 38 -22.91 5.35 -65.72
C GLU C 38 -21.45 5.01 -65.94
N ASN C 39 -21.11 3.74 -65.73
CA ASN C 39 -19.76 3.25 -65.89
C ASN C 39 -19.84 1.76 -66.17
N ILE C 40 -18.68 1.13 -66.32
CA ILE C 40 -18.60 -0.31 -66.52
C ILE C 40 -17.83 -0.90 -65.34
N GLN C 41 -18.46 -1.83 -64.64
CA GLN C 41 -17.89 -2.45 -63.45
C GLN C 41 -17.32 -3.82 -63.79
N GLY C 42 -16.27 -4.19 -63.05
CA GLY C 42 -15.73 -5.53 -63.20
C GLY C 42 -15.05 -5.78 -64.52
N VAL C 43 -14.48 -4.74 -65.14
CA VAL C 43 -13.77 -4.95 -66.38
C VAL C 43 -12.48 -5.71 -66.10
N ILE C 44 -12.37 -6.91 -66.64
CA ILE C 44 -11.19 -7.75 -66.51
C ILE C 44 -10.71 -8.07 -67.92
N PRO C 45 -9.50 -7.65 -68.30
CA PRO C 45 -8.96 -8.04 -69.60
C PRO C 45 -8.67 -9.54 -69.64
N MET C 46 -8.94 -10.16 -70.82
CA MET C 46 -8.71 -11.59 -70.95
C MET C 46 -7.26 -11.86 -71.34
N PRO C 47 -6.74 -13.04 -71.00
CA PRO C 47 -5.34 -13.35 -71.34
C PRO C 47 -5.02 -13.29 -72.83
N ASP C 48 -6.01 -13.31 -73.72
CA ASP C 48 -5.68 -13.34 -75.14
C ASP C 48 -5.23 -11.99 -75.69
N GLY C 49 -5.42 -10.90 -74.95
CA GLY C 49 -5.05 -9.59 -75.42
C GLY C 49 -6.02 -8.96 -76.41
N GLU C 50 -7.14 -9.60 -76.69
CA GLU C 50 -8.11 -9.12 -77.66
C GLU C 50 -9.48 -8.84 -77.08
N HIS C 51 -9.81 -9.44 -75.94
CA HIS C 51 -11.13 -9.30 -75.36
C HIS C 51 -10.99 -8.87 -73.90
N TYR C 52 -12.06 -8.28 -73.38
CA TYR C 52 -12.23 -8.09 -71.96
C TYR C 52 -13.57 -8.69 -71.56
N THR C 53 -13.78 -8.81 -70.25
CA THR C 53 -15.05 -9.29 -69.74
C THR C 53 -15.56 -8.31 -68.70
N GLN C 54 -16.86 -8.33 -68.50
CA GLN C 54 -17.49 -7.51 -67.48
C GLN C 54 -18.62 -8.33 -66.87
N MET C 55 -18.91 -8.05 -65.60
CA MET C 55 -20.10 -8.62 -64.98
C MET C 55 -21.32 -7.90 -65.51
N SER C 56 -22.43 -8.63 -65.60
CA SER C 56 -23.69 -8.00 -65.95
C SER C 56 -24.13 -7.07 -64.81
N ALA C 57 -25.19 -6.30 -65.06
CA ALA C 57 -25.61 -5.33 -64.05
C ALA C 57 -26.01 -6.03 -62.76
N ASP C 58 -26.76 -7.13 -62.85
CA ASP C 58 -27.25 -7.84 -61.67
C ASP C 58 -26.25 -8.84 -61.09
N GLY C 59 -25.01 -8.91 -61.60
CA GLY C 59 -24.05 -9.86 -61.08
C GLY C 59 -24.42 -11.31 -61.33
N THR C 60 -25.14 -11.58 -62.41
CA THR C 60 -25.52 -12.94 -62.79
C THR C 60 -24.63 -13.53 -63.88
N GLN C 61 -23.96 -12.69 -64.67
CA GLN C 61 -23.27 -13.15 -65.85
C GLN C 61 -21.93 -12.45 -65.98
N ILE C 62 -20.96 -13.18 -66.53
CA ILE C 62 -19.71 -12.60 -67.01
C ILE C 62 -19.75 -12.67 -68.53
N ILE C 63 -19.60 -11.53 -69.19
CA ILE C 63 -19.79 -11.42 -70.63
C ILE C 63 -18.52 -10.93 -71.28
N LYS C 64 -18.19 -11.51 -72.43
CA LYS C 64 -16.96 -11.25 -73.15
C LYS C 64 -17.23 -10.28 -74.30
N TYR C 65 -16.38 -9.26 -74.44
CA TYR C 65 -16.54 -8.24 -75.45
C TYR C 65 -15.23 -8.04 -76.18
N SER C 66 -15.32 -7.48 -77.38
CA SER C 66 -14.12 -7.24 -78.19
C SER C 66 -13.48 -5.93 -77.78
N PHE C 67 -12.15 -5.95 -77.58
CA PHE C 67 -11.42 -4.70 -77.40
C PHE C 67 -11.45 -3.88 -78.68
N ARG C 68 -11.35 -4.53 -79.84
CA ARG C 68 -11.22 -3.82 -81.11
C ARG C 68 -12.52 -3.12 -81.52
N THR C 69 -13.68 -3.70 -81.18
CA THR C 69 -14.95 -3.20 -81.67
C THR C 69 -16.00 -2.93 -80.60
N GLY C 70 -15.82 -3.43 -79.38
CA GLY C 70 -16.84 -3.30 -78.37
C GLY C 70 -18.02 -4.24 -78.50
N GLU C 71 -18.05 -5.09 -79.52
CA GLU C 71 -19.18 -6.00 -79.70
C GLU C 71 -19.19 -7.07 -78.63
N LYS C 72 -20.38 -7.46 -78.20
CA LYS C 72 -20.54 -8.62 -77.34
C LYS C 72 -20.21 -9.89 -78.12
N VAL C 73 -19.30 -10.69 -77.59
CA VAL C 73 -18.90 -11.96 -78.19
C VAL C 73 -19.84 -13.05 -77.70
N GLU C 74 -19.77 -13.36 -76.40
CA GLU C 74 -20.68 -14.33 -75.81
C GLU C 74 -20.69 -14.18 -74.29
N VAL C 75 -21.75 -14.73 -73.69
CA VAL C 75 -21.79 -14.94 -72.25
C VAL C 75 -20.88 -16.10 -71.88
N ILE C 76 -19.98 -15.87 -70.92
CA ILE C 76 -18.92 -16.82 -70.58
C ILE C 76 -19.33 -17.62 -69.36
N PHE C 77 -20.03 -16.98 -68.44
CA PHE C 77 -20.47 -17.63 -67.22
C PHE C 77 -21.84 -17.07 -66.87
N ASP C 78 -22.68 -17.92 -66.29
CA ASP C 78 -24.08 -17.54 -66.04
C ASP C 78 -24.60 -18.40 -64.90
N VAL C 79 -24.94 -17.78 -63.77
CA VAL C 79 -25.38 -18.54 -62.60
C VAL C 79 -26.62 -19.37 -62.90
N ASN C 80 -27.40 -19.00 -63.90
CA ASN C 80 -28.61 -19.72 -64.25
C ASN C 80 -28.37 -20.81 -65.30
N GLN C 81 -27.16 -20.93 -65.84
CA GLN C 81 -26.79 -22.02 -66.73
C GLN C 81 -25.79 -22.99 -66.12
N ALA C 82 -24.91 -22.50 -65.25
CA ALA C 82 -23.88 -23.35 -64.64
C ALA C 82 -24.52 -24.47 -63.83
N ARG C 83 -23.84 -25.61 -63.81
CA ARG C 83 -24.32 -26.77 -63.08
C ARG C 83 -23.72 -26.79 -61.68
N GLU C 84 -24.54 -27.22 -60.71
CA GLU C 84 -24.16 -27.27 -59.29
C GLU C 84 -23.82 -25.89 -58.73
N CYS C 85 -24.49 -24.86 -59.22
CA CYS C 85 -24.23 -23.48 -58.81
C CYS C 85 -25.31 -23.12 -57.79
N ASP C 86 -24.92 -23.05 -56.53
CA ASP C 86 -25.85 -22.77 -55.44
C ASP C 86 -26.07 -21.27 -55.21
N PHE C 87 -25.25 -20.40 -55.77
CA PHE C 87 -25.36 -18.98 -55.45
C PHE C 87 -26.14 -18.23 -56.52
N LYS C 88 -26.75 -17.13 -56.10
CA LYS C 88 -27.57 -16.26 -56.93
C LYS C 88 -26.79 -15.15 -57.61
N ASN C 89 -25.80 -14.61 -56.91
CA ASN C 89 -24.95 -13.55 -57.40
C ASN C 89 -23.53 -13.85 -56.98
N PHE C 90 -22.59 -13.19 -57.63
CA PHE C 90 -21.19 -13.24 -57.24
C PHE C 90 -20.68 -11.81 -57.22
N ASP C 91 -19.55 -11.61 -56.54
CA ASP C 91 -19.02 -10.27 -56.31
C ASP C 91 -17.90 -9.89 -57.26
N SER C 92 -17.06 -10.84 -57.63
CA SER C 92 -15.87 -10.54 -58.42
C SER C 92 -15.37 -11.86 -58.97
N TYR C 93 -14.36 -11.76 -59.85
CA TYR C 93 -13.83 -12.94 -60.50
C TYR C 93 -12.46 -12.62 -61.06
N GLN C 94 -11.71 -13.67 -61.36
CA GLN C 94 -10.43 -13.52 -62.05
C GLN C 94 -10.24 -14.73 -62.95
N PHE C 95 -9.37 -14.56 -63.94
CA PHE C 95 -9.02 -15.62 -64.87
C PHE C 95 -7.77 -16.35 -64.39
N SER C 96 -7.66 -17.62 -64.76
CA SER C 96 -6.37 -18.27 -64.71
C SER C 96 -5.48 -17.68 -65.79
N PRO C 97 -4.15 -17.81 -65.66
CA PRO C 97 -3.26 -17.13 -66.60
C PRO C 97 -3.48 -17.45 -68.08
N ASP C 98 -3.88 -18.68 -68.42
CA ASP C 98 -4.18 -18.98 -69.82
C ASP C 98 -5.65 -18.80 -70.19
N GLY C 99 -6.50 -18.39 -69.25
CA GLY C 99 -7.87 -18.06 -69.57
C GLY C 99 -8.81 -19.24 -69.70
N ASP C 100 -8.38 -20.45 -69.35
CA ASP C 100 -9.24 -21.62 -69.47
C ASP C 100 -10.16 -21.81 -68.26
N LYS C 101 -9.94 -21.06 -67.18
CA LYS C 101 -10.75 -21.19 -65.98
C LYS C 101 -11.02 -19.83 -65.37
N LEU C 102 -12.13 -19.74 -64.65
CA LEU C 102 -12.46 -18.60 -63.80
C LEU C 102 -12.39 -19.01 -62.33
N LEU C 103 -11.95 -18.08 -61.49
CA LEU C 103 -12.13 -18.16 -60.04
C LEU C 103 -13.10 -17.05 -59.62
N ILE C 104 -14.23 -17.44 -59.04
CA ILE C 104 -15.35 -16.52 -58.79
C ILE C 104 -15.52 -16.38 -57.29
N ALA C 105 -15.64 -15.13 -56.82
CA ALA C 105 -15.76 -14.83 -55.40
C ALA C 105 -17.21 -14.53 -55.05
N THR C 106 -17.70 -15.15 -53.97
CA THR C 106 -19.04 -14.94 -53.44
C THR C 106 -18.95 -14.62 -51.95
N ARG C 107 -20.01 -14.00 -51.43
CA ARG C 107 -20.13 -13.72 -50.00
C ARG C 107 -18.94 -12.92 -49.48
N THR C 108 -18.52 -11.92 -50.25
CA THR C 108 -17.37 -11.11 -49.89
C THR C 108 -17.65 -10.34 -48.61
N THR C 109 -16.78 -10.51 -47.63
CA THR C 109 -16.98 -9.92 -46.30
C THR C 109 -15.77 -9.09 -45.97
N PRO C 110 -15.85 -7.76 -46.05
CA PRO C 110 -14.65 -6.93 -45.86
C PRO C 110 -14.09 -7.09 -44.46
N ILE C 111 -12.78 -6.98 -44.36
CA ILE C 111 -12.14 -6.96 -43.05
C ILE C 111 -11.66 -5.53 -42.83
N TYR C 112 -10.52 -5.16 -43.42
CA TYR C 112 -10.11 -3.76 -43.37
C TYR C 112 -10.30 -3.15 -44.78
N ARG C 113 -9.50 -2.13 -45.11
CA ARG C 113 -9.69 -1.43 -46.37
C ARG C 113 -9.51 -2.35 -47.57
N HIS C 114 -8.49 -3.22 -47.53
CA HIS C 114 -8.18 -4.06 -48.69
C HIS C 114 -8.43 -5.54 -48.44
N SER C 115 -8.43 -5.98 -47.19
CA SER C 115 -8.62 -7.39 -46.87
C SER C 115 -10.10 -7.77 -46.79
N TYR C 116 -10.37 -9.04 -47.05
CA TYR C 116 -11.73 -9.56 -47.05
C TYR C 116 -11.64 -11.08 -47.08
N THR C 117 -12.73 -11.74 -46.71
CA THR C 117 -12.90 -13.15 -47.01
C THR C 117 -13.97 -13.30 -48.08
N ALA C 118 -13.94 -14.45 -48.75
CA ALA C 118 -14.95 -14.77 -49.74
C ALA C 118 -14.96 -16.28 -49.96
N VAL C 119 -16.10 -16.79 -50.42
CA VAL C 119 -16.23 -18.19 -50.80
C VAL C 119 -16.02 -18.25 -52.32
N HIS C 120 -14.90 -18.84 -52.73
CA HIS C 120 -14.50 -18.85 -54.14
C HIS C 120 -14.86 -20.17 -54.81
N TYR C 121 -15.09 -20.09 -56.12
CA TYR C 121 -15.48 -21.23 -56.94
C TYR C 121 -14.63 -21.25 -58.21
N ILE C 122 -14.24 -22.45 -58.63
CA ILE C 122 -13.51 -22.63 -59.88
C ILE C 122 -14.52 -23.01 -60.97
N TYR C 123 -14.44 -22.33 -62.10
CA TYR C 123 -15.35 -22.61 -63.22
C TYR C 123 -14.54 -22.82 -64.49
N PRO C 124 -14.58 -24.01 -65.09
CA PRO C 124 -13.88 -24.23 -66.36
C PRO C 124 -14.67 -23.66 -67.53
N LEU C 125 -13.95 -23.20 -68.54
CA LEU C 125 -14.58 -22.52 -69.67
C LEU C 125 -14.65 -23.39 -70.93
N LYS C 126 -14.46 -24.70 -70.79
CA LYS C 126 -14.55 -25.57 -71.97
C LYS C 126 -15.92 -25.47 -72.62
N ARG C 127 -15.93 -25.37 -73.95
CA ARG C 127 -17.18 -25.34 -74.70
C ARG C 127 -17.83 -26.72 -74.72
N ASN C 128 -19.15 -26.76 -74.73
CA ASN C 128 -19.86 -28.02 -74.58
C ASN C 128 -20.49 -28.47 -75.91
N ASP C 129 -21.24 -29.58 -75.81
CA ASP C 129 -22.01 -30.13 -76.92
C ASP C 129 -22.74 -29.06 -77.74
N LYS C 130 -23.37 -28.11 -77.07
CA LYS C 130 -24.22 -27.12 -77.73
C LYS C 130 -23.45 -25.89 -78.19
N GLY C 131 -22.14 -25.85 -77.99
CA GLY C 131 -21.35 -24.72 -78.44
C GLY C 131 -21.28 -23.55 -77.49
N VAL C 132 -21.58 -23.76 -76.20
CA VAL C 132 -21.56 -22.71 -75.20
C VAL C 132 -20.63 -23.11 -74.05
N THR C 133 -20.14 -22.10 -73.33
CA THR C 133 -19.24 -22.32 -72.20
C THR C 133 -19.96 -22.23 -70.86
N THR C 134 -21.28 -22.08 -70.87
CA THR C 134 -22.03 -21.66 -69.68
C THR C 134 -22.65 -22.80 -68.90
N ASN C 135 -22.57 -24.04 -69.39
CA ASN C 135 -23.24 -25.18 -68.76
C ASN C 135 -22.26 -26.17 -68.13
N ASN C 136 -21.15 -25.68 -67.60
CA ASN C 136 -20.17 -26.55 -66.97
C ASN C 136 -20.41 -26.63 -65.46
N ILE C 137 -19.71 -27.56 -64.82
CA ILE C 137 -19.89 -27.81 -63.39
C ILE C 137 -18.99 -26.86 -62.62
N ILE C 138 -19.57 -26.08 -61.72
CA ILE C 138 -18.79 -25.20 -60.88
C ILE C 138 -18.32 -25.98 -59.65
N GLU C 139 -17.10 -25.74 -59.22
CA GLU C 139 -16.51 -26.49 -58.11
C GLU C 139 -15.97 -25.54 -57.05
N ARG C 140 -16.14 -25.91 -55.79
CA ARG C 140 -15.66 -25.10 -54.70
C ARG C 140 -14.13 -25.04 -54.72
N LEU C 141 -13.58 -23.88 -54.40
CA LEU C 141 -12.13 -23.81 -54.18
C LEU C 141 -11.73 -24.69 -53.00
N SER C 142 -12.50 -24.65 -51.91
CA SER C 142 -12.13 -25.32 -50.67
C SER C 142 -13.37 -25.88 -49.99
N ASP C 143 -13.18 -27.01 -49.32
CA ASP C 143 -14.23 -27.58 -48.48
C ASP C 143 -14.32 -26.92 -47.12
N GLY C 144 -13.30 -26.17 -46.71
CA GLY C 144 -13.30 -25.50 -45.43
C GLY C 144 -13.99 -24.15 -45.50
N GLY C 145 -13.60 -23.25 -44.59
CA GLY C 145 -14.22 -21.95 -44.51
C GLY C 145 -13.75 -20.99 -45.59
N PRO C 146 -14.31 -19.78 -45.55
CA PRO C 146 -14.01 -18.77 -46.57
C PRO C 146 -12.52 -18.48 -46.69
N GLN C 147 -12.13 -17.96 -47.85
CA GLN C 147 -10.72 -17.81 -48.20
C GLN C 147 -10.34 -16.36 -48.41
N GLN C 148 -9.03 -16.10 -48.31
CA GLN C 148 -8.48 -14.77 -48.53
C GLN C 148 -7.40 -14.86 -49.59
N VAL C 149 -7.33 -13.79 -50.41
CA VAL C 149 -6.33 -13.54 -51.45
C VAL C 149 -5.91 -14.77 -52.25
N PRO C 150 -6.83 -15.53 -52.85
CA PRO C 150 -6.40 -16.64 -53.70
C PRO C 150 -5.65 -16.13 -54.92
N VAL C 151 -4.67 -16.92 -55.35
CA VAL C 151 -3.80 -16.52 -56.46
C VAL C 151 -3.38 -17.78 -57.22
N PHE C 152 -3.43 -17.69 -58.55
CA PHE C 152 -3.06 -18.81 -59.43
C PHE C 152 -1.55 -18.93 -59.56
N SER C 153 -1.07 -20.17 -59.74
CA SER C 153 0.28 -20.40 -60.21
C SER C 153 0.42 -19.90 -61.66
N PRO C 154 1.64 -19.61 -62.10
CA PRO C 154 1.81 -19.18 -63.50
C PRO C 154 1.22 -20.15 -64.53
N ASP C 155 1.28 -21.45 -64.28
CA ASP C 155 0.70 -22.41 -65.21
C ASP C 155 -0.79 -22.66 -64.97
N GLY C 156 -1.40 -21.96 -64.00
CA GLY C 156 -2.82 -22.11 -63.74
C GLY C 156 -3.23 -23.42 -63.13
N THR C 157 -2.29 -24.27 -62.74
CA THR C 157 -2.65 -25.57 -62.19
C THR C 157 -2.81 -25.56 -60.68
N MET C 158 -2.48 -24.45 -60.01
CA MET C 158 -2.56 -24.39 -58.56
C MET C 158 -3.13 -23.04 -58.14
N ILE C 159 -3.78 -23.03 -56.98
CA ILE C 159 -4.22 -21.80 -56.31
C ILE C 159 -3.77 -21.87 -54.87
N ALA C 160 -3.06 -20.84 -54.42
CA ALA C 160 -2.77 -20.69 -53.00
C ALA C 160 -3.69 -19.64 -52.41
N PHE C 161 -4.07 -19.84 -51.15
CA PHE C 161 -4.93 -18.88 -50.46
C PHE C 161 -4.61 -18.90 -48.98
N VAL C 162 -5.17 -17.92 -48.27
CA VAL C 162 -4.95 -17.77 -46.84
C VAL C 162 -6.29 -17.89 -46.13
N ARG C 163 -6.28 -18.56 -44.99
CA ARG C 163 -7.47 -18.67 -44.16
C ARG C 163 -6.99 -18.92 -42.74
N ASP C 164 -7.59 -18.20 -41.78
CA ASP C 164 -7.18 -18.25 -40.36
C ASP C 164 -5.67 -18.07 -40.21
N ASN C 165 -5.12 -17.14 -41.00
CA ASN C 165 -3.71 -16.74 -40.95
C ASN C 165 -2.75 -17.83 -41.43
N ASN C 166 -3.27 -18.88 -42.09
CA ASN C 166 -2.42 -19.93 -42.64
C ASN C 166 -2.58 -19.99 -44.15
N ILE C 167 -1.55 -20.52 -44.82
CA ILE C 167 -1.56 -20.66 -46.27
C ILE C 167 -2.01 -22.07 -46.64
N PHE C 168 -2.84 -22.16 -47.66
CA PHE C 168 -3.31 -23.43 -48.19
C PHE C 168 -3.05 -23.47 -49.69
N LEU C 169 -2.89 -24.68 -50.21
CA LEU C 169 -2.56 -24.90 -51.61
C LEU C 169 -3.53 -25.91 -52.18
N VAL C 170 -4.19 -25.58 -53.29
CA VAL C 170 -5.11 -26.49 -53.95
C VAL C 170 -4.54 -26.82 -55.33
N LYS C 171 -4.48 -28.12 -55.64
CA LYS C 171 -3.90 -28.61 -56.89
C LYS C 171 -5.04 -29.02 -57.81
N LEU C 172 -5.30 -28.19 -58.81
CA LEU C 172 -6.45 -28.39 -59.69
C LEU C 172 -6.31 -29.60 -60.60
N LEU C 173 -5.09 -30.05 -60.88
CA LEU C 173 -4.91 -31.28 -61.64
C LEU C 173 -4.98 -32.52 -60.78
N TYR C 174 -5.20 -32.35 -59.47
CA TYR C 174 -5.28 -33.46 -58.52
C TYR C 174 -6.64 -33.45 -57.83
N GLY C 175 -7.72 -33.30 -58.60
CA GLY C 175 -9.05 -33.25 -58.02
C GLY C 175 -9.26 -32.13 -57.02
N ASN C 176 -8.55 -31.01 -57.20
CA ASN C 176 -8.62 -29.87 -56.27
C ASN C 176 -8.18 -30.27 -54.85
N SER C 177 -7.18 -31.13 -54.78
CA SER C 177 -6.65 -31.57 -53.49
C SER C 177 -6.04 -30.40 -52.73
N GLU C 178 -6.39 -30.28 -51.45
CA GLU C 178 -5.98 -29.14 -50.63
C GLU C 178 -4.99 -29.60 -49.57
N SER C 179 -3.88 -28.87 -49.44
CA SER C 179 -2.88 -29.12 -48.42
C SER C 179 -2.64 -27.85 -47.63
N GLN C 180 -2.15 -28.01 -46.42
CA GLN C 180 -1.88 -26.90 -45.52
C GLN C 180 -0.39 -26.61 -45.51
N VAL C 181 -0.02 -25.39 -45.89
CA VAL C 181 1.38 -25.02 -46.08
C VAL C 181 2.01 -24.55 -44.77
N THR C 182 1.28 -23.77 -43.97
CA THR C 182 1.76 -23.28 -42.68
C THR C 182 0.80 -23.74 -41.61
N GLU C 183 1.31 -23.90 -40.40
CA GLU C 183 0.45 -24.29 -39.29
C GLU C 183 0.65 -23.44 -38.04
N ASP C 184 1.45 -22.37 -38.09
CA ASP C 184 1.62 -21.50 -36.94
C ASP C 184 0.81 -20.21 -37.02
N GLY C 185 -0.04 -20.06 -38.04
CA GLY C 185 -0.92 -18.91 -38.07
C GLY C 185 -1.78 -18.86 -36.82
N LYS C 186 -1.95 -17.66 -36.28
CA LYS C 186 -2.71 -17.47 -35.05
C LYS C 186 -3.21 -16.03 -35.03
N GLN C 187 -4.52 -15.86 -34.87
CA GLN C 187 -5.11 -14.53 -34.90
C GLN C 187 -4.49 -13.65 -33.83
N ASN C 188 -4.15 -12.42 -34.21
CA ASN C 188 -3.50 -11.44 -33.33
C ASN C 188 -2.11 -11.87 -32.89
N SER C 189 -1.52 -12.88 -33.55
CA SER C 189 -0.19 -13.34 -33.20
C SER C 189 0.72 -13.55 -34.42
N VAL C 190 0.35 -14.43 -35.35
CA VAL C 190 1.20 -14.77 -36.49
C VAL C 190 0.31 -14.79 -37.74
N LEU C 191 0.73 -14.04 -38.77
CA LEU C 191 0.04 -14.01 -40.05
C LEU C 191 0.95 -14.54 -41.14
N ASN C 192 0.45 -15.50 -41.93
CA ASN C 192 1.20 -16.06 -43.05
C ASN C 192 0.52 -15.65 -44.36
N GLY C 193 1.22 -14.89 -45.17
CA GLY C 193 0.75 -14.59 -46.50
C GLY C 193 -0.13 -13.37 -46.64
N ILE C 194 -0.54 -12.75 -45.53
CA ILE C 194 -1.31 -11.51 -45.55
C ILE C 194 -0.69 -10.54 -44.56
N PRO C 195 -0.75 -9.24 -44.80
CA PRO C 195 -0.17 -8.26 -43.88
C PRO C 195 -1.03 -8.01 -42.65
N ASP C 196 -0.39 -7.47 -41.62
CA ASP C 196 -1.12 -6.99 -40.46
C ASP C 196 -1.85 -5.71 -40.83
N TRP C 197 -2.52 -5.11 -39.85
CA TRP C 197 -3.34 -3.93 -40.10
C TRP C 197 -2.51 -2.78 -40.69
N VAL C 198 -1.37 -2.48 -40.09
CA VAL C 198 -0.66 -1.25 -40.47
C VAL C 198 0.03 -1.43 -41.82
N TYR C 199 0.61 -2.61 -42.11
CA TYR C 199 1.18 -2.84 -43.44
C TYR C 199 0.10 -2.74 -44.50
N GLU C 200 -1.07 -3.34 -44.23
CA GLU C 200 -2.15 -3.32 -45.21
C GLU C 200 -2.57 -1.90 -45.53
N GLU C 201 -2.87 -1.12 -44.49
CA GLU C 201 -3.36 0.24 -44.71
C GLU C 201 -2.28 1.13 -45.33
N GLU C 202 -1.06 1.07 -44.79
CA GLU C 202 -0.08 2.10 -45.09
C GLU C 202 0.92 1.72 -46.19
N PHE C 203 1.12 0.44 -46.49
CA PHE C 203 1.81 0.08 -47.72
C PHE C 203 0.82 -0.37 -48.78
N GLY C 204 -0.49 -0.33 -48.49
CA GLY C 204 -1.53 -0.44 -49.49
C GLY C 204 -1.56 -1.72 -50.30
N PHE C 205 -1.74 -2.86 -49.64
CA PHE C 205 -1.81 -4.15 -50.29
C PHE C 205 -2.46 -5.14 -49.35
N ASN C 206 -2.84 -6.31 -49.88
CA ASN C 206 -3.47 -7.34 -49.05
C ASN C 206 -2.84 -8.73 -49.17
N ARG C 207 -1.75 -8.90 -49.93
CA ARG C 207 -1.21 -10.24 -50.17
C ARG C 207 0.31 -10.21 -50.21
N ALA C 208 0.92 -11.17 -49.51
CA ALA C 208 2.35 -11.41 -49.55
C ALA C 208 2.54 -12.91 -49.81
N LEU C 209 2.18 -13.34 -51.02
CA LEU C 209 2.03 -14.76 -51.34
C LEU C 209 2.23 -14.90 -52.84
N GLU C 210 3.26 -15.65 -53.24
CA GLU C 210 3.76 -15.67 -54.62
C GLU C 210 4.16 -17.09 -55.02
N PHE C 211 3.90 -17.42 -56.28
CA PHE C 211 4.43 -18.63 -56.90
C PHE C 211 5.67 -18.30 -57.75
N SER C 212 6.63 -19.21 -57.78
CA SER C 212 7.79 -18.99 -58.63
C SER C 212 7.44 -19.22 -60.11
N ALA C 213 8.31 -18.72 -61.00
CA ALA C 213 7.99 -18.68 -62.43
C ALA C 213 7.86 -20.07 -63.03
N ASP C 214 8.50 -21.08 -62.44
CA ASP C 214 8.39 -22.45 -62.90
C ASP C 214 7.44 -23.29 -62.06
N ASN C 215 6.60 -22.65 -61.24
CA ASN C 215 5.53 -23.31 -60.51
C ASN C 215 6.03 -24.32 -59.49
N THR C 216 7.26 -24.17 -58.99
CA THR C 216 7.81 -25.13 -58.05
C THR C 216 7.92 -24.62 -56.62
N MET C 217 7.88 -23.30 -56.41
CA MET C 217 8.06 -22.71 -55.09
C MET C 217 6.90 -21.77 -54.77
N ILE C 218 6.53 -21.72 -53.50
CA ILE C 218 5.70 -20.66 -52.93
C ILE C 218 6.59 -19.82 -52.02
N ALA C 219 6.43 -18.50 -52.09
CA ALA C 219 7.05 -17.59 -51.13
C ALA C 219 5.98 -16.78 -50.42
N PHE C 220 6.27 -16.39 -49.18
CA PHE C 220 5.35 -15.57 -48.42
C PHE C 220 6.11 -14.77 -47.36
N ILE C 221 5.48 -13.69 -46.90
CA ILE C 221 5.94 -12.98 -45.71
C ILE C 221 5.17 -13.52 -44.52
N ARG C 222 5.88 -13.78 -43.44
CA ARG C 222 5.33 -14.18 -42.16
C ARG C 222 5.42 -12.99 -41.21
N PHE C 223 4.27 -12.53 -40.73
CA PHE C 223 4.23 -11.39 -39.82
C PHE C 223 4.03 -11.92 -38.41
N ASP C 224 4.99 -11.69 -37.54
CA ASP C 224 4.86 -12.02 -36.12
C ASP C 224 4.45 -10.73 -35.42
N GLU C 225 3.15 -10.57 -35.16
CA GLU C 225 2.67 -9.39 -34.46
C GLU C 225 2.42 -9.69 -32.98
N SER C 226 2.99 -10.78 -32.45
CA SER C 226 2.66 -11.17 -31.09
C SER C 226 3.09 -10.13 -30.08
N GLU C 227 4.12 -9.35 -30.39
CA GLU C 227 4.60 -8.31 -29.51
C GLU C 227 4.08 -6.91 -29.88
N VAL C 228 3.28 -6.80 -30.93
CA VAL C 228 2.67 -5.50 -31.26
C VAL C 228 1.56 -5.24 -30.23
N PRO C 229 1.36 -4.00 -29.78
CA PRO C 229 0.30 -3.74 -28.81
C PRO C 229 -1.09 -4.04 -29.37
N SER C 230 -1.97 -4.55 -28.54
CA SER C 230 -3.34 -4.74 -29.00
C SER C 230 -4.13 -3.48 -28.75
N TYR C 231 -5.20 -3.32 -29.53
CA TYR C 231 -6.14 -2.22 -29.39
C TYR C 231 -7.53 -2.81 -29.43
N SER C 232 -8.43 -2.25 -28.64
CA SER C 232 -9.81 -2.71 -28.59
C SER C 232 -10.75 -1.52 -28.50
N PHE C 233 -11.89 -1.62 -29.19
CA PHE C 233 -12.97 -0.65 -29.00
C PHE C 233 -14.31 -1.37 -28.89
N PRO C 234 -15.28 -0.77 -28.22
CA PRO C 234 -16.57 -1.42 -28.04
C PRO C 234 -17.33 -1.54 -29.35
N MET C 235 -18.19 -2.57 -29.40
CA MET C 235 -19.22 -2.71 -30.43
C MET C 235 -20.58 -2.80 -29.74
N PHE C 236 -21.55 -2.03 -30.23
CA PHE C 236 -22.91 -2.12 -29.74
C PHE C 236 -23.77 -2.86 -30.77
N ALA C 237 -25.07 -2.99 -30.50
CA ALA C 237 -25.94 -3.60 -31.50
C ALA C 237 -26.05 -2.69 -32.72
N GLY C 238 -26.30 -1.41 -32.49
CA GLY C 238 -26.45 -0.45 -33.57
C GLY C 238 -27.54 -0.83 -34.56
N GLU C 239 -27.45 -0.24 -35.75
CA GLU C 239 -28.38 -0.50 -36.84
C GLU C 239 -27.62 -0.42 -38.14
N ALA C 240 -28.17 -1.06 -39.17
CA ALA C 240 -27.63 -1.02 -40.53
C ALA C 240 -26.12 -1.22 -40.58
N PRO C 241 -25.62 -2.39 -40.17
CA PRO C 241 -26.39 -3.54 -39.70
C PRO C 241 -26.61 -3.55 -38.18
N GLN C 242 -27.69 -4.18 -37.76
CA GLN C 242 -27.85 -4.48 -36.34
C GLN C 242 -27.03 -5.72 -36.01
N ILE C 243 -26.19 -5.61 -34.99
CA ILE C 243 -25.38 -6.74 -34.53
C ILE C 243 -26.19 -7.37 -33.38
N THR C 244 -27.10 -8.27 -33.76
CA THR C 244 -28.12 -8.76 -32.84
C THR C 244 -27.59 -9.47 -31.59
N PRO C 245 -26.46 -10.18 -31.61
CA PRO C 245 -25.95 -10.74 -30.34
C PRO C 245 -25.63 -9.69 -29.30
N LEU C 246 -25.48 -8.42 -29.67
CA LEU C 246 -25.07 -7.36 -28.76
C LEU C 246 -26.23 -6.51 -28.27
N LYS C 247 -27.46 -7.02 -28.39
CA LYS C 247 -28.63 -6.20 -28.06
C LYS C 247 -28.71 -5.87 -26.57
N ASP C 248 -28.21 -6.73 -25.70
CA ASP C 248 -28.27 -6.45 -24.26
C ASP C 248 -26.92 -6.01 -23.70
N TYR C 249 -25.85 -6.74 -24.02
CA TYR C 249 -24.52 -6.45 -23.55
C TYR C 249 -23.63 -6.14 -24.74
N PRO C 250 -22.91 -5.02 -24.74
CA PRO C 250 -21.99 -4.72 -25.86
C PRO C 250 -20.87 -5.75 -25.98
N GLY C 251 -20.29 -5.79 -27.19
CA GLY C 251 -19.11 -6.56 -27.46
C GLY C 251 -17.92 -5.67 -27.72
N GLU C 252 -16.94 -6.22 -28.44
CA GLU C 252 -15.73 -5.46 -28.70
C GLU C 252 -15.04 -6.01 -29.93
N TYR C 253 -14.17 -5.18 -30.50
CA TYR C 253 -13.26 -5.63 -31.56
C TYR C 253 -11.83 -5.41 -31.10
N THR C 254 -11.01 -6.45 -31.15
CA THR C 254 -9.62 -6.41 -30.70
C THR C 254 -8.70 -6.80 -31.86
N TYR C 255 -7.62 -6.05 -32.04
CA TYR C 255 -6.65 -6.30 -33.12
C TYR C 255 -5.34 -5.62 -32.74
N LYS C 256 -4.26 -5.92 -33.49
CA LYS C 256 -2.95 -5.34 -33.20
C LYS C 256 -2.74 -4.09 -34.04
N TYR C 257 -2.31 -3.02 -33.39
CA TYR C 257 -2.19 -1.70 -34.00
C TYR C 257 -1.08 -0.98 -33.26
N PRO C 258 0.08 -0.82 -33.89
CA PRO C 258 1.17 -0.08 -33.23
C PRO C 258 1.04 1.41 -33.50
N LYS C 259 1.00 2.20 -32.45
CA LYS C 259 1.02 3.65 -32.56
C LYS C 259 2.46 4.14 -32.75
N ALA C 260 2.59 5.41 -33.15
CA ALA C 260 3.89 5.97 -33.54
C ALA C 260 4.96 5.66 -32.50
N GLY C 261 6.06 5.07 -32.95
CA GLY C 261 7.15 4.72 -32.06
C GLY C 261 7.06 3.36 -31.39
N TYR C 262 5.90 2.69 -31.44
CA TYR C 262 5.76 1.36 -30.85
C TYR C 262 6.25 0.30 -31.82
N PRO C 263 6.42 -0.94 -31.36
CA PRO C 263 7.03 -1.96 -32.24
C PRO C 263 6.10 -2.46 -33.32
N ASN C 264 6.66 -2.62 -34.51
CA ASN C 264 5.99 -3.23 -35.64
C ASN C 264 6.13 -4.75 -35.59
N SER C 265 5.37 -5.42 -36.45
CA SER C 265 5.51 -6.86 -36.64
C SER C 265 6.96 -7.21 -36.97
N LYS C 266 7.42 -8.35 -36.46
CA LYS C 266 8.63 -8.95 -36.97
C LYS C 266 8.30 -9.71 -38.24
N VAL C 267 9.08 -9.51 -39.30
CA VAL C 267 8.75 -10.05 -40.62
C VAL C 267 9.91 -10.90 -41.12
N GLU C 268 9.55 -11.97 -41.82
CA GLU C 268 10.47 -12.91 -42.45
C GLU C 268 9.90 -13.28 -43.80
N VAL C 269 10.78 -13.56 -44.77
CA VAL C 269 10.39 -14.14 -46.04
C VAL C 269 10.69 -15.63 -45.97
N ARG C 270 9.68 -16.45 -46.22
CA ARG C 270 9.82 -17.90 -46.21
C ARG C 270 9.45 -18.45 -47.57
N THR C 271 10.01 -19.61 -47.90
CA THR C 271 9.65 -20.30 -49.13
C THR C 271 9.24 -21.73 -48.80
N TYR C 272 8.36 -22.27 -49.65
CA TYR C 272 7.84 -23.62 -49.49
C TYR C 272 8.09 -24.36 -50.78
N ASP C 273 8.83 -25.46 -50.69
CA ASP C 273 9.17 -26.30 -51.83
C ASP C 273 7.99 -27.22 -52.06
N ILE C 274 7.25 -26.99 -53.16
CA ILE C 274 5.99 -27.70 -53.37
C ILE C 274 6.21 -29.20 -53.43
N LYS C 275 7.32 -29.64 -54.03
CA LYS C 275 7.57 -31.07 -54.15
C LYS C 275 7.98 -31.70 -52.84
N SER C 276 8.90 -31.06 -52.12
CA SER C 276 9.52 -31.68 -50.96
C SER C 276 8.89 -31.27 -49.63
N HIS C 277 7.97 -30.31 -49.64
CA HIS C 277 7.32 -29.78 -48.45
C HIS C 277 8.29 -29.10 -47.49
N VAL C 278 9.47 -28.71 -47.96
CA VAL C 278 10.47 -28.08 -47.10
C VAL C 278 10.23 -26.57 -47.04
N THR C 279 10.32 -25.99 -45.85
CA THR C 279 10.21 -24.56 -45.65
C THR C 279 11.57 -23.98 -45.28
N ARG C 280 11.93 -22.85 -45.89
CA ARG C 280 13.19 -22.17 -45.62
C ARG C 280 12.92 -20.69 -45.39
N THR C 281 13.86 -20.04 -44.70
CA THR C 281 13.79 -18.61 -44.42
C THR C 281 14.91 -17.90 -45.17
N MET C 282 14.56 -16.87 -45.93
CA MET C 282 15.56 -16.14 -46.69
C MET C 282 16.48 -15.37 -45.75
N LYS C 283 17.79 -15.46 -45.99
CA LYS C 283 18.76 -14.80 -45.11
C LYS C 283 18.89 -13.37 -45.59
N LEU C 284 17.88 -12.58 -45.24
CA LEU C 284 17.73 -11.25 -45.77
C LEU C 284 18.41 -10.23 -44.86
N PRO C 285 19.42 -9.51 -45.32
CA PRO C 285 19.96 -8.41 -44.53
C PRO C 285 18.91 -7.32 -44.42
N ILE C 286 18.53 -7.02 -43.20
CA ILE C 286 17.50 -6.02 -42.94
C ILE C 286 17.69 -5.55 -41.52
N ASP C 287 17.43 -4.26 -41.29
CA ASP C 287 17.48 -3.74 -39.93
C ASP C 287 16.47 -4.50 -39.08
N ALA C 288 16.79 -4.63 -37.79
CA ALA C 288 15.88 -5.29 -36.86
C ALA C 288 14.52 -4.63 -36.83
N ASP C 289 14.46 -3.32 -37.03
CA ASP C 289 13.22 -2.54 -37.02
C ASP C 289 12.80 -2.09 -38.42
N GLY C 290 13.25 -2.80 -39.46
CA GLY C 290 12.93 -2.46 -40.84
C GLY C 290 11.62 -3.08 -41.33
N TYR C 291 11.33 -2.86 -42.60
CA TYR C 291 10.07 -3.26 -43.21
C TYR C 291 10.32 -4.10 -44.45
N ILE C 292 9.39 -5.00 -44.74
CA ILE C 292 9.32 -5.69 -46.04
C ILE C 292 7.99 -5.35 -46.70
N PRO C 293 7.88 -4.22 -47.40
CA PRO C 293 6.58 -3.83 -47.98
C PRO C 293 6.03 -4.79 -49.04
N ARG C 294 6.89 -5.54 -49.74
CA ARG C 294 6.37 -6.48 -50.73
C ARG C 294 7.39 -7.56 -51.05
N ILE C 295 6.89 -8.68 -51.56
CA ILE C 295 7.67 -9.69 -52.27
C ILE C 295 7.01 -9.90 -53.61
N ARG C 296 7.81 -10.29 -54.60
CA ARG C 296 7.29 -10.48 -55.95
C ARG C 296 8.25 -11.38 -56.70
N PHE C 297 7.79 -12.55 -57.12
CA PHE C 297 8.65 -13.42 -57.92
C PHE C 297 8.87 -12.79 -59.28
N THR C 298 10.09 -12.89 -59.78
CA THR C 298 10.44 -12.33 -61.08
C THR C 298 10.09 -13.34 -62.16
N LYS C 299 10.51 -13.06 -63.40
CA LYS C 299 10.38 -14.04 -64.47
C LYS C 299 11.42 -15.14 -64.36
N ASP C 300 12.41 -14.96 -63.48
CA ASP C 300 13.45 -15.95 -63.22
C ASP C 300 13.03 -16.77 -62.00
N ALA C 301 12.89 -18.08 -62.20
CA ALA C 301 12.41 -18.95 -61.12
C ALA C 301 13.35 -18.99 -59.92
N SER C 302 14.62 -18.59 -60.09
CA SER C 302 15.55 -18.58 -58.98
C SER C 302 15.65 -17.23 -58.28
N LYS C 303 14.86 -16.24 -58.70
CA LYS C 303 14.98 -14.88 -58.16
C LYS C 303 13.62 -14.42 -57.63
N LEU C 304 13.51 -14.30 -56.32
CA LEU C 304 12.38 -13.68 -55.65
C LEU C 304 12.76 -12.26 -55.28
N ALA C 305 12.02 -11.28 -55.79
CA ALA C 305 12.28 -9.90 -55.40
C ALA C 305 11.75 -9.64 -54.00
N VAL C 306 12.56 -9.00 -53.16
CA VAL C 306 12.15 -8.63 -51.80
C VAL C 306 12.43 -7.14 -51.64
N MET C 307 11.39 -6.37 -51.38
CA MET C 307 11.52 -4.93 -51.24
C MET C 307 11.62 -4.61 -49.75
N THR C 308 12.66 -3.87 -49.37
CA THR C 308 12.87 -3.55 -47.97
C THR C 308 13.00 -2.06 -47.75
N LEU C 309 12.63 -1.62 -46.56
CA LEU C 309 12.83 -0.24 -46.10
C LEU C 309 13.44 -0.26 -44.72
N ASN C 310 14.29 0.73 -44.44
CA ASN C 310 14.67 0.98 -43.05
C ASN C 310 13.50 1.64 -42.31
N ARG C 311 13.61 1.74 -40.98
CA ARG C 311 12.51 2.37 -40.24
C ARG C 311 12.34 3.84 -40.62
N HIS C 312 13.42 4.53 -41.02
CA HIS C 312 13.24 5.90 -41.49
C HIS C 312 12.53 5.94 -42.83
N GLN C 313 12.40 4.80 -43.50
CA GLN C 313 11.68 4.69 -44.78
C GLN C 313 12.29 5.58 -45.86
N ASP C 314 13.60 5.82 -45.80
CA ASP C 314 14.28 6.64 -46.82
C ASP C 314 15.30 5.84 -47.62
N ARG C 315 15.52 4.57 -47.29
CA ARG C 315 16.42 3.68 -48.01
C ARG C 315 15.63 2.47 -48.50
N PHE C 316 15.24 2.49 -49.77
CA PHE C 316 14.56 1.38 -50.42
C PHE C 316 15.63 0.44 -51.00
N ASP C 317 15.81 -0.71 -50.38
CA ASP C 317 16.80 -1.70 -50.81
C ASP C 317 16.05 -2.88 -51.43
N LEU C 318 16.28 -3.12 -52.71
CA LEU C 318 15.67 -4.24 -53.43
C LEU C 318 16.64 -5.41 -53.51
N TYR C 319 16.21 -6.56 -52.98
CA TYR C 319 16.99 -7.79 -52.97
C TYR C 319 16.41 -8.83 -53.92
N PHE C 320 17.28 -9.69 -54.44
CA PHE C 320 16.88 -10.92 -55.10
C PHE C 320 17.27 -12.08 -54.19
N ALA C 321 16.28 -12.86 -53.77
CA ALA C 321 16.52 -14.01 -52.94
C ALA C 321 16.40 -15.27 -53.79
N ASP C 322 17.33 -16.20 -53.58
CA ASP C 322 17.21 -17.54 -54.13
C ASP C 322 16.30 -18.35 -53.21
N PRO C 323 15.16 -18.85 -53.70
CA PRO C 323 14.19 -19.50 -52.81
C PRO C 323 14.64 -20.85 -52.29
N ARG C 324 15.70 -21.43 -52.88
CA ARG C 324 16.24 -22.71 -52.42
C ARG C 324 17.51 -22.54 -51.59
N SER C 325 18.43 -21.69 -52.02
CA SER C 325 19.68 -21.50 -51.28
C SER C 325 19.54 -20.54 -50.10
N THR C 326 18.48 -19.73 -50.08
CA THR C 326 18.16 -18.70 -49.08
C THR C 326 19.08 -17.49 -49.14
N LEU C 327 20.06 -17.47 -50.05
CA LEU C 327 20.96 -16.33 -50.18
C LEU C 327 20.28 -15.18 -50.91
N CYS C 328 20.53 -13.96 -50.43
CA CYS C 328 19.97 -12.75 -51.02
C CYS C 328 21.08 -11.85 -51.50
N LYS C 329 20.85 -11.17 -52.63
CA LYS C 329 21.79 -10.23 -53.22
C LYS C 329 21.10 -8.90 -53.37
N LEU C 330 21.78 -7.83 -52.96
CA LEU C 330 21.26 -6.48 -53.18
C LEU C 330 21.29 -6.14 -54.66
N VAL C 331 20.13 -5.75 -55.19
CA VAL C 331 20.01 -5.43 -56.61
C VAL C 331 20.16 -3.93 -56.83
N LEU C 332 19.48 -3.13 -56.02
CA LEU C 332 19.63 -1.70 -56.07
C LEU C 332 19.16 -1.08 -54.77
N ARG C 333 19.67 0.11 -54.52
CA ARG C 333 19.23 0.95 -53.42
C ARG C 333 18.71 2.25 -54.01
N ASP C 334 17.51 2.62 -53.63
CA ASP C 334 16.96 3.92 -53.98
C ASP C 334 16.85 4.70 -52.69
N GLU C 335 17.60 5.79 -52.60
CA GLU C 335 17.76 6.55 -51.37
C GLU C 335 17.09 7.91 -51.52
N SER C 336 16.25 8.25 -50.58
CA SER C 336 15.63 9.57 -50.62
C SER C 336 16.24 10.45 -49.55
N PRO C 337 16.27 11.76 -49.75
CA PRO C 337 16.63 12.66 -48.64
C PRO C 337 15.50 12.84 -47.64
N TYR C 338 14.30 12.32 -47.92
CA TYR C 338 13.17 12.47 -47.02
C TYR C 338 12.56 11.11 -46.72
N TYR C 339 11.86 10.52 -47.69
CA TYR C 339 11.27 9.21 -47.50
C TYR C 339 10.83 8.68 -48.85
N ILE C 340 10.78 7.37 -48.96
CA ILE C 340 10.22 6.68 -50.11
C ILE C 340 8.71 6.51 -49.93
N LYS C 341 7.96 6.67 -51.01
CA LYS C 341 6.51 6.59 -50.94
C LYS C 341 6.01 5.22 -51.39
N GLU C 342 4.91 4.78 -50.77
CA GLU C 342 4.38 3.44 -50.99
C GLU C 342 4.00 3.17 -52.45
N ASN C 343 3.62 4.19 -53.21
CA ASN C 343 3.19 3.95 -54.57
C ASN C 343 4.29 3.39 -55.47
N VAL C 344 5.57 3.47 -55.09
CA VAL C 344 6.57 2.93 -56.01
C VAL C 344 6.49 1.40 -56.11
N PHE C 345 5.98 0.72 -55.08
CA PHE C 345 6.21 -0.72 -55.00
C PHE C 345 5.42 -1.49 -56.05
N ASP C 346 4.21 -1.08 -56.36
CA ASP C 346 3.45 -1.84 -57.33
C ASP C 346 3.67 -1.38 -58.76
N ASN C 347 4.60 -0.46 -58.97
CA ASN C 347 5.02 -0.07 -60.31
C ASN C 347 6.30 -0.77 -60.73
N ILE C 348 6.77 -1.71 -59.93
CA ILE C 348 7.92 -2.52 -60.27
C ILE C 348 7.38 -3.80 -60.93
N LYS C 349 7.58 -3.90 -62.23
CA LYS C 349 7.06 -4.99 -63.03
C LYS C 349 8.23 -5.71 -63.68
N PHE C 350 8.20 -7.04 -63.63
CA PHE C 350 9.35 -7.83 -64.04
C PHE C 350 9.09 -8.42 -65.41
N TYR C 351 10.09 -8.31 -66.28
CA TYR C 351 10.09 -8.84 -67.63
C TYR C 351 11.25 -9.81 -67.73
N PRO C 352 11.36 -10.62 -68.78
CA PRO C 352 12.61 -11.34 -68.98
C PRO C 352 13.68 -10.28 -69.23
N GLU C 353 14.77 -10.37 -68.46
CA GLU C 353 15.93 -9.51 -68.63
C GLU C 353 15.78 -8.06 -68.14
N THR C 354 14.59 -7.58 -67.81
CA THR C 354 14.45 -6.20 -67.34
C THR C 354 13.37 -6.09 -66.27
N PHE C 355 13.34 -4.93 -65.60
CA PHE C 355 12.23 -4.58 -64.73
C PHE C 355 12.15 -3.06 -64.65
N SER C 356 10.97 -2.57 -64.26
CA SER C 356 10.65 -1.16 -64.19
C SER C 356 10.71 -0.64 -62.77
N LEU C 357 10.87 0.67 -62.63
CA LEU C 357 10.86 1.29 -61.31
C LEU C 357 10.45 2.74 -61.44
N LEU C 358 9.56 3.18 -60.55
CA LEU C 358 9.27 4.59 -60.34
C LEU C 358 10.12 5.12 -59.19
N SER C 359 10.72 6.30 -59.39
CA SER C 359 11.64 6.88 -58.43
C SER C 359 11.51 8.40 -58.48
N GLU C 360 11.58 9.04 -57.32
CA GLU C 360 11.64 10.49 -57.18
C GLU C 360 13.06 10.99 -56.95
N ARG C 361 14.07 10.20 -57.33
CA ARG C 361 15.47 10.56 -57.07
C ARG C 361 15.88 11.91 -57.68
N ASP C 362 15.24 12.35 -58.78
CA ASP C 362 15.62 13.62 -59.37
C ASP C 362 14.68 14.75 -58.95
N GLY C 363 13.80 14.52 -57.97
CA GLY C 363 12.87 15.51 -57.51
C GLY C 363 11.45 15.33 -58.00
N PHE C 364 11.24 14.48 -59.01
CA PHE C 364 9.94 14.21 -59.61
C PHE C 364 9.82 12.72 -59.88
N SER C 365 8.60 12.21 -59.78
CA SER C 365 8.34 10.80 -59.99
C SER C 365 8.55 10.44 -61.46
N HIS C 366 9.55 9.61 -61.76
CA HIS C 366 9.83 9.26 -63.14
C HIS C 366 10.08 7.76 -63.29
N LEU C 367 9.97 7.32 -64.52
CA LEU C 367 10.05 5.90 -64.88
C LEU C 367 11.48 5.52 -65.28
N TYR C 368 12.01 4.48 -64.65
CA TYR C 368 13.35 3.96 -64.87
C TYR C 368 13.28 2.49 -65.25
N TRP C 369 14.22 2.10 -66.10
CA TRP C 369 14.23 0.78 -66.74
C TRP C 369 15.57 0.13 -66.43
N TYR C 370 15.53 -0.99 -65.73
CA TYR C 370 16.71 -1.65 -65.20
C TYR C 370 16.91 -3.00 -65.85
N SER C 371 18.16 -3.44 -65.88
CA SER C 371 18.51 -4.80 -66.21
C SER C 371 18.25 -5.72 -65.00
N MET C 372 17.95 -6.99 -65.29
CA MET C 372 17.85 -7.96 -64.22
C MET C 372 19.16 -8.14 -63.46
N GLY C 373 20.27 -7.56 -63.93
CA GLY C 373 21.49 -7.48 -63.18
C GLY C 373 21.58 -6.29 -62.26
N GLY C 374 20.55 -5.45 -62.24
CA GLY C 374 20.54 -4.28 -61.37
C GLY C 374 21.19 -3.04 -61.94
N ASN C 375 21.52 -3.04 -63.23
CA ASN C 375 22.13 -1.87 -63.87
C ASN C 375 21.06 -1.06 -64.59
N LEU C 376 21.11 0.25 -64.41
CA LEU C 376 20.18 1.13 -65.08
C LEU C 376 20.40 1.10 -66.59
N ILE C 377 19.34 0.79 -67.32
CA ILE C 377 19.37 0.82 -68.78
C ILE C 377 19.00 2.20 -69.33
N LYS C 378 17.89 2.77 -68.88
CA LYS C 378 17.58 4.15 -69.25
C LYS C 378 16.56 4.75 -68.31
N LYS C 379 16.60 6.07 -68.22
CA LYS C 379 15.57 6.89 -67.60
C LYS C 379 14.56 7.20 -68.70
N VAL C 380 13.35 6.65 -68.57
CA VAL C 380 12.42 6.69 -69.70
C VAL C 380 11.75 8.05 -69.81
N THR C 381 11.40 8.66 -68.68
CA THR C 381 10.72 9.94 -68.64
C THR C 381 11.58 10.94 -67.89
N ASN C 382 11.39 12.22 -68.19
CA ASN C 382 12.04 13.28 -67.42
C ASN C 382 11.26 14.58 -67.58
N GLY C 383 11.51 15.51 -66.66
CA GLY C 383 10.89 16.82 -66.70
C GLY C 383 10.19 17.13 -65.40
N LYS C 384 9.68 18.36 -65.33
CA LYS C 384 9.07 18.86 -64.10
C LYS C 384 7.59 18.50 -64.06
N TYR C 385 7.33 17.19 -64.02
CA TYR C 385 5.99 16.65 -63.85
C TYR C 385 6.15 15.27 -63.23
N GLU C 386 5.03 14.68 -62.85
CA GLU C 386 5.04 13.39 -62.16
C GLU C 386 4.42 12.32 -63.05
N VAL C 387 5.15 11.22 -63.21
CA VAL C 387 4.55 9.99 -63.72
C VAL C 387 3.70 9.39 -62.59
N LYS C 388 2.44 9.07 -62.90
CA LYS C 388 1.52 8.55 -61.89
C LYS C 388 1.54 7.01 -61.87
N ASP C 389 1.27 6.38 -63.01
CA ASP C 389 1.23 4.93 -63.11
C ASP C 389 2.09 4.47 -64.26
N PHE C 390 2.86 3.40 -64.04
CA PHE C 390 3.49 2.68 -65.14
C PHE C 390 2.52 1.61 -65.60
N LEU C 391 2.07 1.71 -66.85
CA LEU C 391 1.04 0.80 -67.34
C LEU C 391 1.63 -0.46 -67.97
N GLY C 392 2.78 -0.37 -68.62
CA GLY C 392 3.39 -1.58 -69.12
C GLY C 392 4.37 -1.32 -70.24
N TYR C 393 5.14 -2.36 -70.52
CA TYR C 393 6.14 -2.39 -71.58
C TYR C 393 5.68 -3.40 -72.62
N ASP C 394 5.58 -2.96 -73.87
CA ASP C 394 5.18 -3.84 -74.97
C ASP C 394 6.44 -4.54 -75.47
N GLU C 395 6.57 -5.83 -75.13
CA GLU C 395 7.76 -6.58 -75.54
C GLU C 395 7.86 -6.74 -77.05
N ALA C 396 6.75 -6.52 -77.78
CA ALA C 396 6.78 -6.65 -79.23
C ALA C 396 7.61 -5.55 -79.88
N ASP C 397 7.31 -4.28 -79.58
CA ASP C 397 7.98 -3.15 -80.22
C ASP C 397 8.82 -2.30 -79.27
N GLY C 398 8.87 -2.63 -77.98
CA GLY C 398 9.71 -1.89 -77.06
C GLY C 398 9.16 -0.56 -76.60
N SER C 399 7.85 -0.34 -76.65
CA SER C 399 7.25 0.90 -76.19
C SER C 399 6.84 0.80 -74.71
N PHE C 400 6.91 1.95 -74.03
CA PHE C 400 6.48 2.10 -72.64
C PHE C 400 5.18 2.88 -72.58
N TYR C 401 4.26 2.46 -71.71
CA TYR C 401 2.98 3.14 -71.50
C TYR C 401 2.84 3.56 -70.05
N TYR C 402 2.39 4.81 -69.83
CA TYR C 402 2.32 5.35 -68.48
C TYR C 402 1.32 6.51 -68.47
N THR C 403 0.89 6.89 -67.26
CA THR C 403 0.09 8.08 -67.06
C THR C 403 0.94 9.16 -66.41
N SER C 404 0.62 10.42 -66.69
CA SER C 404 1.38 11.51 -66.09
C SER C 404 0.51 12.77 -66.05
N ASN C 405 0.96 13.74 -65.26
CA ASN C 405 0.31 15.05 -65.21
C ASN C 405 1.10 16.11 -65.99
N GLU C 406 1.82 15.70 -67.04
CA GLU C 406 2.65 16.64 -67.77
C GLU C 406 1.83 17.85 -68.25
N GLU C 407 0.55 17.65 -68.60
CA GLU C 407 -0.25 18.79 -69.05
C GLU C 407 -0.43 19.84 -67.96
N SER C 408 -0.48 19.41 -66.70
CA SER C 408 -0.91 20.26 -65.59
C SER C 408 -1.08 19.41 -64.34
N PRO C 409 -0.74 19.93 -63.17
CA PRO C 409 -0.97 19.17 -61.93
C PRO C 409 -2.41 18.75 -61.76
N LEU C 410 -3.33 19.47 -62.40
CA LEU C 410 -4.76 19.18 -62.31
C LEU C 410 -5.21 18.03 -63.21
N ARG C 411 -4.37 17.56 -64.13
CA ARG C 411 -4.82 16.64 -65.17
C ARG C 411 -4.03 15.34 -65.16
N LYS C 412 -4.52 14.39 -65.93
CA LYS C 412 -3.86 13.10 -66.10
C LYS C 412 -4.15 12.59 -67.49
N ALA C 413 -3.09 12.20 -68.20
CA ALA C 413 -3.20 11.71 -69.57
C ALA C 413 -2.39 10.44 -69.70
N VAL C 414 -2.73 9.69 -70.75
CA VAL C 414 -2.03 8.46 -71.10
C VAL C 414 -0.96 8.82 -72.14
N TYR C 415 0.25 8.33 -71.92
CA TYR C 415 1.39 8.61 -72.79
C TYR C 415 2.04 7.30 -73.22
N LYS C 416 2.75 7.36 -74.35
CA LYS C 416 3.56 6.24 -74.79
C LYS C 416 4.90 6.78 -75.30
N ILE C 417 5.97 6.08 -74.94
CA ILE C 417 7.30 6.43 -75.42
C ILE C 417 7.85 5.23 -76.16
N ASP C 418 8.20 5.42 -77.44
CA ASP C 418 8.62 4.29 -78.25
C ASP C 418 10.08 3.94 -77.98
N LYS C 419 10.55 2.88 -78.64
CA LYS C 419 11.90 2.39 -78.43
C LYS C 419 12.97 3.40 -78.78
N LYS C 420 12.66 4.39 -79.63
CA LYS C 420 13.61 5.42 -80.01
C LYS C 420 13.53 6.67 -79.15
N GLY C 421 12.68 6.68 -78.12
CA GLY C 421 12.56 7.83 -77.25
C GLY C 421 11.51 8.84 -77.66
N LYS C 422 10.71 8.55 -78.67
CA LYS C 422 9.68 9.46 -79.12
C LYS C 422 8.46 9.37 -78.21
N LYS C 423 7.96 10.52 -77.76
CA LYS C 423 6.80 10.59 -76.87
C LYS C 423 5.55 10.96 -77.65
N LEU C 424 4.44 10.30 -77.30
CA LEU C 424 3.13 10.57 -77.90
C LEU C 424 2.09 10.59 -76.79
N LYS C 425 1.33 11.67 -76.69
CA LYS C 425 0.19 11.69 -75.78
C LYS C 425 -0.97 10.96 -76.43
N LEU C 426 -1.41 9.85 -75.82
CA LEU C 426 -2.47 9.05 -76.42
C LEU C 426 -3.84 9.65 -76.17
N SER C 427 -4.03 10.33 -75.04
CA SER C 427 -5.35 10.82 -74.67
C SER C 427 -5.80 11.90 -75.64
N GLN C 428 -7.08 11.83 -76.01
CA GLN C 428 -7.66 12.77 -76.95
C GLN C 428 -8.27 13.99 -76.28
N ARG C 429 -8.71 13.86 -75.03
CA ARG C 429 -9.32 14.94 -74.30
C ARG C 429 -8.51 15.30 -73.06
N GLU C 430 -8.56 16.56 -72.68
CA GLU C 430 -7.86 17.08 -71.51
C GLU C 430 -8.75 17.03 -70.28
N GLY C 431 -8.25 16.39 -69.23
CA GLY C 431 -8.96 16.27 -67.97
C GLY C 431 -8.32 15.16 -67.19
N THR C 432 -9.10 14.12 -66.88
CA THR C 432 -8.61 12.95 -66.17
C THR C 432 -8.87 11.73 -67.02
N ASN C 433 -7.81 11.08 -67.47
CA ASN C 433 -7.88 9.90 -68.32
C ASN C 433 -7.35 8.71 -67.54
N THR C 434 -8.21 7.74 -67.27
CA THR C 434 -7.80 6.53 -66.58
C THR C 434 -7.88 5.35 -67.52
N PRO C 435 -6.76 4.73 -67.91
CA PRO C 435 -6.81 3.64 -68.90
C PRO C 435 -6.83 2.24 -68.30
N LEU C 436 -7.30 1.26 -69.06
CA LEU C 436 -7.21 -0.15 -68.71
C LEU C 436 -6.78 -0.89 -69.96
N PHE C 437 -5.53 -1.37 -69.97
CA PHE C 437 -4.94 -1.91 -71.18
C PHE C 437 -5.25 -3.40 -71.32
N SER C 438 -5.32 -3.84 -72.58
CA SER C 438 -5.44 -5.26 -72.88
C SER C 438 -4.14 -5.95 -72.50
N GLN C 439 -4.24 -7.28 -72.31
CA GLN C 439 -3.09 -8.06 -71.87
C GLN C 439 -1.87 -7.87 -72.77
N SER C 440 -2.11 -7.63 -74.06
CA SER C 440 -1.07 -7.47 -75.07
C SER C 440 -0.66 -6.03 -75.29
N MET C 441 -1.24 -5.08 -74.55
CA MET C 441 -1.01 -3.65 -74.72
C MET C 441 -1.46 -3.15 -76.09
N LYS C 442 -2.27 -3.92 -76.82
CA LYS C 442 -2.69 -3.48 -78.16
C LYS C 442 -3.88 -2.53 -78.12
N TYR C 443 -4.73 -2.65 -77.11
CA TYR C 443 -5.90 -1.79 -76.97
C TYR C 443 -6.01 -1.39 -75.50
N TYR C 444 -6.83 -0.37 -75.24
CA TYR C 444 -7.19 -0.06 -73.86
C TYR C 444 -8.55 0.58 -73.80
N MET C 445 -9.23 0.37 -72.67
CA MET C 445 -10.45 1.07 -72.32
C MET C 445 -10.09 2.32 -71.54
N ASN C 446 -10.65 3.46 -71.95
CA ASN C 446 -10.33 4.74 -71.34
C ASN C 446 -11.55 5.28 -70.63
N LYS C 447 -11.35 5.77 -69.40
CA LYS C 447 -12.39 6.48 -68.68
C LYS C 447 -11.98 7.93 -68.58
N PHE C 448 -12.77 8.83 -69.16
CA PHE C 448 -12.44 10.25 -69.20
C PHE C 448 -13.46 11.07 -68.44
N SER C 449 -12.96 12.06 -67.69
CA SER C 449 -13.80 13.00 -66.98
C SER C 449 -13.09 14.35 -66.94
N ASN C 450 -13.87 15.42 -66.83
CA ASN C 450 -13.32 16.72 -66.48
C ASN C 450 -14.45 17.51 -65.82
N LEU C 451 -14.19 18.79 -65.52
CA LEU C 451 -15.12 19.56 -64.70
C LEU C 451 -16.55 19.57 -65.27
N ASP C 452 -16.71 19.45 -66.59
CA ASP C 452 -18.07 19.40 -67.12
C ASP C 452 -18.31 18.17 -67.99
N THR C 453 -17.53 17.11 -67.82
CA THR C 453 -17.77 15.85 -68.50
C THR C 453 -17.84 14.76 -67.44
N PRO C 454 -19.04 14.31 -67.09
CA PRO C 454 -19.19 13.27 -66.07
C PRO C 454 -18.35 12.03 -66.29
N MET C 455 -18.53 11.35 -67.42
CA MET C 455 -17.78 10.12 -67.69
C MET C 455 -17.99 9.64 -69.12
N LEU C 456 -16.91 9.64 -69.91
CA LEU C 456 -16.90 9.08 -71.26
C LEU C 456 -16.02 7.84 -71.25
N VAL C 457 -16.60 6.70 -71.60
CA VAL C 457 -15.86 5.44 -71.66
C VAL C 457 -15.67 5.07 -73.13
N THR C 458 -14.42 4.90 -73.54
CA THR C 458 -14.09 4.59 -74.92
C THR C 458 -13.17 3.39 -74.97
N LEU C 459 -13.16 2.74 -76.14
CA LEU C 459 -12.11 1.79 -76.50
C LEU C 459 -11.18 2.47 -77.48
N ASN C 460 -9.87 2.23 -77.31
CA ASN C 460 -8.82 2.94 -78.01
C ASN C 460 -7.72 1.96 -78.40
N ASP C 461 -7.01 2.29 -79.49
CA ASP C 461 -5.86 1.50 -79.88
C ASP C 461 -4.59 2.09 -79.27
N ASN C 462 -3.47 1.43 -79.56
CA ASN C 462 -2.12 1.83 -79.11
C ASN C 462 -1.74 3.27 -79.43
N THR C 463 -2.41 3.89 -80.39
CA THR C 463 -2.09 5.26 -80.78
C THR C 463 -3.01 6.26 -80.11
N GLY C 464 -3.92 5.79 -79.26
CA GLY C 464 -4.88 6.65 -78.62
C GLY C 464 -6.12 6.92 -79.43
N LYS C 465 -6.18 6.45 -80.67
CA LYS C 465 -7.35 6.69 -81.51
C LYS C 465 -8.58 6.02 -80.91
N THR C 466 -9.68 6.77 -80.84
CA THR C 466 -10.94 6.24 -80.34
C THR C 466 -11.52 5.24 -81.35
N LEU C 467 -11.70 4.00 -80.92
CA LEU C 467 -12.34 2.98 -81.73
C LEU C 467 -13.85 2.92 -81.54
N LYS C 468 -14.34 3.26 -80.34
CA LYS C 468 -15.75 3.16 -80.05
C LYS C 468 -16.04 3.89 -78.76
N THR C 469 -17.15 4.62 -78.72
CA THR C 469 -17.64 5.20 -77.48
C THR C 469 -18.63 4.22 -76.87
N LEU C 470 -18.29 3.68 -75.70
CA LEU C 470 -19.18 2.76 -75.01
C LEU C 470 -20.22 3.52 -74.18
N ILE C 471 -19.81 4.59 -73.51
CA ILE C 471 -20.67 5.32 -72.57
C ILE C 471 -20.37 6.81 -72.71
N ASN C 472 -21.41 7.63 -72.85
CA ASN C 472 -21.23 9.07 -72.85
C ASN C 472 -22.05 9.80 -71.81
N ASN C 473 -22.90 9.09 -71.06
CA ASN C 473 -23.68 9.68 -69.96
C ASN C 473 -24.54 10.86 -70.44
N ASP C 474 -25.06 10.77 -71.66
CA ASP C 474 -25.98 11.81 -72.13
C ASP C 474 -27.22 11.89 -71.27
N GLN C 475 -27.74 10.74 -70.81
CA GLN C 475 -28.93 10.78 -69.97
C GLN C 475 -28.70 11.59 -68.70
N LEU C 476 -27.57 11.33 -68.01
CA LEU C 476 -27.24 12.12 -66.83
C LEU C 476 -27.14 13.60 -67.17
N LYS C 477 -26.47 13.92 -68.29
CA LYS C 477 -26.36 15.31 -68.73
C LYS C 477 -27.74 15.93 -68.93
N GLN C 478 -28.65 15.19 -69.58
CA GLN C 478 -30.02 15.68 -69.74
C GLN C 478 -30.68 15.90 -68.40
N THR C 479 -30.64 14.88 -67.53
CA THR C 479 -31.23 15.01 -66.19
C THR C 479 -30.68 16.24 -65.48
N LEU C 480 -29.36 16.41 -65.48
CA LEU C 480 -28.77 17.54 -64.76
C LEU C 480 -29.15 18.89 -65.36
N SER C 481 -29.53 18.93 -66.64
CA SER C 481 -29.85 20.20 -67.29
C SER C 481 -31.09 20.86 -66.67
N GLY C 482 -31.98 20.08 -66.06
CA GLY C 482 -33.16 20.62 -65.43
C GLY C 482 -33.00 21.14 -64.02
N TYR C 483 -31.80 21.01 -63.45
CA TYR C 483 -31.50 21.47 -62.10
C TYR C 483 -30.56 22.67 -62.14
N ALA C 484 -30.66 23.53 -61.14
CA ALA C 484 -29.70 24.62 -60.97
C ALA C 484 -28.46 24.09 -60.25
N ILE C 485 -27.42 23.77 -61.00
CA ILE C 485 -26.21 23.15 -60.48
C ILE C 485 -25.09 24.19 -60.47
N PRO C 486 -24.56 24.56 -59.30
CA PRO C 486 -23.39 25.45 -59.28
C PRO C 486 -22.20 24.81 -59.98
N GLN C 487 -21.38 25.65 -60.61
CA GLN C 487 -20.29 25.20 -61.47
C GLN C 487 -18.94 25.50 -60.84
N LYS C 488 -18.04 24.51 -60.92
CA LYS C 488 -16.66 24.67 -60.45
C LYS C 488 -15.83 25.41 -61.49
N GLU C 489 -14.92 26.26 -61.02
CA GLU C 489 -13.88 26.85 -61.87
C GLU C 489 -12.57 26.87 -61.10
N PHE C 490 -11.47 26.69 -61.84
CA PHE C 490 -10.15 26.69 -61.25
C PHE C 490 -9.62 28.12 -61.15
N PHE C 491 -8.79 28.35 -60.14
CA PHE C 491 -8.09 29.61 -60.01
C PHE C 491 -6.75 29.31 -59.36
N THR C 492 -5.88 30.32 -59.37
CA THR C 492 -4.64 30.29 -58.62
C THR C 492 -4.55 31.60 -57.85
N PHE C 493 -3.70 31.60 -56.84
CA PHE C 493 -3.39 32.82 -56.10
C PHE C 493 -2.01 32.63 -55.48
N GLN C 494 -1.39 33.75 -55.11
CA GLN C 494 -0.07 33.75 -54.51
C GLN C 494 -0.20 34.02 -53.03
N THR C 495 0.45 33.20 -52.20
CA THR C 495 0.52 33.45 -50.77
C THR C 495 1.41 34.67 -50.49
N THR C 496 1.33 35.18 -49.25
CA THR C 496 2.12 36.37 -48.91
C THR C 496 3.61 36.12 -49.06
N ASP C 497 4.06 34.87 -48.92
CA ASP C 497 5.47 34.56 -49.16
C ASP C 497 5.73 34.00 -50.56
N GLY C 498 4.82 34.22 -51.51
CA GLY C 498 5.14 34.05 -52.90
C GLY C 498 4.94 32.67 -53.50
N VAL C 499 4.20 31.80 -52.83
CA VAL C 499 3.88 30.48 -53.37
C VAL C 499 2.56 30.58 -54.11
N THR C 500 2.51 30.01 -55.32
CA THR C 500 1.28 29.96 -56.11
C THR C 500 0.56 28.65 -55.81
N LEU C 501 -0.72 28.75 -55.46
CA LEU C 501 -1.53 27.59 -55.09
C LEU C 501 -2.69 27.41 -56.04
N ASN C 502 -3.04 26.16 -56.32
CA ASN C 502 -4.18 25.82 -57.15
C ASN C 502 -5.44 25.65 -56.30
N GLY C 503 -6.56 26.16 -56.80
CA GLY C 503 -7.83 25.95 -56.14
C GLY C 503 -8.96 25.83 -57.14
N TRP C 504 -10.12 25.42 -56.62
CA TRP C 504 -11.36 25.62 -57.34
C TRP C 504 -12.34 26.42 -56.48
N MET C 505 -13.25 27.10 -57.18
CA MET C 505 -14.31 27.89 -56.58
C MET C 505 -15.62 27.55 -57.25
N MET C 506 -16.65 27.31 -56.44
CA MET C 506 -18.00 27.00 -56.90
C MET C 506 -18.91 28.12 -56.43
N LYS C 507 -19.60 28.76 -57.35
CA LYS C 507 -20.37 29.94 -57.00
C LYS C 507 -21.86 29.64 -57.02
N PRO C 508 -22.64 30.27 -56.15
CA PRO C 508 -24.09 30.11 -56.19
C PRO C 508 -24.67 30.61 -57.50
N ALA C 509 -25.93 30.22 -57.74
CA ALA C 509 -26.69 30.78 -58.84
C ALA C 509 -26.80 32.29 -58.70
N ASN C 510 -26.92 32.96 -59.85
CA ASN C 510 -27.14 34.40 -59.91
C ASN C 510 -26.01 35.15 -59.23
N PHE C 511 -24.80 34.63 -59.35
CA PHE C 511 -23.64 35.24 -58.72
C PHE C 511 -23.50 36.69 -59.17
N SER C 512 -23.13 37.55 -58.24
CA SER C 512 -22.87 38.95 -58.54
C SER C 512 -21.72 39.41 -57.66
N THR C 513 -20.75 40.14 -58.25
CA THR C 513 -19.63 40.65 -57.47
C THR C 513 -20.03 41.76 -56.52
N SER C 514 -21.27 42.24 -56.60
CA SER C 514 -21.76 43.26 -55.68
C SER C 514 -22.54 42.68 -54.51
N LYS C 515 -22.71 41.36 -54.45
CA LYS C 515 -23.26 40.74 -53.27
C LYS C 515 -22.15 40.38 -52.29
N LYS C 516 -22.55 39.94 -51.11
CA LYS C 516 -21.61 39.51 -50.07
C LYS C 516 -21.94 38.08 -49.72
N TYR C 517 -20.99 37.16 -49.95
CA TYR C 517 -21.30 35.75 -49.73
C TYR C 517 -20.55 35.18 -48.54
N PRO C 518 -21.18 34.28 -47.79
CA PRO C 518 -20.42 33.42 -46.88
C PRO C 518 -19.67 32.37 -47.67
N VAL C 519 -18.65 31.80 -47.05
CA VAL C 519 -17.72 30.89 -47.73
C VAL C 519 -17.59 29.61 -46.93
N LEU C 520 -17.64 28.47 -47.62
CA LEU C 520 -17.21 27.20 -47.06
C LEU C 520 -15.93 26.76 -47.76
N MET C 521 -14.84 26.60 -46.99
CA MET C 521 -13.61 26.02 -47.52
C MET C 521 -13.61 24.53 -47.24
N TYR C 522 -13.35 23.74 -48.27
CA TYR C 522 -13.09 22.31 -48.14
C TYR C 522 -11.62 22.05 -48.43
N GLN C 523 -11.02 21.11 -47.71
CA GLN C 523 -9.67 20.66 -48.06
C GLN C 523 -9.44 19.27 -47.48
N TYR C 524 -8.38 18.63 -47.94
CA TYR C 524 -7.89 17.41 -47.32
C TYR C 524 -6.46 17.58 -46.83
N SER C 525 -5.55 18.06 -47.67
CA SER C 525 -4.25 18.64 -47.32
C SER C 525 -3.16 17.63 -46.94
N GLY C 526 -3.44 16.33 -46.92
CA GLY C 526 -2.47 15.35 -46.48
C GLY C 526 -1.31 15.21 -47.46
N PRO C 527 -0.18 14.67 -46.98
CA PRO C 527 1.03 14.62 -47.82
C PRO C 527 0.84 13.87 -49.12
N GLY C 528 1.21 14.52 -50.23
CA GLY C 528 1.10 13.94 -51.55
C GLY C 528 -0.30 13.84 -52.12
N SER C 529 -1.32 14.30 -51.39
CA SER C 529 -2.70 14.18 -51.86
C SER C 529 -3.09 15.36 -52.73
N GLN C 530 -4.18 15.19 -53.49
CA GLN C 530 -4.72 16.30 -54.27
C GLN C 530 -6.23 16.25 -54.31
N GLN C 531 -6.88 17.35 -53.97
CA GLN C 531 -8.31 17.48 -54.18
C GLN C 531 -8.66 18.38 -55.35
N VAL C 532 -7.72 19.17 -55.85
CA VAL C 532 -7.99 20.14 -56.91
C VAL C 532 -7.58 19.47 -58.21
N LEU C 533 -8.55 18.84 -58.88
CA LEU C 533 -8.32 17.98 -60.03
C LEU C 533 -9.41 18.20 -61.06
N ASP C 534 -9.03 18.08 -62.34
CA ASP C 534 -9.93 18.32 -63.47
C ASP C 534 -10.72 17.04 -63.72
N THR C 535 -11.72 16.83 -62.87
CA THR C 535 -12.51 15.61 -62.90
C THR C 535 -13.89 15.97 -62.36
N TRP C 536 -14.89 15.15 -62.70
CA TRP C 536 -16.27 15.55 -62.50
C TRP C 536 -16.80 15.01 -61.17
N GLY C 537 -17.61 15.81 -60.50
CA GLY C 537 -18.34 15.31 -59.36
C GLY C 537 -19.43 16.24 -58.85
N ILE C 538 -20.45 15.68 -58.22
CA ILE C 538 -21.44 16.44 -57.48
C ILE C 538 -21.45 15.92 -56.06
N SER C 539 -21.35 16.83 -55.09
CA SER C 539 -21.08 16.45 -53.71
C SER C 539 -21.86 17.35 -52.78
N TRP C 540 -21.69 17.14 -51.47
CA TRP C 540 -22.29 18.02 -50.49
C TRP C 540 -21.86 19.46 -50.69
N GLU C 541 -20.62 19.68 -51.13
CA GLU C 541 -20.16 21.04 -51.42
C GLU C 541 -21.01 21.70 -52.50
N THR C 542 -21.37 20.94 -53.54
CA THR C 542 -22.29 21.48 -54.56
C THR C 542 -23.61 21.90 -53.94
N TYR C 543 -24.13 21.08 -53.02
CA TYR C 543 -25.36 21.42 -52.36
C TYR C 543 -25.23 22.72 -51.57
N MET C 544 -24.12 22.88 -50.84
CA MET C 544 -23.92 24.11 -50.09
C MET C 544 -23.87 25.31 -51.03
N ALA C 545 -23.22 25.17 -52.18
CA ALA C 545 -23.20 26.28 -53.14
C ALA C 545 -24.61 26.58 -53.63
N SER C 546 -25.43 25.54 -53.81
CA SER C 546 -26.83 25.75 -54.20
C SER C 546 -27.63 26.46 -53.13
N LEU C 547 -27.14 26.48 -51.89
CA LEU C 547 -27.82 27.18 -50.81
C LEU C 547 -27.36 28.62 -50.65
N GLY C 548 -26.39 29.05 -51.46
CA GLY C 548 -25.94 30.42 -51.42
C GLY C 548 -24.54 30.63 -50.86
N TYR C 549 -23.75 29.56 -50.68
CA TYR C 549 -22.38 29.67 -50.20
C TYR C 549 -21.40 29.63 -51.35
N ILE C 550 -20.37 30.45 -51.27
CA ILE C 550 -19.20 30.26 -52.11
C ILE C 550 -18.39 29.13 -51.51
N VAL C 551 -18.12 28.09 -52.30
CA VAL C 551 -17.34 26.96 -51.81
C VAL C 551 -16.00 26.95 -52.54
N VAL C 552 -14.92 26.79 -51.77
CA VAL C 552 -13.54 26.87 -52.26
C VAL C 552 -12.75 25.68 -51.72
N CYS C 553 -11.85 25.14 -52.53
CA CYS C 553 -10.87 24.14 -52.12
C CYS C 553 -9.51 24.54 -52.69
N VAL C 554 -8.50 24.66 -51.84
CA VAL C 554 -7.12 24.93 -52.24
C VAL C 554 -6.22 23.80 -51.74
N ASP C 555 -5.37 23.29 -52.63
CA ASP C 555 -4.34 22.33 -52.27
C ASP C 555 -3.11 23.13 -51.85
N GLY C 556 -2.82 23.17 -50.55
CA GLY C 556 -1.69 23.91 -50.05
C GLY C 556 -0.37 23.16 -50.19
N ARG C 557 0.70 23.78 -49.69
CA ARG C 557 2.01 23.11 -49.58
C ARG C 557 1.86 21.75 -48.90
N GLY C 558 2.66 20.79 -49.35
CA GLY C 558 2.58 19.44 -48.86
C GLY C 558 1.73 18.52 -49.71
N THR C 559 0.83 19.07 -50.51
CA THR C 559 0.05 18.26 -51.42
C THR C 559 0.90 17.77 -52.60
N GLY C 560 0.33 16.85 -53.37
CA GLY C 560 1.04 16.16 -54.42
C GLY C 560 0.86 16.82 -55.78
N GLY C 561 1.43 16.14 -56.78
CA GLY C 561 1.32 16.56 -58.16
C GLY C 561 2.39 17.55 -58.61
N ARG C 562 3.19 18.09 -57.68
CA ARG C 562 4.05 19.22 -58.01
C ARG C 562 5.51 18.95 -57.68
N GLY C 563 5.90 17.69 -57.52
CA GLY C 563 7.27 17.31 -57.24
C GLY C 563 7.55 17.16 -55.75
N GLU C 564 8.72 16.59 -55.48
CA GLU C 564 9.11 16.27 -54.12
C GLU C 564 9.28 17.52 -53.25
N ALA C 565 9.87 18.59 -53.78
CA ALA C 565 10.13 19.77 -52.97
C ALA C 565 8.84 20.40 -52.46
N PHE C 566 7.80 20.41 -53.29
CA PHE C 566 6.52 20.97 -52.85
C PHE C 566 5.85 20.06 -51.83
N GLU C 567 5.95 18.73 -52.01
CA GLU C 567 5.28 17.85 -51.06
C GLU C 567 6.04 17.76 -49.73
N LYS C 568 7.36 17.64 -49.79
CA LYS C 568 8.07 17.22 -48.61
C LYS C 568 8.68 18.37 -47.85
N CYS C 569 8.28 19.61 -48.16
CA CYS C 569 8.72 20.70 -47.31
C CYS C 569 8.11 20.63 -45.90
N THR C 570 7.16 19.72 -45.67
CA THR C 570 6.57 19.51 -44.34
C THR C 570 7.34 18.50 -43.47
N TYR C 571 8.40 17.90 -44.01
CA TYR C 571 9.06 16.76 -43.38
C TYR C 571 9.49 17.09 -41.97
N LEU C 572 9.11 16.21 -41.03
CA LEU C 572 9.38 16.22 -39.60
C LEU C 572 8.55 17.24 -38.81
N LYS C 573 7.68 18.00 -39.47
CA LYS C 573 6.80 18.95 -38.77
C LYS C 573 5.53 19.17 -39.59
N ILE C 574 4.77 18.10 -39.81
CA ILE C 574 3.59 18.19 -40.67
C ILE C 574 2.50 19.02 -40.03
N GLY C 575 1.51 19.40 -40.83
CA GLY C 575 0.36 20.16 -40.37
C GLY C 575 0.58 21.66 -40.34
N VAL C 576 1.79 22.10 -39.99
CA VAL C 576 2.01 23.51 -39.66
C VAL C 576 1.94 24.37 -40.91
N LYS C 577 2.69 24.01 -41.95
CA LYS C 577 2.66 24.79 -43.19
C LYS C 577 1.30 24.69 -43.88
N GLU C 578 0.70 23.49 -43.86
CA GLU C 578 -0.63 23.32 -44.45
C GLU C 578 -1.64 24.26 -43.81
N ALA C 579 -1.62 24.39 -42.49
CA ALA C 579 -2.58 25.27 -41.82
C ALA C 579 -2.35 26.72 -42.19
N LYS C 580 -1.07 27.11 -42.29
CA LYS C 580 -0.76 28.46 -42.75
C LYS C 580 -1.32 28.71 -44.14
N ASP C 581 -1.24 27.71 -45.03
CA ASP C 581 -1.74 27.93 -46.38
C ASP C 581 -3.26 27.95 -46.44
N GLN C 582 -3.95 27.25 -45.53
CA GLN C 582 -5.40 27.41 -45.44
C GLN C 582 -5.76 28.80 -44.91
N VAL C 583 -5.01 29.30 -43.93
CA VAL C 583 -5.23 30.66 -43.47
C VAL C 583 -4.97 31.65 -44.61
N GLU C 584 -3.91 31.42 -45.40
CA GLU C 584 -3.63 32.29 -46.53
C GLU C 584 -4.80 32.28 -47.52
N THR C 585 -5.38 31.11 -47.76
CA THR C 585 -6.53 31.00 -48.64
C THR C 585 -7.69 31.83 -48.12
N ALA C 586 -7.99 31.71 -46.82
CA ALA C 586 -9.08 32.50 -46.24
C ALA C 586 -8.79 34.00 -46.39
N LEU C 587 -7.53 34.40 -46.16
CA LEU C 587 -7.13 35.79 -46.33
C LEU C 587 -7.31 36.25 -47.78
N TYR C 588 -6.87 35.45 -48.75
CA TYR C 588 -7.07 35.84 -50.15
C TYR C 588 -8.55 35.98 -50.47
N LEU C 589 -9.37 35.05 -49.99
CA LEU C 589 -10.82 35.17 -50.20
C LEU C 589 -11.36 36.44 -49.56
N GLY C 590 -10.86 36.78 -48.36
CA GLY C 590 -11.33 37.96 -47.68
C GLY C 590 -10.99 39.25 -48.41
N LYS C 591 -9.96 39.22 -49.24
CA LYS C 591 -9.64 40.38 -50.06
C LYS C 591 -10.63 40.59 -51.20
N GLN C 592 -11.48 39.61 -51.49
CA GLN C 592 -12.40 39.76 -52.61
C GLN C 592 -13.64 40.52 -52.15
N PRO C 593 -14.08 41.53 -52.90
CA PRO C 593 -15.17 42.38 -52.39
C PRO C 593 -16.47 41.62 -52.19
N TYR C 594 -16.64 40.47 -52.83
CA TYR C 594 -17.90 39.74 -52.77
C TYR C 594 -17.95 38.68 -51.67
N VAL C 595 -16.91 38.50 -50.86
CA VAL C 595 -17.01 37.57 -49.74
C VAL C 595 -17.10 38.35 -48.44
N ASP C 596 -17.90 37.84 -47.52
CA ASP C 596 -18.01 38.36 -46.16
C ASP C 596 -16.90 37.73 -45.32
N LYS C 597 -15.90 38.53 -44.96
CA LYS C 597 -14.73 38.00 -44.23
C LYS C 597 -15.11 37.35 -42.92
N ASP C 598 -16.29 37.63 -42.39
CA ASP C 598 -16.72 37.07 -41.11
C ASP C 598 -17.54 35.81 -41.24
N ARG C 599 -17.76 35.30 -42.43
CA ARG C 599 -18.57 34.12 -42.62
C ARG C 599 -17.81 33.10 -43.44
N ILE C 600 -16.56 32.85 -43.06
CA ILE C 600 -15.73 31.84 -43.69
C ILE C 600 -15.68 30.62 -42.79
N GLY C 601 -16.14 29.49 -43.31
CA GLY C 601 -16.05 28.23 -42.61
C GLY C 601 -15.06 27.29 -43.29
N ILE C 602 -14.61 26.26 -42.57
CA ILE C 602 -13.68 25.29 -43.13
C ILE C 602 -14.05 23.91 -42.61
N TRP C 603 -13.81 22.89 -43.41
CA TRP C 603 -14.11 21.54 -42.95
C TRP C 603 -13.26 20.54 -43.73
N GLY C 604 -13.23 19.33 -43.21
CA GLY C 604 -12.51 18.25 -43.86
C GLY C 604 -12.67 16.97 -43.07
N TRP C 605 -12.17 15.89 -43.67
CA TRP C 605 -12.33 14.52 -43.19
C TRP C 605 -10.96 13.86 -43.12
N SER C 606 -10.72 13.07 -42.06
CA SER C 606 -9.43 12.40 -41.84
C SER C 606 -8.36 13.47 -41.70
N TYR C 607 -7.30 13.50 -42.54
CA TYR C 607 -6.32 14.57 -42.45
C TYR C 607 -6.98 15.92 -42.64
N GLY C 608 -8.03 15.99 -43.46
CA GLY C 608 -8.78 17.22 -43.60
C GLY C 608 -9.47 17.65 -42.31
N GLY C 609 -9.86 16.68 -41.47
CA GLY C 609 -10.41 17.04 -40.17
C GLY C 609 -9.34 17.58 -39.23
N TYR C 610 -8.19 16.90 -39.18
CA TYR C 610 -7.04 17.43 -38.46
C TYR C 610 -6.68 18.83 -38.94
N MET C 611 -6.76 19.06 -40.25
CA MET C 611 -6.38 20.35 -40.79
C MET C 611 -7.41 21.41 -40.42
N THR C 612 -8.68 21.03 -40.29
CA THR C 612 -9.66 21.95 -39.74
C THR C 612 -9.25 22.42 -38.35
N LEU C 613 -8.85 21.50 -37.48
CA LEU C 613 -8.40 21.88 -36.14
C LEU C 613 -7.17 22.78 -36.20
N MET C 614 -6.17 22.40 -36.99
CA MET C 614 -4.94 23.17 -37.03
C MET C 614 -5.17 24.56 -37.60
N SER C 615 -6.05 24.68 -38.59
CA SER C 615 -6.29 25.97 -39.23
C SER C 615 -7.10 26.90 -38.34
N MET C 616 -8.07 26.34 -37.61
CA MET C 616 -8.89 27.15 -36.71
C MET C 616 -8.13 27.57 -35.46
N SER C 617 -7.00 26.94 -35.17
CA SER C 617 -6.19 27.30 -34.01
C SER C 617 -4.80 27.75 -34.42
N GLU C 618 -4.69 28.26 -35.66
CA GLU C 618 -3.41 28.66 -36.20
C GLU C 618 -2.89 29.95 -35.56
N GLY C 619 -3.78 30.77 -35.01
CA GLY C 619 -3.43 32.06 -34.41
C GLY C 619 -4.03 33.23 -35.14
N THR C 620 -4.28 33.09 -36.44
CA THR C 620 -4.90 34.15 -37.22
C THR C 620 -6.40 33.93 -37.22
N PRO C 621 -7.18 34.79 -36.59
CA PRO C 621 -8.60 34.42 -36.32
C PRO C 621 -9.52 34.63 -37.52
N VAL C 622 -9.36 33.79 -38.55
CA VAL C 622 -10.06 34.01 -39.80
C VAL C 622 -11.34 33.19 -39.99
N PHE C 623 -11.56 32.18 -39.17
CA PHE C 623 -12.65 31.25 -39.40
C PHE C 623 -13.78 31.47 -38.40
N LYS C 624 -14.99 31.49 -38.92
CA LYS C 624 -16.17 31.64 -38.09
C LYS C 624 -16.64 30.30 -37.53
N ALA C 625 -16.43 29.22 -38.28
CA ALA C 625 -16.97 27.91 -37.95
C ALA C 625 -16.18 26.85 -38.69
N GLY C 626 -16.21 25.64 -38.16
CA GLY C 626 -15.56 24.54 -38.84
C GLY C 626 -16.07 23.20 -38.35
N VAL C 627 -15.87 22.19 -39.19
CA VAL C 627 -16.29 20.83 -38.89
C VAL C 627 -15.12 19.91 -39.16
N ALA C 628 -14.73 19.14 -38.16
CA ALA C 628 -13.64 18.17 -38.26
C ALA C 628 -14.23 16.78 -38.15
N VAL C 629 -14.12 16.00 -39.22
CA VAL C 629 -14.66 14.65 -39.26
C VAL C 629 -13.52 13.64 -39.16
N ALA C 630 -13.62 12.71 -38.20
CA ALA C 630 -12.67 11.59 -38.02
C ALA C 630 -11.23 12.08 -38.01
N ALA C 631 -10.95 13.08 -37.16
CA ALA C 631 -9.70 13.82 -37.25
C ALA C 631 -8.63 13.21 -36.35
N PRO C 632 -7.41 12.96 -36.84
CA PRO C 632 -6.30 12.76 -35.90
C PRO C 632 -6.10 14.07 -35.14
N THR C 633 -5.78 13.96 -33.86
CA THR C 633 -5.57 15.16 -33.05
C THR C 633 -4.19 15.23 -32.43
N ASP C 634 -3.52 14.11 -32.25
CA ASP C 634 -2.12 14.10 -31.86
C ASP C 634 -1.50 12.91 -32.58
N TRP C 635 -0.35 13.12 -33.25
CA TRP C 635 0.20 12.04 -34.07
C TRP C 635 0.69 10.86 -33.25
N ARG C 636 0.91 11.03 -31.95
CA ARG C 636 1.24 9.85 -31.15
C ARG C 636 0.07 8.85 -31.10
N PHE C 637 -1.15 9.28 -31.41
CA PHE C 637 -2.28 8.35 -31.47
C PHE C 637 -2.36 7.57 -32.78
N TYR C 638 -1.66 8.00 -33.84
CA TYR C 638 -1.81 7.34 -35.13
C TYR C 638 -0.74 6.24 -35.30
N ASP C 639 -0.79 5.51 -36.42
CA ASP C 639 0.00 4.29 -36.56
C ASP C 639 1.47 4.59 -36.91
N THR C 640 2.29 3.54 -36.85
CA THR C 640 3.73 3.69 -37.09
C THR C 640 4.06 4.11 -38.52
N ILE C 641 3.65 3.28 -39.49
CA ILE C 641 4.20 3.43 -40.85
C ILE C 641 3.85 4.79 -41.44
N TYR C 642 2.58 5.22 -41.30
CA TYR C 642 2.20 6.52 -41.87
C TYR C 642 2.84 7.67 -41.08
N THR C 643 2.58 7.72 -39.77
CA THR C 643 3.08 8.83 -38.96
C THR C 643 4.60 8.96 -39.05
N GLU C 644 5.32 7.85 -38.88
CA GLU C 644 6.78 7.91 -38.85
C GLU C 644 7.38 8.22 -40.22
N ARG C 645 6.68 7.87 -41.30
CA ARG C 645 7.16 8.21 -42.63
C ARG C 645 7.48 9.69 -42.72
N PHE C 646 6.60 10.52 -42.15
CA PHE C 646 6.71 11.97 -42.20
C PHE C 646 7.31 12.59 -40.97
N MET C 647 7.30 11.88 -39.83
CA MET C 647 7.66 12.47 -38.56
C MET C 647 8.75 11.73 -37.80
N ARG C 648 9.16 10.53 -38.25
CA ARG C 648 10.00 9.62 -37.47
C ARG C 648 9.29 9.32 -36.14
N THR C 649 10.04 8.98 -35.07
CA THR C 649 9.37 8.57 -33.83
C THR C 649 9.29 9.71 -32.84
N PRO C 650 8.35 9.66 -31.88
CA PRO C 650 8.34 10.68 -30.82
C PRO C 650 9.66 10.74 -30.05
N LYS C 651 10.32 9.60 -29.87
CA LYS C 651 11.63 9.62 -29.23
C LYS C 651 12.61 10.53 -29.97
N GLU C 652 12.66 10.45 -31.29
CA GLU C 652 13.63 11.21 -32.08
C GLU C 652 13.20 12.62 -32.40
N ASN C 653 11.90 12.91 -32.39
CA ASN C 653 11.38 14.16 -32.94
C ASN C 653 10.30 14.72 -32.01
N ALA C 654 10.63 14.82 -30.72
CA ALA C 654 9.65 15.30 -29.75
C ALA C 654 9.19 16.71 -30.11
N GLU C 655 10.11 17.54 -30.59
CA GLU C 655 9.75 18.91 -30.94
C GLU C 655 8.78 18.95 -32.12
N GLY C 656 8.98 18.06 -33.11
CA GLY C 656 8.06 17.99 -34.23
C GLY C 656 6.68 17.52 -33.80
N TYR C 657 6.61 16.46 -32.99
CA TYR C 657 5.30 15.99 -32.49
C TYR C 657 4.60 17.08 -31.71
N LYS C 658 5.35 17.84 -30.91
CA LYS C 658 4.75 18.96 -30.18
C LYS C 658 4.13 19.97 -31.12
N GLU C 659 4.91 20.45 -32.11
CA GLU C 659 4.43 21.51 -32.97
C GLU C 659 3.34 21.03 -33.93
N SER C 660 3.29 19.75 -34.24
CA SER C 660 2.29 19.18 -35.14
C SER C 660 1.00 18.78 -34.42
N SER C 661 0.99 18.75 -33.10
CA SER C 661 -0.20 18.34 -32.35
C SER C 661 -1.27 19.42 -32.35
N ALA C 662 -2.54 19.00 -32.53
CA ALA C 662 -3.64 19.96 -32.35
C ALA C 662 -3.81 20.36 -30.89
N PHE C 663 -3.31 19.55 -29.95
CA PHE C 663 -3.42 19.88 -28.53
C PHE C 663 -2.59 21.13 -28.20
N THR C 664 -1.37 21.22 -28.76
CA THR C 664 -0.45 22.27 -28.37
C THR C 664 -1.04 23.66 -28.61
N ARG C 665 -1.78 23.81 -29.70
CA ARG C 665 -2.32 25.10 -30.11
C ARG C 665 -3.82 25.22 -29.81
N ALA C 666 -4.37 24.35 -28.96
CA ALA C 666 -5.83 24.31 -28.81
C ALA C 666 -6.38 25.57 -28.15
N ASP C 667 -5.63 26.19 -27.24
CA ASP C 667 -6.15 27.41 -26.60
C ASP C 667 -6.37 28.53 -27.60
N LYS C 668 -5.78 28.47 -28.79
CA LYS C 668 -5.98 29.47 -29.83
C LYS C 668 -7.14 29.13 -30.78
N LEU C 669 -7.87 28.03 -30.53
CA LEU C 669 -9.06 27.70 -31.31
C LEU C 669 -10.00 28.89 -31.40
N HIS C 670 -10.31 29.30 -32.62
CA HIS C 670 -11.17 30.45 -32.87
C HIS C 670 -12.23 30.05 -33.89
N GLY C 671 -13.49 30.27 -33.55
CA GLY C 671 -14.61 29.82 -34.36
C GLY C 671 -15.38 28.68 -33.70
N ASN C 672 -16.61 28.47 -34.17
CA ASN C 672 -17.48 27.44 -33.61
C ASN C 672 -17.15 26.09 -34.25
N LEU C 673 -16.78 25.12 -33.43
CA LEU C 673 -16.29 23.83 -33.90
C LEU C 673 -17.31 22.72 -33.66
N LEU C 674 -17.49 21.86 -34.66
CA LEU C 674 -18.21 20.60 -34.54
C LEU C 674 -17.23 19.45 -34.78
N LEU C 675 -17.14 18.54 -33.80
CA LEU C 675 -16.34 17.32 -33.90
C LEU C 675 -17.24 16.15 -34.28
N VAL C 676 -16.86 15.40 -35.32
CA VAL C 676 -17.61 14.24 -35.77
C VAL C 676 -16.67 13.03 -35.80
N HIS C 677 -17.13 11.89 -35.28
CA HIS C 677 -16.27 10.71 -35.29
C HIS C 677 -17.12 9.45 -35.23
N GLY C 678 -16.68 8.41 -35.94
CA GLY C 678 -17.24 7.08 -35.78
C GLY C 678 -16.54 6.35 -34.62
N MET C 679 -17.34 5.73 -33.76
CA MET C 679 -16.76 5.16 -32.55
C MET C 679 -16.03 3.84 -32.81
N ALA C 680 -16.38 3.12 -33.87
CA ALA C 680 -15.66 1.92 -34.28
C ALA C 680 -14.60 2.21 -35.35
N ASP C 681 -14.02 3.39 -35.34
CA ASP C 681 -12.99 3.72 -36.32
C ASP C 681 -11.71 2.96 -35.98
N ASP C 682 -11.33 1.99 -36.83
CA ASP C 682 -10.10 1.22 -36.68
C ASP C 682 -8.88 1.94 -37.25
N ASN C 683 -9.08 3.10 -37.86
CA ASN C 683 -8.02 3.79 -38.58
C ASN C 683 -7.54 4.96 -37.73
N VAL C 684 -8.34 6.01 -37.64
CA VAL C 684 -8.15 7.11 -36.70
C VAL C 684 -9.01 6.81 -35.47
N HIS C 685 -8.39 6.31 -34.41
CA HIS C 685 -9.16 5.85 -33.26
C HIS C 685 -10.03 6.95 -32.66
N PHE C 686 -11.22 6.56 -32.21
CA PHE C 686 -12.11 7.47 -31.49
C PHE C 686 -11.39 8.13 -30.31
N GLN C 687 -10.41 7.46 -29.72
CA GLN C 687 -9.48 8.07 -28.76
C GLN C 687 -9.04 9.47 -29.16
N ASN C 688 -8.72 9.69 -30.45
CA ASN C 688 -8.31 11.02 -30.91
C ASN C 688 -9.34 12.08 -30.53
N CYS C 689 -10.62 11.76 -30.74
CA CYS C 689 -11.70 12.69 -30.45
C CYS C 689 -11.92 12.81 -28.95
N ALA C 690 -12.00 11.68 -28.25
CA ALA C 690 -12.26 11.67 -26.80
C ALA C 690 -11.20 12.47 -26.04
N GLU C 691 -9.92 12.27 -26.37
CA GLU C 691 -8.87 12.97 -25.64
C GLU C 691 -8.88 14.46 -25.95
N TYR C 692 -9.05 14.82 -27.24
CA TYR C 692 -9.06 16.23 -27.64
C TYR C 692 -10.27 16.97 -27.07
N ALA C 693 -11.46 16.37 -27.18
CA ALA C 693 -12.66 16.94 -26.54
C ALA C 693 -12.41 17.26 -25.07
N GLU C 694 -11.79 16.35 -24.33
CA GLU C 694 -11.55 16.59 -22.91
C GLU C 694 -10.57 17.73 -22.70
N HIS C 695 -9.56 17.85 -23.57
CA HIS C 695 -8.64 18.98 -23.49
C HIS C 695 -9.39 20.29 -23.68
N LEU C 696 -10.30 20.34 -24.65
CA LEU C 696 -11.10 21.53 -24.87
C LEU C 696 -11.99 21.82 -23.66
N VAL C 697 -12.56 20.78 -23.05
CA VAL C 697 -13.39 20.99 -21.85
C VAL C 697 -12.56 21.68 -20.77
N GLN C 698 -11.37 21.16 -20.49
CA GLN C 698 -10.59 21.74 -19.39
C GLN C 698 -10.06 23.12 -19.74
N LEU C 699 -9.87 23.41 -21.04
CA LEU C 699 -9.55 24.76 -21.49
C LEU C 699 -10.74 25.71 -21.40
N GLY C 700 -11.95 25.18 -21.26
CA GLY C 700 -13.14 26.00 -21.27
C GLY C 700 -13.68 26.35 -22.65
N LYS C 701 -13.23 25.67 -23.70
CA LYS C 701 -13.75 25.91 -25.03
C LYS C 701 -15.10 25.20 -25.20
N GLN C 702 -16.07 25.91 -25.75
CA GLN C 702 -17.36 25.32 -26.10
C GLN C 702 -17.32 24.83 -27.54
N PHE C 703 -17.94 23.68 -27.78
CA PHE C 703 -17.92 23.07 -29.11
C PHE C 703 -19.11 22.12 -29.20
N ASP C 704 -19.29 21.53 -30.37
CA ASP C 704 -20.39 20.63 -30.65
C ASP C 704 -19.84 19.25 -31.00
N MET C 705 -20.63 18.22 -30.77
CA MET C 705 -20.18 16.86 -31.10
C MET C 705 -21.27 16.09 -31.81
N GLN C 706 -20.84 15.16 -32.65
CA GLN C 706 -21.72 14.17 -33.26
C GLN C 706 -20.91 12.89 -33.36
N VAL C 707 -21.28 11.92 -32.55
CA VAL C 707 -20.55 10.66 -32.48
C VAL C 707 -21.45 9.55 -33.02
N TYR C 708 -20.90 8.71 -33.92
CA TYR C 708 -21.69 7.74 -34.66
C TYR C 708 -21.39 6.32 -34.21
N THR C 709 -22.42 5.65 -33.67
CA THR C 709 -22.32 4.31 -33.12
C THR C 709 -21.95 3.27 -34.17
N ASN C 710 -20.94 2.46 -33.86
CA ASN C 710 -20.44 1.35 -34.67
C ASN C 710 -19.87 1.77 -36.01
N ARG C 711 -19.57 3.05 -36.23
CA ARG C 711 -19.14 3.50 -37.54
C ARG C 711 -17.62 3.61 -37.60
N ASN C 712 -17.08 3.33 -38.78
CA ASN C 712 -15.63 3.30 -38.96
C ASN C 712 -15.17 4.59 -39.64
N HIS C 713 -13.95 4.58 -40.21
CA HIS C 713 -13.40 5.79 -40.80
C HIS C 713 -14.28 6.34 -41.93
N GLY C 714 -15.07 5.48 -42.59
CA GLY C 714 -15.96 5.95 -43.66
C GLY C 714 -17.33 6.47 -43.22
N ILE C 715 -17.66 6.39 -41.93
CA ILE C 715 -18.94 6.77 -41.34
C ILE C 715 -20.10 6.64 -42.33
N TYR C 716 -20.53 5.41 -42.59
CA TYR C 716 -21.65 5.20 -43.50
C TYR C 716 -22.48 4.00 -43.03
N GLY C 717 -23.67 3.88 -43.60
CA GLY C 717 -24.51 2.72 -43.37
C GLY C 717 -25.95 3.13 -43.14
N GLY C 718 -26.87 2.60 -43.94
CA GLY C 718 -28.26 3.02 -43.83
C GLY C 718 -28.37 4.51 -44.10
N ASN C 719 -29.07 5.20 -43.21
CA ASN C 719 -29.29 6.64 -43.36
C ASN C 719 -28.10 7.49 -42.84
N THR C 720 -26.98 6.86 -42.46
CA THR C 720 -25.89 7.57 -41.79
C THR C 720 -25.37 8.75 -42.62
N ARG C 721 -25.05 8.53 -43.91
CA ARG C 721 -24.46 9.60 -44.71
C ARG C 721 -25.42 10.78 -44.88
N GLN C 722 -26.69 10.49 -45.17
CA GLN C 722 -27.69 11.58 -45.26
C GLN C 722 -27.79 12.32 -43.95
N HIS C 723 -27.84 11.59 -42.83
CA HIS C 723 -27.90 12.24 -41.53
C HIS C 723 -26.68 13.12 -41.30
N LEU C 724 -25.49 12.59 -41.61
CA LEU C 724 -24.25 13.33 -41.35
C LEU C 724 -24.19 14.61 -42.17
N TYR C 725 -24.47 14.54 -43.48
CA TYR C 725 -24.37 15.75 -44.27
C TYR C 725 -25.50 16.73 -43.98
N THR C 726 -26.65 16.26 -43.50
CA THR C 726 -27.66 17.17 -42.98
C THR C 726 -27.16 17.88 -41.72
N ARG C 727 -26.53 17.13 -40.81
CA ARG C 727 -25.89 17.74 -39.64
C ARG C 727 -24.87 18.80 -40.04
N LEU C 728 -24.00 18.48 -41.00
CA LEU C 728 -23.01 19.48 -41.44
C LEU C 728 -23.70 20.68 -42.06
N THR C 729 -24.70 20.45 -42.91
CA THR C 729 -25.44 21.57 -43.50
C THR C 729 -25.97 22.49 -42.42
N ASN C 730 -26.70 21.93 -41.44
CA ASN C 730 -27.34 22.76 -40.42
C ASN C 730 -26.31 23.46 -39.56
N PHE C 731 -25.17 22.79 -39.29
CA PHE C 731 -24.16 23.43 -38.47
C PHE C 731 -23.64 24.69 -39.13
N PHE C 732 -23.36 24.63 -40.43
CA PHE C 732 -22.84 25.82 -41.10
C PHE C 732 -23.93 26.89 -41.30
N LEU C 733 -25.16 26.46 -41.62
CA LEU C 733 -26.27 27.42 -41.67
C LEU C 733 -26.40 28.18 -40.36
N ASN C 734 -26.38 27.47 -39.24
CA ASN C 734 -26.56 28.10 -37.95
C ASN C 734 -25.33 28.86 -37.48
N ASN C 735 -24.13 28.41 -37.84
CA ASN C 735 -22.94 28.99 -37.23
C ASN C 735 -22.18 29.93 -38.15
N LEU C 736 -22.58 30.06 -39.40
CA LEU C 736 -22.01 31.09 -40.27
C LEU C 736 -22.93 32.30 -40.37
N LYS D 23 35.34 -6.34 64.01
CA LYS D 23 34.25 -5.58 64.61
C LYS D 23 33.32 -4.96 63.55
N ALA D 24 33.87 -4.50 62.42
CA ALA D 24 33.03 -3.94 61.36
C ALA D 24 32.44 -5.05 60.49
N LEU D 25 31.11 -5.06 60.37
CA LEU D 25 30.42 -5.93 59.42
C LEU D 25 30.98 -5.75 58.00
N ASP D 26 31.23 -6.87 57.31
CA ASP D 26 31.69 -6.86 55.91
C ASP D 26 30.55 -7.35 55.02
N LEU D 27 30.18 -6.54 54.03
CA LEU D 27 29.08 -6.92 53.16
C LEU D 27 29.37 -8.23 52.44
N LYS D 28 30.62 -8.48 52.06
CA LYS D 28 30.94 -9.72 51.36
C LYS D 28 30.74 -10.95 52.24
N ASP D 29 30.99 -10.82 53.54
CA ASP D 29 30.64 -11.90 54.48
C ASP D 29 29.15 -12.17 54.44
N ILE D 30 28.35 -11.10 54.50
CA ILE D 30 26.89 -11.24 54.44
C ILE D 30 26.48 -11.89 53.14
N THR D 31 26.98 -11.34 52.04
CA THR D 31 26.58 -11.78 50.72
C THR D 31 27.09 -13.21 50.43
N SER D 32 28.27 -13.58 50.92
CA SER D 32 28.75 -14.93 50.62
C SER D 32 28.16 -16.00 51.53
N GLY D 33 27.31 -15.63 52.48
CA GLY D 33 26.65 -16.60 53.32
C GLY D 33 27.41 -17.01 54.56
N ARG D 34 28.41 -16.23 54.98
CA ARG D 34 29.18 -16.58 56.17
C ARG D 34 28.30 -16.71 57.40
N PHE D 35 27.23 -15.93 57.48
CA PHE D 35 26.41 -15.88 58.68
C PHE D 35 25.11 -16.68 58.55
N ARG D 36 24.99 -17.51 57.53
CA ARG D 36 23.82 -18.38 57.42
C ARG D 36 23.85 -19.38 58.56
N PRO D 37 22.81 -19.44 59.40
CA PRO D 37 22.85 -20.36 60.54
C PRO D 37 22.89 -21.81 60.08
N GLU D 38 23.47 -22.65 60.94
CA GLU D 38 23.40 -24.08 60.72
C GLU D 38 21.93 -24.53 60.78
N ASN D 39 21.60 -25.53 59.95
CA ASN D 39 20.22 -26.01 59.83
C ASN D 39 20.25 -27.47 59.42
N ILE D 40 19.06 -28.06 59.31
CA ILE D 40 18.90 -29.43 58.82
C ILE D 40 17.89 -29.39 57.69
N GLN D 41 18.29 -29.89 56.52
CA GLN D 41 17.41 -29.97 55.37
C GLN D 41 17.30 -31.43 54.93
N GLY D 42 16.34 -31.69 54.06
CA GLY D 42 16.18 -33.04 53.54
C GLY D 42 15.70 -34.04 54.57
N VAL D 43 14.89 -33.61 55.52
CA VAL D 43 14.31 -34.52 56.52
C VAL D 43 13.06 -35.14 55.92
N ILE D 44 13.07 -36.46 55.75
CA ILE D 44 11.95 -37.22 55.22
C ILE D 44 11.41 -38.11 56.34
N PRO D 45 10.25 -37.80 56.93
CA PRO D 45 9.65 -38.73 57.90
C PRO D 45 9.36 -40.06 57.23
N MET D 46 9.59 -41.14 57.97
CA MET D 46 9.25 -42.45 57.43
C MET D 46 7.81 -42.79 57.75
N PRO D 47 7.22 -43.73 57.00
CA PRO D 47 5.81 -44.09 57.26
C PRO D 47 5.54 -44.57 58.69
N ASP D 48 6.54 -45.08 59.41
CA ASP D 48 6.28 -45.69 60.71
C ASP D 48 5.94 -44.67 61.79
N GLY D 49 6.15 -43.38 61.53
CA GLY D 49 5.86 -42.36 62.52
C GLY D 49 6.85 -42.28 63.67
N GLU D 50 7.85 -43.16 63.69
CA GLU D 50 8.82 -43.22 64.78
C GLU D 50 10.16 -42.62 64.41
N HIS D 51 10.53 -42.62 63.13
CA HIS D 51 11.83 -42.15 62.72
C HIS D 51 11.72 -41.25 61.50
N TYR D 52 12.85 -40.65 61.14
CA TYR D 52 13.00 -39.87 59.92
C TYR D 52 14.33 -40.23 59.28
N THR D 53 14.49 -39.83 58.03
CA THR D 53 15.73 -40.10 57.30
C THR D 53 16.34 -38.79 56.82
N GLN D 54 17.61 -38.89 56.44
CA GLN D 54 18.32 -37.79 55.82
C GLN D 54 19.44 -38.39 54.98
N MET D 55 19.74 -37.73 53.87
CA MET D 55 20.89 -38.13 53.07
C MET D 55 22.18 -37.92 53.85
N SER D 56 23.11 -38.87 53.70
CA SER D 56 24.44 -38.75 54.28
C SER D 56 25.11 -37.45 53.83
N ALA D 57 26.11 -37.02 54.62
CA ALA D 57 26.88 -35.84 54.25
C ALA D 57 27.51 -35.98 52.88
N ASP D 58 28.04 -37.18 52.57
CA ASP D 58 28.67 -37.43 51.28
C ASP D 58 27.71 -37.90 50.20
N GLY D 59 26.40 -37.79 50.43
CA GLY D 59 25.40 -38.13 49.43
C GLY D 59 25.37 -39.57 48.96
N THR D 60 26.01 -40.50 49.69
CA THR D 60 26.05 -41.90 49.30
C THR D 60 25.07 -42.78 50.05
N GLN D 61 24.56 -42.33 51.19
CA GLN D 61 23.68 -43.13 52.02
C GLN D 61 22.40 -42.36 52.37
N ILE D 62 21.37 -43.13 52.73
CA ILE D 62 20.18 -42.61 53.41
C ILE D 62 20.17 -43.23 54.80
N ILE D 63 20.09 -42.39 55.82
CA ILE D 63 20.28 -42.81 57.20
C ILE D 63 19.00 -42.55 57.99
N LYS D 64 18.60 -43.53 58.81
CA LYS D 64 17.39 -43.45 59.61
C LYS D 64 17.71 -42.97 61.02
N TYR D 65 16.98 -41.95 61.48
CA TYR D 65 17.17 -41.37 62.80
C TYR D 65 15.89 -41.47 63.61
N SER D 66 16.03 -41.58 64.92
CA SER D 66 14.85 -41.65 65.79
C SER D 66 14.27 -40.26 66.00
N PHE D 67 12.97 -40.13 65.78
CA PHE D 67 12.29 -38.88 66.10
C PHE D 67 12.34 -38.55 67.58
N ARG D 68 12.51 -39.56 68.43
CA ARG D 68 12.46 -39.33 69.87
C ARG D 68 13.81 -38.91 70.44
N THR D 69 14.92 -39.39 69.85
CA THR D 69 16.24 -39.15 70.40
C THR D 69 17.19 -38.43 69.45
N GLY D 70 16.87 -38.38 68.15
CA GLY D 70 17.83 -37.89 67.18
C GLY D 70 18.97 -38.84 66.89
N GLU D 71 18.96 -40.04 67.48
CA GLU D 71 20.07 -40.96 67.29
C GLU D 71 19.99 -41.64 65.93
N LYS D 72 21.16 -41.94 65.39
CA LYS D 72 21.24 -42.74 64.18
C LYS D 72 20.89 -44.19 64.50
N VAL D 73 19.87 -44.73 63.82
CA VAL D 73 19.48 -46.11 64.04
C VAL D 73 20.19 -47.05 63.07
N GLU D 74 20.17 -46.72 61.78
CA GLU D 74 20.88 -47.54 60.80
C GLU D 74 20.92 -46.80 59.47
N VAL D 75 21.82 -47.25 58.62
CA VAL D 75 21.78 -46.92 57.21
C VAL D 75 20.75 -47.84 56.55
N ILE D 76 19.83 -47.26 55.78
CA ILE D 76 18.84 -48.06 55.08
C ILE D 76 19.12 -48.15 53.58
N PHE D 77 19.97 -47.28 53.03
CA PHE D 77 20.37 -47.39 51.63
C PHE D 77 21.79 -46.87 51.49
N ASP D 78 22.56 -47.50 50.62
CA ASP D 78 23.97 -47.19 50.45
C ASP D 78 24.37 -47.56 49.03
N VAL D 79 24.86 -46.59 48.26
CA VAL D 79 25.22 -46.85 46.87
C VAL D 79 26.36 -47.85 46.77
N ASN D 80 27.23 -47.91 47.78
CA ASN D 80 28.39 -48.79 47.77
C ASN D 80 28.09 -50.19 48.29
N GLN D 81 26.87 -50.43 48.78
CA GLN D 81 26.44 -51.76 49.19
C GLN D 81 25.29 -52.31 48.36
N ALA D 82 24.49 -51.46 47.74
CA ALA D 82 23.37 -51.93 46.94
C ALA D 82 23.86 -52.67 45.70
N ARG D 83 23.10 -53.69 45.31
CA ARG D 83 23.45 -54.52 44.17
C ARG D 83 22.88 -53.93 42.89
N GLU D 84 23.65 -54.01 41.80
CA GLU D 84 23.26 -53.52 40.48
C GLU D 84 23.01 -52.03 40.48
N CYS D 85 23.69 -51.32 41.38
CA CYS D 85 23.57 -49.86 41.50
C CYS D 85 24.73 -49.23 40.72
N ASP D 86 24.41 -48.52 39.63
CA ASP D 86 25.48 -47.96 38.82
C ASP D 86 25.82 -46.54 39.22
N PHE D 87 24.89 -45.79 39.83
CA PHE D 87 25.16 -44.40 40.17
C PHE D 87 25.88 -44.31 41.51
N LYS D 88 26.69 -43.24 41.65
CA LYS D 88 27.49 -43.01 42.85
C LYS D 88 26.87 -42.00 43.81
N ASN D 89 25.93 -41.19 43.35
CA ASN D 89 25.19 -40.32 44.24
C ASN D 89 23.78 -40.11 43.67
N PHE D 90 22.93 -39.47 44.46
CA PHE D 90 21.55 -39.26 44.06
C PHE D 90 21.09 -37.93 44.62
N ASP D 91 19.90 -37.51 44.18
CA ASP D 91 19.39 -36.17 44.47
C ASP D 91 18.31 -36.15 45.53
N SER D 92 17.34 -37.04 45.44
CA SER D 92 16.20 -37.04 46.33
C SER D 92 15.64 -38.46 46.38
N TYR D 93 14.67 -38.67 47.27
CA TYR D 93 14.07 -39.98 47.42
C TYR D 93 12.72 -39.84 48.08
N GLN D 94 11.89 -40.86 47.93
CA GLN D 94 10.63 -40.94 48.66
C GLN D 94 10.32 -42.38 49.01
N PHE D 95 9.49 -42.55 50.03
CA PHE D 95 9.05 -43.87 50.47
C PHE D 95 7.71 -44.23 49.84
N SER D 96 7.52 -45.54 49.62
CA SER D 96 6.20 -46.06 49.32
C SER D 96 5.27 -45.83 50.52
N PRO D 97 3.95 -45.89 50.32
CA PRO D 97 3.02 -45.58 51.43
C PRO D 97 3.30 -46.30 52.73
N ASP D 98 3.68 -47.58 52.70
CA ASP D 98 3.95 -48.32 53.93
C ASP D 98 5.44 -48.48 54.20
N GLY D 99 6.30 -47.93 53.37
CA GLY D 99 7.73 -47.91 53.65
C GLY D 99 8.47 -49.16 53.28
N ASP D 100 7.88 -50.06 52.49
CA ASP D 100 8.60 -51.24 52.05
C ASP D 100 9.50 -50.98 50.85
N LYS D 101 9.46 -49.77 50.28
CA LYS D 101 10.26 -49.47 49.10
C LYS D 101 10.71 -48.02 49.14
N LEU D 102 11.77 -47.74 48.40
CA LEU D 102 12.24 -46.39 48.14
C LEU D 102 12.16 -46.12 46.64
N LEU D 103 11.79 -44.89 46.29
CA LEU D 103 11.95 -44.38 44.93
C LEU D 103 13.01 -43.29 44.98
N ILE D 104 14.17 -43.57 44.37
CA ILE D 104 15.34 -42.70 44.46
C ILE D 104 15.49 -41.98 43.13
N ALA D 105 15.71 -40.66 43.19
CA ALA D 105 15.83 -39.84 41.99
C ALA D 105 17.29 -39.46 41.76
N THR D 106 17.72 -39.55 40.51
CA THR D 106 19.06 -39.17 40.11
C THR D 106 18.99 -38.29 38.87
N ARG D 107 20.09 -37.60 38.60
CA ARG D 107 20.24 -36.77 37.40
C ARG D 107 19.07 -35.79 37.27
N THR D 108 18.76 -35.12 38.38
CA THR D 108 17.64 -34.19 38.40
C THR D 108 17.93 -32.97 37.53
N THR D 109 17.02 -32.70 36.60
CA THR D 109 17.15 -31.58 35.67
C THR D 109 15.96 -30.65 35.86
N PRO D 110 16.14 -29.47 36.47
CA PRO D 110 15.00 -28.60 36.68
C PRO D 110 14.41 -28.11 35.36
N ILE D 111 13.11 -27.83 35.41
CA ILE D 111 12.41 -27.21 34.28
C ILE D 111 12.02 -25.81 34.71
N TYR D 112 10.91 -25.69 35.45
CA TYR D 112 10.55 -24.41 36.05
C TYR D 112 10.81 -24.50 37.56
N ARG D 113 10.06 -23.72 38.35
CA ARG D 113 10.34 -23.64 39.78
C ARG D 113 10.16 -24.99 40.47
N HIS D 114 9.05 -25.69 40.20
CA HIS D 114 8.76 -26.95 40.87
C HIS D 114 8.91 -28.16 39.98
N SER D 115 8.93 -27.99 38.66
CA SER D 115 9.00 -29.13 37.75
C SER D 115 10.46 -29.51 37.47
N TYR D 116 10.66 -30.77 37.10
CA TYR D 116 11.98 -31.32 36.81
C TYR D 116 11.81 -32.72 36.24
N THR D 117 12.82 -33.18 35.52
CA THR D 117 12.95 -34.58 35.14
C THR D 117 14.05 -35.22 35.97
N ALA D 118 13.97 -36.54 36.10
CA ALA D 118 14.96 -37.30 36.84
C ALA D 118 14.86 -38.77 36.43
N VAL D 119 15.96 -39.48 36.60
CA VAL D 119 16.03 -40.91 36.36
C VAL D 119 15.84 -41.60 37.70
N HIS D 120 14.70 -42.28 37.86
CA HIS D 120 14.29 -42.84 39.15
C HIS D 120 14.56 -44.34 39.21
N TYR D 121 14.91 -44.82 40.41
CA TYR D 121 15.18 -46.23 40.66
C TYR D 121 14.35 -46.72 41.83
N ILE D 122 13.82 -47.94 41.70
CA ILE D 122 13.05 -48.58 42.77
C ILE D 122 14.00 -49.42 43.61
N TYR D 123 13.89 -49.29 44.93
CA TYR D 123 14.76 -50.05 45.81
C TYR D 123 13.96 -50.63 46.97
N PRO D 124 13.80 -51.96 47.02
CA PRO D 124 13.06 -52.56 48.14
C PRO D 124 13.86 -52.47 49.44
N LEU D 125 13.15 -52.24 50.54
CA LEU D 125 13.76 -52.21 51.85
C LEU D 125 13.58 -53.52 52.61
N LYS D 126 13.43 -54.62 51.87
CA LYS D 126 13.48 -55.97 52.43
C LYS D 126 14.73 -56.15 53.27
N ARG D 127 14.59 -56.84 54.41
CA ARG D 127 15.74 -57.16 55.24
C ARG D 127 16.55 -58.30 54.65
N ASN D 128 17.84 -58.32 54.98
CA ASN D 128 18.81 -59.22 54.36
C ASN D 128 18.79 -60.59 55.04
N ASP D 129 19.66 -61.47 54.54
CA ASP D 129 20.03 -62.64 55.31
C ASP D 129 20.68 -62.24 56.63
N LYS D 130 21.51 -61.20 56.60
CA LYS D 130 22.16 -60.67 57.80
C LYS D 130 21.35 -59.56 58.48
N GLY D 131 20.10 -59.33 58.04
CA GLY D 131 19.23 -58.39 58.74
C GLY D 131 19.41 -56.95 58.37
N VAL D 132 19.96 -56.65 57.19
CA VAL D 132 20.19 -55.28 56.75
C VAL D 132 19.36 -55.03 55.49
N THR D 133 19.16 -53.76 55.20
CA THR D 133 18.35 -53.41 54.01
C THR D 133 19.25 -52.81 52.95
N THR D 134 20.56 -52.99 53.04
CA THR D 134 21.51 -52.30 52.15
C THR D 134 22.07 -53.19 51.04
N ASN D 135 21.60 -54.43 50.89
CA ASN D 135 22.16 -55.32 49.82
C ASN D 135 21.09 -55.78 48.83
N ASN D 136 19.98 -55.07 48.71
CA ASN D 136 18.96 -55.42 47.74
C ASN D 136 19.31 -54.89 46.35
N ILE D 137 18.54 -55.30 45.36
CA ILE D 137 18.81 -54.97 43.96
C ILE D 137 18.09 -53.68 43.59
N ILE D 138 18.83 -52.77 42.95
CA ILE D 138 18.26 -51.56 42.38
C ILE D 138 17.57 -51.90 41.07
N GLU D 139 16.40 -51.30 40.83
CA GLU D 139 15.67 -51.47 39.58
C GLU D 139 15.37 -50.10 38.99
N ARG D 140 15.53 -49.98 37.67
CA ARG D 140 15.09 -48.77 36.99
C ARG D 140 13.58 -48.69 36.96
N LEU D 141 13.06 -47.48 37.18
CA LEU D 141 11.61 -47.28 37.08
C LEU D 141 11.13 -47.46 35.65
N SER D 142 11.87 -46.95 34.68
CA SER D 142 11.47 -47.01 33.27
C SER D 142 12.69 -47.26 32.41
N ASP D 143 12.50 -48.05 31.35
CA ASP D 143 13.57 -48.24 30.37
C ASP D 143 13.64 -47.11 29.36
N GLY D 144 12.69 -46.17 29.41
CA GLY D 144 12.67 -45.03 28.52
C GLY D 144 13.38 -43.82 29.11
N GLY D 145 12.98 -42.63 28.62
CA GLY D 145 13.60 -41.40 29.04
C GLY D 145 13.30 -41.06 30.49
N PRO D 146 13.92 -39.98 30.98
CA PRO D 146 13.68 -39.53 32.36
C PRO D 146 12.21 -39.21 32.60
N GLN D 147 11.83 -39.24 33.88
CA GLN D 147 10.43 -39.18 34.30
C GLN D 147 10.17 -37.95 35.16
N GLN D 148 8.90 -37.56 35.21
CA GLN D 148 8.46 -36.45 36.04
C GLN D 148 7.37 -36.92 37.00
N VAL D 149 7.35 -36.28 38.17
CA VAL D 149 6.39 -36.44 39.27
C VAL D 149 5.92 -37.89 39.46
N PRO D 150 6.80 -38.86 39.62
CA PRO D 150 6.34 -40.22 39.90
C PRO D 150 5.62 -40.29 41.23
N VAL D 151 4.54 -41.08 41.27
CA VAL D 151 3.72 -41.22 42.47
C VAL D 151 3.36 -42.68 42.66
N PHE D 152 3.39 -43.14 43.91
CA PHE D 152 3.00 -44.50 44.26
C PHE D 152 1.48 -44.65 44.37
N SER D 153 0.97 -45.84 44.01
CA SER D 153 -0.38 -46.22 44.36
C SER D 153 -0.48 -46.42 45.87
N PRO D 154 -1.68 -46.28 46.45
CA PRO D 154 -1.82 -46.48 47.90
C PRO D 154 -1.31 -47.83 48.39
N ASP D 155 -1.46 -48.89 47.61
CA ASP D 155 -0.93 -50.18 48.02
C ASP D 155 0.53 -50.36 47.65
N GLY D 156 1.16 -49.37 47.02
CA GLY D 156 2.57 -49.45 46.75
C GLY D 156 2.97 -50.37 45.61
N THR D 157 2.02 -50.92 44.87
CA THR D 157 2.35 -51.87 43.81
C THR D 157 2.50 -51.21 42.44
N MET D 158 2.15 -49.93 42.30
CA MET D 158 2.23 -49.25 41.02
C MET D 158 2.81 -47.86 41.20
N ILE D 159 3.45 -47.37 40.14
CA ILE D 159 3.97 -46.00 40.07
C ILE D 159 3.49 -45.39 38.76
N ALA D 160 2.78 -44.26 38.86
CA ALA D 160 2.43 -43.46 37.69
C ALA D 160 3.39 -42.27 37.59
N PHE D 161 3.78 -41.94 36.36
CA PHE D 161 4.66 -40.81 36.14
C PHE D 161 4.32 -40.16 34.80
N VAL D 162 4.96 -39.02 34.55
CA VAL D 162 4.69 -38.21 33.37
C VAL D 162 5.99 -38.06 32.60
N ARG D 163 5.90 -38.19 31.28
CA ARG D 163 7.06 -38.04 30.41
C ARG D 163 6.59 -37.58 29.03
N ASP D 164 7.24 -36.55 28.50
CA ASP D 164 6.84 -35.95 27.22
C ASP D 164 5.34 -35.67 27.20
N ASN D 165 4.86 -35.09 28.29
CA ASN D 165 3.47 -34.66 28.48
C ASN D 165 2.46 -35.80 28.54
N ASN D 166 2.92 -37.07 28.60
CA ASN D 166 2.02 -38.20 28.69
C ASN D 166 2.23 -38.95 30.00
N ILE D 167 1.17 -39.59 30.47
CA ILE D 167 1.19 -40.38 31.70
C ILE D 167 1.53 -41.82 31.39
N PHE D 168 2.39 -42.42 32.20
CA PHE D 168 2.75 -43.82 32.07
C PHE D 168 2.49 -44.54 33.39
N LEU D 169 2.29 -45.85 33.30
CA LEU D 169 1.98 -46.69 34.46
C LEU D 169 2.96 -47.84 34.53
N VAL D 170 3.59 -48.03 35.68
CA VAL D 170 4.52 -49.13 35.92
C VAL D 170 3.95 -50.03 37.00
N LYS D 171 3.81 -51.31 36.69
CA LYS D 171 3.24 -52.31 37.62
C LYS D 171 4.39 -53.12 38.21
N LEU D 172 4.72 -52.87 39.48
CA LEU D 172 5.93 -53.42 40.07
C LEU D 172 5.81 -54.92 40.31
N LEU D 173 4.60 -55.43 40.52
CA LEU D 173 4.43 -56.86 40.75
C LEU D 173 4.71 -57.66 39.49
N TYR D 174 4.35 -57.13 38.34
CA TYR D 174 4.55 -57.79 37.05
C TYR D 174 5.84 -57.32 36.38
N GLY D 175 6.95 -57.34 37.12
CA GLY D 175 8.26 -57.06 36.55
C GLY D 175 8.43 -55.64 36.06
N ASN D 176 7.75 -54.67 36.70
CA ASN D 176 7.79 -53.26 36.27
C ASN D 176 7.29 -53.11 34.83
N SER D 177 6.24 -53.85 34.50
CA SER D 177 5.58 -53.71 33.21
C SER D 177 5.06 -52.30 33.03
N GLU D 178 5.46 -51.64 31.95
CA GLU D 178 5.13 -50.25 31.71
C GLU D 178 4.11 -50.13 30.58
N SER D 179 3.10 -49.30 30.79
CA SER D 179 2.08 -49.03 29.79
C SER D 179 1.83 -47.53 29.73
N GLN D 180 1.27 -47.08 28.60
CA GLN D 180 1.05 -45.67 28.33
C GLN D 180 -0.42 -45.35 28.52
N VAL D 181 -0.71 -44.40 29.42
CA VAL D 181 -2.09 -44.09 29.79
C VAL D 181 -2.70 -43.04 28.86
N THR D 182 -1.92 -42.04 28.45
CA THR D 182 -2.37 -41.00 27.54
C THR D 182 -1.49 -40.97 26.32
N GLU D 183 -2.04 -40.50 25.20
CA GLU D 183 -1.26 -40.41 23.97
C GLU D 183 -1.42 -39.10 23.22
N ASP D 184 -2.23 -38.15 23.73
CA ASP D 184 -2.38 -36.87 23.06
C ASP D 184 -1.47 -35.78 23.63
N GLY D 185 -0.60 -36.12 24.57
CA GLY D 185 0.31 -35.14 25.13
C GLY D 185 1.22 -34.59 24.05
N LYS D 186 1.38 -33.27 24.01
CA LYS D 186 2.19 -32.64 22.97
C LYS D 186 2.76 -31.33 23.51
N GLN D 187 4.07 -31.17 23.40
CA GLN D 187 4.75 -30.01 23.99
C GLN D 187 4.16 -28.73 23.43
N ASN D 188 3.96 -27.75 24.31
CA ASN D 188 3.33 -26.46 24.01
C ASN D 188 1.86 -26.56 23.66
N SER D 189 1.26 -27.75 23.72
CA SER D 189 -0.17 -27.90 23.42
C SER D 189 -0.94 -28.57 24.55
N VAL D 190 -0.71 -29.87 24.77
CA VAL D 190 -1.50 -30.64 25.73
C VAL D 190 -0.56 -31.22 26.79
N LEU D 191 -0.88 -30.98 28.05
CA LEU D 191 -0.14 -31.52 29.19
C LEU D 191 -1.05 -32.46 29.97
N ASN D 192 -0.63 -33.71 30.12
CA ASN D 192 -1.37 -34.69 30.92
C ASN D 192 -0.65 -34.90 32.24
N GLY D 193 -1.32 -34.55 33.34
CA GLY D 193 -0.85 -34.85 34.67
C GLY D 193 0.10 -33.84 35.29
N ILE D 194 0.50 -32.80 34.58
CA ILE D 194 1.35 -31.77 35.15
C ILE D 194 0.80 -30.40 34.72
N PRO D 195 0.92 -29.37 35.54
CA PRO D 195 0.38 -28.06 35.18
C PRO D 195 1.28 -27.33 34.20
N ASP D 196 0.69 -26.36 33.52
CA ASP D 196 1.43 -25.44 32.67
C ASP D 196 2.20 -24.44 33.54
N TRP D 197 2.93 -23.54 32.89
CA TRP D 197 3.85 -22.67 33.62
C TRP D 197 3.11 -21.83 34.67
N VAL D 198 2.03 -21.15 34.28
CA VAL D 198 1.44 -20.19 35.21
C VAL D 198 0.69 -20.90 36.35
N TYR D 199 0.09 -22.08 36.09
CA TYR D 199 -0.49 -22.87 37.17
C TYR D 199 0.58 -23.30 38.17
N GLU D 200 1.67 -23.89 37.65
CA GLU D 200 2.77 -24.35 38.50
C GLU D 200 3.30 -23.22 39.36
N GLU D 201 3.56 -22.06 38.74
CA GLU D 201 4.12 -20.92 39.44
C GLU D 201 3.13 -20.31 40.42
N GLU D 202 1.91 -20.04 39.97
CA GLU D 202 1.02 -19.23 40.78
C GLU D 202 0.10 -20.04 41.69
N PHE D 203 -0.17 -21.30 41.39
CA PHE D 203 -0.84 -22.19 42.33
C PHE D 203 0.15 -23.11 43.05
N GLY D 204 1.44 -22.98 42.76
CA GLY D 204 2.51 -23.63 43.53
C GLY D 204 2.42 -25.13 43.68
N PHE D 205 2.51 -25.86 42.57
CA PHE D 205 2.47 -27.33 42.61
C PHE D 205 2.99 -27.85 41.29
N ASN D 206 3.27 -29.16 41.23
CA ASN D 206 3.81 -29.74 40.01
C ASN D 206 3.14 -31.02 39.55
N ARG D 207 2.11 -31.51 40.23
CA ARG D 207 1.51 -32.78 39.84
C ARG D 207 -0.02 -32.71 39.91
N ALA D 208 -0.68 -33.23 38.88
CA ALA D 208 -2.13 -33.35 38.83
C ALA D 208 -2.43 -34.79 38.39
N LEU D 209 -2.22 -35.73 39.32
CA LEU D 209 -2.11 -37.15 38.99
C LEU D 209 -2.32 -37.92 40.29
N GLU D 210 -3.35 -38.76 40.33
CA GLU D 210 -3.81 -39.38 41.56
C GLU D 210 -4.21 -40.82 41.31
N PHE D 211 -3.98 -41.66 42.32
CA PHE D 211 -4.49 -43.02 42.38
C PHE D 211 -5.70 -43.06 43.31
N SER D 212 -6.71 -43.85 42.96
CA SER D 212 -7.85 -43.97 43.86
C SER D 212 -7.47 -44.82 45.08
N ALA D 213 -8.27 -44.67 46.14
CA ALA D 213 -7.99 -45.32 47.42
C ALA D 213 -7.94 -46.84 47.32
N ASP D 214 -8.58 -47.43 46.32
CA ASP D 214 -8.57 -48.89 46.14
C ASP D 214 -7.68 -49.34 45.00
N ASN D 215 -6.82 -48.44 44.46
CA ASN D 215 -5.80 -48.77 43.47
C ASN D 215 -6.39 -49.21 42.12
N THR D 216 -7.62 -48.80 41.81
CA THR D 216 -8.24 -49.21 40.55
C THR D 216 -8.31 -48.11 39.50
N MET D 217 -8.24 -46.83 39.90
CA MET D 217 -8.41 -45.71 38.96
C MET D 217 -7.25 -44.73 39.08
N ILE D 218 -6.91 -44.11 37.96
CA ILE D 218 -5.98 -42.99 37.92
C ILE D 218 -6.78 -41.76 37.48
N ALA D 219 -6.60 -40.66 38.21
CA ALA D 219 -7.17 -39.38 37.82
C ALA D 219 -6.07 -38.40 37.46
N PHE D 220 -6.35 -37.50 36.51
CA PHE D 220 -5.38 -36.47 36.16
C PHE D 220 -6.11 -35.26 35.60
N ILE D 221 -5.40 -34.12 35.61
CA ILE D 221 -5.86 -32.92 34.93
C ILE D 221 -5.18 -32.88 33.57
N ARG D 222 -5.94 -32.51 32.54
CA ARG D 222 -5.44 -32.36 31.18
C ARG D 222 -5.46 -30.88 30.83
N PHE D 223 -4.30 -30.34 30.49
CA PHE D 223 -4.12 -28.92 30.20
C PHE D 223 -3.98 -28.76 28.69
N ASP D 224 -4.83 -27.92 28.10
CA ASP D 224 -4.69 -27.49 26.71
C ASP D 224 -4.23 -26.05 26.76
N GLU D 225 -2.91 -25.85 26.66
CA GLU D 225 -2.32 -24.52 26.61
C GLU D 225 -2.09 -24.04 25.17
N SER D 226 -2.73 -24.67 24.19
CA SER D 226 -2.56 -24.30 22.79
C SER D 226 -2.70 -22.79 22.58
N GLU D 227 -3.70 -22.17 23.21
CA GLU D 227 -3.99 -20.77 22.93
C GLU D 227 -3.41 -19.83 23.97
N VAL D 228 -2.65 -20.34 24.92
CA VAL D 228 -1.93 -19.45 25.84
C VAL D 228 -0.79 -18.79 25.08
N PRO D 229 -0.57 -17.47 25.21
CA PRO D 229 0.51 -16.82 24.45
C PRO D 229 1.88 -17.26 24.93
N SER D 230 2.82 -17.27 23.99
CA SER D 230 4.21 -17.54 24.33
C SER D 230 4.93 -16.22 24.59
N TYR D 231 6.02 -16.32 25.35
CA TYR D 231 6.85 -15.18 25.66
C TYR D 231 8.30 -15.59 25.47
N SER D 232 9.12 -14.69 24.90
CA SER D 232 10.52 -14.95 24.62
C SER D 232 11.37 -13.78 25.09
N PHE D 233 12.57 -14.08 25.55
CA PHE D 233 13.56 -13.03 25.75
C PHE D 233 14.95 -13.55 25.38
N PRO D 234 15.87 -12.66 25.02
CA PRO D 234 17.21 -13.10 24.59
C PRO D 234 18.00 -13.74 25.73
N MET D 235 18.96 -14.58 25.33
CA MET D 235 19.99 -15.11 26.21
C MET D 235 21.33 -14.91 25.54
N PHE D 236 22.30 -14.42 26.31
CA PHE D 236 23.67 -14.23 25.87
C PHE D 236 24.53 -15.33 26.50
N ALA D 237 25.82 -15.32 26.17
CA ALA D 237 26.73 -16.26 26.82
C ALA D 237 26.84 -15.95 28.31
N GLY D 238 27.08 -14.69 28.66
CA GLY D 238 27.17 -14.31 30.04
C GLY D 238 28.29 -15.05 30.76
N GLU D 239 28.17 -15.08 32.09
CA GLU D 239 29.11 -15.76 32.96
C GLU D 239 28.35 -16.28 34.17
N ALA D 240 28.94 -17.29 34.83
CA ALA D 240 28.40 -17.85 36.07
C ALA D 240 26.90 -18.16 35.97
N PRO D 241 26.49 -19.09 35.11
CA PRO D 241 27.29 -19.88 34.16
C PRO D 241 27.50 -19.16 32.84
N GLN D 242 28.57 -19.51 32.13
CA GLN D 242 28.71 -19.11 30.74
C GLN D 242 27.96 -20.09 29.85
N ILE D 243 27.03 -19.59 29.02
CA ILE D 243 26.31 -20.44 28.07
C ILE D 243 27.15 -20.44 26.80
N THR D 244 28.07 -21.41 26.72
CA THR D 244 29.10 -21.41 25.69
C THR D 244 28.58 -21.41 24.26
N PRO D 245 27.49 -22.11 23.90
CA PRO D 245 27.02 -22.06 22.50
C PRO D 245 26.59 -20.67 22.05
N LEU D 246 26.48 -19.69 22.95
CA LEU D 246 26.02 -18.34 22.62
C LEU D 246 27.15 -17.32 22.64
N LYS D 247 28.40 -17.77 22.58
CA LYS D 247 29.54 -16.87 22.64
C LYS D 247 29.58 -15.88 21.48
N ASP D 248 29.09 -16.27 20.29
CA ASP D 248 29.09 -15.40 19.11
C ASP D 248 27.71 -14.83 18.80
N TYR D 249 26.69 -15.67 18.71
CA TYR D 249 25.33 -15.25 18.41
C TYR D 249 24.44 -15.53 19.61
N PRO D 250 23.66 -14.57 20.07
CA PRO D 250 22.77 -14.83 21.23
C PRO D 250 21.73 -15.88 20.92
N GLY D 251 21.13 -16.39 21.99
CA GLY D 251 20.03 -17.32 21.86
C GLY D 251 18.76 -16.74 22.44
N GLU D 252 17.82 -17.59 22.82
CA GLU D 252 16.63 -17.06 23.46
C GLU D 252 16.00 -18.13 24.34
N TYR D 253 15.12 -17.68 25.22
CA TYR D 253 14.36 -18.53 26.11
C TYR D 253 12.88 -18.27 25.86
N THR D 254 12.10 -19.34 25.65
CA THR D 254 10.68 -19.27 25.31
C THR D 254 9.85 -20.17 26.22
N TYR D 255 8.72 -19.65 26.68
CA TYR D 255 7.79 -20.40 27.52
C TYR D 255 6.42 -19.75 27.41
N LYS D 256 5.43 -20.38 28.05
CA LYS D 256 4.05 -19.91 28.02
C LYS D 256 3.80 -18.96 29.19
N TYR D 257 3.29 -17.78 28.89
CA TYR D 257 3.04 -16.75 29.90
C TYR D 257 1.88 -15.90 29.44
N PRO D 258 0.68 -16.15 29.94
CA PRO D 258 -0.45 -15.26 29.63
C PRO D 258 -0.40 -14.04 30.53
N LYS D 259 -0.37 -12.86 29.94
CA LYS D 259 -0.46 -11.64 30.72
C LYS D 259 -1.92 -11.39 31.09
N ALA D 260 -2.15 -10.45 32.01
CA ALA D 260 -3.48 -10.25 32.57
C ALA D 260 -4.53 -10.09 31.48
N GLY D 261 -5.62 -10.86 31.60
CA GLY D 261 -6.68 -10.80 30.61
C GLY D 261 -6.53 -11.74 29.43
N TYR D 262 -5.33 -12.30 29.21
CA TYR D 262 -5.12 -13.20 28.07
C TYR D 262 -5.54 -14.62 28.44
N PRO D 263 -5.68 -15.51 27.46
CA PRO D 263 -6.25 -16.84 27.75
C PRO D 263 -5.36 -17.68 28.65
N ASN D 264 -6.00 -18.37 29.60
CA ASN D 264 -5.40 -19.44 30.37
C ASN D 264 -5.63 -20.77 29.65
N SER D 265 -4.94 -21.81 30.10
CA SER D 265 -5.17 -23.16 29.61
C SER D 265 -6.63 -23.58 29.81
N LYS D 266 -7.13 -24.37 28.87
CA LYS D 266 -8.38 -25.09 29.09
C LYS D 266 -8.06 -26.37 29.85
N VAL D 267 -8.88 -26.69 30.85
CA VAL D 267 -8.58 -27.79 31.75
C VAL D 267 -9.78 -28.73 31.85
N GLU D 268 -9.48 -30.03 31.98
CA GLU D 268 -10.42 -31.11 32.12
C GLU D 268 -9.84 -32.09 33.12
N VAL D 269 -10.71 -32.73 33.90
CA VAL D 269 -10.32 -33.83 34.75
C VAL D 269 -10.72 -35.13 34.04
N ARG D 270 -9.77 -36.04 33.89
CA ARG D 270 -10.03 -37.33 33.29
C ARG D 270 -9.69 -38.43 34.28
N THR D 271 -10.30 -39.60 34.08
CA THR D 271 -9.97 -40.78 34.85
C THR D 271 -9.65 -41.93 33.92
N TYR D 272 -8.84 -42.86 34.45
CA TYR D 272 -8.37 -44.01 33.69
C TYR D 272 -8.62 -45.27 34.48
N ASP D 273 -9.47 -46.15 33.95
CA ASP D 273 -9.75 -47.44 34.56
C ASP D 273 -8.58 -48.37 34.33
N ILE D 274 -7.90 -48.78 35.42
CA ILE D 274 -6.68 -49.55 35.24
C ILE D 274 -6.98 -50.92 34.65
N LYS D 275 -8.12 -51.51 34.99
CA LYS D 275 -8.49 -52.82 34.46
C LYS D 275 -8.97 -52.74 33.01
N SER D 276 -9.93 -51.85 32.72
CA SER D 276 -10.57 -51.82 31.42
C SER D 276 -9.93 -50.84 30.43
N HIS D 277 -8.91 -50.10 30.85
CA HIS D 277 -8.20 -49.14 29.98
C HIS D 277 -9.12 -48.08 29.41
N VAL D 278 -10.29 -47.86 30.02
CA VAL D 278 -11.26 -46.89 29.54
C VAL D 278 -10.98 -45.53 30.18
N THR D 279 -11.04 -44.49 29.36
CA THR D 279 -10.80 -43.13 29.80
C THR D 279 -12.12 -42.35 29.77
N ARG D 280 -12.41 -41.65 30.87
CA ARG D 280 -13.63 -40.86 30.98
C ARG D 280 -13.28 -39.45 31.41
N THR D 281 -14.15 -38.50 31.06
CA THR D 281 -14.01 -37.09 31.44
C THR D 281 -15.08 -36.73 32.47
N MET D 282 -14.66 -36.12 33.58
CA MET D 282 -15.59 -35.77 34.64
C MET D 282 -16.53 -34.66 34.18
N LYS D 283 -17.83 -34.85 34.43
CA LYS D 283 -18.83 -33.87 34.02
C LYS D 283 -18.89 -32.75 35.07
N LEU D 284 -17.85 -31.91 35.05
CA LEU D 284 -17.73 -30.81 35.99
C LEU D 284 -18.52 -29.60 35.51
N PRO D 285 -19.42 -29.04 36.33
CA PRO D 285 -20.14 -27.82 35.93
C PRO D 285 -19.35 -26.55 36.25
N ILE D 286 -18.24 -26.38 35.55
CA ILE D 286 -17.29 -25.30 35.80
C ILE D 286 -17.38 -24.27 34.68
N ASP D 287 -17.01 -23.03 34.98
CA ASP D 287 -16.95 -21.97 33.98
C ASP D 287 -15.92 -22.30 32.91
N ALA D 288 -16.20 -21.87 31.67
CA ALA D 288 -15.27 -22.08 30.57
C ALA D 288 -13.91 -21.44 30.83
N ASP D 289 -13.89 -20.28 31.49
CA ASP D 289 -12.64 -19.60 31.83
C ASP D 289 -12.21 -19.83 33.29
N GLY D 290 -12.68 -20.90 33.93
CA GLY D 290 -12.34 -21.17 35.32
C GLY D 290 -11.01 -21.90 35.48
N TYR D 291 -10.65 -22.17 36.75
CA TYR D 291 -9.43 -22.89 37.08
C TYR D 291 -9.76 -24.19 37.81
N ILE D 292 -8.86 -25.16 37.69
CA ILE D 292 -8.88 -26.37 38.51
C ILE D 292 -7.55 -26.46 39.24
N PRO D 293 -7.36 -25.77 40.36
CA PRO D 293 -6.03 -25.72 40.97
C PRO D 293 -5.53 -27.05 41.53
N ARG D 294 -6.41 -28.03 41.81
CA ARG D 294 -5.94 -29.32 42.30
C ARG D 294 -6.99 -30.40 42.09
N ILE D 295 -6.50 -31.63 42.05
CA ILE D 295 -7.33 -32.82 42.24
C ILE D 295 -6.66 -33.66 43.33
N ARG D 296 -7.48 -34.36 44.10
CA ARG D 296 -6.98 -35.15 45.22
C ARG D 296 -7.97 -36.27 45.47
N PHE D 297 -7.57 -37.51 45.21
CA PHE D 297 -8.44 -38.62 45.58
C PHE D 297 -8.60 -38.67 47.09
N THR D 298 -9.83 -38.95 47.53
CA THR D 298 -10.12 -39.02 48.95
C THR D 298 -9.79 -40.43 49.46
N LYS D 299 -10.13 -40.71 50.72
CA LYS D 299 -10.06 -42.07 51.22
C LYS D 299 -11.21 -42.94 50.70
N ASP D 300 -12.24 -42.33 50.13
CA ASP D 300 -13.34 -43.05 49.50
C ASP D 300 -12.98 -43.25 48.04
N ALA D 301 -12.78 -44.51 47.64
CA ALA D 301 -12.37 -44.82 46.28
C ALA D 301 -13.37 -44.39 45.22
N SER D 302 -14.60 -44.03 45.60
CA SER D 302 -15.59 -43.59 44.63
C SER D 302 -15.73 -42.07 44.60
N LYS D 303 -14.85 -41.34 45.29
CA LYS D 303 -14.94 -39.89 45.39
C LYS D 303 -13.57 -39.28 45.12
N LEU D 304 -13.43 -38.64 43.96
CA LEU D 304 -12.27 -37.84 43.62
C LEU D 304 -12.58 -36.39 43.93
N ALA D 305 -11.79 -35.76 44.80
CA ALA D 305 -12.00 -34.35 45.07
C ALA D 305 -11.41 -33.51 43.95
N VAL D 306 -12.21 -32.57 43.45
CA VAL D 306 -11.81 -31.64 42.40
C VAL D 306 -12.06 -30.24 42.92
N MET D 307 -10.99 -29.45 43.02
CA MET D 307 -11.10 -28.09 43.53
C MET D 307 -11.15 -27.15 42.35
N THR D 308 -12.19 -26.30 42.32
CA THR D 308 -12.37 -25.38 41.20
C THR D 308 -12.48 -23.95 41.69
N LEU D 309 -12.06 -23.03 40.82
CA LEU D 309 -12.15 -21.60 41.07
C LEU D 309 -12.73 -20.91 39.84
N ASN D 310 -13.52 -19.86 40.06
CA ASN D 310 -13.91 -19.06 38.90
C ASN D 310 -12.76 -18.12 38.54
N ARG D 311 -12.88 -17.47 37.37
CA ARG D 311 -11.78 -16.59 36.96
C ARG D 311 -11.61 -15.43 37.94
N HIS D 312 -12.70 -14.99 38.58
CA HIS D 312 -12.56 -13.96 39.59
C HIS D 312 -11.86 -14.47 40.85
N GLN D 313 -11.66 -15.78 40.95
CA GLN D 313 -10.96 -16.42 42.07
C GLN D 313 -11.60 -16.06 43.42
N ASP D 314 -12.90 -15.74 43.42
CA ASP D 314 -13.60 -15.44 44.66
C ASP D 314 -14.64 -16.48 45.03
N ARG D 315 -14.70 -17.58 44.29
CA ARG D 315 -15.67 -18.64 44.54
C ARG D 315 -14.95 -19.98 44.35
N PHE D 316 -14.66 -20.66 45.46
CA PHE D 316 -14.01 -21.96 45.48
C PHE D 316 -15.07 -23.04 45.67
N ASP D 317 -15.32 -23.80 44.62
CA ASP D 317 -16.30 -24.89 44.67
C ASP D 317 -15.55 -26.22 44.72
N LEU D 318 -15.81 -26.99 45.77
CA LEU D 318 -15.22 -28.31 45.95
C LEU D 318 -16.20 -29.38 45.49
N TYR D 319 -15.82 -30.15 44.48
CA TYR D 319 -16.63 -31.23 43.95
C TYR D 319 -16.03 -32.58 44.33
N PHE D 320 -16.90 -33.54 44.63
CA PHE D 320 -16.53 -34.95 44.61
C PHE D 320 -17.01 -35.52 43.28
N ALA D 321 -16.11 -36.17 42.56
CA ALA D 321 -16.44 -36.80 41.30
C ALA D 321 -16.31 -38.32 41.43
N ASP D 322 -17.27 -39.03 40.85
CA ASP D 322 -17.26 -40.48 40.73
C ASP D 322 -16.41 -40.83 39.51
N PRO D 323 -15.22 -41.42 39.71
CA PRO D 323 -14.32 -41.64 38.57
C PRO D 323 -14.89 -42.55 37.51
N ARG D 324 -15.93 -43.32 37.81
CA ARG D 324 -16.55 -44.21 36.84
C ARG D 324 -17.85 -43.64 36.26
N SER D 325 -18.71 -43.05 37.09
CA SER D 325 -19.96 -42.49 36.60
C SER D 325 -19.79 -41.11 35.98
N THR D 326 -18.66 -40.44 36.22
CA THR D 326 -18.32 -39.10 35.76
C THR D 326 -19.20 -38.02 36.38
N LEU D 327 -20.17 -38.39 37.22
CA LEU D 327 -21.06 -37.41 37.84
C LEU D 327 -20.37 -36.69 38.97
N CYS D 328 -20.69 -35.41 39.12
CA CYS D 328 -20.04 -34.56 40.11
C CYS D 328 -21.06 -33.91 41.00
N LYS D 329 -20.75 -33.89 42.30
CA LYS D 329 -21.60 -33.29 43.31
C LYS D 329 -20.82 -32.18 44.01
N LEU D 330 -21.43 -31.00 44.07
CA LEU D 330 -20.86 -29.90 44.84
C LEU D 330 -20.92 -30.23 46.33
N VAL D 331 -19.75 -30.34 46.95
CA VAL D 331 -19.67 -30.64 48.38
C VAL D 331 -19.79 -29.36 49.19
N LEU D 332 -19.09 -28.31 48.77
CA LEU D 332 -18.91 -27.13 49.61
C LEU D 332 -18.53 -25.97 48.72
N ARG D 333 -19.01 -24.78 49.07
CA ARG D 333 -18.59 -23.53 48.46
C ARG D 333 -17.90 -22.67 49.50
N ASP D 334 -16.73 -22.17 49.16
CA ASP D 334 -16.04 -21.18 49.98
C ASP D 334 -16.00 -19.89 49.15
N GLU D 335 -16.73 -18.87 49.58
CA GLU D 335 -16.85 -17.63 48.82
C GLU D 335 -16.27 -16.48 49.63
N SER D 336 -15.56 -15.59 48.95
CA SER D 336 -15.06 -14.39 49.59
C SER D 336 -15.71 -13.19 48.93
N PRO D 337 -15.94 -12.11 49.69
CA PRO D 337 -16.27 -10.83 49.04
C PRO D 337 -15.10 -10.21 48.29
N TYR D 338 -13.91 -10.79 48.37
CA TYR D 338 -12.75 -10.28 47.65
C TYR D 338 -12.16 -11.38 46.79
N TYR D 339 -11.38 -12.28 47.38
CA TYR D 339 -10.85 -13.41 46.63
C TYR D 339 -10.44 -14.49 47.62
N ILE D 340 -10.40 -15.72 47.11
CA ILE D 340 -9.88 -16.86 47.85
C ILE D 340 -8.38 -16.93 47.62
N LYS D 341 -7.61 -17.11 48.71
CA LYS D 341 -6.16 -17.19 48.60
C LYS D 341 -5.70 -18.60 48.29
N GLU D 342 -4.63 -18.70 47.50
CA GLU D 342 -4.22 -19.98 46.92
C GLU D 342 -3.71 -20.98 47.97
N ASN D 343 -3.34 -20.52 49.16
CA ASN D 343 -2.84 -21.45 50.17
C ASN D 343 -3.94 -22.37 50.74
N VAL D 344 -5.21 -22.18 50.39
CA VAL D 344 -6.25 -23.01 51.03
C VAL D 344 -6.17 -24.45 50.52
N PHE D 345 -5.71 -24.66 49.28
CA PHE D 345 -5.95 -25.96 48.65
C PHE D 345 -5.17 -27.10 49.30
N ASP D 346 -3.94 -26.84 49.73
CA ASP D 346 -3.16 -27.92 50.30
C ASP D 346 -3.41 -28.09 51.80
N ASN D 347 -4.25 -27.26 52.39
CA ASN D 347 -4.70 -27.49 53.76
C ASN D 347 -5.92 -28.38 53.82
N ILE D 348 -6.36 -28.92 52.69
CA ILE D 348 -7.47 -29.86 52.63
C ILE D 348 -6.87 -31.26 52.63
N LYS D 349 -7.07 -31.99 53.73
CA LYS D 349 -6.54 -33.33 53.91
C LYS D 349 -7.69 -34.27 54.19
N PHE D 350 -7.66 -35.46 53.61
CA PHE D 350 -8.78 -36.38 53.65
C PHE D 350 -8.48 -37.54 54.59
N TYR D 351 -9.48 -37.88 55.40
CA TYR D 351 -9.42 -38.97 56.37
C TYR D 351 -10.65 -39.82 56.11
N PRO D 352 -10.75 -40.99 56.74
CA PRO D 352 -12.04 -41.69 56.69
C PRO D 352 -13.10 -40.80 57.32
N GLU D 353 -14.17 -40.56 56.57
CA GLU D 353 -15.35 -39.88 57.07
C GLU D 353 -15.20 -38.37 57.24
N THR D 354 -13.99 -37.80 57.11
CA THR D 354 -13.83 -36.38 57.38
C THR D 354 -12.80 -35.74 56.44
N PHE D 355 -12.79 -34.40 56.43
CA PHE D 355 -11.75 -33.65 55.74
C PHE D 355 -11.66 -32.26 56.37
N SER D 356 -10.52 -31.62 56.18
CA SER D 356 -10.19 -30.34 56.79
C SER D 356 -10.33 -29.23 55.75
N LEU D 357 -10.51 -27.99 56.25
CA LEU D 357 -10.64 -26.83 55.38
C LEU D 357 -10.11 -25.61 56.12
N LEU D 358 -9.22 -24.84 55.48
CA LEU D 358 -8.81 -23.54 55.98
C LEU D 358 -9.55 -22.47 55.20
N SER D 359 -10.41 -21.69 55.88
CA SER D 359 -11.23 -20.69 55.21
C SER D 359 -11.14 -19.36 55.93
N GLU D 360 -11.24 -18.29 55.14
CA GLU D 360 -11.27 -16.93 55.66
C GLU D 360 -12.70 -16.40 55.77
N ARG D 361 -13.69 -17.27 55.72
CA ARG D 361 -15.07 -16.81 55.61
C ARG D 361 -15.53 -15.98 56.81
N ASP D 362 -14.88 -16.07 57.97
CA ASP D 362 -15.28 -15.22 59.09
C ASP D 362 -14.39 -13.99 59.26
N GLY D 363 -13.53 -13.70 58.29
CA GLY D 363 -12.65 -12.56 58.37
C GLY D 363 -11.21 -12.91 58.68
N PHE D 364 -10.97 -14.14 59.16
CA PHE D 364 -9.63 -14.60 59.51
C PHE D 364 -9.49 -16.04 59.07
N SER D 365 -8.26 -16.42 58.72
CA SER D 365 -7.99 -17.80 58.33
C SER D 365 -8.21 -18.72 59.53
N HIS D 366 -9.18 -19.64 59.44
CA HIS D 366 -9.44 -20.56 60.53
C HIS D 366 -9.68 -21.97 60.00
N LEU D 367 -9.59 -22.94 60.90
CA LEU D 367 -9.63 -24.35 60.57
C LEU D 367 -11.03 -24.92 60.80
N TYR D 368 -11.55 -25.62 59.79
CA TYR D 368 -12.89 -26.21 59.83
C TYR D 368 -12.79 -27.70 59.55
N TRP D 369 -13.72 -28.46 60.14
CA TRP D 369 -13.72 -29.92 60.09
C TRP D 369 -15.05 -30.38 59.51
N TYR D 370 -15.01 -31.12 58.42
CA TYR D 370 -16.20 -31.51 57.68
C TYR D 370 -16.33 -33.03 57.61
N SER D 371 -17.58 -33.52 57.57
CA SER D 371 -17.81 -34.91 57.23
C SER D 371 -17.58 -35.13 55.74
N MET D 372 -17.37 -36.40 55.37
CA MET D 372 -17.29 -36.76 53.96
C MET D 372 -18.62 -36.65 53.22
N GLY D 373 -19.72 -36.39 53.94
CA GLY D 373 -20.97 -36.04 53.30
C GLY D 373 -21.13 -34.57 53.07
N GLY D 374 -20.16 -33.76 53.49
CA GLY D 374 -20.17 -32.35 53.20
C GLY D 374 -20.76 -31.48 54.27
N ASN D 375 -20.98 -32.00 55.47
CA ASN D 375 -21.58 -31.24 56.55
C ASN D 375 -20.54 -30.80 57.56
N LEU D 376 -20.63 -29.56 58.00
CA LEU D 376 -19.68 -29.02 58.95
C LEU D 376 -19.82 -29.73 60.29
N ILE D 377 -18.75 -30.42 60.70
CA ILE D 377 -18.75 -31.04 62.02
C ILE D 377 -18.37 -30.04 63.09
N LYS D 378 -17.35 -29.22 62.84
CA LYS D 378 -16.79 -28.37 63.88
C LYS D 378 -15.93 -27.28 63.26
N LYS D 379 -16.08 -26.05 63.75
CA LYS D 379 -15.09 -24.99 63.58
C LYS D 379 -14.03 -25.18 64.66
N VAL D 380 -12.81 -25.58 64.27
CA VAL D 380 -11.82 -25.95 65.27
C VAL D 380 -11.26 -24.73 65.98
N THR D 381 -10.90 -23.69 65.23
CA THR D 381 -10.26 -22.50 65.74
C THR D 381 -11.17 -21.30 65.51
N ASN D 382 -10.98 -20.25 66.30
CA ASN D 382 -11.71 -19.01 66.10
C ASN D 382 -10.93 -17.90 66.80
N GLY D 383 -11.25 -16.67 66.45
CA GLY D 383 -10.64 -15.51 67.07
C GLY D 383 -9.94 -14.63 66.05
N LYS D 384 -9.44 -13.50 66.53
CA LYS D 384 -8.92 -12.43 65.70
C LYS D 384 -7.41 -12.60 65.48
N TYR D 385 -7.07 -13.78 64.96
CA TYR D 385 -5.72 -14.13 64.54
C TYR D 385 -5.86 -15.10 63.36
N GLU D 386 -4.74 -15.39 62.71
CA GLU D 386 -4.74 -16.24 61.53
C GLU D 386 -4.12 -17.60 61.84
N VAL D 387 -4.79 -18.66 61.41
CA VAL D 387 -4.15 -19.97 61.30
C VAL D 387 -3.32 -19.99 60.03
N LYS D 388 -2.03 -20.32 60.17
CA LYS D 388 -1.09 -20.34 59.05
C LYS D 388 -1.16 -21.64 58.26
N ASP D 389 -0.95 -22.78 58.94
CA ASP D 389 -0.99 -24.09 58.30
C ASP D 389 -1.71 -25.08 59.20
N PHE D 390 -2.47 -25.99 58.56
CA PHE D 390 -3.02 -27.14 59.25
C PHE D 390 -2.02 -28.29 59.14
N LEU D 391 -1.51 -28.75 60.29
CA LEU D 391 -0.47 -29.77 60.28
C LEU D 391 -1.01 -31.18 60.22
N GLY D 392 -2.16 -31.45 60.84
CA GLY D 392 -2.69 -32.79 60.76
C GLY D 392 -3.65 -33.07 61.88
N TYR D 393 -4.35 -34.18 61.70
CA TYR D 393 -5.31 -34.72 62.66
C TYR D 393 -4.82 -36.09 63.10
N ASP D 394 -4.70 -36.29 64.41
CA ASP D 394 -4.27 -37.58 64.95
C ASP D 394 -5.50 -38.47 65.08
N GLU D 395 -5.61 -39.45 64.18
CA GLU D 395 -6.79 -40.31 64.16
C GLU D 395 -6.91 -41.16 65.42
N ALA D 396 -5.85 -41.26 66.21
CA ALA D 396 -5.87 -42.14 67.38
C ALA D 396 -6.43 -41.46 68.63
N ASP D 397 -6.32 -40.14 68.74
CA ASP D 397 -6.88 -39.45 69.90
C ASP D 397 -7.70 -38.21 69.56
N GLY D 398 -7.88 -37.89 68.28
CA GLY D 398 -8.77 -36.81 67.86
C GLY D 398 -8.25 -35.40 68.03
N SER D 399 -6.94 -35.19 68.13
CA SER D 399 -6.40 -33.85 68.31
C SER D 399 -6.08 -33.23 66.96
N PHE D 400 -6.16 -31.89 66.89
CA PHE D 400 -5.80 -31.11 65.72
C PHE D 400 -4.50 -30.35 65.97
N TYR D 401 -3.61 -30.34 64.97
CA TYR D 401 -2.33 -29.64 65.05
C TYR D 401 -2.24 -28.57 63.97
N TYR D 402 -1.82 -27.36 64.34
CA TYR D 402 -1.78 -26.25 63.41
C TYR D 402 -0.78 -25.22 63.91
N THR D 403 -0.34 -24.34 63.01
CA THR D 403 0.39 -23.14 63.37
C THR D 403 -0.53 -21.92 63.26
N SER D 404 -0.23 -20.89 64.04
CA SER D 404 -1.05 -19.69 64.02
C SER D 404 -0.25 -18.55 64.59
N ASN D 405 -0.70 -17.33 64.33
CA ASN D 405 -0.10 -16.14 64.93
C ASN D 405 -0.93 -15.58 66.08
N GLU D 406 -1.61 -16.44 66.84
CA GLU D 406 -2.42 -15.99 67.98
C GLU D 406 -1.62 -15.08 68.92
N GLU D 407 -0.32 -15.35 69.11
CA GLU D 407 0.47 -14.54 70.05
C GLU D 407 0.60 -13.09 69.58
N SER D 408 0.73 -12.88 68.27
CA SER D 408 1.04 -11.55 67.73
C SER D 408 1.19 -11.69 66.22
N PRO D 409 0.81 -10.70 65.43
CA PRO D 409 1.04 -10.79 63.98
C PRO D 409 2.50 -11.04 63.62
N LEU D 410 3.44 -10.71 64.52
CA LEU D 410 4.86 -10.91 64.24
C LEU D 410 5.33 -12.34 64.48
N ARG D 411 4.53 -13.18 65.13
CA ARG D 411 5.02 -14.45 65.65
C ARG D 411 4.25 -15.63 65.04
N LYS D 412 4.79 -16.82 65.26
CA LYS D 412 4.15 -18.05 64.80
C LYS D 412 4.45 -19.15 65.80
N ALA D 413 3.40 -19.81 66.30
CA ALA D 413 3.55 -20.88 67.27
C ALA D 413 2.83 -22.13 66.78
N VAL D 414 3.23 -23.26 67.34
CA VAL D 414 2.58 -24.54 67.09
C VAL D 414 1.55 -24.78 68.19
N TYR D 415 0.33 -25.13 67.80
CA TYR D 415 -0.78 -25.34 68.73
C TYR D 415 -1.42 -26.70 68.52
N LYS D 416 -2.14 -27.14 69.54
CA LYS D 416 -2.86 -28.39 69.48
C LYS D 416 -4.21 -28.18 70.17
N ILE D 417 -5.26 -28.75 69.59
CA ILE D 417 -6.59 -28.75 70.21
C ILE D 417 -7.09 -30.20 70.22
N ASP D 418 -7.58 -30.64 71.39
CA ASP D 418 -7.98 -32.03 71.55
C ASP D 418 -9.47 -32.22 71.18
N LYS D 419 -9.98 -33.43 71.45
CA LYS D 419 -11.40 -33.73 71.23
C LYS D 419 -12.31 -32.74 71.93
N LYS D 420 -11.98 -32.38 73.16
CA LYS D 420 -12.89 -31.57 73.97
C LYS D 420 -12.75 -30.07 73.69
N GLY D 421 -11.95 -29.69 72.70
CA GLY D 421 -11.74 -28.29 72.40
C GLY D 421 -10.74 -27.58 73.28
N LYS D 422 -9.93 -28.32 74.03
CA LYS D 422 -8.92 -27.69 74.87
C LYS D 422 -7.70 -27.35 74.03
N LYS D 423 -7.24 -26.10 74.14
CA LYS D 423 -6.12 -25.60 73.35
C LYS D 423 -4.84 -25.60 74.16
N LEU D 424 -3.73 -26.01 73.53
CA LEU D 424 -2.41 -25.97 74.13
C LEU D 424 -1.42 -25.42 73.11
N LYS D 425 -0.71 -24.36 73.48
CA LYS D 425 0.42 -23.87 72.70
C LYS D 425 1.63 -24.77 72.95
N LEU D 426 2.00 -25.56 71.94
CA LEU D 426 3.11 -26.49 72.11
C LEU D 426 4.47 -25.80 72.10
N SER D 427 4.58 -24.65 71.41
CA SER D 427 5.89 -24.02 71.24
C SER D 427 6.39 -23.47 72.58
N GLN D 428 7.69 -23.67 72.85
CA GLN D 428 8.27 -23.27 74.12
C GLN D 428 8.85 -21.87 74.09
N ARG D 429 9.26 -21.37 72.93
CA ARG D 429 9.84 -20.05 72.81
C ARG D 429 8.97 -19.16 71.92
N GLU D 430 8.99 -17.85 72.20
CA GLU D 430 8.24 -16.87 71.42
C GLU D 430 9.10 -16.37 70.26
N GLY D 431 8.58 -16.50 69.05
CA GLY D 431 9.27 -16.05 67.86
C GLY D 431 8.62 -16.70 66.67
N THR D 432 9.40 -17.43 65.88
CA THR D 432 8.88 -18.14 64.72
C THR D 432 9.19 -19.62 64.91
N ASN D 433 8.13 -20.43 64.97
CA ASN D 433 8.23 -21.87 65.16
C ASN D 433 7.68 -22.58 63.93
N THR D 434 8.53 -23.39 63.29
CA THR D 434 8.14 -24.11 62.08
C THR D 434 8.31 -25.60 62.32
N PRO D 435 7.24 -26.39 62.30
CA PRO D 435 7.36 -27.79 62.70
C PRO D 435 7.32 -28.75 61.52
N LEU D 436 7.83 -29.95 61.74
CA LEU D 436 7.75 -31.05 60.79
C LEU D 436 7.40 -32.28 61.60
N PHE D 437 6.15 -32.74 61.50
CA PHE D 437 5.64 -33.81 62.34
C PHE D 437 5.98 -35.17 61.73
N SER D 438 6.09 -36.18 62.59
CA SER D 438 6.20 -37.55 62.11
C SER D 438 4.86 -37.99 61.52
N GLN D 439 4.90 -39.07 60.74
CA GLN D 439 3.70 -39.47 60.01
C GLN D 439 2.53 -39.74 60.93
N SER D 440 2.81 -40.15 62.17
CA SER D 440 1.79 -40.51 63.14
C SER D 440 1.40 -39.35 64.05
N MET D 441 1.94 -38.16 63.83
CA MET D 441 1.73 -36.98 64.67
C MET D 441 2.26 -37.16 66.10
N LYS D 442 3.05 -38.20 66.37
CA LYS D 442 3.53 -38.38 67.74
C LYS D 442 4.71 -37.47 68.08
N TYR D 443 5.58 -37.18 67.11
CA TYR D 443 6.73 -36.32 67.31
C TYR D 443 6.80 -35.29 66.19
N TYR D 444 7.52 -34.19 66.46
CA TYR D 444 7.86 -33.24 65.41
C TYR D 444 9.25 -32.66 65.65
N MET D 445 9.92 -32.30 64.55
CA MET D 445 11.14 -31.51 64.58
C MET D 445 10.76 -30.04 64.50
N ASN D 446 11.20 -29.24 65.46
CA ASN D 446 10.89 -27.81 65.48
C ASN D 446 12.10 -27.00 65.06
N LYS D 447 11.87 -26.01 64.21
CA LYS D 447 12.87 -24.98 63.92
C LYS D 447 12.39 -23.67 64.51
N PHE D 448 13.20 -23.10 65.40
CA PHE D 448 12.84 -21.87 66.08
C PHE D 448 13.83 -20.78 65.76
N SER D 449 13.32 -19.56 65.60
CA SER D 449 14.17 -18.38 65.46
C SER D 449 13.39 -17.17 65.98
N ASN D 450 14.14 -16.14 66.36
CA ASN D 450 13.56 -14.83 66.71
C ASN D 450 14.66 -13.80 66.56
N LEU D 451 14.36 -12.55 66.95
CA LEU D 451 15.31 -11.47 66.66
C LEU D 451 16.71 -11.76 67.21
N ASP D 452 16.80 -12.48 68.33
CA ASP D 452 18.07 -12.75 68.99
C ASP D 452 18.53 -14.20 68.90
N THR D 453 17.78 -15.06 68.22
CA THR D 453 18.07 -16.50 68.19
C THR D 453 18.14 -16.93 66.74
N PRO D 454 19.35 -17.22 66.22
CA PRO D 454 19.47 -17.51 64.78
C PRO D 454 18.68 -18.72 64.30
N MET D 455 18.85 -19.88 64.93
CA MET D 455 18.14 -21.10 64.54
C MET D 455 18.42 -22.21 65.55
N LEU D 456 17.36 -22.63 66.22
CA LEU D 456 17.41 -23.64 67.26
C LEU D 456 16.54 -24.80 66.79
N VAL D 457 17.17 -25.92 66.42
CA VAL D 457 16.43 -27.09 65.93
C VAL D 457 16.32 -28.10 67.06
N THR D 458 15.08 -28.49 67.38
CA THR D 458 14.78 -29.42 68.47
C THR D 458 13.87 -30.52 67.94
N LEU D 459 13.86 -31.64 68.65
CA LEU D 459 12.85 -32.66 68.48
C LEU D 459 11.90 -32.63 69.66
N ASN D 460 10.60 -32.76 69.41
CA ASN D 460 9.57 -32.56 70.44
C ASN D 460 8.50 -33.64 70.30
N ASP D 461 7.71 -33.81 71.37
CA ASP D 461 6.57 -34.71 71.33
C ASP D 461 5.26 -33.93 71.23
N ASN D 462 4.14 -34.67 71.16
CA ASN D 462 2.78 -34.05 71.01
C ASN D 462 2.55 -32.94 72.02
N THR D 463 3.25 -32.91 73.15
CA THR D 463 2.98 -31.94 74.19
C THR D 463 3.77 -30.65 74.03
N GLY D 464 4.72 -30.63 73.09
CA GLY D 464 5.62 -29.52 72.92
C GLY D 464 6.95 -29.67 73.63
N LYS D 465 7.05 -30.61 74.58
CA LYS D 465 8.25 -30.75 75.39
C LYS D 465 9.47 -31.07 74.52
N THR D 466 10.57 -30.35 74.78
CA THR D 466 11.82 -30.59 74.06
C THR D 466 12.44 -31.91 74.50
N LEU D 467 12.59 -32.84 73.56
CA LEU D 467 13.27 -34.11 73.81
C LEU D 467 14.76 -34.04 73.55
N LYS D 468 15.19 -33.18 72.63
CA LYS D 468 16.58 -33.11 72.23
C LYS D 468 16.79 -31.87 71.40
N THR D 469 17.87 -31.13 71.70
CA THR D 469 18.27 -29.99 70.89
C THR D 469 19.35 -30.46 69.91
N LEU D 470 19.00 -30.50 68.61
CA LEU D 470 19.92 -30.98 67.60
C LEU D 470 20.92 -29.91 67.15
N ILE D 471 20.50 -28.65 67.15
CA ILE D 471 21.30 -27.54 66.63
C ILE D 471 20.96 -26.30 67.45
N ASN D 472 21.98 -25.60 67.95
CA ASN D 472 21.74 -24.34 68.63
C ASN D 472 22.50 -23.15 68.04
N ASN D 473 23.36 -23.38 67.05
CA ASN D 473 24.14 -22.31 66.42
C ASN D 473 24.94 -21.50 67.44
N ASP D 474 25.48 -22.19 68.45
CA ASP D 474 26.33 -21.50 69.43
C ASP D 474 27.55 -20.90 68.77
N GLN D 475 28.08 -21.55 67.72
CA GLN D 475 29.28 -21.06 67.06
C GLN D 475 29.00 -19.76 66.29
N LEU D 476 27.91 -19.72 65.53
CA LEU D 476 27.54 -18.48 64.86
C LEU D 476 27.36 -17.35 65.87
N LYS D 477 26.75 -17.64 67.02
CA LYS D 477 26.58 -16.61 68.04
C LYS D 477 27.93 -16.12 68.52
N GLN D 478 28.88 -17.04 68.68
CA GLN D 478 30.23 -16.65 69.07
C GLN D 478 30.85 -15.75 68.02
N THR D 479 30.90 -16.22 66.76
CA THR D 479 31.45 -15.42 65.67
C THR D 479 30.85 -14.02 65.62
N LEU D 480 29.52 -13.92 65.77
CA LEU D 480 28.83 -12.64 65.65
C LEU D 480 29.12 -11.72 66.84
N SER D 481 29.49 -12.28 68.00
CA SER D 481 29.75 -11.43 69.15
C SER D 481 30.94 -10.51 68.93
N GLY D 482 31.85 -10.87 68.04
CA GLY D 482 32.97 -10.01 67.76
C GLY D 482 32.66 -8.83 66.85
N TYR D 483 31.42 -8.70 66.40
CA TYR D 483 31.04 -7.68 65.42
C TYR D 483 30.05 -6.70 66.05
N ALA D 484 30.09 -5.46 65.57
CA ALA D 484 29.13 -4.45 65.99
C ALA D 484 27.87 -4.61 65.14
N ILE D 485 26.89 -5.33 65.66
CA ILE D 485 25.68 -5.67 64.90
C ILE D 485 24.55 -4.74 65.32
N PRO D 486 24.03 -3.90 64.44
CA PRO D 486 22.82 -3.12 64.77
C PRO D 486 21.65 -4.05 65.08
N GLN D 487 20.80 -3.62 66.02
CA GLN D 487 19.72 -4.46 66.54
C GLN D 487 18.36 -3.97 66.05
N LYS D 488 17.52 -4.89 65.58
CA LYS D 488 16.16 -4.57 65.20
C LYS D 488 15.32 -4.35 66.45
N GLU D 489 14.50 -3.30 66.44
CA GLU D 489 13.53 -3.02 67.49
C GLU D 489 12.16 -2.85 66.87
N PHE D 490 11.16 -3.60 67.37
CA PHE D 490 9.80 -3.44 66.86
C PHE D 490 9.17 -2.15 67.39
N PHE D 491 8.28 -1.57 66.59
CA PHE D 491 7.54 -0.39 67.01
C PHE D 491 6.20 -0.38 66.28
N THR D 492 5.31 0.51 66.73
CA THR D 492 4.07 0.81 66.03
C THR D 492 3.93 2.33 65.93
N PHE D 493 3.12 2.78 64.98
CA PHE D 493 2.72 4.17 64.89
C PHE D 493 1.35 4.21 64.23
N GLN D 494 0.70 5.37 64.32
CA GLN D 494 -0.65 5.55 63.80
C GLN D 494 -0.61 6.50 62.62
N THR D 495 -1.23 6.08 61.52
CA THR D 495 -1.29 6.96 60.35
C THR D 495 -2.27 8.09 60.61
N THR D 496 -2.26 9.06 59.70
CA THR D 496 -3.13 10.22 59.85
C THR D 496 -4.61 9.83 59.88
N ASP D 497 -4.99 8.80 59.14
CA ASP D 497 -6.37 8.34 59.17
C ASP D 497 -6.62 7.30 60.26
N GLY D 498 -5.69 7.10 61.18
CA GLY D 498 -5.95 6.35 62.38
C GLY D 498 -5.64 4.87 62.34
N VAL D 499 -4.84 4.42 61.37
CA VAL D 499 -4.48 3.00 61.27
C VAL D 499 -3.14 2.79 61.97
N THR D 500 -3.06 1.71 62.73
CA THR D 500 -1.85 1.35 63.47
C THR D 500 -1.07 0.32 62.65
N LEU D 501 0.21 0.62 62.40
CA LEU D 501 1.06 -0.21 61.55
C LEU D 501 2.23 -0.75 62.36
N ASN D 502 2.61 -2.00 62.08
CA ASN D 502 3.79 -2.60 62.68
C ASN D 502 5.04 -2.29 61.87
N GLY D 503 6.16 -2.08 62.56
CA GLY D 503 7.43 -1.88 61.89
C GLY D 503 8.58 -2.37 62.73
N TRP D 504 9.76 -2.37 62.12
CA TRP D 504 10.99 -2.48 62.88
C TRP D 504 11.93 -1.35 62.49
N MET D 505 12.76 -0.97 63.45
CA MET D 505 13.78 0.03 63.26
C MET D 505 15.11 -0.54 63.70
N MET D 506 16.13 -0.31 62.89
CA MET D 506 17.48 -0.78 63.16
C MET D 506 18.39 0.44 63.16
N LYS D 507 19.00 0.75 64.33
CA LYS D 507 19.83 1.94 64.42
C LYS D 507 21.31 1.57 64.42
N PRO D 508 22.19 2.46 63.96
CA PRO D 508 23.63 2.17 64.05
C PRO D 508 24.04 1.94 65.50
N ALA D 509 25.05 1.09 65.67
CA ALA D 509 25.42 0.64 67.01
C ALA D 509 26.01 1.75 67.87
N ASN D 510 26.31 2.91 67.29
CA ASN D 510 26.80 4.07 68.04
C ASN D 510 25.74 5.16 68.15
N PHE D 511 24.46 4.80 68.00
CA PHE D 511 23.36 5.75 67.94
C PHE D 511 23.42 6.74 69.10
N SER D 512 22.91 7.95 68.86
CA SER D 512 22.81 8.99 69.87
C SER D 512 21.68 9.92 69.49
N THR D 513 20.75 10.19 70.42
CA THR D 513 19.53 10.90 70.06
C THR D 513 19.74 12.39 69.82
N SER D 514 20.94 12.93 70.07
CA SER D 514 21.17 14.31 69.70
C SER D 514 21.82 14.46 68.33
N LYS D 515 22.19 13.35 67.67
CA LYS D 515 22.56 13.43 66.27
C LYS D 515 21.33 13.16 65.39
N LYS D 516 21.40 13.65 64.16
CA LYS D 516 20.37 13.39 63.17
C LYS D 516 20.91 12.47 62.09
N TYR D 517 20.10 11.49 61.69
CA TYR D 517 20.58 10.41 60.84
C TYR D 517 19.82 10.37 59.51
N PRO D 518 20.46 9.90 58.44
CA PRO D 518 19.71 9.52 57.26
C PRO D 518 18.98 8.22 57.50
N VAL D 519 17.91 8.00 56.72
CA VAL D 519 17.06 6.82 56.87
C VAL D 519 16.99 6.08 55.54
N LEU D 520 17.11 4.76 55.62
CA LEU D 520 16.75 3.87 54.52
C LEU D 520 15.48 3.11 54.92
N MET D 521 14.42 3.29 54.14
CA MET D 521 13.21 2.50 54.34
C MET D 521 13.26 1.30 53.42
N TYR D 522 12.95 0.14 53.96
CA TYR D 522 12.86 -1.10 53.17
C TYR D 522 11.43 -1.60 53.29
N GLN D 523 10.89 -2.16 52.21
CA GLN D 523 9.56 -2.74 52.30
C GLN D 523 9.39 -3.75 51.18
N TYR D 524 8.31 -4.53 51.27
CA TYR D 524 7.91 -5.39 50.18
C TYR D 524 6.46 -5.11 49.79
N SER D 525 5.55 -5.14 50.77
CA SER D 525 4.23 -4.52 50.69
C SER D 525 3.21 -5.32 49.89
N GLY D 526 3.54 -6.49 49.36
CA GLY D 526 2.64 -7.21 48.49
C GLY D 526 1.48 -7.85 49.23
N PRO D 527 0.36 -8.09 48.55
CA PRO D 527 -0.85 -8.55 49.23
C PRO D 527 -0.60 -9.81 50.06
N GLY D 528 -0.96 -9.74 51.35
CA GLY D 528 -0.82 -10.87 52.27
C GLY D 528 0.58 -11.14 52.76
N SER D 529 1.59 -10.44 52.27
CA SER D 529 2.98 -10.62 52.68
C SER D 529 3.25 -9.94 54.02
N GLN D 530 4.35 -10.35 54.67
CA GLN D 530 4.85 -9.69 55.86
C GLN D 530 6.37 -9.70 55.88
N GLN D 531 6.97 -8.52 56.09
CA GLN D 531 8.39 -8.42 56.36
C GLN D 531 8.69 -8.14 57.82
N VAL D 532 7.73 -7.64 58.58
CA VAL D 532 7.95 -7.26 59.98
C VAL D 532 7.59 -8.49 60.82
N LEU D 533 8.60 -9.35 61.05
CA LEU D 533 8.40 -10.63 61.73
C LEU D 533 9.49 -10.85 62.77
N ASP D 534 9.12 -11.51 63.86
CA ASP D 534 10.04 -11.89 64.94
C ASP D 534 10.84 -13.10 64.50
N THR D 535 11.82 -12.85 63.64
CA THR D 535 12.65 -13.92 63.10
C THR D 535 14.04 -13.36 62.86
N TRP D 536 15.03 -14.25 62.81
CA TRP D 536 16.43 -13.83 62.78
C TRP D 536 16.93 -13.63 61.36
N GLY D 537 17.78 -12.63 61.19
CA GLY D 537 18.48 -12.48 59.93
C GLY D 537 19.51 -11.39 59.97
N ILE D 538 20.55 -11.52 59.14
CA ILE D 538 21.50 -10.46 58.89
C ILE D 538 21.54 -10.25 57.38
N SER D 539 21.31 -9.01 56.95
CA SER D 539 21.06 -8.72 55.54
C SER D 539 21.78 -7.44 55.14
N TRP D 540 21.60 -7.05 53.87
CA TRP D 540 22.14 -5.77 53.41
C TRP D 540 21.61 -4.62 54.28
N GLU D 541 20.37 -4.73 54.75
CA GLU D 541 19.85 -3.68 55.63
C GLU D 541 20.68 -3.55 56.89
N THR D 542 21.08 -4.69 57.48
CA THR D 542 21.95 -4.66 58.66
C THR D 542 23.25 -3.96 58.34
N TYR D 543 23.83 -4.29 57.18
CA TYR D 543 25.04 -3.62 56.74
C TYR D 543 24.83 -2.12 56.63
N MET D 544 23.69 -1.69 56.06
CA MET D 544 23.47 -0.24 55.89
C MET D 544 23.39 0.46 57.23
N ALA D 545 22.70 -0.16 58.21
CA ALA D 545 22.69 0.40 59.55
C ALA D 545 24.09 0.46 60.13
N SER D 546 24.95 -0.51 59.80
CA SER D 546 26.32 -0.47 60.31
C SER D 546 27.10 0.70 59.73
N LEU D 547 26.68 1.23 58.59
CA LEU D 547 27.37 2.37 58.01
C LEU D 547 26.87 3.69 58.56
N GLY D 548 25.89 3.68 59.45
CA GLY D 548 25.34 4.89 60.01
C GLY D 548 23.95 5.30 59.52
N TYR D 549 23.22 4.40 58.87
CA TYR D 549 21.84 4.69 58.49
C TYR D 549 20.90 4.12 59.54
N ILE D 550 19.81 4.83 59.79
CA ILE D 550 18.67 4.22 60.47
C ILE D 550 17.84 3.51 59.41
N VAL D 551 17.60 2.22 59.61
CA VAL D 551 16.87 1.41 58.65
C VAL D 551 15.53 1.03 59.25
N VAL D 552 14.46 1.22 58.48
CA VAL D 552 13.09 1.02 58.94
C VAL D 552 12.31 0.19 57.92
N CYS D 553 11.42 -0.67 58.42
CA CYS D 553 10.54 -1.48 57.59
C CYS D 553 9.15 -1.45 58.21
N VAL D 554 8.15 -1.02 57.45
CA VAL D 554 6.76 -0.99 57.92
C VAL D 554 5.91 -1.82 56.98
N ASP D 555 5.09 -2.72 57.55
CA ASP D 555 4.11 -3.47 56.79
C ASP D 555 2.83 -2.63 56.73
N GLY D 556 2.56 -2.03 55.57
CA GLY D 556 1.41 -1.17 55.41
C GLY D 556 0.13 -1.96 55.19
N ARG D 557 -0.96 -1.22 55.00
CA ARG D 557 -2.22 -1.84 54.60
C ARG D 557 -2.02 -2.70 53.37
N GLY D 558 -2.74 -3.81 53.30
CA GLY D 558 -2.54 -4.80 52.27
C GLY D 558 -1.66 -5.97 52.68
N THR D 559 -0.81 -5.80 53.69
CA THR D 559 0.00 -6.90 54.14
C THR D 559 -0.84 -7.91 54.93
N GLY D 560 -0.23 -9.04 55.27
CA GLY D 560 -0.94 -10.17 55.84
C GLY D 560 -0.79 -10.27 57.35
N GLY D 561 -1.37 -11.34 57.89
CA GLY D 561 -1.29 -11.63 59.31
C GLY D 561 -2.37 -10.98 60.16
N ARG D 562 -3.11 -10.00 59.63
CA ARG D 562 -4.07 -9.22 60.39
C ARG D 562 -5.49 -9.36 59.87
N GLY D 563 -5.80 -10.48 59.20
CA GLY D 563 -7.14 -10.75 58.73
C GLY D 563 -7.41 -10.27 57.31
N GLU D 564 -8.55 -10.74 56.78
CA GLU D 564 -8.94 -10.45 55.41
C GLU D 564 -9.17 -8.95 55.17
N ALA D 565 -9.89 -8.30 56.09
CA ALA D 565 -10.19 -6.87 55.90
C ALA D 565 -8.91 -6.06 55.72
N PHE D 566 -7.89 -6.31 56.55
CA PHE D 566 -6.66 -5.54 56.46
C PHE D 566 -5.89 -5.85 55.17
N GLU D 567 -5.85 -7.13 54.77
CA GLU D 567 -5.13 -7.48 53.56
C GLU D 567 -5.85 -6.98 52.31
N LYS D 568 -7.17 -7.11 52.27
CA LYS D 568 -7.88 -6.99 51.00
C LYS D 568 -8.58 -5.65 50.85
N CYS D 569 -8.24 -4.64 51.66
CA CYS D 569 -8.76 -3.30 51.43
C CYS D 569 -8.21 -2.68 50.16
N THR D 570 -7.21 -3.30 49.53
CA THR D 570 -6.60 -2.83 48.29
C THR D 570 -7.27 -3.39 47.04
N TYR D 571 -8.29 -4.23 47.22
CA TYR D 571 -8.82 -5.03 46.12
C TYR D 571 -9.28 -4.16 44.96
N LEU D 572 -8.87 -4.53 43.74
CA LEU D 572 -9.19 -3.88 42.47
C LEU D 572 -8.45 -2.56 42.27
N LYS D 573 -7.61 -2.14 43.21
CA LYS D 573 -6.82 -0.93 43.04
C LYS D 573 -5.56 -1.04 43.88
N ILE D 574 -4.76 -2.07 43.61
CA ILE D 574 -3.59 -2.33 44.46
C ILE D 574 -2.55 -1.24 44.27
N GLY D 575 -1.63 -1.16 45.24
CA GLY D 575 -0.53 -0.23 45.22
C GLY D 575 -0.84 1.14 45.77
N VAL D 576 -2.06 1.63 45.56
CA VAL D 576 -2.37 3.01 45.92
C VAL D 576 -2.30 3.20 47.44
N LYS D 577 -3.00 2.35 48.20
CA LYS D 577 -2.98 2.51 49.65
C LYS D 577 -1.61 2.17 50.23
N GLU D 578 -0.96 1.13 49.71
CA GLU D 578 0.37 0.77 50.19
C GLU D 578 1.34 1.95 50.06
N ALA D 579 1.29 2.65 48.93
CA ALA D 579 2.19 3.78 48.73
C ALA D 579 1.87 4.91 49.69
N LYS D 580 0.58 5.15 49.95
CA LYS D 580 0.23 6.19 50.93
C LYS D 580 0.78 5.82 52.31
N ASP D 581 0.75 4.54 52.67
CA ASP D 581 1.28 4.14 53.98
C ASP D 581 2.79 4.27 54.05
N GLN D 582 3.51 4.05 52.96
CA GLN D 582 4.95 4.28 53.00
C GLN D 582 5.27 5.78 53.12
N VAL D 583 4.45 6.62 52.47
CA VAL D 583 4.59 8.06 52.66
C VAL D 583 4.29 8.46 54.11
N GLU D 584 3.21 7.89 54.67
CA GLU D 584 2.89 8.09 56.08
C GLU D 584 4.07 7.72 56.98
N THR D 585 4.71 6.58 56.70
CA THR D 585 5.87 6.16 57.47
C THR D 585 6.99 7.20 57.40
N ALA D 586 7.28 7.70 56.19
CA ALA D 586 8.34 8.70 56.04
C ALA D 586 7.98 10.01 56.77
N LEU D 587 6.71 10.40 56.74
CA LEU D 587 6.27 11.56 57.51
C LEU D 587 6.42 11.32 59.02
N TYR D 588 6.04 10.13 59.49
CA TYR D 588 6.24 9.81 60.91
C TYR D 588 7.72 9.86 61.28
N LEU D 589 8.58 9.31 60.43
CA LEU D 589 10.00 9.32 60.74
C LEU D 589 10.56 10.74 60.68
N GLY D 590 10.09 11.55 59.73
CA GLY D 590 10.54 12.91 59.59
C GLY D 590 10.23 13.80 60.79
N LYS D 591 9.29 13.39 61.64
CA LYS D 591 8.96 14.12 62.86
C LYS D 591 9.85 13.73 64.03
N GLN D 592 10.61 12.66 63.93
CA GLN D 592 11.47 12.28 65.04
C GLN D 592 12.69 13.20 65.08
N PRO D 593 13.13 13.59 66.28
CA PRO D 593 14.24 14.56 66.38
C PRO D 593 15.54 14.05 65.82
N TYR D 594 15.77 12.74 65.84
CA TYR D 594 17.03 12.17 65.40
C TYR D 594 17.04 11.81 63.91
N VAL D 595 15.98 12.10 63.16
CA VAL D 595 15.91 11.80 61.74
C VAL D 595 16.12 13.07 60.95
N ASP D 596 16.95 13.00 59.91
CA ASP D 596 17.09 14.08 58.93
C ASP D 596 16.03 13.87 57.86
N LYS D 597 14.93 14.63 57.94
CA LYS D 597 13.83 14.40 57.02
C LYS D 597 14.21 14.65 55.55
N ASP D 598 15.33 15.33 55.30
CA ASP D 598 15.80 15.57 53.94
C ASP D 598 16.64 14.43 53.40
N ARG D 599 16.83 13.36 54.17
CA ARG D 599 17.70 12.26 53.74
C ARG D 599 17.00 10.94 54.02
N ILE D 600 15.82 10.75 53.42
CA ILE D 600 15.04 9.52 53.55
C ILE D 600 15.00 8.83 52.19
N GLY D 601 15.52 7.60 52.15
CA GLY D 601 15.47 6.79 50.95
C GLY D 601 14.54 5.61 51.15
N ILE D 602 14.22 4.94 50.04
CA ILE D 602 13.34 3.78 50.08
C ILE D 602 13.79 2.81 49.01
N TRP D 603 13.61 1.51 49.26
CA TRP D 603 13.99 0.53 48.27
C TRP D 603 13.15 -0.73 48.48
N GLY D 604 13.10 -1.55 47.45
CA GLY D 604 12.45 -2.85 47.57
C GLY D 604 12.69 -3.67 46.32
N TRP D 605 12.28 -4.93 46.40
CA TRP D 605 12.48 -5.93 45.35
C TRP D 605 11.14 -6.54 44.96
N SER D 606 10.93 -6.72 43.66
CA SER D 606 9.70 -7.30 43.11
C SER D 606 8.55 -6.37 43.46
N TYR D 607 7.52 -6.81 44.20
CA TYR D 607 6.48 -5.86 44.60
C TYR D 607 7.06 -4.69 45.37
N GLY D 608 8.12 -4.93 46.15
CA GLY D 608 8.79 -3.84 46.85
C GLY D 608 9.44 -2.85 45.91
N GLY D 609 9.81 -3.29 44.71
CA GLY D 609 10.36 -2.39 43.72
C GLY D 609 9.28 -1.54 43.09
N TYR D 610 8.19 -2.20 42.68
CA TYR D 610 6.97 -1.49 42.28
C TYR D 610 6.56 -0.45 43.33
N MET D 611 6.58 -0.85 44.62
CA MET D 611 6.18 0.07 45.68
C MET D 611 7.17 1.22 45.86
N THR D 612 8.45 0.99 45.57
CA THR D 612 9.40 2.10 45.54
C THR D 612 8.96 3.14 44.52
N LEU D 613 8.60 2.70 43.32
CA LEU D 613 8.16 3.64 42.28
C LEU D 613 6.88 4.35 42.70
N MET D 614 5.89 3.59 43.18
CA MET D 614 4.61 4.18 43.55
C MET D 614 4.77 5.18 44.68
N SER D 615 5.68 4.90 45.63
CA SER D 615 5.84 5.79 46.78
C SER D 615 6.59 7.05 46.41
N MET D 616 7.62 6.91 45.57
CA MET D 616 8.37 8.07 45.10
C MET D 616 7.55 8.96 44.17
N SER D 617 6.46 8.46 43.61
CA SER D 617 5.66 9.29 42.70
C SER D 617 4.25 9.47 43.25
N GLU D 618 4.12 9.37 44.57
CA GLU D 618 2.82 9.47 45.23
C GLU D 618 2.26 10.89 45.18
N GLY D 619 3.14 11.90 45.12
CA GLY D 619 2.74 13.30 45.11
C GLY D 619 3.29 14.09 46.29
N THR D 620 3.60 13.41 47.41
CA THR D 620 4.23 14.03 48.56
C THR D 620 5.73 13.82 48.46
N PRO D 621 6.52 14.86 48.28
CA PRO D 621 7.96 14.72 47.96
C PRO D 621 8.82 14.39 49.18
N VAL D 622 8.59 13.23 49.79
CA VAL D 622 9.27 12.90 51.05
C VAL D 622 10.56 12.13 50.87
N PHE D 623 10.84 11.59 49.68
CA PHE D 623 11.97 10.69 49.48
C PHE D 623 13.08 11.38 48.71
N LYS D 624 14.30 11.28 49.21
CA LYS D 624 15.45 11.85 48.52
C LYS D 624 15.99 10.91 47.44
N ALA D 625 15.89 9.60 47.63
CA ALA D 625 16.47 8.65 46.70
C ALA D 625 15.77 7.30 46.88
N GLY D 626 15.83 6.47 45.84
CA GLY D 626 15.19 5.19 45.90
C GLY D 626 15.78 4.20 44.91
N VAL D 627 15.57 2.92 45.20
CA VAL D 627 16.05 1.84 44.34
C VAL D 627 14.92 0.85 44.14
N ALA D 628 14.56 0.61 42.88
CA ALA D 628 13.52 -0.35 42.53
C ALA D 628 14.17 -1.51 41.81
N VAL D 629 14.11 -2.69 42.42
CA VAL D 629 14.77 -3.88 41.89
C VAL D 629 13.69 -4.80 41.34
N ALA D 630 13.85 -5.19 40.07
CA ALA D 630 12.93 -6.14 39.43
C ALA D 630 11.49 -5.73 39.64
N ALA D 631 11.18 -4.51 39.30
CA ALA D 631 9.90 -3.91 39.68
C ALA D 631 8.84 -4.12 38.59
N PRO D 632 7.65 -4.62 38.96
CA PRO D 632 6.48 -4.41 38.10
C PRO D 632 6.22 -2.92 37.95
N THR D 633 5.85 -2.50 36.74
CA THR D 633 5.55 -1.11 36.47
C THR D 633 4.15 -0.90 35.91
N ASP D 634 3.56 -1.92 35.32
CA ASP D 634 2.16 -1.91 34.95
C ASP D 634 1.62 -3.32 35.08
N TRP D 635 0.49 -3.48 35.76
CA TRP D 635 0.01 -4.84 36.04
C TRP D 635 -0.47 -5.58 34.80
N ARG D 636 -0.74 -4.88 33.69
CA ARG D 636 -1.03 -5.61 32.46
C ARG D 636 0.18 -6.41 31.95
N PHE D 637 1.39 -6.13 32.45
CA PHE D 637 2.56 -6.93 32.04
C PHE D 637 2.68 -8.23 32.81
N TYR D 638 1.98 -8.39 33.92
CA TYR D 638 2.18 -9.53 34.80
C TYR D 638 1.15 -10.62 34.48
N ASP D 639 1.36 -11.81 35.07
CA ASP D 639 0.61 -12.96 34.57
C ASP D 639 -0.84 -12.96 35.09
N THR D 640 -1.66 -13.82 34.49
CA THR D 640 -3.09 -13.87 34.77
C THR D 640 -3.38 -14.20 36.24
N ILE D 641 -2.89 -15.35 36.72
CA ILE D 641 -3.39 -15.90 37.96
C ILE D 641 -3.08 -14.97 39.13
N TYR D 642 -1.86 -14.43 39.17
CA TYR D 642 -1.49 -13.50 40.25
C TYR D 642 -2.26 -12.20 40.11
N THR D 643 -2.08 -11.52 38.98
CA THR D 643 -2.63 -10.18 38.81
C THR D 643 -4.15 -10.16 38.95
N GLU D 644 -4.82 -11.10 38.31
CA GLU D 644 -6.29 -11.02 38.28
C GLU D 644 -6.92 -11.40 39.61
N ARG D 645 -6.19 -12.14 40.47
CA ARG D 645 -6.68 -12.38 41.82
C ARG D 645 -7.01 -11.07 42.51
N PHE D 646 -6.15 -10.06 42.34
CA PHE D 646 -6.28 -8.79 43.02
C PHE D 646 -6.95 -7.71 42.19
N MET D 647 -7.02 -7.87 40.86
CA MET D 647 -7.39 -6.77 39.98
C MET D 647 -8.39 -7.14 38.91
N ARG D 648 -8.76 -8.41 38.77
CA ARG D 648 -9.59 -8.87 37.65
C ARG D 648 -8.85 -8.53 36.35
N THR D 649 -9.55 -8.41 35.24
CA THR D 649 -8.90 -8.21 33.94
C THR D 649 -8.90 -6.74 33.56
N PRO D 650 -7.97 -6.32 32.70
CA PRO D 650 -8.02 -4.93 32.21
C PRO D 650 -9.33 -4.57 31.56
N LYS D 651 -9.96 -5.50 30.85
CA LYS D 651 -11.26 -5.24 30.23
C LYS D 651 -12.28 -4.81 31.27
N GLU D 652 -12.30 -5.48 32.42
CA GLU D 652 -13.32 -5.21 33.44
C GLU D 652 -12.95 -4.09 34.40
N ASN D 653 -11.67 -3.76 34.52
CA ASN D 653 -11.20 -2.90 35.60
C ASN D 653 -10.20 -1.89 35.06
N ALA D 654 -10.56 -1.22 33.97
CA ALA D 654 -9.64 -0.28 33.33
C ALA D 654 -9.24 0.82 34.29
N GLU D 655 -10.19 1.35 35.07
CA GLU D 655 -9.84 2.41 36.01
C GLU D 655 -8.87 1.90 37.08
N GLY D 656 -9.03 0.65 37.49
CA GLY D 656 -8.11 0.09 38.47
C GLY D 656 -6.71 -0.06 37.92
N TYR D 657 -6.58 -0.64 36.71
CA TYR D 657 -5.25 -0.80 36.13
C TYR D 657 -4.57 0.54 35.96
N LYS D 658 -5.34 1.57 35.58
CA LYS D 658 -4.77 2.90 35.43
C LYS D 658 -4.27 3.46 36.77
N GLU D 659 -5.09 3.37 37.82
CA GLU D 659 -4.67 3.99 39.07
C GLU D 659 -3.54 3.21 39.75
N SER D 660 -3.43 1.90 39.48
CA SER D 660 -2.36 1.07 40.03
C SER D 660 -1.08 1.12 39.22
N SER D 661 -1.12 1.69 38.03
CA SER D 661 0.07 1.70 37.17
C SER D 661 1.08 2.72 37.67
N ALA D 662 2.35 2.31 37.74
CA ALA D 662 3.40 3.30 37.99
C ALA D 662 3.52 4.32 36.84
N PHE D 663 3.06 3.98 35.64
CA PHE D 663 3.16 4.92 34.52
C PHE D 663 2.29 6.15 34.74
N THR D 664 1.09 5.94 35.31
CA THR D 664 0.11 7.01 35.41
C THR D 664 0.62 8.16 36.28
N ARG D 665 1.34 7.85 37.36
CA ARG D 665 1.85 8.86 38.26
C ARG D 665 3.32 9.20 38.01
N ALA D 666 3.91 8.72 36.91
CA ALA D 666 5.36 8.84 36.75
C ALA D 666 5.84 10.29 36.69
N ASP D 667 5.02 11.23 36.20
CA ASP D 667 5.48 12.61 36.17
C ASP D 667 5.70 13.20 37.56
N LYS D 668 5.17 12.58 38.61
CA LYS D 668 5.36 13.06 39.96
C LYS D 668 6.53 12.40 40.68
N LEU D 669 7.27 11.53 40.00
CA LEU D 669 8.48 10.93 40.58
C LEU D 669 9.35 12.02 41.18
N HIS D 670 9.63 11.89 42.48
CA HIS D 670 10.46 12.84 43.20
C HIS D 670 11.55 12.09 43.92
N GLY D 671 12.81 12.47 43.67
CA GLY D 671 13.94 11.79 44.29
C GLY D 671 14.80 11.11 43.27
N ASN D 672 16.05 10.79 43.63
CA ASN D 672 16.99 10.14 42.73
C ASN D 672 16.70 8.64 42.69
N LEU D 673 16.34 8.14 41.51
CA LEU D 673 15.92 6.74 41.33
C LEU D 673 16.98 5.93 40.61
N LEU D 674 17.21 4.71 41.10
CA LEU D 674 17.96 3.68 40.41
C LEU D 674 17.04 2.53 40.08
N LEU D 675 17.01 2.13 38.80
CA LEU D 675 16.24 0.98 38.35
C LEU D 675 17.21 -0.18 38.12
N VAL D 676 16.88 -1.34 38.70
CA VAL D 676 17.72 -2.53 38.63
C VAL D 676 16.87 -3.69 38.12
N HIS D 677 17.41 -4.46 37.18
CA HIS D 677 16.61 -5.56 36.65
C HIS D 677 17.50 -6.64 36.04
N GLY D 678 17.02 -7.88 36.12
CA GLY D 678 17.62 -8.98 35.39
C GLY D 678 16.94 -9.13 34.04
N MET D 679 17.75 -9.22 32.98
CA MET D 679 17.17 -9.23 31.64
C MET D 679 16.50 -10.56 31.32
N ALA D 680 16.82 -11.62 32.04
CA ALA D 680 16.18 -12.92 31.86
C ALA D 680 15.14 -13.19 32.94
N ASP D 681 14.53 -12.14 33.46
CA ASP D 681 13.49 -12.30 34.48
C ASP D 681 12.25 -12.91 33.85
N ASP D 682 11.88 -14.11 34.29
CA ASP D 682 10.71 -14.81 33.78
C ASP D 682 9.46 -14.61 34.64
N ASN D 683 9.56 -13.79 35.69
CA ASN D 683 8.41 -13.41 36.50
C ASN D 683 7.99 -11.98 36.15
N VAL D 684 8.80 -11.00 36.54
CA VAL D 684 8.60 -9.60 36.18
C VAL D 684 9.47 -9.35 34.94
N HIS D 685 8.84 -9.44 33.77
CA HIS D 685 9.59 -9.33 32.52
C HIS D 685 10.40 -8.03 32.46
N PHE D 686 11.63 -8.14 31.90
CA PHE D 686 12.47 -6.96 31.68
C PHE D 686 11.69 -5.87 30.94
N GLN D 687 10.74 -6.26 30.10
CA GLN D 687 9.77 -5.35 29.49
C GLN D 687 9.23 -4.29 30.44
N ASN D 688 8.90 -4.68 31.68
CA ASN D 688 8.47 -3.71 32.69
C ASN D 688 9.45 -2.54 32.80
N CYS D 689 10.73 -2.86 32.95
CA CYS D 689 11.77 -1.87 33.09
C CYS D 689 11.98 -1.11 31.78
N ALA D 690 12.01 -1.83 30.65
CA ALA D 690 12.29 -1.17 29.37
C ALA D 690 11.19 -0.17 29.01
N GLU D 691 9.92 -0.53 29.23
CA GLU D 691 8.86 0.41 28.87
C GLU D 691 8.82 1.60 29.83
N TYR D 692 9.05 1.33 31.13
CA TYR D 692 8.96 2.40 32.12
C TYR D 692 10.12 3.38 32.00
N ALA D 693 11.35 2.86 31.81
CA ALA D 693 12.48 3.75 31.54
C ALA D 693 12.20 4.66 30.36
N GLU D 694 11.62 4.13 29.28
CA GLU D 694 11.33 4.96 28.12
C GLU D 694 10.33 6.06 28.44
N HIS D 695 9.28 5.73 29.18
CA HIS D 695 8.32 6.74 29.61
C HIS D 695 9.02 7.86 30.37
N LEU D 696 9.90 7.51 31.31
CA LEU D 696 10.67 8.52 32.05
C LEU D 696 11.52 9.37 31.12
N VAL D 697 12.15 8.73 30.13
CA VAL D 697 12.97 9.47 29.17
C VAL D 697 12.12 10.54 28.49
N GLN D 698 10.94 10.16 28.00
CA GLN D 698 10.11 11.11 27.28
C GLN D 698 9.53 12.18 28.20
N LEU D 699 9.36 11.86 29.49
CA LEU D 699 8.97 12.86 30.48
C LEU D 699 10.12 13.77 30.86
N GLY D 700 11.34 13.41 30.51
CA GLY D 700 12.48 14.21 30.92
C GLY D 700 13.03 13.89 32.29
N LYS D 701 12.61 12.77 32.90
CA LYS D 701 13.14 12.40 34.20
C LYS D 701 14.53 11.78 34.05
N GLN D 702 15.48 12.23 34.86
CA GLN D 702 16.78 11.60 34.95
C GLN D 702 16.79 10.53 36.04
N PHE D 703 17.52 9.44 35.79
CA PHE D 703 17.56 8.29 36.67
C PHE D 703 18.79 7.45 36.31
N ASP D 704 19.06 6.45 37.14
CA ASP D 704 20.16 5.51 36.96
C ASP D 704 19.61 4.14 36.60
N MET D 705 20.45 3.32 35.97
CA MET D 705 20.06 1.96 35.61
C MET D 705 21.20 0.99 35.90
N GLN D 706 20.84 -0.23 36.28
CA GLN D 706 21.77 -1.35 36.31
C GLN D 706 21.02 -2.58 35.84
N VAL D 707 21.35 -3.10 34.65
CA VAL D 707 20.67 -4.27 34.11
C VAL D 707 21.65 -5.43 34.12
N TYR D 708 21.16 -6.62 34.47
CA TYR D 708 22.02 -7.77 34.71
C TYR D 708 21.75 -8.83 33.66
N THR D 709 22.81 -9.18 32.93
CA THR D 709 22.75 -10.11 31.80
C THR D 709 22.42 -11.52 32.25
N ASN D 710 21.46 -12.15 31.58
CA ASN D 710 21.03 -13.53 31.81
C ASN D 710 20.47 -13.77 33.21
N ARG D 711 20.16 -12.73 33.97
CA ARG D 711 19.71 -12.96 35.35
C ARG D 711 18.19 -12.94 35.44
N ASN D 712 17.65 -13.75 36.35
CA ASN D 712 16.21 -13.91 36.50
C ASN D 712 15.72 -13.05 37.67
N HIS D 713 14.52 -13.39 38.19
CA HIS D 713 13.94 -12.58 39.25
C HIS D 713 14.81 -12.54 40.51
N GLY D 714 15.62 -13.56 40.75
CA GLY D 714 16.49 -13.57 41.91
C GLY D 714 17.83 -12.85 41.75
N ILE D 715 18.15 -12.41 40.52
CA ILE D 715 19.42 -11.71 40.21
C ILE D 715 20.78 -12.13 40.80
N TYR D 716 21.10 -13.43 40.74
CA TYR D 716 22.22 -14.00 41.47
C TYR D 716 23.12 -14.75 40.49
N GLY D 717 24.34 -15.06 40.95
CA GLY D 717 25.22 -15.94 40.21
C GLY D 717 26.65 -15.42 40.20
N GLY D 718 27.57 -16.21 40.73
CA GLY D 718 28.93 -15.72 40.88
C GLY D 718 28.93 -14.50 41.78
N ASN D 719 29.59 -13.44 41.32
CA ASN D 719 29.73 -12.21 42.09
C ASN D 719 28.51 -11.28 41.99
N THR D 720 27.44 -11.72 41.32
CA THR D 720 26.32 -10.83 41.00
C THR D 720 25.72 -10.18 42.26
N ARG D 721 25.41 -10.98 43.29
CA ARG D 721 24.77 -10.40 44.47
C ARG D 721 25.68 -9.40 45.17
N GLN D 722 26.96 -9.73 45.32
CA GLN D 722 27.90 -8.79 45.93
C GLN D 722 27.99 -7.51 45.11
N HIS D 723 28.05 -7.66 43.78
CA HIS D 723 28.07 -6.49 42.91
C HIS D 723 26.79 -5.67 43.06
N LEU D 724 25.64 -6.35 43.11
CA LEU D 724 24.36 -5.64 43.20
C LEU D 724 24.25 -4.86 44.50
N TYR D 725 24.60 -5.49 45.63
CA TYR D 725 24.44 -4.79 46.90
C TYR D 725 25.52 -3.72 47.11
N THR D 726 26.68 -3.88 46.49
CA THR D 726 27.65 -2.77 46.47
C THR D 726 27.08 -1.60 45.67
N ARG D 727 26.50 -1.89 44.50
CA ARG D 727 25.84 -0.85 43.70
C ARG D 727 24.77 -0.11 44.52
N LEU D 728 23.91 -0.87 45.22
CA LEU D 728 22.87 -0.22 46.02
C LEU D 728 23.49 0.60 47.15
N THR D 729 24.53 0.07 47.80
CA THR D 729 25.19 0.80 48.88
C THR D 729 25.70 2.14 48.39
N ASN D 730 26.49 2.14 47.31
CA ASN D 730 27.07 3.36 46.80
C ASN D 730 26.00 4.32 46.31
N PHE D 731 24.93 3.80 45.71
CA PHE D 731 23.88 4.69 45.25
C PHE D 731 23.31 5.49 46.41
N PHE D 732 22.96 4.82 47.52
CA PHE D 732 22.44 5.56 48.66
C PHE D 732 23.53 6.42 49.32
N LEU D 733 24.78 5.93 49.39
CA LEU D 733 25.85 6.81 49.88
C LEU D 733 25.93 8.10 49.06
N ASN D 734 25.85 7.98 47.73
CA ASN D 734 26.06 9.16 46.89
C ASN D 734 24.81 10.02 46.76
N ASN D 735 23.63 9.44 46.91
CA ASN D 735 22.40 10.19 46.67
C ASN D 735 21.63 10.47 47.95
N LEU D 736 22.18 10.09 49.10
CA LEU D 736 21.45 10.17 50.36
C LEU D 736 22.35 10.41 51.58
#